data_2WZP
#
_entry.id   2WZP
#
_cell.length_a   202.881
_cell.length_b   202.881
_cell.length_c   760.520
_cell.angle_alpha   90.00
_cell.angle_beta   90.00
_cell.angle_gamma   120.00
#
_symmetry.space_group_name_H-M   'H 3 2'
#
loop_
_entity.id
_entity.type
_entity.pdbx_description
1 polymer 'PUTATIVE RECEPTOR BINDING PROTEIN'
2 polymer 'CAMELID VHH5'
3 polymer 'LACTOCOCCAL PHAGE P2 ORF15'
4 polymer 'LACTOCOCCAL PHAGE P2 ORF16'
5 water water
#
loop_
_entity_poly.entity_id
_entity_poly.type
_entity_poly.pdbx_seq_one_letter_code
_entity_poly.pdbx_strand_id
1 'polypeptide(L)'
;TIKNFTFFSPNSTEFPVGSNNDGKLYMMLTGMDYRTIRRKDWSSPLNTALNVQYTNTSIIAGGRYFELLNETVALKGDSV
NYIHANIDLTQTANPVSLSAETANNSNGVDINNGSGVLKVCFDIVTTSGTGVTSTKPIVQTSTLDSISVNDMTVSGSIDV
PVQTLTVEAGNGLQLQLTKKNNDLVIVRFFGSVSNIQKGWNMSGTWVDRPFRPAAVQSLVGHFAGRDTSFHIDINPNGSI
TWWGANIDKTPIATRGNGSYFIKSAW
;
A,B,C,G,H,I
2 'polypeptide(L)'
;QVQLQESGGGLVQAGGSLRLSCTASRRTGSNWCMGWFRQLAGKEPELVVALNFDYDMTYYADSVKGRFTVSRDSGKNTVY
LQMNSLKPEDTAIYYCAARSGGFSSNRELYDGWGQGTQVTVSS
;
D,E,F,J,K,L
3 'polypeptide(L)'
;MSYYHHHHHHLESTSLYKKAGLENLYFQGVRQYKIHTNLDGTDDKVWDVTNGKVRFYQPSNLGLQSTNNIWQSNGIGVMG
TRSITQPQIEFKLETFGESLEENYQLMKDFVNDILSKKFVTLEYQTEIFQVYADLALADVTKTEGYGKNGTFSEKITFDI
ITKWYTYENLTFDKIQNGKVIAGMSKIYGGTAPGNYKYIKGTSYTYYGESDIDRLSRWDIKEEIFSFMGILYPKLPKTPA
GVRFLDDIGNEYTAIVFKTEQVQDYILINTDVNDETYQGWKGTTALNLFPVMDFERYRTRIIEKGQMELINLSKAEFKIK
RKADFV
;
P,Q
4 'polypeptide(L)'
;MLEANVYDNFNPNYYNISDFSMPNGKKEKRGLPIPKARCQVINYELWETGYLYTSSATLTVSVEVGDIVQILFPEVVPIE
EALGKKKKLNLDMVYLVTDVDESNKATLKNYFWAMIESLDVPNAITKTTNFAIIDYLIDPNKNNLMSYGYFFNSSIFAGK
ATINRKAETSSAHDVAKRIFSKVQFQPTTTIQHAPSETDPRNLLFINFASRNWNRKRITTRVDIKQSVTMDTETIVERSA
YNFAVVFVKNKATDDYTDPPKMYIAKNNGDVIDYSTYHGDGTDLPDVRTAKTLFYDRDDHGNPPELSTIKVEISPSTIVT
RLIFNQNELLPLYVNDLVDIWYEGKLYSGYIADRVKTEFNDRLIFVESGDKPNVI
;
R
#
# COMPACT_ATOMS: atom_id res chain seq x y z
N THR A 1 -54.31 -19.43 31.03
CA THR A 1 -53.83 -20.64 30.37
C THR A 1 -52.89 -20.35 29.20
N ILE A 2 -51.97 -21.28 28.96
CA ILE A 2 -51.04 -21.17 27.84
C ILE A 2 -51.36 -22.25 26.82
N LYS A 3 -51.61 -21.84 25.58
CA LYS A 3 -51.89 -22.76 24.49
C LYS A 3 -50.66 -22.82 23.59
N ASN A 4 -50.05 -24.00 23.48
CA ASN A 4 -48.83 -24.22 22.72
C ASN A 4 -49.09 -24.79 21.37
N PHE A 5 -48.31 -24.35 20.37
CA PHE A 5 -48.52 -24.80 19.00
C PHE A 5 -47.29 -25.39 18.36
N THR A 6 -46.18 -24.61 18.27
CA THR A 6 -44.92 -25.05 17.63
C THR A 6 -44.14 -25.97 18.54
N PHE A 7 -44.79 -27.04 19.02
CA PHE A 7 -44.21 -28.01 19.96
C PHE A 7 -44.63 -29.40 19.60
N PHE A 8 -43.77 -30.38 19.89
CA PHE A 8 -44.06 -31.76 19.54
C PHE A 8 -45.09 -32.36 20.45
N SER A 9 -46.00 -33.15 19.85
CA SER A 9 -47.09 -33.84 20.50
C SER A 9 -46.64 -35.28 20.73
N PRO A 10 -46.17 -35.62 21.96
CA PRO A 10 -45.67 -36.98 22.24
C PRO A 10 -46.62 -38.13 21.85
N ASN A 11 -47.94 -37.91 21.99
CA ASN A 11 -48.92 -38.92 21.66
C ASN A 11 -49.76 -38.53 20.45
N SER A 12 -49.18 -37.66 19.59
CA SER A 12 -49.74 -37.13 18.34
C SER A 12 -51.03 -36.33 18.49
N THR A 13 -51.44 -36.00 19.74
CA THR A 13 -52.73 -35.34 20.01
C THR A 13 -52.66 -34.07 20.86
N GLU A 14 -51.53 -33.86 21.60
CA GLU A 14 -51.33 -32.75 22.54
C GLU A 14 -51.52 -31.32 22.02
N PHE A 15 -50.85 -30.96 20.93
CA PHE A 15 -50.90 -29.59 20.41
C PHE A 15 -51.38 -29.45 18.97
N PRO A 16 -52.69 -29.61 18.68
CA PRO A 16 -53.17 -29.43 17.30
C PRO A 16 -53.05 -27.98 16.84
N VAL A 17 -52.58 -27.77 15.62
CA VAL A 17 -52.44 -26.41 15.15
C VAL A 17 -53.59 -26.02 14.25
N GLY A 18 -54.40 -25.08 14.71
CA GLY A 18 -55.56 -24.62 13.94
C GLY A 18 -55.17 -23.66 12.85
N SER A 19 -56.08 -23.46 11.88
CA SER A 19 -55.82 -22.51 10.80
C SER A 19 -55.76 -21.07 11.33
N ASN A 20 -56.53 -20.74 12.41
CA ASN A 20 -56.48 -19.42 13.04
C ASN A 20 -55.13 -19.17 13.73
N ASN A 21 -54.54 -20.21 14.33
CA ASN A 21 -53.25 -20.09 14.99
C ASN A 21 -52.14 -19.88 13.98
N ASP A 22 -52.19 -20.61 12.86
CA ASP A 22 -51.23 -20.40 11.80
C ASP A 22 -51.44 -19.02 11.15
N GLY A 23 -52.69 -18.57 11.01
CA GLY A 23 -53.02 -17.24 10.51
C GLY A 23 -52.34 -16.17 11.32
N LYS A 24 -52.47 -16.22 12.65
CA LYS A 24 -51.83 -15.25 13.55
C LYS A 24 -50.30 -15.35 13.47
N LEU A 25 -49.78 -16.58 13.43
CA LEU A 25 -48.34 -16.81 13.29
C LEU A 25 -47.81 -16.13 12.04
N TYR A 26 -48.45 -16.38 10.88
CA TYR A 26 -48.03 -15.81 9.61
C TYR A 26 -48.10 -14.29 9.61
N MET A 27 -49.16 -13.73 10.18
CA MET A 27 -49.31 -12.28 10.29
C MET A 27 -48.15 -11.69 11.08
N MET A 28 -47.77 -12.35 12.16
CA MET A 28 -46.67 -11.90 13.02
C MET A 28 -45.31 -12.01 12.35
N LEU A 29 -45.08 -13.08 11.59
CA LEU A 29 -43.81 -13.28 10.90
C LEU A 29 -43.57 -12.21 9.85
N THR A 30 -44.61 -11.86 9.09
CA THR A 30 -44.50 -10.88 7.99
C THR A 30 -44.75 -9.44 8.40
N GLY A 31 -45.34 -9.24 9.58
CA GLY A 31 -45.67 -7.93 10.08
C GLY A 31 -46.83 -7.31 9.33
N MET A 32 -47.94 -8.03 9.24
CA MET A 32 -49.15 -7.51 8.60
C MET A 32 -50.28 -7.45 9.62
N ASP A 33 -51.18 -6.48 9.44
CA ASP A 33 -52.40 -6.38 10.24
C ASP A 33 -53.57 -6.82 9.35
N TYR A 34 -54.80 -6.62 9.82
CA TYR A 34 -55.97 -7.02 9.05
C TYR A 34 -56.35 -6.03 7.97
N ARG A 35 -55.60 -4.93 7.83
CA ARG A 35 -55.90 -3.88 6.86
C ARG A 35 -54.96 -3.87 5.65
N THR A 36 -54.15 -4.92 5.49
CA THR A 36 -53.24 -5.06 4.36
C THR A 36 -53.25 -6.50 3.86
N ILE A 37 -52.45 -6.76 2.83
CA ILE A 37 -52.32 -8.08 2.25
C ILE A 37 -50.86 -8.35 1.88
N ARG A 38 -50.61 -9.59 1.47
CA ARG A 38 -49.42 -9.99 0.75
C ARG A 38 -50.05 -10.48 -0.54
N ARG A 39 -49.48 -10.09 -1.68
CA ARG A 39 -50.05 -10.42 -2.97
C ARG A 39 -48.95 -10.60 -3.99
N LYS A 40 -49.08 -11.60 -4.85
CA LYS A 40 -48.11 -11.84 -5.91
C LYS A 40 -48.78 -12.36 -7.14
N ASP A 41 -48.64 -11.65 -8.25
CA ASP A 41 -49.13 -12.13 -9.53
C ASP A 41 -48.00 -12.99 -10.12
N TRP A 42 -48.12 -14.31 -10.04
CA TRP A 42 -47.11 -15.22 -10.62
C TRP A 42 -47.17 -15.13 -12.15
N SER A 43 -48.36 -14.86 -12.69
CA SER A 43 -48.61 -14.53 -14.10
C SER A 43 -49.54 -13.32 -14.13
N SER A 44 -49.47 -12.53 -15.21
CA SER A 44 -50.26 -11.31 -15.35
C SER A 44 -51.76 -11.56 -15.42
N PRO A 45 -52.57 -10.80 -14.64
CA PRO A 45 -54.02 -10.86 -14.83
C PRO A 45 -54.38 -10.36 -16.25
N LEU A 46 -55.47 -10.88 -16.81
CA LEU A 46 -55.91 -10.50 -18.15
C LEU A 46 -57.19 -9.70 -18.13
N ASN A 47 -57.19 -8.56 -18.83
CA ASN A 47 -58.37 -7.69 -18.92
C ASN A 47 -59.12 -8.00 -20.21
N THR A 48 -60.40 -8.34 -20.09
CA THR A 48 -61.28 -8.68 -21.22
C THR A 48 -62.61 -7.98 -21.01
N ALA A 49 -62.91 -6.97 -21.85
CA ALA A 49 -64.10 -6.14 -21.71
C ALA A 49 -64.14 -5.60 -20.26
N LEU A 50 -65.31 -5.63 -19.58
CA LEU A 50 -65.42 -5.15 -18.20
C LEU A 50 -65.21 -6.30 -17.21
N ASN A 51 -64.03 -6.93 -17.32
CA ASN A 51 -63.61 -8.05 -16.47
C ASN A 51 -62.12 -8.09 -16.29
N VAL A 52 -61.68 -8.57 -15.12
CA VAL A 52 -60.26 -8.85 -14.83
C VAL A 52 -60.16 -10.32 -14.46
N GLN A 53 -59.31 -11.05 -15.19
CA GLN A 53 -59.10 -12.47 -14.93
C GLN A 53 -57.76 -12.62 -14.23
N TYR A 54 -57.79 -13.03 -12.95
CA TYR A 54 -56.56 -13.33 -12.20
C TYR A 54 -56.15 -14.72 -12.62
N THR A 55 -55.08 -14.81 -13.40
CA THR A 55 -54.58 -16.06 -13.98
C THR A 55 -53.89 -16.94 -12.95
N ASN A 56 -53.00 -16.35 -12.16
CA ASN A 56 -52.30 -17.03 -11.08
C ASN A 56 -51.77 -16.00 -10.10
N THR A 57 -52.61 -15.64 -9.14
CA THR A 57 -52.29 -14.66 -8.10
C THR A 57 -52.45 -15.30 -6.73
N SER A 58 -51.42 -15.20 -5.88
CA SER A 58 -51.51 -15.66 -4.50
C SER A 58 -51.79 -14.46 -3.62
N ILE A 59 -52.62 -14.64 -2.60
CA ILE A 59 -52.93 -13.59 -1.65
C ILE A 59 -52.87 -14.15 -0.24
N ILE A 60 -52.37 -13.33 0.70
CA ILE A 60 -52.41 -13.60 2.12
C ILE A 60 -53.22 -12.47 2.71
N ALA A 61 -54.35 -12.80 3.33
CA ALA A 61 -55.23 -11.83 3.98
C ALA A 61 -55.61 -12.39 5.33
N GLY A 62 -55.35 -11.63 6.40
CA GLY A 62 -55.55 -12.09 7.76
C GLY A 62 -54.73 -13.34 8.07
N GLY A 63 -53.55 -13.44 7.46
CA GLY A 63 -52.66 -14.57 7.62
C GLY A 63 -53.11 -15.83 6.91
N ARG A 64 -54.19 -15.73 6.10
CA ARG A 64 -54.76 -16.86 5.36
C ARG A 64 -54.31 -16.81 3.93
N TYR A 65 -53.70 -17.91 3.46
CA TYR A 65 -53.18 -18.01 2.11
C TYR A 65 -54.17 -18.68 1.18
N PHE A 66 -54.36 -18.08 0.01
CA PHE A 66 -55.20 -18.63 -1.03
C PHE A 66 -54.71 -18.21 -2.41
N GLU A 67 -55.14 -18.93 -3.44
CA GLU A 67 -54.72 -18.70 -4.81
C GLU A 67 -55.89 -18.44 -5.73
N LEU A 68 -55.74 -17.44 -6.59
CA LEU A 68 -56.72 -17.08 -7.61
C LEU A 68 -56.20 -17.68 -8.90
N LEU A 69 -56.86 -18.73 -9.38
CA LEU A 69 -56.46 -19.47 -10.57
C LEU A 69 -57.56 -19.38 -11.59
N ASN A 70 -57.36 -18.53 -12.61
CA ASN A 70 -58.34 -18.20 -13.65
C ASN A 70 -59.67 -17.80 -13.00
N GLU A 71 -59.56 -16.79 -12.12
CA GLU A 71 -60.68 -16.25 -11.36
C GLU A 71 -61.03 -14.88 -11.94
N THR A 72 -62.24 -14.78 -12.55
CA THR A 72 -62.72 -13.57 -13.19
C THR A 72 -63.62 -12.73 -12.30
N VAL A 73 -63.36 -11.41 -12.27
CA VAL A 73 -64.15 -10.44 -11.52
C VAL A 73 -64.79 -9.49 -12.53
N ALA A 74 -66.14 -9.41 -12.52
CA ALA A 74 -66.90 -8.52 -13.38
C ALA A 74 -66.82 -7.10 -12.80
N LEU A 75 -66.59 -6.13 -13.69
CA LEU A 75 -66.39 -4.73 -13.33
C LEU A 75 -67.54 -3.81 -13.77
N LYS A 76 -67.68 -2.68 -13.07
CA LYS A 76 -68.62 -1.62 -13.37
C LYS A 76 -67.93 -0.72 -14.42
N GLY A 77 -68.67 -0.32 -15.44
CA GLY A 77 -68.15 0.54 -16.49
C GLY A 77 -67.99 1.98 -16.04
N ASP A 78 -67.03 2.71 -16.66
CA ASP A 78 -66.72 4.12 -16.39
C ASP A 78 -66.60 4.38 -14.88
N SER A 79 -65.82 3.52 -14.22
CA SER A 79 -65.73 3.51 -12.77
C SER A 79 -64.37 3.13 -12.28
N VAL A 80 -64.10 3.46 -11.01
CA VAL A 80 -62.91 3.04 -10.29
C VAL A 80 -63.41 1.86 -9.44
N ASN A 81 -62.97 0.64 -9.80
CA ASN A 81 -63.39 -0.60 -9.14
C ASN A 81 -62.39 -1.02 -8.09
N TYR A 82 -62.83 -1.13 -6.84
CA TYR A 82 -62.00 -1.57 -5.73
C TYR A 82 -62.22 -3.08 -5.56
N ILE A 83 -61.19 -3.86 -5.91
CA ILE A 83 -61.25 -5.32 -5.85
C ILE A 83 -60.92 -5.80 -4.44
N HIS A 84 -61.87 -6.51 -3.83
CA HIS A 84 -61.73 -6.98 -2.46
C HIS A 84 -61.68 -8.49 -2.39
N ALA A 85 -60.90 -8.99 -1.40
CA ALA A 85 -60.91 -10.39 -1.00
C ALA A 85 -61.78 -10.39 0.27
N ASN A 86 -62.79 -11.26 0.30
CA ASN A 86 -63.73 -11.33 1.41
C ASN A 86 -63.64 -12.71 2.01
N ILE A 87 -63.38 -12.77 3.30
CA ILE A 87 -63.19 -14.03 4.00
C ILE A 87 -64.29 -14.24 5.04
N ASP A 88 -65.12 -15.26 4.84
CA ASP A 88 -66.20 -15.59 5.74
C ASP A 88 -65.98 -17.04 6.14
N LEU A 89 -65.48 -17.25 7.36
CA LEU A 89 -65.13 -18.57 7.85
C LEU A 89 -66.33 -19.49 8.07
N THR A 90 -67.54 -18.91 8.16
CA THR A 90 -68.79 -19.68 8.32
C THR A 90 -69.16 -20.39 7.02
N GLN A 91 -68.72 -19.86 5.87
CA GLN A 91 -68.93 -20.47 4.56
C GLN A 91 -67.81 -21.52 4.39
N THR A 92 -67.93 -22.60 5.13
CA THR A 92 -67.01 -23.71 5.25
C THR A 92 -66.38 -24.23 3.95
N ALA A 93 -67.19 -24.46 2.93
CA ALA A 93 -66.74 -25.01 1.66
C ALA A 93 -66.03 -23.99 0.77
N ASN A 94 -66.45 -22.71 0.84
CA ASN A 94 -65.88 -21.62 0.04
C ASN A 94 -65.73 -20.36 0.91
N PRO A 95 -64.71 -20.31 1.80
CA PRO A 95 -64.59 -19.17 2.72
C PRO A 95 -64.17 -17.85 2.09
N VAL A 96 -63.60 -17.92 0.89
CA VAL A 96 -63.09 -16.74 0.19
C VAL A 96 -63.85 -16.43 -1.09
N SER A 97 -64.14 -15.15 -1.30
CA SER A 97 -64.79 -14.66 -2.51
C SER A 97 -64.22 -13.29 -2.86
N LEU A 98 -64.31 -12.91 -4.13
CA LEU A 98 -63.87 -11.61 -4.61
C LEU A 98 -65.05 -10.74 -4.98
N SER A 99 -64.91 -9.43 -4.74
CA SER A 99 -65.93 -8.46 -5.10
C SER A 99 -65.28 -7.23 -5.72
N ALA A 100 -66.01 -6.55 -6.63
CA ALA A 100 -65.61 -5.28 -7.24
C ALA A 100 -66.59 -4.26 -6.65
N GLU A 101 -66.05 -3.28 -5.92
CA GLU A 101 -66.84 -2.29 -5.18
C GLU A 101 -66.52 -0.85 -5.54
N THR A 102 -67.47 0.05 -5.24
CA THR A 102 -67.38 1.48 -5.57
C THR A 102 -66.45 2.27 -4.65
N ALA A 103 -66.05 1.67 -3.52
CA ALA A 103 -65.17 2.33 -2.56
C ALA A 103 -64.23 1.30 -1.95
N ASN A 104 -63.18 1.76 -1.24
CA ASN A 104 -62.32 0.85 -0.49
C ASN A 104 -63.07 0.60 0.83
N ASN A 105 -63.63 -0.61 0.95
CA ASN A 105 -64.44 -1.01 2.08
C ASN A 105 -63.76 -2.00 3.00
N SER A 106 -62.41 -1.96 3.04
CA SER A 106 -61.60 -2.79 3.93
C SER A 106 -62.08 -2.51 5.37
N ASN A 107 -62.37 -3.56 6.13
CA ASN A 107 -62.96 -3.41 7.47
C ASN A 107 -62.11 -3.79 8.68
N GLY A 108 -60.92 -4.34 8.44
CA GLY A 108 -59.98 -4.75 9.49
C GLY A 108 -60.51 -5.75 10.50
N VAL A 109 -61.51 -6.56 10.11
CA VAL A 109 -62.13 -7.54 11.01
C VAL A 109 -61.15 -8.65 11.40
N ASP A 110 -60.98 -8.86 12.71
CA ASP A 110 -60.10 -9.88 13.25
C ASP A 110 -60.76 -11.26 13.16
N ILE A 111 -60.53 -11.95 12.05
CA ILE A 111 -61.10 -13.28 11.79
C ILE A 111 -60.43 -14.42 12.52
N ASN A 112 -59.25 -14.17 13.09
CA ASN A 112 -58.51 -15.23 13.77
C ASN A 112 -58.84 -15.31 15.25
N ASN A 113 -59.46 -14.24 15.81
CA ASN A 113 -59.85 -14.18 17.22
C ASN A 113 -61.33 -14.07 17.43
N GLY A 114 -62.06 -13.61 16.42
CA GLY A 114 -63.49 -13.41 16.54
C GLY A 114 -64.30 -13.74 15.31
N SER A 115 -65.59 -13.43 15.38
CA SER A 115 -66.56 -13.63 14.31
C SER A 115 -66.55 -12.41 13.40
N GLY A 116 -67.11 -12.58 12.21
CA GLY A 116 -67.22 -11.52 11.23
C GLY A 116 -66.59 -11.87 9.91
N VAL A 117 -66.89 -11.07 8.91
CA VAL A 117 -66.35 -11.24 7.57
C VAL A 117 -65.21 -10.24 7.40
N LEU A 118 -64.03 -10.72 7.02
CA LEU A 118 -62.93 -9.82 6.75
C LEU A 118 -63.05 -9.38 5.29
N LYS A 119 -62.98 -8.07 5.05
CA LYS A 119 -62.98 -7.52 3.70
C LYS A 119 -61.69 -6.75 3.59
N VAL A 120 -60.91 -7.03 2.55
CA VAL A 120 -59.67 -6.30 2.33
C VAL A 120 -59.45 -6.04 0.84
N CYS A 121 -59.27 -4.76 0.51
CA CYS A 121 -59.06 -4.35 -0.87
C CYS A 121 -57.59 -4.63 -1.25
N PHE A 122 -57.37 -5.23 -2.44
CA PHE A 122 -56.01 -5.51 -2.91
C PHE A 122 -55.67 -4.92 -4.30
N ASP A 123 -56.70 -4.51 -5.06
CA ASP A 123 -56.49 -3.97 -6.41
C ASP A 123 -57.46 -2.85 -6.71
N ILE A 124 -57.04 -1.89 -7.54
CA ILE A 124 -57.88 -0.78 -8.01
C ILE A 124 -57.87 -0.83 -9.53
N VAL A 125 -59.02 -1.14 -10.13
CA VAL A 125 -59.14 -1.27 -11.58
C VAL A 125 -60.08 -0.21 -12.14
N THR A 126 -59.55 0.69 -12.97
CA THR A 126 -60.31 1.78 -13.58
C THR A 126 -60.76 1.38 -14.98
N THR A 127 -62.03 1.68 -15.27
CA THR A 127 -62.64 1.34 -16.55
C THR A 127 -63.14 2.55 -17.40
N SER A 128 -63.41 2.23 -18.66
CA SER A 128 -64.05 3.14 -19.60
C SER A 128 -65.44 2.50 -19.71
N GLY A 129 -66.21 2.86 -20.72
CA GLY A 129 -67.50 2.21 -20.92
C GLY A 129 -67.37 0.81 -21.50
N THR A 130 -66.18 0.49 -22.07
CA THR A 130 -65.93 -0.77 -22.78
C THR A 130 -64.90 -1.74 -22.17
N GLY A 131 -63.98 -1.23 -21.38
CA GLY A 131 -62.93 -2.06 -20.78
C GLY A 131 -62.05 -1.38 -19.77
N VAL A 132 -60.97 -2.07 -19.37
CA VAL A 132 -60.02 -1.58 -18.37
C VAL A 132 -59.07 -0.56 -19.00
N THR A 133 -58.92 0.60 -18.34
CA THR A 133 -57.99 1.65 -18.79
C THR A 133 -56.70 1.65 -17.97
N SER A 134 -56.78 1.31 -16.67
CA SER A 134 -55.61 1.22 -15.80
C SER A 134 -55.86 0.34 -14.57
N THR A 135 -54.77 -0.18 -13.98
CA THR A 135 -54.80 -0.98 -12.77
C THR A 135 -53.71 -0.48 -11.84
N LYS A 136 -54.02 -0.37 -10.56
CA LYS A 136 -53.09 0.04 -9.54
C LYS A 136 -53.25 -0.92 -8.35
N PRO A 137 -52.18 -1.59 -7.89
CA PRO A 137 -52.33 -2.46 -6.73
C PRO A 137 -52.38 -1.66 -5.44
N ILE A 138 -52.99 -2.27 -4.41
CA ILE A 138 -52.97 -1.73 -3.06
C ILE A 138 -51.60 -2.09 -2.50
N VAL A 139 -51.01 -1.15 -1.73
CA VAL A 139 -49.71 -1.31 -1.12
C VAL A 139 -49.72 -2.44 -0.08
N GLN A 140 -48.62 -3.21 -0.02
CA GLN A 140 -48.44 -4.28 0.95
C GLN A 140 -47.59 -3.70 2.07
N THR A 141 -48.22 -3.48 3.24
CA THR A 141 -47.55 -2.84 4.36
C THR A 141 -46.88 -3.83 5.29
N SER A 142 -45.61 -3.56 5.63
CA SER A 142 -44.84 -4.32 6.60
C SER A 142 -44.71 -3.42 7.83
N THR A 143 -45.37 -3.79 8.93
CA THR A 143 -45.33 -3.04 10.18
C THR A 143 -44.30 -3.71 11.07
N LEU A 144 -43.15 -3.04 11.22
CA LEU A 144 -42.03 -3.57 11.99
C LEU A 144 -41.67 -2.65 13.15
N ASP A 145 -40.90 -3.16 14.10
CA ASP A 145 -40.57 -2.39 15.29
C ASP A 145 -39.17 -1.80 15.16
N SER A 146 -38.14 -2.59 15.44
CA SER A 146 -36.77 -2.16 15.29
C SER A 146 -36.10 -2.97 14.16
N ILE A 147 -35.49 -2.31 13.16
CA ILE A 147 -34.82 -2.98 12.05
C ILE A 147 -33.33 -2.73 12.11
N SER A 148 -32.55 -3.80 11.93
CA SER A 148 -31.11 -3.72 11.78
C SER A 148 -30.89 -4.21 10.33
N VAL A 149 -30.34 -3.34 9.47
CA VAL A 149 -30.13 -3.65 8.05
C VAL A 149 -28.71 -3.24 7.59
N ASN A 150 -28.20 -3.92 6.55
CA ASN A 150 -26.90 -3.58 5.99
C ASN A 150 -27.07 -2.50 4.94
N ASP A 151 -27.86 -2.78 3.89
CA ASP A 151 -28.10 -1.80 2.85
C ASP A 151 -29.54 -1.74 2.47
N MET A 152 -30.00 -0.55 2.06
CA MET A 152 -31.38 -0.35 1.67
C MET A 152 -31.46 0.54 0.44
N THR A 153 -32.37 0.19 -0.47
CA THR A 153 -32.65 1.01 -1.64
C THR A 153 -34.12 1.38 -1.58
N VAL A 154 -34.41 2.69 -1.67
CA VAL A 154 -35.75 3.26 -1.61
C VAL A 154 -36.08 3.85 -2.99
N SER A 155 -37.18 3.37 -3.58
CA SER A 155 -37.61 3.89 -4.89
C SER A 155 -38.57 5.08 -4.77
N GLY A 156 -39.31 5.12 -3.67
CA GLY A 156 -40.24 6.19 -3.35
C GLY A 156 -39.60 7.19 -2.41
N SER A 157 -40.08 7.27 -1.16
CA SER A 157 -39.52 8.22 -0.19
C SER A 157 -39.51 7.66 1.20
N ILE A 158 -38.66 8.22 2.06
CA ILE A 158 -38.65 7.89 3.48
C ILE A 158 -39.27 9.06 4.21
N ASP A 159 -40.30 8.78 5.01
CA ASP A 159 -40.93 9.79 5.86
C ASP A 159 -40.35 9.65 7.27
N VAL A 160 -39.62 10.67 7.74
CA VAL A 160 -39.03 10.66 9.08
C VAL A 160 -39.73 11.68 9.98
N PRO A 161 -39.65 11.56 11.33
CA PRO A 161 -40.32 12.54 12.19
C PRO A 161 -39.79 13.94 12.02
N VAL A 162 -40.69 14.92 12.16
CA VAL A 162 -40.37 16.34 12.03
C VAL A 162 -40.89 17.06 13.25
N GLN A 163 -40.04 17.88 13.85
CA GLN A 163 -40.40 18.73 14.98
C GLN A 163 -40.05 20.16 14.60
N THR A 164 -40.89 21.12 15.00
CA THR A 164 -40.66 22.53 14.73
C THR A 164 -40.65 23.33 16.02
N LEU A 165 -39.92 24.44 16.02
CA LEU A 165 -39.80 25.32 17.17
C LEU A 165 -39.55 26.73 16.68
N THR A 166 -40.28 27.69 17.24
CA THR A 166 -40.04 29.10 16.98
C THR A 166 -39.43 29.68 18.26
N VAL A 167 -38.29 30.36 18.11
CA VAL A 167 -37.58 30.95 19.25
C VAL A 167 -37.55 32.46 19.10
N GLU A 168 -38.07 33.16 20.12
CA GLU A 168 -37.97 34.62 20.20
C GLU A 168 -36.68 34.82 20.97
N ALA A 169 -35.59 34.84 20.21
CA ALA A 169 -34.24 34.81 20.73
C ALA A 169 -33.81 36.04 21.53
N GLY A 170 -34.45 37.18 21.26
CA GLY A 170 -34.14 38.44 21.90
C GLY A 170 -33.62 39.44 20.89
N ASN A 171 -33.70 40.74 21.24
CA ASN A 171 -33.22 41.86 20.42
C ASN A 171 -33.91 41.95 19.05
N GLY A 172 -35.07 41.29 18.93
CA GLY A 172 -35.87 41.26 17.71
C GLY A 172 -35.61 40.08 16.80
N LEU A 173 -34.60 39.25 17.14
CA LEU A 173 -34.26 38.06 16.35
C LEU A 173 -35.23 36.92 16.58
N GLN A 174 -35.70 36.30 15.49
CA GLN A 174 -36.56 35.13 15.57
C GLN A 174 -35.91 33.99 14.81
N LEU A 175 -35.96 32.77 15.38
CA LEU A 175 -35.47 31.58 14.69
C LEU A 175 -36.63 30.64 14.53
N GLN A 176 -36.78 30.05 13.33
CA GLN A 176 -37.78 29.02 13.08
C GLN A 176 -36.95 27.77 12.77
N LEU A 177 -36.93 26.82 13.70
CA LEU A 177 -36.14 25.60 13.58
C LEU A 177 -36.99 24.43 13.17
N THR A 178 -36.52 23.65 12.21
CA THR A 178 -37.18 22.43 11.76
C THR A 178 -36.16 21.32 11.91
N LYS A 179 -36.51 20.32 12.72
CA LYS A 179 -35.64 19.18 12.99
C LYS A 179 -36.24 17.94 12.36
N LYS A 180 -35.43 17.21 11.59
CA LYS A 180 -35.88 15.97 10.95
C LYS A 180 -34.99 14.81 11.36
N ASN A 181 -35.60 13.65 11.60
CA ASN A 181 -34.93 12.46 12.09
C ASN A 181 -34.31 12.70 13.46
N ASN A 182 -34.67 13.82 14.12
CA ASN A 182 -34.12 14.10 15.46
C ASN A 182 -32.63 14.47 15.32
N ASP A 183 -32.14 14.74 14.10
CA ASP A 183 -30.77 15.10 13.93
C ASP A 183 -30.51 16.35 13.10
N LEU A 184 -30.98 16.37 11.85
CA LEU A 184 -30.74 17.50 10.97
C LEU A 184 -31.67 18.64 11.28
N VAL A 185 -31.10 19.81 11.55
CA VAL A 185 -31.88 21.00 11.84
C VAL A 185 -31.60 22.06 10.78
N ILE A 186 -32.65 22.67 10.24
CA ILE A 186 -32.51 23.83 9.38
C ILE A 186 -33.16 24.98 10.13
N VAL A 187 -32.37 26.04 10.36
CA VAL A 187 -32.80 27.25 11.06
C VAL A 187 -33.09 28.31 10.01
N ARG A 188 -34.26 28.93 10.08
CA ARG A 188 -34.67 30.02 9.20
C ARG A 188 -34.73 31.27 10.07
N PHE A 189 -33.97 32.31 9.69
CA PHE A 189 -33.97 33.54 10.47
C PHE A 189 -35.07 34.47 10.04
N PHE A 190 -35.70 35.13 11.03
CA PHE A 190 -36.72 36.14 10.81
C PHE A 190 -36.55 37.28 11.82
N GLY A 191 -37.42 38.28 11.73
CA GLY A 191 -37.37 39.43 12.62
C GLY A 191 -36.37 40.48 12.15
N SER A 192 -36.03 41.40 13.06
CA SER A 192 -35.10 42.51 12.81
C SER A 192 -34.35 42.79 14.10
N VAL A 193 -33.02 42.80 14.04
CA VAL A 193 -32.16 42.95 15.22
C VAL A 193 -31.72 44.40 15.49
N SER A 194 -31.68 44.78 16.78
CA SER A 194 -31.20 46.08 17.24
C SER A 194 -30.64 45.95 18.65
N ASN A 195 -29.80 46.93 19.05
CA ASN A 195 -29.22 47.04 20.39
C ASN A 195 -28.51 45.77 20.88
N ILE A 196 -27.51 45.32 20.11
CA ILE A 196 -26.73 44.13 20.43
C ILE A 196 -25.26 44.35 20.10
N GLN A 197 -24.37 43.70 20.85
CA GLN A 197 -22.95 43.77 20.57
C GLN A 197 -22.38 42.40 20.31
N LYS A 198 -21.25 42.38 19.60
CA LYS A 198 -20.53 41.15 19.32
C LYS A 198 -20.14 40.47 20.64
N GLY A 199 -20.34 39.16 20.70
CA GLY A 199 -20.03 38.36 21.87
C GLY A 199 -21.10 38.31 22.92
N TRP A 200 -22.15 39.15 22.77
CA TRP A 200 -23.24 39.20 23.73
C TRP A 200 -24.27 38.15 23.45
N ASN A 201 -24.81 37.58 24.53
CA ASN A 201 -25.88 36.61 24.50
C ASN A 201 -27.17 37.38 24.14
N MET A 202 -28.03 36.82 23.26
CA MET A 202 -29.30 37.47 22.90
C MET A 202 -30.15 37.50 24.18
N SER A 203 -30.95 38.55 24.37
CA SER A 203 -31.69 38.77 25.61
C SER A 203 -33.00 38.00 25.82
N GLY A 204 -33.34 37.12 24.88
CA GLY A 204 -34.58 36.36 24.94
C GLY A 204 -34.49 34.90 25.33
N THR A 205 -35.40 34.11 24.75
CA THR A 205 -35.57 32.69 25.02
C THR A 205 -34.42 31.85 24.48
N TRP A 206 -33.95 30.90 25.30
CA TRP A 206 -32.93 29.94 24.92
C TRP A 206 -33.59 28.81 24.13
N VAL A 207 -32.79 28.10 23.30
CA VAL A 207 -33.29 27.00 22.49
C VAL A 207 -33.70 25.83 23.39
N ASP A 208 -34.90 25.28 23.15
CA ASP A 208 -35.43 24.13 23.91
C ASP A 208 -34.48 22.94 23.79
N ARG A 209 -34.37 22.16 24.88
CA ARG A 209 -33.48 20.99 24.96
C ARG A 209 -33.49 20.07 23.71
N PRO A 210 -34.66 19.70 23.13
CA PRO A 210 -34.67 18.80 21.96
C PRO A 210 -33.98 19.33 20.70
N PHE A 211 -33.72 20.64 20.63
CA PHE A 211 -33.08 21.27 19.48
C PHE A 211 -31.62 21.67 19.76
N ARG A 212 -31.15 21.48 21.00
CA ARG A 212 -29.78 21.84 21.36
C ARG A 212 -28.75 20.91 20.74
N PRO A 213 -27.70 21.49 20.11
CA PRO A 213 -26.64 20.65 19.52
C PRO A 213 -25.66 20.12 20.58
N ALA A 214 -24.91 19.05 20.26
CA ALA A 214 -23.90 18.51 21.15
C ALA A 214 -22.69 19.44 21.22
N ALA A 215 -22.40 20.16 20.10
CA ALA A 215 -21.29 21.10 19.99
C ALA A 215 -21.81 22.43 19.46
N VAL A 216 -21.11 23.54 19.76
CA VAL A 216 -21.48 24.90 19.33
C VAL A 216 -21.65 24.98 17.81
N GLN A 217 -22.75 25.60 17.34
CA GLN A 217 -23.01 25.70 15.91
C GLN A 217 -23.10 27.15 15.48
N SER A 218 -22.24 27.56 14.54
CA SER A 218 -22.23 28.92 14.01
C SER A 218 -23.09 28.99 12.77
N LEU A 219 -24.16 29.78 12.81
CA LEU A 219 -25.09 29.87 11.69
C LEU A 219 -25.06 31.26 11.07
N VAL A 220 -24.70 31.32 9.79
CA VAL A 220 -24.58 32.55 9.01
C VAL A 220 -25.95 33.06 8.57
N GLY A 221 -26.16 34.36 8.73
CA GLY A 221 -27.38 35.03 8.28
C GLY A 221 -27.07 36.25 7.45
N HIS A 222 -28.10 36.82 6.81
CA HIS A 222 -27.93 37.98 5.94
C HIS A 222 -28.91 39.09 6.29
N PHE A 223 -28.46 40.35 6.12
CA PHE A 223 -29.31 41.51 6.36
C PHE A 223 -30.02 41.86 5.06
N ALA A 224 -31.35 41.75 5.06
CA ALA A 224 -32.18 41.98 3.88
C ALA A 224 -31.95 43.35 3.24
N GLY A 225 -31.71 43.33 1.92
CA GLY A 225 -31.47 44.52 1.13
C GLY A 225 -30.10 45.15 1.28
N ARG A 226 -29.18 44.46 1.97
CA ARG A 226 -27.82 44.93 2.22
C ARG A 226 -26.75 43.96 1.71
N ASP A 227 -25.49 44.40 1.73
CA ASP A 227 -24.32 43.62 1.36
C ASP A 227 -23.72 42.95 2.59
N THR A 228 -24.32 43.18 3.76
CA THR A 228 -23.79 42.76 5.06
C THR A 228 -24.39 41.48 5.60
N SER A 229 -23.63 40.80 6.46
CA SER A 229 -24.03 39.54 7.05
C SER A 229 -23.71 39.49 8.54
N PHE A 230 -24.18 38.44 9.21
CA PHE A 230 -23.92 38.19 10.63
C PHE A 230 -23.83 36.69 10.83
N HIS A 231 -23.49 36.27 12.04
CA HIS A 231 -23.62 34.89 12.46
C HIS A 231 -23.97 34.84 13.92
N ILE A 232 -24.66 33.78 14.31
CA ILE A 232 -25.01 33.52 15.71
C ILE A 232 -24.46 32.16 16.06
N ASP A 233 -24.14 31.95 17.33
CA ASP A 233 -23.72 30.64 17.81
C ASP A 233 -24.84 30.06 18.66
N ILE A 234 -25.30 28.86 18.32
CA ILE A 234 -26.25 28.13 19.16
C ILE A 234 -25.36 27.25 20.02
N ASN A 235 -25.31 27.55 21.30
CA ASN A 235 -24.45 26.85 22.23
C ASN A 235 -25.11 25.57 22.75
N PRO A 236 -24.33 24.52 23.14
CA PRO A 236 -24.96 23.31 23.70
C PRO A 236 -25.91 23.53 24.89
N ASN A 237 -25.72 24.62 25.66
CA ASN A 237 -26.61 24.94 26.79
C ASN A 237 -27.96 25.57 26.35
N GLY A 238 -28.08 25.92 25.06
CA GLY A 238 -29.30 26.50 24.52
C GLY A 238 -29.23 28.00 24.28
N SER A 239 -28.23 28.67 24.87
CA SER A 239 -28.02 30.11 24.68
C SER A 239 -27.58 30.41 23.27
N ILE A 240 -27.83 31.65 22.85
CA ILE A 240 -27.48 32.13 21.52
C ILE A 240 -26.57 33.35 21.67
N THR A 241 -25.38 33.28 21.07
CA THR A 241 -24.41 34.37 21.10
C THR A 241 -24.39 35.11 19.77
N TRP A 242 -24.48 36.46 19.82
CA TRP A 242 -24.42 37.31 18.63
C TRP A 242 -22.98 37.46 18.18
N TRP A 243 -22.73 37.18 16.89
CA TRP A 243 -21.40 37.36 16.34
C TRP A 243 -21.35 38.21 15.08
N GLY A 244 -22.36 39.04 14.88
CA GLY A 244 -22.33 40.05 13.85
C GLY A 244 -21.64 41.27 14.44
N ALA A 245 -21.56 42.39 13.70
CA ALA A 245 -21.03 43.63 14.24
C ALA A 245 -22.05 44.22 15.24
N ASN A 246 -21.66 45.25 16.00
CA ASN A 246 -22.59 45.88 16.93
C ASN A 246 -23.72 46.56 16.17
N ILE A 247 -24.96 46.39 16.65
CA ILE A 247 -26.12 47.06 16.07
C ILE A 247 -26.66 48.08 17.03
N ASP A 248 -26.97 49.24 16.48
CA ASP A 248 -27.50 50.38 17.20
C ASP A 248 -29.03 50.27 17.32
N LYS A 249 -29.64 51.37 17.68
CA LYS A 249 -31.09 51.51 17.87
C LYS A 249 -31.99 51.14 16.68
N THR A 250 -31.49 51.32 15.44
CA THR A 250 -32.28 51.04 14.25
C THR A 250 -32.26 49.54 13.89
N PRO A 251 -33.44 48.88 13.91
CA PRO A 251 -33.46 47.45 13.58
C PRO A 251 -33.14 47.18 12.12
N ILE A 252 -32.47 46.04 11.88
CA ILE A 252 -32.08 45.57 10.55
C ILE A 252 -32.69 44.18 10.37
N ALA A 253 -33.45 43.96 9.27
CA ALA A 253 -34.11 42.68 9.00
C ALA A 253 -33.09 41.56 8.78
N THR A 254 -33.27 40.46 9.52
CA THR A 254 -32.37 39.30 9.54
C THR A 254 -33.02 38.11 8.87
N ARG A 255 -32.35 37.51 7.88
CA ARG A 255 -32.89 36.37 7.14
C ARG A 255 -31.82 35.32 6.85
N GLY A 256 -32.23 34.16 6.35
CA GLY A 256 -31.32 33.12 5.92
C GLY A 256 -31.52 31.76 6.54
N ASN A 257 -31.05 30.73 5.82
CA ASN A 257 -31.08 29.34 6.27
C ASN A 257 -29.70 28.86 6.65
N GLY A 258 -29.63 28.21 7.81
CA GLY A 258 -28.41 27.59 8.33
C GLY A 258 -28.75 26.20 8.82
N SER A 259 -27.86 25.21 8.58
CA SER A 259 -28.11 23.84 8.99
C SER A 259 -27.08 23.36 9.99
N TYR A 260 -27.49 22.43 10.86
CA TYR A 260 -26.59 21.78 11.80
C TYR A 260 -27.10 20.40 12.16
N PHE A 261 -26.18 19.56 12.65
CA PHE A 261 -26.49 18.24 13.19
C PHE A 261 -26.54 18.33 14.70
N ILE A 262 -27.55 17.74 15.30
CA ILE A 262 -27.66 17.68 16.76
C ILE A 262 -26.68 16.62 17.29
N LYS A 263 -26.63 15.45 16.63
CA LYS A 263 -25.82 14.32 17.03
C LYS A 263 -24.45 14.32 16.37
N SER A 264 -23.42 14.01 17.16
CA SER A 264 -22.04 13.86 16.68
C SER A 264 -21.81 12.35 16.39
N ALA A 265 -20.56 11.93 16.13
CA ALA A 265 -20.24 10.51 15.92
C ALA A 265 -20.38 9.77 17.28
N TRP A 266 -21.20 8.70 17.32
CA TRP A 266 -21.46 7.92 18.55
C TRP A 266 -21.67 6.42 18.27
N THR B 1 -24.84 -34.64 4.84
CA THR B 1 -26.26 -34.98 4.87
C THR B 1 -27.13 -33.77 4.61
N ILE B 2 -28.19 -33.96 3.81
CA ILE B 2 -29.17 -32.90 3.58
C ILE B 2 -30.51 -33.37 4.10
N LYS B 3 -31.10 -32.58 5.04
CA LYS B 3 -32.40 -32.89 5.63
C LYS B 3 -33.44 -31.96 5.04
N ASN B 4 -34.38 -32.51 4.28
CA ASN B 4 -35.42 -31.75 3.57
C ASN B 4 -36.72 -31.71 4.33
N PHE B 5 -37.41 -30.57 4.27
CA PHE B 5 -38.67 -30.42 5.00
C PHE B 5 -39.88 -30.06 4.12
N THR B 6 -39.82 -28.91 3.39
CA THR B 6 -40.91 -28.43 2.53
C THR B 6 -40.96 -29.17 1.20
N PHE B 7 -41.04 -30.51 1.29
CA PHE B 7 -41.03 -31.41 0.14
C PHE B 7 -41.98 -32.54 0.32
N PHE B 8 -42.39 -33.11 -0.82
CA PHE B 8 -43.29 -34.23 -0.94
C PHE B 8 -42.65 -35.47 -0.35
N SER B 9 -43.42 -36.22 0.47
CA SER B 9 -42.97 -37.50 1.02
C SER B 9 -43.67 -38.55 0.16
N PRO B 10 -42.96 -39.13 -0.85
CA PRO B 10 -43.62 -40.09 -1.76
C PRO B 10 -44.36 -41.24 -1.08
N ASN B 11 -43.79 -41.75 0.03
CA ASN B 11 -44.38 -42.84 0.79
C ASN B 11 -44.90 -42.40 2.14
N SER B 12 -45.24 -41.08 2.26
CA SER B 12 -45.78 -40.39 3.44
C SER B 12 -44.91 -40.49 4.71
N THR B 13 -43.62 -40.88 4.56
CA THR B 13 -42.71 -41.08 5.68
C THR B 13 -41.36 -40.36 5.58
N GLU B 14 -40.95 -39.99 4.37
CA GLU B 14 -39.63 -39.40 4.08
C GLU B 14 -39.23 -38.12 4.80
N PHE B 15 -40.05 -37.08 4.73
CA PHE B 15 -39.71 -35.79 5.30
C PHE B 15 -40.70 -35.24 6.36
N PRO B 16 -40.81 -35.84 7.56
CA PRO B 16 -41.70 -35.27 8.57
C PRO B 16 -41.13 -33.95 9.09
N VAL B 17 -42.02 -33.00 9.35
CA VAL B 17 -41.52 -31.72 9.85
C VAL B 17 -41.56 -31.61 11.38
N GLY B 18 -40.37 -31.61 11.99
CA GLY B 18 -40.17 -31.48 13.43
C GLY B 18 -40.42 -30.06 13.90
N SER B 19 -40.88 -29.87 15.14
CA SER B 19 -41.18 -28.55 15.68
C SER B 19 -39.98 -27.60 15.69
N ASN B 20 -38.75 -28.14 15.87
CA ASN B 20 -37.53 -27.34 15.84
C ASN B 20 -37.19 -26.90 14.43
N ASN B 21 -37.56 -27.67 13.42
CA ASN B 21 -37.34 -27.31 12.01
C ASN B 21 -38.24 -26.15 11.61
N ASP B 22 -39.50 -26.18 12.08
CA ASP B 22 -40.40 -25.07 11.83
C ASP B 22 -39.94 -23.84 12.60
N GLY B 23 -39.40 -24.04 13.82
CA GLY B 23 -38.84 -22.99 14.66
C GLY B 23 -37.75 -22.25 13.91
N LYS B 24 -36.80 -22.99 13.35
CA LYS B 24 -35.74 -22.37 12.59
C LYS B 24 -36.28 -21.66 11.34
N LEU B 25 -37.19 -22.32 10.60
CA LEU B 25 -37.81 -21.75 9.40
C LEU B 25 -38.43 -20.41 9.73
N TYR B 26 -39.26 -20.36 10.79
CA TYR B 26 -39.95 -19.13 11.18
C TYR B 26 -38.99 -18.04 11.59
N MET B 27 -37.95 -18.39 12.35
CA MET B 27 -36.94 -17.42 12.76
C MET B 27 -36.28 -16.78 11.53
N MET B 28 -36.00 -17.60 10.51
CA MET B 28 -35.37 -17.13 9.27
C MET B 28 -36.28 -16.26 8.44
N LEU B 29 -37.58 -16.62 8.36
CA LEU B 29 -38.55 -15.84 7.59
C LEU B 29 -38.72 -14.44 8.15
N THR B 30 -38.78 -14.32 9.49
CA THR B 30 -39.02 -13.05 10.16
C THR B 30 -37.77 -12.26 10.51
N GLY B 31 -36.61 -12.91 10.46
CA GLY B 31 -35.35 -12.28 10.80
C GLY B 31 -35.22 -12.02 12.29
N MET B 32 -35.42 -13.07 13.10
CA MET B 32 -35.27 -12.97 14.55
C MET B 32 -34.20 -13.92 15.04
N ASP B 33 -33.52 -13.55 16.13
CA ASP B 33 -32.55 -14.42 16.77
C ASP B 33 -33.19 -14.91 18.08
N TYR B 34 -32.42 -15.55 18.96
CA TYR B 34 -32.94 -16.06 20.22
C TYR B 34 -33.06 -15.00 21.32
N ARG B 35 -32.68 -13.75 21.00
CA ARG B 35 -32.69 -12.66 21.97
C ARG B 35 -33.81 -11.66 21.79
N THR B 36 -34.79 -11.99 20.94
CA THR B 36 -35.94 -11.15 20.69
C THR B 36 -37.20 -11.99 20.58
N ILE B 37 -38.34 -11.33 20.35
CA ILE B 37 -39.62 -11.98 20.21
C ILE B 37 -40.41 -11.32 19.10
N ARG B 38 -41.53 -11.94 18.76
CA ARG B 38 -42.60 -11.35 18.04
C ARG B 38 -43.73 -11.44 19.07
N ARG B 39 -44.50 -10.36 19.23
CA ARG B 39 -45.52 -10.30 20.26
C ARG B 39 -46.67 -9.43 19.78
N LYS B 40 -47.90 -9.86 20.07
CA LYS B 40 -49.09 -9.11 19.70
C LYS B 40 -50.16 -9.28 20.73
N ASP B 41 -50.59 -8.16 21.33
CA ASP B 41 -51.72 -8.17 22.27
C ASP B 41 -52.97 -7.98 21.41
N TRP B 42 -53.71 -9.08 21.14
CA TRP B 42 -54.95 -9.00 20.36
C TRP B 42 -56.02 -8.26 21.16
N SER B 43 -55.98 -8.44 22.48
CA SER B 43 -56.78 -7.70 23.45
C SER B 43 -55.82 -7.22 24.55
N SER B 44 -56.18 -6.14 25.22
CA SER B 44 -55.33 -5.56 26.22
C SER B 44 -55.14 -6.43 27.45
N PRO B 45 -53.86 -6.60 27.93
CA PRO B 45 -53.67 -7.25 29.23
C PRO B 45 -54.36 -6.41 30.32
N LEU B 46 -54.81 -7.07 31.40
CA LEU B 46 -55.52 -6.41 32.48
C LEU B 46 -54.74 -6.50 33.77
N ASN B 47 -54.55 -5.34 34.44
CA ASN B 47 -53.83 -5.26 35.70
C ASN B 47 -54.81 -5.29 36.86
N THR B 48 -54.57 -6.21 37.82
CA THR B 48 -55.38 -6.34 39.04
C THR B 48 -54.40 -6.56 40.17
N ALA B 49 -54.33 -5.61 41.11
CA ALA B 49 -53.37 -5.63 42.23
C ALA B 49 -51.96 -5.90 41.66
N LEU B 50 -51.17 -6.79 42.28
CA LEU B 50 -49.82 -7.10 41.80
C LEU B 50 -49.85 -8.28 40.83
N ASN B 51 -50.63 -8.13 39.75
CA ASN B 51 -50.80 -9.16 38.74
C ASN B 51 -51.10 -8.53 37.40
N VAL B 52 -50.64 -9.20 36.35
CA VAL B 52 -50.97 -8.87 34.97
C VAL B 52 -51.59 -10.09 34.35
N GLN B 53 -52.78 -9.91 33.82
CA GLN B 53 -53.46 -10.99 33.13
C GLN B 53 -53.34 -10.71 31.64
N TYR B 54 -52.63 -11.58 30.93
CA TYR B 54 -52.56 -11.52 29.48
C TYR B 54 -53.84 -12.17 28.98
N THR B 55 -54.75 -11.36 28.45
CA THR B 55 -56.08 -11.80 28.01
C THR B 55 -56.01 -12.59 26.71
N ASN B 56 -55.29 -12.04 25.73
CA ASN B 56 -55.07 -12.70 24.45
C ASN B 56 -53.85 -12.11 23.79
N THR B 57 -52.68 -12.69 24.09
CA THR B 57 -51.40 -12.27 23.57
C THR B 57 -50.73 -13.44 22.87
N SER B 58 -50.29 -13.25 21.63
CA SER B 58 -49.52 -14.27 20.91
C SER B 58 -48.06 -13.88 21.01
N ILE B 59 -47.20 -14.89 21.18
CA ILE B 59 -45.76 -14.69 21.23
C ILE B 59 -45.07 -15.71 20.36
N ILE B 60 -43.99 -15.27 19.69
CA ILE B 60 -43.08 -16.13 18.97
C ILE B 60 -41.73 -15.94 19.66
N ALA B 61 -41.19 -17.01 20.24
CA ALA B 61 -39.90 -17.00 20.91
C ALA B 61 -39.12 -18.22 20.41
N GLY B 62 -37.93 -17.99 19.85
CA GLY B 62 -37.11 -19.04 19.26
C GLY B 62 -37.86 -19.73 18.12
N GLY B 63 -38.68 -18.97 17.41
CA GLY B 63 -39.49 -19.48 16.31
C GLY B 63 -40.67 -20.33 16.75
N ARG B 64 -40.94 -20.39 18.07
CA ARG B 64 -42.03 -21.18 18.63
C ARG B 64 -43.19 -20.29 18.94
N TYR B 65 -44.37 -20.61 18.37
CA TYR B 65 -45.59 -19.85 18.55
C TYR B 65 -46.43 -20.40 19.70
N PHE B 66 -46.90 -19.49 20.55
CA PHE B 66 -47.79 -19.84 21.64
C PHE B 66 -48.69 -18.68 21.96
N GLU B 67 -49.80 -18.96 22.66
CA GLU B 67 -50.80 -17.98 23.02
C GLU B 67 -51.02 -17.93 24.51
N LEU B 68 -51.11 -16.70 25.03
CA LEU B 68 -51.40 -16.46 26.45
C LEU B 68 -52.87 -16.07 26.49
N LEU B 69 -53.71 -16.99 26.99
CA LEU B 69 -55.15 -16.80 27.04
C LEU B 69 -55.59 -16.80 28.48
N ASN B 70 -55.88 -15.59 29.00
CA ASN B 70 -56.22 -15.36 30.41
C ASN B 70 -55.16 -15.99 31.32
N GLU B 71 -53.90 -15.63 31.04
CA GLU B 71 -52.74 -16.12 31.77
C GLU B 71 -52.25 -15.00 32.69
N THR B 72 -52.34 -15.25 34.00
CA THR B 72 -51.94 -14.26 35.00
C THR B 72 -50.55 -14.55 35.55
N VAL B 73 -49.70 -13.51 35.57
CA VAL B 73 -48.38 -13.56 36.18
C VAL B 73 -48.40 -12.63 37.40
N ALA B 74 -47.97 -13.15 38.55
CA ALA B 74 -47.90 -12.45 39.82
C ALA B 74 -46.62 -11.62 39.89
N LEU B 75 -46.73 -10.42 40.46
CA LEU B 75 -45.64 -9.45 40.50
C LEU B 75 -45.07 -9.13 41.86
N LYS B 76 -43.86 -8.59 41.85
CA LYS B 76 -43.20 -8.10 43.05
C LYS B 76 -43.62 -6.63 43.21
N GLY B 77 -43.96 -6.24 44.43
CA GLY B 77 -44.36 -4.88 44.74
C GLY B 77 -43.20 -3.91 44.74
N ASP B 78 -43.48 -2.62 44.42
CA ASP B 78 -42.52 -1.51 44.40
C ASP B 78 -41.27 -1.88 43.62
N SER B 79 -41.48 -2.46 42.44
CA SER B 79 -40.39 -3.01 41.65
C SER B 79 -40.62 -2.91 40.17
N VAL B 80 -39.53 -3.03 39.43
CA VAL B 80 -39.56 -3.11 37.98
C VAL B 80 -39.52 -4.63 37.70
N ASN B 81 -40.62 -5.17 37.17
CA ASN B 81 -40.76 -6.60 36.87
C ASN B 81 -40.47 -6.86 35.43
N TYR B 82 -39.52 -7.76 35.16
CA TYR B 82 -39.17 -8.16 33.81
C TYR B 82 -39.90 -9.46 33.53
N ILE B 83 -40.90 -9.41 32.64
CA ILE B 83 -41.74 -10.55 32.31
C ILE B 83 -41.08 -11.37 31.23
N HIS B 84 -40.82 -12.64 31.53
CA HIS B 84 -40.13 -13.55 30.61
C HIS B 84 -41.00 -14.70 30.17
N ALA B 85 -40.81 -15.14 28.93
CA ALA B 85 -41.36 -16.38 28.42
C ALA B 85 -40.17 -17.35 28.55
N ASN B 86 -40.42 -18.50 29.20
CA ASN B 86 -39.41 -19.52 29.44
C ASN B 86 -39.83 -20.79 28.72
N ILE B 87 -38.98 -21.26 27.80
CA ILE B 87 -39.28 -22.46 27.03
C ILE B 87 -38.36 -23.61 27.43
N ASP B 88 -38.94 -24.69 27.98
CA ASP B 88 -38.21 -25.89 28.35
C ASP B 88 -38.85 -27.06 27.60
N LEU B 89 -38.18 -27.53 26.56
CA LEU B 89 -38.67 -28.56 25.66
C LEU B 89 -38.84 -29.95 26.29
N THR B 90 -38.17 -30.19 27.41
CA THR B 90 -38.24 -31.45 28.15
C THR B 90 -39.55 -31.55 28.94
N GLN B 91 -40.15 -30.39 29.26
CA GLN B 91 -41.42 -30.33 29.93
C GLN B 91 -42.47 -30.49 28.83
N THR B 92 -42.57 -31.70 28.30
CA THR B 92 -43.41 -32.13 27.20
C THR B 92 -44.87 -31.66 27.24
N ALA B 93 -45.49 -31.70 28.42
CA ALA B 93 -46.89 -31.29 28.57
C ALA B 93 -47.07 -29.77 28.62
N ASN B 94 -46.14 -29.04 29.28
CA ASN B 94 -46.18 -27.58 29.45
C ASN B 94 -44.80 -26.98 29.17
N PRO B 95 -44.41 -26.85 27.89
CA PRO B 95 -43.06 -26.35 27.59
C PRO B 95 -42.84 -24.89 27.93
N VAL B 96 -43.90 -24.11 27.89
CA VAL B 96 -43.82 -22.68 28.15
C VAL B 96 -44.37 -22.30 29.50
N SER B 97 -43.65 -21.37 30.16
CA SER B 97 -44.07 -20.78 31.42
C SER B 97 -43.65 -19.30 31.45
N LEU B 98 -44.39 -18.49 32.22
CA LEU B 98 -44.09 -17.07 32.39
C LEU B 98 -43.49 -16.82 33.76
N SER B 99 -42.57 -15.85 33.84
CA SER B 99 -41.98 -15.47 35.12
C SER B 99 -41.85 -13.96 35.21
N ALA B 100 -41.89 -13.41 36.44
CA ALA B 100 -41.67 -11.98 36.67
C ALA B 100 -40.37 -11.94 37.47
N GLU B 101 -39.35 -11.26 36.90
CA GLU B 101 -38.00 -11.27 37.46
C GLU B 101 -37.44 -9.88 37.72
N THR B 102 -36.42 -9.80 38.57
CA THR B 102 -35.81 -8.54 39.00
C THR B 102 -34.89 -7.87 37.97
N ALA B 103 -34.54 -8.60 36.91
CA ALA B 103 -33.65 -8.12 35.85
C ALA B 103 -34.04 -8.74 34.53
N ASN B 104 -33.53 -8.18 33.41
CA ASN B 104 -33.73 -8.81 32.11
C ASN B 104 -32.73 -9.95 32.03
N ASN B 105 -33.23 -11.18 32.18
CA ASN B 105 -32.43 -12.40 32.21
C ASN B 105 -32.50 -13.23 30.94
N SER B 106 -32.80 -12.57 29.81
CA SER B 106 -32.81 -13.21 28.49
C SER B 106 -31.44 -13.88 28.27
N ASN B 107 -31.43 -15.16 27.90
CA ASN B 107 -30.22 -15.95 27.80
C ASN B 107 -29.74 -16.37 26.40
N GLY B 108 -30.54 -16.10 25.38
CA GLY B 108 -30.24 -16.44 23.99
C GLY B 108 -29.96 -17.91 23.70
N VAL B 109 -30.48 -18.82 24.54
CA VAL B 109 -30.27 -20.25 24.40
C VAL B 109 -30.91 -20.80 23.11
N ASP B 110 -30.09 -21.48 22.28
CA ASP B 110 -30.54 -22.07 21.02
C ASP B 110 -31.30 -23.37 21.28
N ILE B 111 -32.60 -23.28 21.45
CA ILE B 111 -33.45 -24.44 21.74
C ILE B 111 -33.78 -25.30 20.54
N ASN B 112 -33.50 -24.80 19.33
CA ASN B 112 -33.80 -25.56 18.12
C ASN B 112 -32.67 -26.46 17.68
N ASN B 113 -31.45 -26.19 18.17
CA ASN B 113 -30.24 -26.94 17.85
C ASN B 113 -29.63 -27.66 19.03
N GLY B 114 -29.87 -27.15 20.24
CA GLY B 114 -29.30 -27.69 21.47
C GLY B 114 -30.25 -27.82 22.65
N SER B 115 -29.68 -28.20 23.80
CA SER B 115 -30.35 -28.39 25.07
C SER B 115 -30.39 -27.05 25.78
N GLY B 116 -31.22 -26.97 26.82
CA GLY B 116 -31.32 -25.78 27.65
C GLY B 116 -32.69 -25.16 27.66
N VAL B 117 -32.88 -24.20 28.55
CA VAL B 117 -34.11 -23.47 28.69
C VAL B 117 -33.91 -22.11 28.05
N LEU B 118 -34.78 -21.74 27.10
CA LEU B 118 -34.71 -20.40 26.51
C LEU B 118 -35.50 -19.46 27.39
N LYS B 119 -34.87 -18.36 27.80
CA LYS B 119 -35.54 -17.33 28.58
C LYS B 119 -35.47 -16.09 27.74
N VAL B 120 -36.62 -15.46 27.50
CA VAL B 120 -36.65 -14.21 26.74
C VAL B 120 -37.66 -13.24 27.36
N CYS B 121 -37.18 -12.03 27.69
CA CYS B 121 -38.01 -11.00 28.29
C CYS B 121 -38.82 -10.33 27.18
N PHE B 122 -40.13 -10.12 27.42
CA PHE B 122 -40.99 -9.46 26.43
C PHE B 122 -41.77 -8.24 26.96
N ASP B 123 -41.84 -8.08 28.29
CA ASP B 123 -42.57 -6.98 28.91
C ASP B 123 -41.86 -6.49 30.16
N ILE B 124 -42.00 -5.18 30.43
CA ILE B 124 -41.48 -4.55 31.66
C ILE B 124 -42.65 -3.90 32.38
N VAL B 125 -42.99 -4.43 33.56
CA VAL B 125 -44.12 -3.96 34.34
C VAL B 125 -43.64 -3.38 35.67
N THR B 126 -43.87 -2.07 35.86
CA THR B 126 -43.48 -1.36 37.07
C THR B 126 -44.67 -1.29 38.04
N THR B 127 -44.39 -1.57 39.32
CA THR B 127 -45.41 -1.61 40.35
C THR B 127 -45.20 -0.61 41.47
N SER B 128 -46.27 -0.40 42.22
CA SER B 128 -46.24 0.40 43.46
C SER B 128 -46.36 -0.72 44.49
N GLY B 129 -46.70 -0.38 45.73
CA GLY B 129 -46.92 -1.41 46.74
C GLY B 129 -48.24 -2.13 46.57
N THR B 130 -49.17 -1.54 45.77
CA THR B 130 -50.53 -2.03 45.60
C THR B 130 -50.95 -2.49 44.20
N GLY B 131 -50.26 -2.01 43.16
CA GLY B 131 -50.63 -2.37 41.80
C GLY B 131 -49.66 -1.90 40.74
N VAL B 132 -50.04 -2.07 39.47
CA VAL B 132 -49.23 -1.68 38.31
C VAL B 132 -49.32 -0.18 38.08
N THR B 133 -48.16 0.48 37.93
CA THR B 133 -48.09 1.92 37.64
C THR B 133 -47.80 2.21 36.17
N SER B 134 -47.02 1.32 35.51
CA SER B 134 -46.73 1.45 34.08
C SER B 134 -46.27 0.13 33.47
N THR B 135 -46.42 0.01 32.13
CA THR B 135 -45.99 -1.14 31.35
C THR B 135 -45.30 -0.65 30.10
N LYS B 136 -44.17 -1.28 29.77
CA LYS B 136 -43.39 -0.98 28.58
C LYS B 136 -43.02 -2.29 27.90
N PRO B 137 -43.33 -2.47 26.60
CA PRO B 137 -42.93 -3.72 25.94
C PRO B 137 -41.45 -3.71 25.56
N ILE B 138 -40.89 -4.93 25.41
CA ILE B 138 -39.53 -5.09 24.90
C ILE B 138 -39.64 -4.94 23.38
N VAL B 139 -38.64 -4.30 22.75
CA VAL B 139 -38.58 -4.12 21.30
C VAL B 139 -38.51 -5.47 20.54
N GLN B 140 -39.19 -5.54 19.40
CA GLN B 140 -39.17 -6.70 18.54
C GLN B 140 -38.18 -6.39 17.40
N THR B 141 -37.02 -7.05 17.39
CA THR B 141 -35.98 -6.76 16.41
C THR B 141 -36.07 -7.61 15.14
N SER B 142 -36.02 -6.95 13.97
CA SER B 142 -35.98 -7.60 12.67
C SER B 142 -34.56 -7.38 12.11
N THR B 143 -33.79 -8.46 12.03
CA THR B 143 -32.42 -8.38 11.52
C THR B 143 -32.44 -8.78 10.06
N LEU B 144 -32.23 -7.79 9.17
CA LEU B 144 -32.26 -7.99 7.72
C LEU B 144 -30.95 -7.66 7.02
N ASP B 145 -30.76 -8.15 5.79
CA ASP B 145 -29.48 -7.97 5.08
C ASP B 145 -29.59 -6.78 4.11
N SER B 146 -30.14 -7.05 2.93
CA SER B 146 -30.36 -6.03 1.91
C SER B 146 -31.87 -5.89 1.68
N ILE B 147 -32.40 -4.64 1.78
CA ILE B 147 -33.82 -4.35 1.60
C ILE B 147 -34.03 -3.51 0.36
N SER B 148 -35.01 -3.90 -0.46
CA SER B 148 -35.50 -3.08 -1.58
C SER B 148 -36.91 -2.69 -1.15
N VAL B 149 -37.17 -1.38 -1.00
CA VAL B 149 -38.47 -0.88 -0.57
C VAL B 149 -38.97 0.27 -1.45
N ASN B 150 -40.30 0.46 -1.52
CA ASN B 150 -40.87 1.58 -2.26
C ASN B 150 -40.99 2.78 -1.32
N ASP B 151 -41.73 2.63 -0.22
CA ASP B 151 -41.87 3.73 0.73
C ASP B 151 -41.67 3.27 2.16
N MET B 152 -41.19 4.17 3.01
CA MET B 152 -40.97 3.87 4.42
C MET B 152 -41.39 5.03 5.31
N THR B 153 -42.01 4.72 6.45
CA THR B 153 -42.35 5.71 7.45
C THR B 153 -41.66 5.30 8.75
N VAL B 154 -40.92 6.21 9.35
CA VAL B 154 -40.17 5.97 10.59
C VAL B 154 -40.80 6.82 11.70
N SER B 155 -41.17 6.19 12.82
CA SER B 155 -41.76 6.93 13.93
C SER B 155 -40.70 7.38 14.95
N GLY B 156 -39.59 6.65 15.02
CA GLY B 156 -38.47 6.96 15.91
C GLY B 156 -37.36 7.62 15.13
N SER B 157 -36.22 6.95 14.97
CA SER B 157 -35.07 7.51 14.24
C SER B 157 -34.37 6.48 13.39
N ILE B 158 -33.69 6.96 12.34
CA ILE B 158 -32.82 6.14 11.50
C ILE B 158 -31.40 6.47 11.90
N ASP B 159 -30.62 5.43 12.24
CA ASP B 159 -29.22 5.57 12.55
C ASP B 159 -28.42 5.19 11.31
N VAL B 160 -27.68 6.15 10.73
CA VAL B 160 -26.82 5.91 9.55
C VAL B 160 -25.35 6.11 9.95
N PRO B 161 -24.39 5.55 9.18
CA PRO B 161 -22.97 5.78 9.52
C PRO B 161 -22.54 7.25 9.47
N VAL B 162 -21.64 7.62 10.38
CA VAL B 162 -21.10 8.98 10.51
C VAL B 162 -19.57 8.94 10.51
N GLN B 163 -18.95 9.83 9.72
CA GLN B 163 -17.49 9.99 9.67
C GLN B 163 -17.17 11.46 9.90
N THR B 164 -16.06 11.72 10.59
CA THR B 164 -15.61 13.10 10.87
C THR B 164 -14.17 13.31 10.40
N LEU B 165 -13.84 14.57 10.06
CA LEU B 165 -12.51 14.95 9.59
C LEU B 165 -12.25 16.40 9.93
N THR B 166 -11.06 16.68 10.47
CA THR B 166 -10.62 18.04 10.73
C THR B 166 -9.52 18.35 9.72
N VAL B 167 -9.66 19.47 9.00
CA VAL B 167 -8.71 19.88 7.99
C VAL B 167 -8.07 21.20 8.38
N GLU B 168 -6.74 21.22 8.48
CA GLU B 168 -5.98 22.46 8.68
C GLU B 168 -5.71 22.93 7.26
N ALA B 169 -6.67 23.71 6.70
CA ALA B 169 -6.69 24.13 5.31
C ALA B 169 -5.54 25.03 4.88
N GLY B 170 -4.93 25.68 5.85
CA GLY B 170 -3.85 26.63 5.63
C GLY B 170 -4.32 28.02 5.94
N ASN B 171 -3.36 28.93 6.14
CA ASN B 171 -3.59 30.35 6.42
C ASN B 171 -4.40 30.59 7.70
N GLY B 172 -4.42 29.59 8.57
CA GLY B 172 -5.12 29.64 9.85
C GLY B 172 -6.54 29.11 9.83
N LEU B 173 -7.07 28.79 8.64
CA LEU B 173 -8.42 28.27 8.49
C LEU B 173 -8.49 26.79 8.88
N GLN B 174 -9.52 26.44 9.66
CA GLN B 174 -9.78 25.06 10.04
C GLN B 174 -11.19 24.68 9.62
N LEU B 175 -11.35 23.47 9.07
CA LEU B 175 -12.67 22.93 8.71
C LEU B 175 -12.90 21.68 9.54
N GLN B 176 -14.08 21.57 10.13
CA GLN B 176 -14.47 20.36 10.84
C GLN B 176 -15.65 19.81 10.05
N LEU B 177 -15.41 18.70 9.33
CA LEU B 177 -16.40 18.09 8.43
C LEU B 177 -17.05 16.88 9.07
N THR B 178 -18.39 16.78 8.97
CA THR B 178 -19.16 15.63 9.46
C THR B 178 -19.96 15.10 8.28
N LYS B 179 -19.74 13.84 7.92
CA LYS B 179 -20.40 13.19 6.80
C LYS B 179 -21.35 12.11 7.30
N LYS B 180 -22.60 12.12 6.83
CA LYS B 180 -23.58 11.11 7.22
C LYS B 180 -24.14 10.38 6.01
N ASN B 181 -24.35 9.04 6.14
CA ASN B 181 -24.78 8.16 5.04
C ASN B 181 -23.81 8.22 3.85
N ASN B 182 -22.58 8.70 4.09
CA ASN B 182 -21.52 8.76 3.07
C ASN B 182 -21.91 9.77 2.00
N ASP B 183 -22.89 10.64 2.30
CA ASP B 183 -23.29 11.64 1.32
C ASP B 183 -23.39 13.09 1.82
N LEU B 184 -24.22 13.33 2.84
CA LEU B 184 -24.43 14.68 3.33
C LEU B 184 -23.30 15.12 4.23
N VAL B 185 -22.67 16.25 3.90
CA VAL B 185 -21.57 16.80 4.71
C VAL B 185 -21.96 18.17 5.26
N ILE B 186 -21.69 18.41 6.54
CA ILE B 186 -21.81 19.73 7.13
C ILE B 186 -20.41 20.13 7.56
N VAL B 187 -19.95 21.28 7.04
CA VAL B 187 -18.63 21.85 7.33
C VAL B 187 -18.81 22.96 8.35
N ARG B 188 -18.02 22.92 9.42
CA ARG B 188 -18.02 23.96 10.44
C ARG B 188 -16.68 24.66 10.37
N PHE B 189 -16.68 25.99 10.16
CA PHE B 189 -15.44 26.76 10.07
C PHE B 189 -14.94 27.17 11.43
N PHE B 190 -13.62 27.08 11.61
CA PHE B 190 -12.94 27.52 12.81
C PHE B 190 -11.61 28.16 12.44
N GLY B 191 -10.87 28.62 13.45
CA GLY B 191 -9.60 29.29 13.24
C GLY B 191 -9.74 30.75 12.88
N SER B 192 -8.67 31.31 12.31
CA SER B 192 -8.58 32.72 11.93
C SER B 192 -7.67 32.83 10.72
N VAL B 193 -8.17 33.47 9.66
CA VAL B 193 -7.46 33.58 8.39
C VAL B 193 -6.62 34.84 8.24
N SER B 194 -5.43 34.71 7.62
CA SER B 194 -4.54 35.82 7.31
C SER B 194 -3.66 35.47 6.11
N ASN B 195 -3.10 36.49 5.45
CA ASN B 195 -2.17 36.36 4.33
C ASN B 195 -2.69 35.49 3.18
N ILE B 196 -3.84 35.86 2.63
CA ILE B 196 -4.44 35.12 1.53
C ILE B 196 -5.05 36.09 0.52
N GLN B 197 -5.05 35.72 -0.77
CA GLN B 197 -5.67 36.52 -1.81
C GLN B 197 -6.78 35.76 -2.47
N LYS B 198 -7.75 36.49 -3.02
CA LYS B 198 -8.87 35.92 -3.77
C LYS B 198 -8.37 35.08 -4.93
N GLY B 199 -8.92 33.88 -5.07
CA GLY B 199 -8.56 32.95 -6.13
C GLY B 199 -7.39 32.05 -5.82
N TRP B 200 -6.71 32.33 -4.70
CA TRP B 200 -5.56 31.55 -4.30
C TRP B 200 -5.95 30.31 -3.57
N ASN B 201 -5.22 29.23 -3.82
CA ASN B 201 -5.37 27.95 -3.15
C ASN B 201 -4.81 28.15 -1.74
N MET B 202 -5.50 27.61 -0.73
CA MET B 202 -5.03 27.73 0.65
C MET B 202 -3.79 26.88 0.84
N SER B 203 -2.87 27.33 1.68
CA SER B 203 -1.54 26.76 1.84
C SER B 203 -1.38 25.44 2.59
N GLY B 204 -2.46 24.91 3.11
CA GLY B 204 -2.39 23.70 3.92
C GLY B 204 -2.86 22.41 3.31
N THR B 205 -3.42 21.55 4.16
CA THR B 205 -3.88 20.22 3.85
C THR B 205 -5.11 20.20 2.96
N TRP B 206 -5.09 19.32 1.95
CA TRP B 206 -6.21 19.12 1.05
C TRP B 206 -7.22 18.17 1.71
N VAL B 207 -8.49 18.25 1.30
CA VAL B 207 -9.55 17.41 1.86
C VAL B 207 -9.30 15.95 1.48
N ASP B 208 -9.37 15.03 2.47
CA ASP B 208 -9.20 13.60 2.26
C ASP B 208 -10.22 13.08 1.26
N ARG B 209 -9.80 12.10 0.42
CA ARG B 209 -10.65 11.51 -0.60
C ARG B 209 -12.11 11.19 -0.18
N PRO B 210 -12.36 10.54 0.99
CA PRO B 210 -13.75 10.22 1.37
C PRO B 210 -14.69 11.39 1.57
N PHE B 211 -14.16 12.61 1.70
CA PHE B 211 -14.95 13.82 1.89
C PHE B 211 -15.00 14.72 0.65
N ARG B 212 -14.28 14.34 -0.40
CA ARG B 212 -14.26 15.13 -1.64
C ARG B 212 -15.59 15.05 -2.39
N PRO B 213 -16.12 16.20 -2.81
CA PRO B 213 -17.37 16.18 -3.59
C PRO B 213 -17.13 15.82 -5.07
N ALA B 214 -18.19 15.38 -5.77
CA ALA B 214 -18.09 15.07 -7.21
C ALA B 214 -17.97 16.36 -8.03
N ALA B 215 -18.55 17.47 -7.53
CA ALA B 215 -18.51 18.78 -8.17
C ALA B 215 -18.09 19.84 -7.16
N VAL B 216 -17.51 20.95 -7.64
CA VAL B 216 -17.03 22.06 -6.79
C VAL B 216 -18.13 22.58 -5.86
N GLN B 217 -17.81 22.77 -4.59
CA GLN B 217 -18.78 23.24 -3.62
C GLN B 217 -18.31 24.55 -2.99
N SER B 218 -19.11 25.61 -3.15
CA SER B 218 -18.83 26.93 -2.57
C SER B 218 -19.51 27.03 -1.21
N LEU B 219 -18.72 27.18 -0.15
CA LEU B 219 -19.26 27.26 1.19
C LEU B 219 -19.05 28.63 1.80
N VAL B 220 -20.15 29.29 2.17
CA VAL B 220 -20.16 30.64 2.74
C VAL B 220 -19.79 30.61 4.21
N GLY B 221 -18.90 31.53 4.60
CA GLY B 221 -18.49 31.70 6.00
C GLY B 221 -18.62 33.14 6.44
N HIS B 222 -18.47 33.39 7.74
CA HIS B 222 -18.61 34.74 8.29
C HIS B 222 -17.44 35.10 9.20
N PHE B 223 -17.08 36.39 9.21
CA PHE B 223 -16.02 36.90 10.07
C PHE B 223 -16.62 37.34 11.37
N ALA B 224 -16.25 36.66 12.47
CA ALA B 224 -16.78 36.94 13.79
C ALA B 224 -16.62 38.41 14.23
N GLY B 225 -17.73 38.98 14.67
CA GLY B 225 -17.81 40.36 15.14
C GLY B 225 -17.83 41.40 14.06
N ARG B 226 -17.98 40.97 12.81
CA ARG B 226 -17.99 41.87 11.66
C ARG B 226 -19.25 41.70 10.81
N ASP B 227 -19.46 42.58 9.84
CA ASP B 227 -20.60 42.44 8.94
C ASP B 227 -20.14 41.88 7.58
N THR B 228 -18.89 41.36 7.56
CA THR B 228 -18.22 40.82 6.38
C THR B 228 -18.24 39.30 6.32
N SER B 229 -18.16 38.76 5.10
CA SER B 229 -18.23 37.34 4.85
C SER B 229 -17.17 36.90 3.84
N PHE B 230 -17.05 35.59 3.65
CA PHE B 230 -16.14 34.99 2.69
C PHE B 230 -16.81 33.73 2.16
N HIS B 231 -16.19 33.12 1.17
CA HIS B 231 -16.53 31.77 0.74
C HIS B 231 -15.28 31.04 0.31
N ILE B 232 -15.31 29.72 0.44
CA ILE B 232 -14.22 28.86 -0.02
C ILE B 232 -14.83 27.85 -0.98
N ASP B 233 -14.03 27.38 -1.93
CA ASP B 233 -14.46 26.31 -2.82
C ASP B 233 -13.72 25.06 -2.46
N ILE B 234 -14.47 23.97 -2.18
CA ILE B 234 -13.87 22.65 -1.99
C ILE B 234 -13.96 22.03 -3.38
N ASN B 235 -12.80 21.87 -4.02
CA ASN B 235 -12.74 21.35 -5.37
C ASN B 235 -12.78 19.81 -5.38
N PRO B 236 -13.27 19.16 -6.47
CA PRO B 236 -13.28 17.69 -6.50
C PRO B 236 -11.91 17.02 -6.26
N ASN B 237 -10.79 17.71 -6.53
CA ASN B 237 -9.45 17.17 -6.29
C ASN B 237 -9.00 17.26 -4.81
N GLY B 238 -9.82 17.91 -3.97
CA GLY B 238 -9.54 18.06 -2.55
C GLY B 238 -8.96 19.40 -2.16
N SER B 239 -8.51 20.18 -3.16
CA SER B 239 -7.95 21.51 -2.91
C SER B 239 -9.04 22.48 -2.45
N ILE B 240 -8.61 23.53 -1.73
CA ILE B 240 -9.51 24.55 -1.23
C ILE B 240 -9.06 25.90 -1.76
N THR B 241 -9.96 26.60 -2.46
CA THR B 241 -9.69 27.91 -3.03
C THR B 241 -10.37 29.00 -2.20
N TRP B 242 -9.60 30.05 -1.85
CA TRP B 242 -10.12 31.19 -1.12
C TRP B 242 -10.89 32.13 -2.04
N TRP B 243 -12.12 32.45 -1.66
CA TRP B 243 -12.92 33.37 -2.45
C TRP B 243 -13.49 34.55 -1.68
N GLY B 244 -12.86 34.86 -0.56
CA GLY B 244 -13.16 36.09 0.17
C GLY B 244 -12.28 37.17 -0.43
N ALA B 245 -12.30 38.37 0.17
CA ALA B 245 -11.41 39.44 -0.27
C ALA B 245 -9.99 39.13 0.23
N ASN B 246 -9.00 39.91 -0.21
CA ASN B 246 -7.62 39.71 0.24
C ASN B 246 -7.52 40.00 1.72
N ILE B 247 -6.83 39.13 2.46
CA ILE B 247 -6.63 39.30 3.90
C ILE B 247 -5.19 39.61 4.20
N ASP B 248 -4.97 40.62 5.06
CA ASP B 248 -3.60 41.00 5.38
C ASP B 248 -3.05 40.12 6.51
N LYS B 249 -1.95 40.54 7.09
CA LYS B 249 -1.21 39.91 8.20
C LYS B 249 -2.01 39.69 9.49
N THR B 250 -3.05 40.51 9.75
CA THR B 250 -3.86 40.39 10.96
C THR B 250 -4.94 39.32 10.79
N PRO B 251 -4.88 38.23 11.60
CA PRO B 251 -5.89 37.18 11.48
C PRO B 251 -7.29 37.64 11.87
N ILE B 252 -8.30 37.14 11.13
CA ILE B 252 -9.71 37.42 11.38
C ILE B 252 -10.39 36.09 11.62
N ALA B 253 -11.12 35.95 12.75
CA ALA B 253 -11.81 34.71 13.12
C ALA B 253 -12.88 34.34 12.10
N THR B 254 -12.82 33.09 11.62
CA THR B 254 -13.70 32.54 10.60
C THR B 254 -14.64 31.50 11.18
N ARG B 255 -15.95 31.68 10.96
CA ARG B 255 -16.95 30.76 11.51
C ARG B 255 -18.06 30.50 10.51
N GLY B 256 -18.91 29.52 10.81
CA GLY B 256 -20.09 29.22 10.01
C GLY B 256 -20.24 27.79 9.57
N ASN B 257 -21.49 27.41 9.29
CA ASN B 257 -21.84 26.08 8.79
C ASN B 257 -22.24 26.14 7.33
N GLY B 258 -21.70 25.21 6.55
CA GLY B 258 -22.02 25.04 5.14
C GLY B 258 -22.25 23.58 4.84
N SER B 259 -23.23 23.25 4.00
CA SER B 259 -23.52 21.86 3.66
C SER B 259 -23.35 21.56 2.19
N TYR B 260 -23.01 20.31 1.88
CA TYR B 260 -22.90 19.85 0.50
C TYR B 260 -23.16 18.35 0.42
N PHE B 261 -23.46 17.88 -0.80
CA PHE B 261 -23.63 16.46 -1.10
C PHE B 261 -22.36 15.99 -1.79
N ILE B 262 -21.87 14.82 -1.39
CA ILE B 262 -20.71 14.22 -2.04
C ILE B 262 -21.15 13.61 -3.38
N LYS B 263 -22.29 12.91 -3.37
CA LYS B 263 -22.80 12.20 -4.52
C LYS B 263 -23.76 13.02 -5.36
N SER B 264 -23.66 12.85 -6.68
CA SER B 264 -24.54 13.47 -7.67
C SER B 264 -25.67 12.46 -7.99
N ALA B 265 -26.47 12.75 -9.03
CA ALA B 265 -27.54 11.84 -9.43
C ALA B 265 -26.97 10.57 -10.13
N TRP B 266 -27.69 9.43 -9.95
CA TRP B 266 -27.43 8.08 -10.49
C TRP B 266 -26.34 7.34 -9.77
N THR C 1 -61.26 -19.73 -10.54
CA THR C 1 -61.43 -20.55 -9.33
C THR C 1 -60.56 -20.06 -8.17
N ILE C 2 -61.03 -20.27 -6.93
CA ILE C 2 -60.29 -19.88 -5.73
C ILE C 2 -59.92 -21.13 -4.94
N LYS C 3 -58.61 -21.33 -4.75
CA LYS C 3 -58.06 -22.46 -3.97
C LYS C 3 -57.63 -21.94 -2.62
N ASN C 4 -58.28 -22.43 -1.55
CA ASN C 4 -58.11 -22.04 -0.14
C ASN C 4 -57.21 -23.03 0.59
N PHE C 5 -56.19 -22.51 1.29
CA PHE C 5 -55.22 -23.34 1.97
C PHE C 5 -55.27 -23.24 3.49
N THR C 6 -55.05 -22.03 4.07
CA THR C 6 -55.04 -21.84 5.54
C THR C 6 -56.45 -21.82 6.12
N PHE C 7 -57.21 -22.90 5.90
CA PHE C 7 -58.59 -23.02 6.34
C PHE C 7 -58.86 -24.45 6.82
N PHE C 8 -59.81 -24.61 7.77
CA PHE C 8 -60.13 -25.97 8.23
C PHE C 8 -60.82 -26.78 7.13
N SER C 9 -60.62 -28.11 7.14
CA SER C 9 -61.29 -29.02 6.22
C SER C 9 -62.39 -29.73 7.02
N PRO C 10 -63.66 -29.26 6.91
CA PRO C 10 -64.76 -29.86 7.70
C PRO C 10 -64.91 -31.37 7.58
N ASN C 11 -64.67 -31.91 6.38
CA ASN C 11 -64.77 -33.34 6.11
C ASN C 11 -63.42 -33.98 5.84
N SER C 12 -62.34 -33.34 6.38
CA SER C 12 -60.94 -33.75 6.32
C SER C 12 -60.38 -33.92 4.90
N THR C 13 -61.06 -33.35 3.87
CA THR C 13 -60.64 -33.51 2.47
C THR C 13 -60.53 -32.22 1.66
N GLU C 14 -61.31 -31.19 2.06
CA GLU C 14 -61.50 -29.91 1.36
C GLU C 14 -60.27 -29.13 0.94
N PHE C 15 -59.38 -28.80 1.91
CA PHE C 15 -58.24 -27.93 1.61
C PHE C 15 -56.85 -28.53 1.89
N PRO C 16 -56.36 -29.44 1.02
CA PRO C 16 -55.01 -29.98 1.24
C PRO C 16 -53.93 -28.93 1.01
N VAL C 17 -52.95 -28.85 1.91
CA VAL C 17 -51.87 -27.87 1.68
C VAL C 17 -50.62 -28.52 1.11
N GLY C 18 -50.32 -28.19 -0.15
CA GLY C 18 -49.19 -28.75 -0.87
C GLY C 18 -47.89 -28.09 -0.50
N SER C 19 -46.78 -28.77 -0.78
CA SER C 19 -45.44 -28.24 -0.49
C SER C 19 -45.16 -26.97 -1.31
N ASN C 20 -45.70 -26.90 -2.55
CA ASN C 20 -45.51 -25.72 -3.40
C ASN C 20 -46.33 -24.53 -2.89
N ASN C 21 -47.50 -24.80 -2.28
CA ASN C 21 -48.34 -23.74 -1.72
C ASN C 21 -47.69 -23.17 -0.50
N ASP C 22 -47.09 -24.01 0.34
CA ASP C 22 -46.34 -23.51 1.50
C ASP C 22 -45.08 -22.77 1.04
N GLY C 23 -44.41 -23.28 -0.01
CA GLY C 23 -43.27 -22.60 -0.60
C GLY C 23 -43.60 -21.17 -0.99
N LYS C 24 -44.70 -20.97 -1.74
CA LYS C 24 -45.15 -19.64 -2.16
C LYS C 24 -45.52 -18.77 -0.97
N LEU C 25 -46.23 -19.34 0.01
CA LEU C 25 -46.59 -18.66 1.25
C LEU C 25 -45.33 -18.14 1.93
N TYR C 26 -44.32 -19.00 2.14
CA TYR C 26 -43.09 -18.63 2.83
C TYR C 26 -42.33 -17.54 2.09
N MET C 27 -42.25 -17.65 0.76
CA MET C 27 -41.61 -16.63 -0.08
C MET C 27 -42.29 -15.28 0.11
N MET C 28 -43.62 -15.27 0.17
CA MET C 28 -44.40 -14.04 0.35
C MET C 28 -44.24 -13.44 1.73
N LEU C 29 -44.19 -14.28 2.77
CA LEU C 29 -44.02 -13.79 4.14
C LEU C 29 -42.69 -13.10 4.35
N THR C 30 -41.61 -13.66 3.77
CA THR C 30 -40.25 -13.12 3.95
C THR C 30 -39.84 -12.10 2.89
N GLY C 31 -40.57 -12.02 1.79
CA GLY C 31 -40.25 -11.12 0.71
C GLY C 31 -39.04 -11.57 -0.08
N MET C 32 -39.04 -12.84 -0.51
CA MET C 32 -37.96 -13.36 -1.34
C MET C 32 -38.49 -13.80 -2.71
N ASP C 33 -37.63 -13.71 -3.74
CA ASP C 33 -37.94 -14.23 -5.05
C ASP C 33 -37.11 -15.50 -5.25
N TYR C 34 -37.09 -16.05 -6.47
CA TYR C 34 -36.34 -17.28 -6.75
C TYR C 34 -34.86 -17.05 -6.96
N ARG C 35 -34.42 -15.78 -6.89
CA ARG C 35 -33.02 -15.44 -7.11
C ARG C 35 -32.24 -15.09 -5.85
N THR C 36 -32.83 -15.37 -4.68
CA THR C 36 -32.19 -15.14 -3.40
C THR C 36 -32.45 -16.33 -2.46
N ILE C 37 -31.91 -16.25 -1.25
CA ILE C 37 -32.11 -17.29 -0.26
C ILE C 37 -32.30 -16.64 1.11
N ARG C 38 -32.63 -17.49 2.07
CA ARG C 38 -32.52 -17.22 3.49
C ARG C 38 -31.51 -18.29 3.90
N ARG C 39 -30.50 -17.89 4.67
CA ARG C 39 -29.42 -18.80 5.03
C ARG C 39 -28.90 -18.47 6.41
N LYS C 40 -28.66 -19.50 7.21
CA LYS C 40 -28.11 -19.30 8.54
C LYS C 40 -27.15 -20.40 8.88
N ASP C 41 -25.90 -20.03 9.17
CA ASP C 41 -24.90 -20.98 9.67
C ASP C 41 -25.06 -21.01 11.18
N TRP C 42 -25.72 -22.06 11.71
CA TRP C 42 -25.90 -22.20 13.16
C TRP C 42 -24.56 -22.50 13.81
N SER C 43 -23.68 -23.21 13.07
CA SER C 43 -22.29 -23.45 13.38
C SER C 43 -21.46 -23.17 12.11
N SER C 44 -20.19 -22.82 12.30
CA SER C 44 -19.32 -22.47 11.19
C SER C 44 -19.04 -23.61 10.24
N PRO C 45 -19.14 -23.39 8.91
CA PRO C 45 -18.65 -24.40 7.96
C PRO C 45 -17.14 -24.61 8.16
N LEU C 46 -16.64 -25.82 7.88
CA LEU C 46 -15.23 -26.19 8.06
C LEU C 46 -14.55 -26.48 6.73
N ASN C 47 -13.38 -25.87 6.51
CA ASN C 47 -12.61 -26.04 5.29
C ASN C 47 -11.50 -27.05 5.53
N THR C 48 -11.42 -28.08 4.67
CA THR C 48 -10.37 -29.11 4.74
C THR C 48 -9.92 -29.38 3.31
N ALA C 49 -8.65 -29.04 2.97
CA ALA C 49 -8.10 -29.17 1.60
C ALA C 49 -9.06 -28.44 0.66
N LEU C 50 -9.37 -29.03 -0.49
CA LEU C 50 -10.30 -28.43 -1.46
C LEU C 50 -11.74 -28.90 -1.22
N ASN C 51 -12.24 -28.65 -0.01
CA ASN C 51 -13.60 -29.01 0.44
C ASN C 51 -14.12 -28.03 1.46
N VAL C 52 -15.44 -27.80 1.46
CA VAL C 52 -16.17 -27.03 2.48
C VAL C 52 -17.21 -27.93 3.08
N GLN C 53 -17.19 -28.06 4.41
CA GLN C 53 -18.14 -28.88 5.14
C GLN C 53 -19.13 -27.98 5.83
N TYR C 54 -20.39 -27.99 5.38
CA TYR C 54 -21.47 -27.26 6.06
C TYR C 54 -21.88 -28.10 7.24
N THR C 55 -21.54 -27.61 8.45
CA THR C 55 -21.75 -28.35 9.70
C THR C 55 -23.19 -28.33 10.13
N ASN C 56 -23.77 -27.14 10.14
CA ASN C 56 -25.18 -26.95 10.46
C ASN C 56 -25.63 -25.64 9.87
N THR C 57 -26.10 -25.68 8.62
CA THR C 57 -26.58 -24.52 7.89
C THR C 57 -28.02 -24.79 7.43
N SER C 58 -28.93 -23.86 7.72
CA SER C 58 -30.30 -23.95 7.22
C SER C 58 -30.39 -23.03 6.02
N ILE C 59 -31.14 -23.46 5.00
CA ILE C 59 -31.37 -22.66 3.80
C ILE C 59 -32.85 -22.71 3.44
N ILE C 60 -33.36 -21.58 2.94
CA ILE C 60 -34.69 -21.48 2.34
C ILE C 60 -34.41 -21.02 0.91
N ALA C 61 -34.77 -21.86 -0.06
CA ALA C 61 -34.61 -21.56 -1.48
C ALA C 61 -35.93 -21.89 -2.15
N GLY C 62 -36.51 -20.90 -2.84
CA GLY C 62 -37.83 -21.03 -3.46
C GLY C 62 -38.90 -21.37 -2.44
N GLY C 63 -38.73 -20.85 -1.22
CA GLY C 63 -39.64 -21.09 -0.12
C GLY C 63 -39.55 -22.48 0.48
N ARG C 64 -38.57 -23.28 0.05
CA ARG C 64 -38.38 -24.63 0.56
C ARG C 64 -37.26 -24.65 1.59
N TYR C 65 -37.56 -25.17 2.79
CA TYR C 65 -36.61 -25.24 3.90
C TYR C 65 -35.91 -26.58 3.92
N PHE C 66 -34.59 -26.51 4.09
CA PHE C 66 -33.76 -27.71 4.23
C PHE C 66 -32.53 -27.38 5.07
N GLU C 67 -31.90 -28.42 5.59
CA GLU C 67 -30.73 -28.29 6.45
C GLU C 67 -29.54 -29.05 5.91
N LEU C 68 -28.37 -28.42 5.97
CA LEU C 68 -27.11 -29.05 5.59
C LEU C 68 -26.43 -29.44 6.89
N LEU C 69 -26.38 -30.74 7.17
CA LEU C 69 -25.80 -31.27 8.40
C LEU C 69 -24.63 -32.14 8.05
N ASN C 70 -23.42 -31.61 8.27
CA ASN C 70 -22.15 -32.24 7.87
C ASN C 70 -22.19 -32.67 6.41
N GLU C 71 -22.49 -31.68 5.55
CA GLU C 71 -22.59 -31.85 4.12
C GLU C 71 -21.37 -31.20 3.48
N THR C 72 -20.51 -32.04 2.88
CA THR C 72 -19.27 -31.58 2.26
C THR C 72 -19.40 -31.36 0.76
N VAL C 73 -18.85 -30.24 0.27
CA VAL C 73 -18.82 -29.91 -1.14
C VAL C 73 -17.36 -29.88 -1.59
N ALA C 74 -17.02 -30.68 -2.61
CA ALA C 74 -15.67 -30.72 -3.18
C ALA C 74 -15.50 -29.48 -4.08
N LEU C 75 -14.34 -28.84 -3.98
CA LEU C 75 -14.04 -27.61 -4.69
C LEU C 75 -12.98 -27.75 -5.77
N LYS C 76 -13.03 -26.85 -6.74
CA LYS C 76 -12.04 -26.73 -7.80
C LYS C 76 -10.88 -25.87 -7.21
N GLY C 77 -9.64 -26.29 -7.46
CA GLY C 77 -8.47 -25.55 -6.99
C GLY C 77 -8.23 -24.30 -7.80
N ASP C 78 -7.58 -23.28 -7.19
CA ASP C 78 -7.21 -21.99 -7.81
C ASP C 78 -8.40 -21.40 -8.54
N SER C 79 -9.53 -21.36 -7.85
CA SER C 79 -10.74 -20.96 -8.47
C SER C 79 -11.67 -20.28 -7.47
N VAL C 80 -12.60 -19.49 -8.02
CA VAL C 80 -13.68 -18.90 -7.25
C VAL C 80 -14.82 -19.88 -7.46
N ASN C 81 -15.23 -20.58 -6.39
CA ASN C 81 -16.29 -21.59 -6.44
C ASN C 81 -17.58 -20.99 -6.02
N TYR C 82 -18.57 -21.07 -6.88
CA TYR C 82 -19.92 -20.59 -6.59
C TYR C 82 -20.73 -21.79 -6.13
N ILE C 83 -21.07 -21.80 -4.83
CA ILE C 83 -21.81 -22.90 -4.22
C ILE C 83 -23.28 -22.70 -4.44
N HIS C 84 -23.90 -23.69 -5.09
CA HIS C 84 -25.33 -23.63 -5.41
C HIS C 84 -26.13 -24.67 -4.69
N ALA C 85 -27.38 -24.31 -4.36
CA ALA C 85 -28.39 -25.26 -3.91
C ALA C 85 -29.24 -25.50 -5.16
N ASN C 86 -29.41 -26.78 -5.52
CA ASN C 86 -30.16 -27.18 -6.70
C ASN C 86 -31.35 -28.00 -6.27
N ILE C 87 -32.54 -27.56 -6.67
CA ILE C 87 -33.77 -28.23 -6.29
C ILE C 87 -34.45 -28.82 -7.51
N ASP C 88 -34.54 -30.15 -7.55
CA ASP C 88 -35.19 -30.90 -8.62
C ASP C 88 -36.26 -31.74 -7.98
N LEU C 89 -37.51 -31.29 -8.12
CA LEU C 89 -38.65 -31.94 -7.47
C LEU C 89 -38.96 -33.32 -8.02
N THR C 90 -38.43 -33.66 -9.21
CA THR C 90 -38.62 -34.98 -9.82
C THR C 90 -37.78 -36.04 -9.12
N GLN C 91 -36.69 -35.61 -8.47
CA GLN C 91 -35.82 -36.50 -7.69
C GLN C 91 -36.48 -36.60 -6.32
N THR C 92 -37.64 -37.28 -6.24
CA THR C 92 -38.49 -37.35 -5.06
C THR C 92 -37.81 -37.76 -3.76
N ALA C 93 -36.86 -38.69 -3.82
CA ALA C 93 -36.13 -39.15 -2.64
C ALA C 93 -35.08 -38.16 -2.14
N ASN C 94 -34.43 -37.41 -3.05
CA ASN C 94 -33.38 -36.43 -2.74
C ASN C 94 -33.55 -35.19 -3.63
N PRO C 95 -34.54 -34.31 -3.33
CA PRO C 95 -34.80 -33.17 -4.23
C PRO C 95 -33.75 -32.08 -4.24
N VAL C 96 -32.92 -32.05 -3.18
CA VAL C 96 -31.88 -31.03 -3.03
C VAL C 96 -30.49 -31.61 -3.14
N SER C 97 -29.62 -30.89 -3.86
CA SER C 97 -28.21 -31.24 -4.00
C SER C 97 -27.39 -29.94 -4.05
N LEU C 98 -26.11 -30.04 -3.68
CA LEU C 98 -25.21 -28.90 -3.73
C LEU C 98 -24.19 -29.08 -4.84
N SER C 99 -23.76 -27.97 -5.46
CA SER C 99 -22.73 -28.02 -6.48
C SER C 99 -21.75 -26.86 -6.29
N ALA C 100 -20.52 -27.04 -6.76
CA ALA C 100 -19.52 -25.97 -6.75
C ALA C 100 -19.27 -25.68 -8.24
N GLU C 101 -19.56 -24.44 -8.67
CA GLU C 101 -19.51 -24.06 -10.08
C GLU C 101 -18.60 -22.86 -10.37
N THR C 102 -18.20 -22.71 -11.63
CA THR C 102 -17.27 -21.67 -12.07
C THR C 102 -17.87 -20.27 -12.18
N ALA C 103 -19.20 -20.17 -12.14
CA ALA C 103 -19.90 -18.90 -12.23
C ALA C 103 -21.17 -18.95 -11.40
N ASN C 104 -21.77 -17.78 -11.15
CA ASN C 104 -23.06 -17.73 -10.47
C ASN C 104 -24.12 -18.08 -11.54
N ASN C 105 -24.64 -19.30 -11.45
CA ASN C 105 -25.58 -19.85 -12.42
C ASN C 105 -26.99 -19.93 -11.89
N SER C 106 -27.33 -19.02 -10.94
CA SER C 106 -28.69 -18.91 -10.40
C SER C 106 -29.63 -18.66 -11.58
N ASN C 107 -30.72 -19.45 -11.68
CA ASN C 107 -31.60 -19.42 -12.84
C ASN C 107 -33.01 -18.86 -12.64
N GLY C 108 -33.38 -18.58 -11.39
CA GLY C 108 -34.69 -18.03 -11.02
C GLY C 108 -35.88 -18.88 -11.42
N VAL C 109 -35.69 -20.20 -11.62
CA VAL C 109 -36.76 -21.12 -12.04
C VAL C 109 -37.85 -21.22 -10.99
N ASP C 110 -39.10 -20.96 -11.41
CA ASP C 110 -40.27 -21.01 -10.54
C ASP C 110 -40.71 -22.45 -10.33
N ILE C 111 -40.14 -23.09 -9.31
CA ILE C 111 -40.43 -24.49 -8.98
C ILE C 111 -41.77 -24.71 -8.30
N ASN C 112 -42.40 -23.63 -7.83
CA ASN C 112 -43.67 -23.77 -7.15
C ASN C 112 -44.86 -23.68 -8.08
N ASN C 113 -44.65 -23.20 -9.31
CA ASN C 113 -45.70 -23.04 -10.33
C ASN C 113 -45.48 -23.84 -11.58
N GLY C 114 -44.25 -24.28 -11.82
CA GLY C 114 -43.93 -25.03 -13.01
C GLY C 114 -42.82 -26.03 -12.85
N SER C 115 -42.42 -26.64 -13.96
CA SER C 115 -41.36 -27.63 -14.00
C SER C 115 -40.02 -26.94 -14.12
N GLY C 116 -38.96 -27.71 -13.87
CA GLY C 116 -37.59 -27.24 -13.98
C GLY C 116 -36.82 -27.41 -12.70
N VAL C 117 -35.51 -27.21 -12.80
CA VAL C 117 -34.60 -27.32 -11.69
C VAL C 117 -34.26 -25.89 -11.26
N LEU C 118 -34.48 -25.59 -9.97
CA LEU C 118 -34.09 -24.29 -9.43
C LEU C 118 -32.63 -24.39 -9.02
N LYS C 119 -31.82 -23.44 -9.48
CA LYS C 119 -30.42 -23.34 -9.08
C LYS C 119 -30.28 -21.98 -8.43
N VAL C 120 -29.75 -21.94 -7.22
CA VAL C 120 -29.52 -20.65 -6.53
C VAL C 120 -28.20 -20.68 -5.79
N CYS C 121 -27.34 -19.72 -6.08
CA CYS C 121 -26.03 -19.59 -5.44
C CYS C 121 -26.19 -18.96 -4.06
N PHE C 122 -25.56 -19.53 -3.05
CA PHE C 122 -25.64 -18.99 -1.68
C PHE C 122 -24.27 -18.69 -1.03
N ASP C 123 -23.18 -19.22 -1.60
CA ASP C 123 -21.83 -19.02 -1.05
C ASP C 123 -20.80 -18.88 -2.15
N ILE C 124 -19.76 -18.09 -1.88
CA ILE C 124 -18.63 -17.94 -2.81
C ILE C 124 -17.37 -18.36 -2.05
N VAL C 125 -16.74 -19.45 -2.46
CA VAL C 125 -15.55 -19.98 -1.80
C VAL C 125 -14.36 -19.93 -2.73
N THR C 126 -13.36 -19.13 -2.38
CA THR C 126 -12.14 -18.97 -3.18
C THR C 126 -11.04 -19.90 -2.66
N THR C 127 -10.36 -20.56 -3.60
CA THR C 127 -9.30 -21.51 -3.30
C THR C 127 -7.96 -21.12 -3.88
N SER C 128 -6.90 -21.70 -3.30
CA SER C 128 -5.57 -21.61 -3.85
C SER C 128 -5.44 -23.02 -4.49
N GLY C 129 -4.21 -23.45 -4.78
CA GLY C 129 -4.00 -24.80 -5.27
C GLY C 129 -4.15 -25.85 -4.18
N THR C 130 -4.10 -25.44 -2.89
CA THR C 130 -4.07 -26.32 -1.73
C THR C 130 -5.29 -26.34 -0.79
N GLY C 131 -6.05 -25.26 -0.79
CA GLY C 131 -7.19 -25.14 0.10
C GLY C 131 -7.93 -23.84 -0.02
N VAL C 132 -8.87 -23.59 0.93
CA VAL C 132 -9.71 -22.40 0.94
C VAL C 132 -8.94 -21.20 1.44
N THR C 133 -8.95 -20.10 0.66
CA THR C 133 -8.30 -18.84 1.04
C THR C 133 -9.30 -17.82 1.63
N SER C 134 -10.54 -17.83 1.13
CA SER C 134 -11.60 -16.94 1.63
C SER C 134 -12.99 -17.45 1.28
N THR C 135 -13.98 -16.99 2.03
CA THR C 135 -15.39 -17.31 1.84
C THR C 135 -16.21 -16.03 1.98
N LYS C 136 -17.20 -15.87 1.11
CA LYS C 136 -18.09 -14.71 1.13
C LYS C 136 -19.49 -15.23 0.87
N PRO C 137 -20.46 -14.94 1.75
CA PRO C 137 -21.84 -15.36 1.46
C PRO C 137 -22.53 -14.48 0.41
N ILE C 138 -23.55 -15.05 -0.24
CA ILE C 138 -24.43 -14.30 -1.13
C ILE C 138 -25.42 -13.55 -0.21
N VAL C 139 -25.76 -12.30 -0.57
CA VAL C 139 -26.69 -11.46 0.21
C VAL C 139 -28.10 -12.03 0.20
N GLN C 140 -28.81 -11.85 1.30
CA GLN C 140 -30.18 -12.28 1.45
C GLN C 140 -31.07 -11.04 1.23
N THR C 141 -31.78 -11.02 0.09
CA THR C 141 -32.57 -9.86 -0.28
C THR C 141 -34.01 -9.94 0.21
N SER C 142 -34.48 -8.85 0.84
CA SER C 142 -35.86 -8.70 1.28
C SER C 142 -36.49 -7.66 0.36
N THR C 143 -37.41 -8.10 -0.50
CA THR C 143 -38.11 -7.20 -1.42
C THR C 143 -39.46 -6.83 -0.81
N LEU C 144 -39.58 -5.59 -0.33
CA LEU C 144 -40.76 -5.09 0.37
C LEU C 144 -41.44 -3.92 -0.33
N ASP C 145 -42.72 -3.65 0.00
CA ASP C 145 -43.46 -2.55 -0.62
C ASP C 145 -43.40 -1.30 0.23
N SER C 146 -44.22 -1.24 1.27
CA SER C 146 -44.23 -0.11 2.19
C SER C 146 -43.86 -0.63 3.57
N ILE C 147 -42.94 0.05 4.25
CA ILE C 147 -42.51 -0.32 5.61
C ILE C 147 -42.90 0.77 6.58
N SER C 148 -43.47 0.38 7.71
CA SER C 148 -43.72 1.28 8.81
C SER C 148 -42.82 0.72 9.91
N VAL C 149 -41.87 1.53 10.41
CA VAL C 149 -40.92 1.07 11.42
C VAL C 149 -40.78 2.08 12.56
N ASN C 150 -40.36 1.62 13.74
CA ASN C 150 -40.11 2.54 14.85
C ASN C 150 -38.68 3.04 14.76
N ASP C 151 -37.70 2.13 14.78
CA ASP C 151 -36.31 2.55 14.67
C ASP C 151 -35.53 1.69 13.71
N MET C 152 -34.53 2.27 13.04
CA MET C 152 -33.71 1.53 12.10
C MET C 152 -32.25 1.90 12.25
N THR C 153 -31.38 0.89 12.16
CA THR C 153 -29.94 1.08 12.16
C THR C 153 -29.43 0.51 10.86
N VAL C 154 -28.66 1.33 10.12
CA VAL C 154 -28.07 0.98 8.83
C VAL C 154 -26.56 0.93 9.01
N SER C 155 -25.96 -0.23 8.67
CA SER C 155 -24.51 -0.38 8.79
C SER C 155 -23.79 0.00 7.49
N GLY C 156 -24.48 -0.14 6.36
CA GLY C 156 -23.96 0.21 5.05
C GLY C 156 -24.47 1.58 4.64
N SER C 157 -25.34 1.62 3.61
CA SER C 157 -25.89 2.89 3.15
C SER C 157 -27.32 2.76 2.69
N ILE C 158 -28.03 3.89 2.72
CA ILE C 158 -29.38 3.99 2.19
C ILE C 158 -29.28 4.72 0.87
N ASP C 159 -29.82 4.12 -0.19
CA ASP C 159 -29.89 4.77 -1.49
C ASP C 159 -31.30 5.37 -1.65
N VAL C 160 -31.40 6.72 -1.75
CA VAL C 160 -32.67 7.42 -1.93
C VAL C 160 -32.69 8.11 -3.30
N PRO C 161 -33.90 8.40 -3.85
CA PRO C 161 -33.97 9.09 -5.15
C PRO C 161 -33.38 10.50 -5.12
N VAL C 162 -32.79 10.89 -6.26
CA VAL C 162 -32.16 12.20 -6.45
C VAL C 162 -32.71 12.84 -7.74
N GLN C 163 -33.06 14.13 -7.66
CA GLN C 163 -33.50 14.90 -8.83
C GLN C 163 -32.67 16.18 -8.87
N THR C 164 -32.31 16.63 -10.08
CA THR C 164 -31.55 17.86 -10.27
C THR C 164 -32.28 18.83 -11.18
N LEU C 165 -32.03 20.13 -11.01
CA LEU C 165 -32.65 21.19 -11.80
C LEU C 165 -31.71 22.37 -11.86
N THR C 166 -31.53 22.92 -13.07
CA THR C 166 -30.77 24.15 -13.25
C THR C 166 -31.78 25.23 -13.61
N VAL C 167 -31.74 26.34 -12.86
CA VAL C 167 -32.65 27.46 -13.07
C VAL C 167 -31.88 28.70 -13.50
N GLU C 168 -32.24 29.27 -14.65
CA GLU C 168 -31.68 30.54 -15.09
C GLU C 168 -32.67 31.55 -14.51
N ALA C 169 -32.40 31.98 -13.26
CA ALA C 169 -33.28 32.81 -12.45
C ALA C 169 -33.55 34.19 -13.01
N GLY C 170 -32.64 34.64 -13.87
CA GLY C 170 -32.68 35.96 -14.47
C GLY C 170 -31.61 36.83 -13.86
N ASN C 171 -31.34 37.96 -14.54
CA ASN C 171 -30.31 38.92 -14.11
C ASN C 171 -28.90 38.31 -14.02
N GLY C 172 -28.69 37.17 -14.69
CA GLY C 172 -27.39 36.47 -14.70
C GLY C 172 -27.19 35.41 -13.63
N LEU C 173 -28.14 35.33 -12.68
CA LEU C 173 -28.07 34.35 -11.59
C LEU C 173 -28.51 32.98 -12.06
N GLN C 174 -27.73 31.97 -11.67
CA GLN C 174 -28.04 30.57 -11.97
C GLN C 174 -28.10 29.79 -10.67
N LEU C 175 -29.12 28.92 -10.54
CA LEU C 175 -29.25 28.03 -9.40
C LEU C 175 -29.14 26.61 -9.91
N GLN C 176 -28.34 25.78 -9.23
CA GLN C 176 -28.25 24.36 -9.53
C GLN C 176 -28.78 23.68 -8.28
N LEU C 177 -29.99 23.12 -8.37
CA LEU C 177 -30.69 22.49 -7.23
C LEU C 177 -30.58 20.98 -7.29
N THR C 178 -30.27 20.36 -6.15
CA THR C 178 -30.22 18.91 -6.02
C THR C 178 -31.16 18.53 -4.89
N LYS C 179 -32.13 17.69 -5.17
CA LYS C 179 -33.13 17.28 -4.19
C LYS C 179 -32.99 15.79 -3.92
N LYS C 180 -32.91 15.42 -2.64
CA LYS C 180 -32.79 14.02 -2.23
C LYS C 180 -33.93 13.61 -1.33
N ASN C 181 -34.43 12.36 -1.52
CA ASN C 181 -35.58 11.86 -0.77
C ASN C 181 -36.84 12.73 -1.03
N ASN C 182 -36.76 13.57 -2.06
CA ASN C 182 -37.91 14.41 -2.45
C ASN C 182 -38.14 15.44 -1.36
N ASP C 183 -37.16 15.63 -0.47
CA ASP C 183 -37.29 16.61 0.59
C ASP C 183 -36.16 17.62 0.78
N LEU C 184 -34.95 17.13 0.99
CA LEU C 184 -33.82 18.01 1.24
C LEU C 184 -33.26 18.52 -0.05
N VAL C 185 -33.16 19.86 -0.17
CA VAL C 185 -32.60 20.50 -1.36
C VAL C 185 -31.37 21.27 -0.99
N ILE C 186 -30.31 21.13 -1.78
CA ILE C 186 -29.12 21.95 -1.66
C ILE C 186 -29.04 22.75 -2.95
N VAL C 187 -29.01 24.08 -2.83
CA VAL C 187 -28.93 25.01 -3.95
C VAL C 187 -27.51 25.51 -4.05
N ARG C 188 -26.92 25.43 -5.24
CA ARG C 188 -25.58 25.93 -5.50
C ARG C 188 -25.71 27.12 -6.44
N PHE C 189 -25.20 28.29 -6.03
CA PHE C 189 -25.29 29.49 -6.86
C PHE C 189 -24.16 29.58 -7.86
N PHE C 190 -24.49 30.01 -9.07
CA PHE C 190 -23.53 30.25 -10.13
C PHE C 190 -23.92 31.51 -10.92
N GLY C 191 -23.12 31.86 -11.91
CA GLY C 191 -23.38 33.03 -12.72
C GLY C 191 -22.89 34.31 -12.09
N SER C 192 -23.43 35.44 -12.57
CA SER C 192 -23.04 36.78 -12.11
C SER C 192 -24.25 37.68 -12.23
N VAL C 193 -24.59 38.38 -11.15
CA VAL C 193 -25.77 39.24 -11.10
C VAL C 193 -25.50 40.71 -11.44
N SER C 194 -26.44 41.34 -12.16
CA SER C 194 -26.40 42.76 -12.52
C SER C 194 -27.83 43.28 -12.74
N ASN C 195 -28.00 44.61 -12.64
CA ASN C 195 -29.26 45.31 -12.94
C ASN C 195 -30.44 44.79 -12.14
N ILE C 196 -30.31 44.76 -10.82
CA ILE C 196 -31.37 44.29 -9.94
C ILE C 196 -31.50 45.18 -8.70
N GLN C 197 -32.71 45.32 -8.17
CA GLN C 197 -32.95 46.08 -6.95
C GLN C 197 -33.49 45.18 -5.87
N LYS C 198 -33.23 45.55 -4.60
CA LYS C 198 -33.75 44.83 -3.44
C LYS C 198 -35.28 44.76 -3.50
N GLY C 199 -35.82 43.58 -3.24
CA GLY C 199 -37.26 43.36 -3.25
C GLY C 199 -37.84 42.97 -4.60
N TRP C 200 -37.03 43.11 -5.65
CA TRP C 200 -37.49 42.79 -7.00
C TRP C 200 -37.38 41.33 -7.30
N ASN C 201 -38.37 40.83 -8.04
CA ASN C 201 -38.44 39.47 -8.54
C ASN C 201 -37.40 39.39 -9.66
N MET C 202 -36.63 38.30 -9.69
CA MET C 202 -35.62 38.11 -10.73
C MET C 202 -36.33 37.84 -12.07
N SER C 203 -35.77 38.36 -13.16
CA SER C 203 -36.41 38.41 -14.48
C SER C 203 -36.54 37.12 -15.29
N GLY C 204 -36.03 36.02 -14.76
CA GLY C 204 -36.01 34.77 -15.51
C GLY C 204 -37.01 33.71 -15.10
N THR C 205 -36.57 32.46 -15.25
CA THR C 205 -37.36 31.27 -15.02
C THR C 205 -37.67 31.03 -13.55
N TRP C 206 -38.93 30.65 -13.27
CA TRP C 206 -39.36 30.31 -11.92
C TRP C 206 -38.99 28.85 -11.62
N VAL C 207 -38.85 28.51 -10.34
CA VAL C 207 -38.49 27.16 -9.91
C VAL C 207 -39.61 26.19 -10.26
N ASP C 208 -39.27 25.06 -10.90
CA ASP C 208 -40.24 24.00 -11.27
C ASP C 208 -40.97 23.49 -10.03
N ARG C 209 -42.24 23.15 -10.20
CA ARG C 209 -43.11 22.67 -9.10
C ARG C 209 -42.45 21.63 -8.16
N PRO C 210 -41.76 20.57 -8.68
CA PRO C 210 -41.17 19.57 -7.77
C PRO C 210 -40.10 20.06 -6.81
N PHE C 211 -39.56 21.26 -7.05
CA PHE C 211 -38.54 21.86 -6.20
C PHE C 211 -39.05 23.00 -5.34
N ARG C 212 -40.33 23.38 -5.50
CA ARG C 212 -40.91 24.48 -4.73
C ARG C 212 -41.12 24.11 -3.27
N PRO C 213 -40.68 24.99 -2.34
CA PRO C 213 -40.90 24.73 -0.91
C PRO C 213 -42.32 25.07 -0.45
N ALA C 214 -42.77 24.51 0.68
CA ALA C 214 -44.09 24.80 1.23
C ALA C 214 -44.14 26.23 1.83
N ALA C 215 -42.97 26.70 2.32
CA ALA C 215 -42.81 28.02 2.92
C ALA C 215 -41.62 28.73 2.30
N VAL C 216 -41.64 30.08 2.27
CA VAL C 216 -40.55 30.88 1.70
C VAL C 216 -39.18 30.50 2.29
N GLN C 217 -38.17 30.35 1.44
CA GLN C 217 -36.84 29.98 1.91
C GLN C 217 -35.81 31.03 1.51
N SER C 218 -35.14 31.62 2.52
CA SER C 218 -34.11 32.63 2.31
C SER C 218 -32.75 31.94 2.21
N LEU C 219 -32.10 32.02 1.04
CA LEU C 219 -30.81 31.37 0.84
C LEU C 219 -29.69 32.37 0.68
N VAL C 220 -28.71 32.32 1.59
CA VAL C 220 -27.56 33.23 1.63
C VAL C 220 -26.53 32.83 0.58
N GLY C 221 -26.03 33.84 -0.15
CA GLY C 221 -24.98 33.66 -1.16
C GLY C 221 -23.84 34.64 -0.93
N HIS C 222 -22.73 34.45 -1.64
CA HIS C 222 -21.56 35.29 -1.46
C HIS C 222 -21.03 35.78 -2.80
N PHE C 223 -20.47 37.01 -2.81
CA PHE C 223 -19.87 37.59 -4.01
C PHE C 223 -18.42 37.23 -4.06
N ALA C 224 -18.03 36.45 -5.07
CA ALA C 224 -16.67 35.95 -5.22
C ALA C 224 -15.61 37.04 -5.21
N GLY C 225 -14.61 36.85 -4.34
CA GLY C 225 -13.49 37.77 -4.17
C GLY C 225 -13.80 39.02 -3.39
N ARG C 226 -14.98 39.07 -2.76
CA ARG C 226 -15.43 40.24 -1.99
C ARG C 226 -15.76 39.85 -0.55
N ASP C 227 -16.01 40.86 0.31
CA ASP C 227 -16.43 40.59 1.67
C ASP C 227 -17.95 40.79 1.82
N THR C 228 -18.64 40.90 0.68
CA THR C 228 -20.06 41.16 0.58
C THR C 228 -20.89 39.92 0.26
N SER C 229 -22.14 39.94 0.69
CA SER C 229 -23.06 38.82 0.53
C SER C 229 -24.44 39.29 0.06
N PHE C 230 -25.30 38.34 -0.28
CA PHE C 230 -26.67 38.60 -0.69
C PHE C 230 -27.52 37.45 -0.17
N HIS C 231 -28.83 37.56 -0.35
CA HIS C 231 -29.73 36.44 -0.18
C HIS C 231 -30.87 36.55 -1.16
N ILE C 232 -31.43 35.41 -1.53
CA ILE C 232 -32.59 35.34 -2.40
C ILE C 232 -33.67 34.57 -1.65
N ASP C 233 -34.93 34.85 -1.96
CA ASP C 233 -36.04 34.10 -1.41
C ASP C 233 -36.63 33.24 -2.50
N ILE C 234 -36.73 31.92 -2.24
CA ILE C 234 -37.44 31.02 -3.14
C ILE C 234 -38.84 30.97 -2.53
N ASN C 235 -39.80 31.54 -3.24
CA ASN C 235 -41.17 31.62 -2.75
C ASN C 235 -41.94 30.34 -3.07
N PRO C 236 -42.98 29.97 -2.27
CA PRO C 236 -43.77 28.77 -2.59
C PRO C 236 -44.35 28.71 -4.01
N ASN C 237 -44.57 29.85 -4.66
CA ASN C 237 -45.09 29.88 -6.04
C ASN C 237 -44.00 29.63 -7.11
N GLY C 238 -42.73 29.53 -6.67
CA GLY C 238 -41.58 29.29 -7.53
C GLY C 238 -40.79 30.52 -7.92
N SER C 239 -41.37 31.70 -7.67
CA SER C 239 -40.68 32.96 -7.97
C SER C 239 -39.49 33.13 -7.05
N ILE C 240 -38.51 33.93 -7.49
CA ILE C 240 -37.29 34.22 -6.75
C ILE C 240 -37.18 35.74 -6.57
N THR C 241 -37.08 36.16 -5.31
CA THR C 241 -36.96 37.58 -4.95
C THR C 241 -35.53 37.91 -4.52
N TRP C 242 -34.96 38.98 -5.09
CA TRP C 242 -33.62 39.45 -4.74
C TRP C 242 -33.62 40.22 -3.44
N TRP C 243 -32.75 39.82 -2.51
CA TRP C 243 -32.63 40.52 -1.23
C TRP C 243 -31.22 40.97 -0.87
N GLY C 244 -30.39 41.10 -1.88
CA GLY C 244 -29.08 41.71 -1.70
C GLY C 244 -29.29 43.22 -1.90
N ALA C 245 -28.19 43.98 -1.89
CA ALA C 245 -28.26 45.42 -2.18
C ALA C 245 -28.54 45.61 -3.69
N ASN C 246 -28.83 46.84 -4.12
CA ASN C 246 -29.05 47.10 -5.54
C ASN C 246 -27.74 46.89 -6.31
N ILE C 247 -27.84 46.22 -7.47
CA ILE C 247 -26.67 45.97 -8.31
C ILE C 247 -26.78 46.75 -9.61
N ASP C 248 -25.68 47.38 -9.99
CA ASP C 248 -25.67 48.17 -11.22
C ASP C 248 -25.36 47.30 -12.44
N LYS C 249 -25.02 47.93 -13.55
CA LYS C 249 -24.67 47.32 -14.83
C LYS C 249 -23.53 46.31 -14.83
N THR C 250 -22.55 46.45 -13.91
CA THR C 250 -21.40 45.55 -13.83
C THR C 250 -21.74 44.25 -13.09
N PRO C 251 -21.65 43.09 -13.79
CA PRO C 251 -21.96 41.81 -13.12
C PRO C 251 -20.97 41.44 -12.03
N ILE C 252 -21.49 40.85 -10.95
CA ILE C 252 -20.69 40.38 -9.81
C ILE C 252 -20.94 38.88 -9.67
N ALA C 253 -19.87 38.07 -9.65
CA ALA C 253 -20.00 36.61 -9.54
C ALA C 253 -20.64 36.17 -8.23
N THR C 254 -21.68 35.32 -8.34
CA THR C 254 -22.49 34.85 -7.22
C THR C 254 -22.25 33.37 -6.97
N ARG C 255 -21.89 33.01 -5.73
CA ARG C 255 -21.61 31.63 -5.38
C ARG C 255 -22.18 31.27 -4.01
N GLY C 256 -22.15 29.98 -3.68
CA GLY C 256 -22.54 29.50 -2.36
C GLY C 256 -23.60 28.42 -2.32
N ASN C 257 -23.61 27.67 -1.22
CA ASN C 257 -24.56 26.60 -0.99
C ASN C 257 -25.56 26.99 0.09
N GLY C 258 -26.83 26.74 -0.19
CA GLY C 258 -27.92 26.96 0.75
C GLY C 258 -28.83 25.75 0.74
N SER C 259 -29.34 25.35 1.92
CA SER C 259 -30.22 24.18 2.01
C SER C 259 -31.60 24.56 2.48
N TYR C 260 -32.59 23.78 2.06
CA TYR C 260 -33.97 23.92 2.54
C TYR C 260 -34.71 22.60 2.45
N PHE C 261 -35.81 22.51 3.20
CA PHE C 261 -36.73 21.38 3.19
C PHE C 261 -37.93 21.76 2.36
N ILE C 262 -38.37 20.86 1.48
CA ILE C 262 -39.57 21.09 0.70
C ILE C 262 -40.81 20.90 1.59
N LYS C 263 -40.80 19.84 2.40
CA LYS C 263 -41.94 19.47 3.24
C LYS C 263 -41.83 20.02 4.66
N SER C 264 -42.97 20.48 5.19
CA SER C 264 -43.11 20.96 6.57
C SER C 264 -43.59 19.77 7.42
N ALA C 265 -43.85 20.00 8.73
CA ALA C 265 -44.35 18.93 9.60
C ALA C 265 -45.81 18.63 9.19
N TRP C 266 -46.11 17.34 8.85
CA TRP C 266 -47.42 16.86 8.39
C TRP C 266 -48.07 17.65 7.23
N VAL D 2 -2.88 18.81 -18.49
CA VAL D 2 -1.50 18.36 -18.25
C VAL D 2 -0.54 18.71 -19.40
N GLN D 3 -0.90 18.44 -20.65
CA GLN D 3 -0.03 18.76 -21.78
C GLN D 3 -0.21 20.19 -22.29
N LEU D 4 0.88 20.98 -22.35
CA LEU D 4 0.80 22.39 -22.79
C LEU D 4 1.53 22.69 -24.09
N GLN D 5 0.87 23.49 -24.95
CA GLN D 5 1.32 23.93 -26.27
C GLN D 5 1.60 25.46 -26.26
N GLU D 6 2.89 25.83 -26.22
CA GLU D 6 3.32 27.23 -26.18
C GLU D 6 3.84 27.77 -27.52
N SER D 7 3.61 29.06 -27.76
CA SER D 7 4.07 29.78 -28.95
C SER D 7 4.18 31.28 -28.65
N GLY D 8 4.73 32.05 -29.59
CA GLY D 8 4.90 33.49 -29.46
C GLY D 8 6.24 33.89 -28.89
N GLY D 9 6.27 35.05 -28.22
CA GLY D 9 7.47 35.61 -27.63
C GLY D 9 8.46 36.10 -28.66
N GLY D 10 9.75 36.04 -28.32
CA GLY D 10 10.84 36.44 -29.19
C GLY D 10 11.57 37.72 -28.83
N LEU D 11 11.98 38.50 -29.86
CA LEU D 11 12.70 39.77 -29.69
C LEU D 11 11.89 40.98 -30.15
N VAL D 12 12.08 42.09 -29.43
CA VAL D 12 11.48 43.41 -29.67
C VAL D 12 12.29 44.46 -28.90
N GLN D 13 12.44 45.67 -29.48
CA GLN D 13 13.15 46.77 -28.83
C GLN D 13 12.21 47.31 -27.73
N ALA D 14 12.78 47.93 -26.67
CA ALA D 14 12.04 48.53 -25.56
C ALA D 14 10.89 49.42 -26.06
N GLY D 15 9.75 49.33 -25.38
CA GLY D 15 8.54 50.08 -25.74
C GLY D 15 7.60 49.35 -26.67
N GLY D 16 8.14 48.40 -27.43
CA GLY D 16 7.38 47.58 -28.38
C GLY D 16 6.43 46.57 -27.73
N SER D 17 5.86 45.68 -28.57
CA SER D 17 4.92 44.65 -28.12
C SER D 17 5.27 43.25 -28.61
N LEU D 18 4.88 42.25 -27.81
CA LEU D 18 5.10 40.83 -28.04
C LEU D 18 3.91 40.07 -27.44
N ARG D 19 3.47 38.98 -28.10
CA ARG D 19 2.32 38.18 -27.65
C ARG D 19 2.69 36.71 -27.44
N LEU D 20 2.12 36.10 -26.36
CA LEU D 20 2.30 34.69 -26.00
C LEU D 20 0.96 33.97 -26.10
N SER D 21 0.99 32.73 -26.60
CA SER D 21 -0.16 31.85 -26.72
C SER D 21 0.12 30.51 -26.01
N CYS D 22 -0.90 29.96 -25.33
CA CYS D 22 -0.80 28.69 -24.60
C CYS D 22 -2.09 27.90 -24.66
N THR D 23 -2.00 26.62 -25.06
CA THR D 23 -3.14 25.73 -25.17
C THR D 23 -2.93 24.47 -24.34
N ALA D 24 -3.93 24.17 -23.50
CA ALA D 24 -3.94 22.97 -22.66
C ALA D 24 -4.77 21.89 -23.36
N SER D 25 -4.27 20.65 -23.33
CA SER D 25 -4.91 19.47 -23.93
C SER D 25 -6.29 19.18 -23.33
N ARG D 26 -6.43 19.36 -21.99
CA ARG D 26 -7.66 19.12 -21.22
C ARG D 26 -7.72 19.98 -19.95
N ARG D 27 -8.88 19.96 -19.25
CA ARG D 27 -9.12 20.64 -17.97
C ARG D 27 -9.05 19.60 -16.86
N THR D 28 -8.29 19.87 -15.79
CA THR D 28 -8.16 18.91 -14.68
C THR D 28 -9.30 18.97 -13.64
N GLY D 29 -10.10 20.03 -13.71
CA GLY D 29 -11.23 20.20 -12.81
C GLY D 29 -11.69 21.64 -12.62
N SER D 30 -12.35 21.89 -11.47
CA SER D 30 -12.91 23.18 -11.09
C SER D 30 -11.82 24.16 -10.73
N ASN D 31 -12.17 25.48 -10.75
CA ASN D 31 -11.26 26.60 -10.49
C ASN D 31 -10.07 26.49 -11.42
N TRP D 32 -10.38 26.21 -12.71
CA TRP D 32 -9.42 26.01 -13.78
C TRP D 32 -8.70 27.30 -14.11
N CYS D 33 -7.38 27.27 -13.93
CA CYS D 33 -6.48 28.41 -14.13
C CYS D 33 -5.45 28.14 -15.17
N MET D 34 -5.07 29.19 -15.90
CA MET D 34 -4.05 29.16 -16.93
C MET D 34 -3.31 30.49 -16.87
N GLY D 35 -2.02 30.41 -16.66
CA GLY D 35 -1.17 31.61 -16.58
C GLY D 35 0.27 31.39 -16.94
N TRP D 36 1.12 32.36 -16.59
CA TRP D 36 2.55 32.33 -16.86
C TRP D 36 3.39 32.65 -15.64
N PHE D 37 4.53 31.97 -15.55
CA PHE D 37 5.54 32.10 -14.51
C PHE D 37 6.82 32.62 -15.17
N ARG D 38 7.64 33.33 -14.39
CA ARG D 38 8.93 33.86 -14.84
C ARG D 38 9.89 34.01 -13.66
N GLN D 39 11.19 33.96 -13.93
CA GLN D 39 12.21 34.13 -12.90
C GLN D 39 12.30 35.60 -12.55
N LEU D 40 12.18 35.93 -11.27
CA LEU D 40 12.20 37.31 -10.82
C LEU D 40 13.14 37.50 -9.64
N ALA D 41 14.46 37.36 -9.89
CA ALA D 41 15.49 37.54 -8.86
C ALA D 41 15.27 36.74 -7.54
N GLY D 42 14.72 35.55 -7.65
CA GLY D 42 14.46 34.67 -6.53
C GLY D 42 14.84 33.25 -6.85
N LYS D 43 14.97 32.39 -5.82
CA LYS D 43 15.31 30.97 -5.95
C LYS D 43 14.14 30.24 -6.62
N GLU D 44 12.97 30.89 -6.70
CA GLU D 44 11.78 30.30 -7.28
C GLU D 44 11.12 31.22 -8.33
N PRO D 45 10.65 30.67 -9.48
CA PRO D 45 9.93 31.51 -10.46
C PRO D 45 8.59 31.89 -9.86
N GLU D 46 8.15 33.10 -10.14
CA GLU D 46 6.91 33.60 -9.60
C GLU D 46 5.87 33.77 -10.67
N LEU D 47 4.61 33.52 -10.28
CA LEU D 47 3.43 33.68 -11.12
C LEU D 47 3.31 35.18 -11.35
N VAL D 48 3.25 35.57 -12.61
CA VAL D 48 3.21 36.96 -13.00
C VAL D 48 1.84 37.41 -13.57
N VAL D 49 1.12 36.48 -14.21
CA VAL D 49 -0.20 36.70 -14.84
C VAL D 49 -0.93 35.36 -14.94
N ALA D 50 -2.23 35.33 -14.60
CA ALA D 50 -3.08 34.14 -14.66
C ALA D 50 -4.56 34.50 -14.81
N LEU D 51 -5.39 33.51 -15.21
CA LEU D 51 -6.82 33.70 -15.38
C LEU D 51 -7.60 32.48 -14.92
N ASN D 52 -8.56 32.70 -14.01
CA ASN D 52 -9.47 31.64 -13.53
C ASN D 52 -10.62 31.64 -14.52
N PHE D 53 -10.77 30.53 -15.23
CA PHE D 53 -11.78 30.33 -16.27
C PHE D 53 -13.20 30.32 -15.72
N ASP D 54 -13.41 29.61 -14.59
CA ASP D 54 -14.70 29.43 -13.93
C ASP D 54 -15.27 30.69 -13.29
N TYR D 55 -14.40 31.63 -12.92
CA TYR D 55 -14.80 32.87 -12.25
C TYR D 55 -14.60 34.14 -13.09
N ASP D 56 -13.91 34.01 -14.26
CA ASP D 56 -13.55 35.12 -15.16
C ASP D 56 -12.77 36.22 -14.39
N MET D 57 -11.91 35.76 -13.47
CA MET D 57 -11.07 36.59 -12.62
C MET D 57 -9.61 36.43 -13.00
N THR D 58 -8.94 37.57 -13.15
CA THR D 58 -7.54 37.63 -13.54
C THR D 58 -6.66 37.99 -12.35
N TYR D 59 -5.38 37.58 -12.41
CA TYR D 59 -4.35 37.96 -11.46
C TYR D 59 -3.16 38.45 -12.28
N TYR D 60 -2.64 39.63 -11.88
CA TYR D 60 -1.46 40.24 -12.48
C TYR D 60 -0.53 40.64 -11.35
N ALA D 61 0.76 40.29 -11.47
CA ALA D 61 1.77 40.69 -10.48
C ALA D 61 2.01 42.18 -10.68
N ASP D 62 2.22 42.92 -9.58
CA ASP D 62 2.44 44.39 -9.57
C ASP D 62 3.41 44.90 -10.65
N SER D 63 4.47 44.12 -10.93
CA SER D 63 5.51 44.39 -11.93
C SER D 63 5.00 44.48 -13.38
N VAL D 64 3.88 43.81 -13.71
CA VAL D 64 3.32 43.80 -15.06
C VAL D 64 1.95 44.49 -15.20
N LYS D 65 1.40 45.03 -14.10
CA LYS D 65 0.09 45.69 -14.05
C LYS D 65 -0.08 46.80 -15.07
N GLY D 66 -1.22 46.77 -15.77
CA GLY D 66 -1.60 47.76 -16.79
C GLY D 66 -0.87 47.70 -18.12
N ARG D 67 0.11 46.79 -18.25
CA ARG D 67 0.90 46.62 -19.49
C ARG D 67 0.55 45.29 -20.15
N PHE D 68 0.56 44.21 -19.36
CA PHE D 68 0.26 42.85 -19.77
C PHE D 68 -1.24 42.59 -19.58
N THR D 69 -1.88 41.97 -20.58
CA THR D 69 -3.31 41.68 -20.59
C THR D 69 -3.56 40.23 -21.00
N VAL D 70 -4.24 39.47 -20.13
CA VAL D 70 -4.55 38.06 -20.36
C VAL D 70 -5.98 37.90 -20.92
N SER D 71 -6.09 37.15 -22.03
CA SER D 71 -7.34 36.90 -22.73
C SER D 71 -7.51 35.41 -23.02
N ARG D 72 -8.76 34.98 -23.33
CA ARG D 72 -9.03 33.57 -23.64
C ARG D 72 -9.66 33.33 -25.03
N ASP D 73 -9.73 32.06 -25.43
CA ASP D 73 -10.32 31.63 -26.69
C ASP D 73 -11.66 30.90 -26.43
N SER D 74 -12.34 31.25 -25.34
CA SER D 74 -13.65 30.68 -24.95
C SER D 74 -13.64 29.13 -24.78
N GLY D 75 -14.47 28.40 -25.54
CA GLY D 75 -14.62 26.95 -25.50
C GLY D 75 -13.30 26.18 -25.56
N LYS D 76 -12.34 26.73 -26.32
CA LYS D 76 -10.99 26.22 -26.49
C LYS D 76 -10.19 26.66 -25.25
N ASN D 77 -9.45 25.72 -24.63
CA ASN D 77 -8.61 25.98 -23.47
C ASN D 77 -7.33 26.71 -23.92
N THR D 78 -7.49 27.91 -24.50
CA THR D 78 -6.36 28.69 -25.01
C THR D 78 -6.30 30.04 -24.32
N VAL D 79 -5.12 30.39 -23.81
CA VAL D 79 -4.88 31.64 -23.13
C VAL D 79 -3.80 32.48 -23.84
N TYR D 80 -4.08 33.78 -24.05
CA TYR D 80 -3.16 34.70 -24.72
C TYR D 80 -2.67 35.78 -23.77
N LEU D 81 -1.39 36.13 -23.88
CA LEU D 81 -0.78 37.19 -23.08
C LEU D 81 -0.28 38.32 -23.99
N GLN D 82 -1.02 39.45 -23.99
CA GLN D 82 -0.66 40.62 -24.77
C GLN D 82 0.22 41.52 -23.91
N MET D 83 1.53 41.45 -24.16
CA MET D 83 2.54 42.23 -23.45
C MET D 83 2.80 43.51 -24.26
N ASN D 84 2.60 44.67 -23.62
CA ASN D 84 2.78 45.99 -24.23
C ASN D 84 3.79 46.81 -23.43
N SER D 85 4.41 47.83 -24.10
CA SER D 85 5.44 48.71 -23.52
C SER D 85 6.48 47.90 -22.70
N LEU D 86 7.09 46.93 -23.38
CA LEU D 86 8.10 46.01 -22.84
C LEU D 86 9.38 46.74 -22.54
N LYS D 87 9.97 46.44 -21.38
CA LYS D 87 11.24 47.02 -20.96
C LYS D 87 12.30 45.93 -20.77
N PRO D 88 13.63 46.24 -20.84
CA PRO D 88 14.65 45.19 -20.68
C PRO D 88 14.48 44.25 -19.50
N GLU D 89 13.84 44.74 -18.43
CA GLU D 89 13.56 44.01 -17.19
C GLU D 89 12.58 42.82 -17.38
N ASP D 90 11.83 42.81 -18.52
CA ASP D 90 10.88 41.76 -18.90
C ASP D 90 11.56 40.58 -19.63
N THR D 91 12.86 40.68 -19.91
CA THR D 91 13.63 39.61 -20.56
C THR D 91 13.73 38.42 -19.63
N ALA D 92 12.99 37.33 -19.93
CA ALA D 92 12.97 36.10 -19.16
C ALA D 92 12.34 35.02 -20.00
N ILE D 93 12.27 33.83 -19.43
CA ILE D 93 11.55 32.74 -20.07
C ILE D 93 10.19 32.66 -19.32
N TYR D 94 9.09 32.74 -20.09
CA TYR D 94 7.74 32.69 -19.55
C TYR D 94 7.15 31.30 -19.73
N TYR D 95 7.28 30.49 -18.67
CA TYR D 95 6.77 29.14 -18.64
C TYR D 95 5.26 29.22 -18.38
N CYS D 96 4.47 28.65 -19.30
CA CYS D 96 3.02 28.58 -19.17
C CYS D 96 2.67 27.51 -18.14
N ALA D 97 1.69 27.82 -17.30
CA ALA D 97 1.23 26.92 -16.25
C ALA D 97 -0.29 26.81 -16.21
N ALA D 98 -0.81 25.61 -15.87
CA ALA D 98 -2.23 25.32 -15.78
C ALA D 98 -2.55 24.37 -14.63
N ARG D 99 -3.66 24.63 -13.90
CA ARG D 99 -4.07 23.79 -12.76
C ARG D 99 -5.54 23.95 -12.36
N SER D 100 -6.02 23.02 -11.50
CA SER D 100 -7.35 23.02 -10.90
C SER D 100 -7.14 23.32 -9.42
N GLY D 101 -7.79 24.37 -8.93
CA GLY D 101 -7.71 24.77 -7.53
C GLY D 101 -7.34 26.21 -7.28
N GLY D 102 -7.36 27.02 -8.33
CA GLY D 102 -7.06 28.45 -8.23
C GLY D 102 -5.59 28.82 -8.39
N PHE D 103 -5.26 30.10 -8.14
CA PHE D 103 -3.91 30.63 -8.25
C PHE D 103 -3.00 30.11 -7.13
N SER D 104 -1.71 29.85 -7.46
CA SER D 104 -0.71 29.39 -6.50
C SER D 104 0.70 29.79 -6.93
N SER D 105 1.57 30.10 -5.95
CA SER D 105 2.95 30.43 -6.26
C SER D 105 3.82 29.19 -6.34
N ASN D 106 3.33 28.07 -5.76
CA ASN D 106 3.99 26.77 -5.75
C ASN D 106 3.86 26.09 -7.13
N ARG D 107 5.02 25.86 -7.78
CA ARG D 107 5.08 25.24 -9.10
C ARG D 107 4.75 23.75 -9.09
N GLU D 108 4.84 23.12 -7.91
CA GLU D 108 4.57 21.68 -7.73
C GLU D 108 3.06 21.37 -7.66
N LEU D 109 2.21 22.41 -7.51
CA LEU D 109 0.74 22.32 -7.46
C LEU D 109 0.09 22.42 -8.85
N TYR D 110 0.88 22.79 -9.87
CA TYR D 110 0.40 22.93 -11.24
C TYR D 110 0.40 21.60 -11.98
N ASP D 111 -0.78 21.24 -12.49
CA ASP D 111 -1.05 20.00 -13.23
C ASP D 111 -0.37 19.97 -14.61
N GLY D 112 -0.19 21.15 -15.19
CA GLY D 112 0.45 21.35 -16.48
C GLY D 112 1.53 22.40 -16.41
N TRP D 113 2.75 22.06 -16.84
CA TRP D 113 3.91 22.97 -16.87
C TRP D 113 4.58 22.93 -18.24
N GLY D 114 4.77 24.12 -18.82
CA GLY D 114 5.34 24.27 -20.14
C GLY D 114 6.86 24.21 -20.23
N GLN D 115 7.36 24.22 -21.48
CA GLN D 115 8.79 24.17 -21.81
C GLN D 115 9.40 25.57 -21.76
N GLY D 116 8.53 26.57 -21.77
CA GLY D 116 8.91 27.97 -21.67
C GLY D 116 9.04 28.65 -23.01
N THR D 117 8.83 29.97 -22.98
CA THR D 117 8.95 30.82 -24.17
C THR D 117 9.84 32.01 -23.84
N GLN D 118 10.93 32.17 -24.60
CA GLN D 118 11.91 33.24 -24.41
C GLN D 118 11.41 34.60 -24.93
N VAL D 119 11.44 35.60 -24.04
CA VAL D 119 11.09 36.99 -24.34
C VAL D 119 12.35 37.82 -24.10
N THR D 120 12.80 38.54 -25.14
CA THR D 120 14.01 39.37 -25.11
C THR D 120 13.68 40.81 -25.50
N VAL D 121 14.13 41.77 -24.67
CA VAL D 121 13.92 43.21 -24.86
C VAL D 121 15.29 43.93 -24.92
N SER D 122 15.54 44.64 -26.04
CA SER D 122 16.79 45.37 -26.34
C SER D 122 16.63 46.90 -26.35
N SER D 123 17.73 47.64 -26.66
CA SER D 123 17.78 49.10 -26.79
C SER D 123 18.96 49.57 -27.69
N VAL E 2 -19.04 25.40 39.09
CA VAL E 2 -17.63 25.70 38.81
C VAL E 2 -17.04 26.50 39.96
N GLN E 3 -15.80 26.16 40.37
CA GLN E 3 -15.09 26.82 41.45
C GLN E 3 -13.94 27.70 40.95
N LEU E 4 -14.04 29.00 41.25
CA LEU E 4 -13.06 30.02 40.86
C LEU E 4 -12.07 30.28 42.00
N GLN E 5 -10.76 30.21 41.69
CA GLN E 5 -9.67 30.45 42.65
C GLN E 5 -9.18 31.89 42.45
N GLU E 6 -9.77 32.84 43.21
CA GLU E 6 -9.41 34.26 43.13
C GLU E 6 -8.12 34.59 43.88
N SER E 7 -7.21 35.35 43.23
CA SER E 7 -5.92 35.77 43.80
C SER E 7 -5.57 37.23 43.47
N GLY E 8 -4.90 37.88 44.43
CA GLY E 8 -4.42 39.26 44.31
C GLY E 8 -5.45 40.37 44.42
N GLY E 9 -4.95 41.56 44.75
CA GLY E 9 -5.69 42.81 44.93
C GLY E 9 -4.96 43.79 45.83
N GLY E 10 -5.71 44.49 46.68
CA GLY E 10 -5.16 45.44 47.64
C GLY E 10 -5.50 46.91 47.45
N LEU E 11 -4.51 47.79 47.68
CA LEU E 11 -4.64 49.24 47.58
C LEU E 11 -3.39 49.84 46.92
N VAL E 12 -3.59 50.86 46.06
CA VAL E 12 -2.49 51.56 45.38
C VAL E 12 -2.74 53.07 45.24
N GLN E 13 -1.65 53.87 45.22
CA GLN E 13 -1.63 55.34 45.15
C GLN E 13 -1.84 55.91 43.74
N ALA E 14 -2.96 56.67 43.55
CA ALA E 14 -3.36 57.35 42.31
C ALA E 14 -3.29 56.50 41.01
N GLY E 15 -3.39 55.18 41.18
CA GLY E 15 -3.34 54.22 40.09
C GLY E 15 -2.08 53.40 39.98
N GLY E 16 -2.17 52.34 39.17
CA GLY E 16 -1.03 51.47 38.92
C GLY E 16 -1.19 50.04 39.38
N SER E 17 -0.08 49.29 39.26
CA SER E 17 0.05 47.87 39.57
C SER E 17 -0.28 47.39 40.96
N LEU E 18 -1.10 46.34 40.97
CA LEU E 18 -1.58 45.47 42.03
C LEU E 18 -1.72 44.16 41.28
N ARG E 19 -1.52 43.03 41.95
CA ARG E 19 -1.63 41.76 41.24
C ARG E 19 -3.10 41.30 41.19
N LEU E 20 -3.54 40.76 40.03
CA LEU E 20 -4.92 40.29 39.85
C LEU E 20 -4.96 39.04 38.94
N SER E 21 -5.47 37.91 39.49
CA SER E 21 -5.53 36.60 38.84
C SER E 21 -6.79 35.82 39.19
N CYS E 22 -7.28 35.01 38.23
CA CYS E 22 -8.46 34.17 38.39
C CYS E 22 -8.33 32.87 37.59
N THR E 23 -8.53 31.73 38.26
CA THR E 23 -8.45 30.41 37.65
C THR E 23 -9.74 29.64 37.85
N ALA E 24 -10.28 29.08 36.74
CA ALA E 24 -11.48 28.27 36.78
C ALA E 24 -11.09 26.79 36.80
N SER E 25 -11.79 26.00 37.64
CA SER E 25 -11.56 24.56 37.81
C SER E 25 -11.85 23.78 36.52
N ARG E 26 -12.90 24.17 35.80
CA ARG E 26 -13.34 23.54 34.54
C ARG E 26 -14.04 24.54 33.60
N ARG E 27 -14.26 24.10 32.35
CA ARG E 27 -14.94 24.82 31.28
C ARG E 27 -16.39 24.30 31.20
N THR E 28 -17.40 25.22 31.21
CA THR E 28 -18.80 24.78 31.12
C THR E 28 -19.29 24.53 29.68
N GLY E 29 -18.54 25.00 28.70
CA GLY E 29 -18.87 24.79 27.30
C GLY E 29 -18.28 25.80 26.33
N SER E 30 -18.94 25.95 25.18
CA SER E 30 -18.58 26.84 24.08
C SER E 30 -18.81 28.30 24.46
N ASN E 31 -18.21 29.25 23.71
CA ASN E 31 -18.28 30.69 23.98
C ASN E 31 -17.89 30.94 25.44
N TRP E 32 -16.78 30.30 25.84
CA TRP E 32 -16.24 30.33 27.19
C TRP E 32 -15.62 31.67 27.51
N CYS E 33 -16.22 32.34 28.50
CA CYS E 33 -15.78 33.66 28.94
C CYS E 33 -15.28 33.65 30.38
N MET E 34 -14.36 34.57 30.68
CA MET E 34 -13.79 34.79 32.00
C MET E 34 -13.50 36.28 32.14
N GLY E 35 -14.10 36.89 33.15
CA GLY E 35 -13.95 38.33 33.40
C GLY E 35 -14.24 38.75 34.82
N TRP E 36 -14.41 40.06 35.02
CA TRP E 36 -14.68 40.64 36.33
C TRP E 36 -15.91 41.53 36.36
N PHE E 37 -16.59 41.53 37.51
CA PHE E 37 -17.78 42.30 37.79
C PHE E 37 -17.51 43.18 39.03
N ARG E 38 -17.82 44.49 38.94
CA ARG E 38 -17.66 45.42 40.05
C ARG E 38 -19.01 45.91 40.56
N GLN E 39 -19.27 45.77 41.88
CA GLN E 39 -20.52 46.24 42.46
C GLN E 39 -20.34 47.69 42.91
N LEU E 40 -21.31 48.54 42.56
CA LEU E 40 -21.32 49.97 42.88
C LEU E 40 -22.39 50.30 43.94
N ALA E 41 -22.01 51.13 44.94
CA ALA E 41 -22.88 51.63 46.00
C ALA E 41 -23.24 53.06 45.58
N GLY E 42 -24.52 53.27 45.29
CA GLY E 42 -25.03 54.55 44.78
C GLY E 42 -25.30 54.45 43.29
N LYS E 43 -24.86 53.33 42.69
CA LYS E 43 -25.01 52.93 41.29
C LYS E 43 -25.31 51.40 41.25
N GLU E 44 -25.09 50.70 40.12
CA GLU E 44 -25.42 49.27 40.05
C GLU E 44 -24.24 48.33 39.67
N PRO E 45 -24.33 46.97 39.86
CA PRO E 45 -23.21 46.09 39.50
C PRO E 45 -22.89 46.15 38.00
N GLU E 46 -21.62 46.41 37.66
CA GLU E 46 -21.18 46.58 36.28
C GLU E 46 -20.27 45.48 35.73
N LEU E 47 -20.42 45.20 34.42
CA LEU E 47 -19.64 44.25 33.62
C LEU E 47 -18.40 45.02 33.16
N VAL E 48 -17.34 44.97 33.96
CA VAL E 48 -16.13 45.75 33.69
C VAL E 48 -15.27 45.22 32.53
N VAL E 49 -14.67 44.03 32.69
CA VAL E 49 -13.84 43.39 31.66
C VAL E 49 -14.29 41.91 31.52
N ALA E 50 -14.12 41.34 30.30
CA ALA E 50 -14.46 39.96 29.95
C ALA E 50 -13.69 39.53 28.70
N LEU E 51 -13.42 38.23 28.55
CA LEU E 51 -12.67 37.68 27.41
C LEU E 51 -13.25 36.36 26.93
N ASN E 52 -13.55 36.28 25.62
CA ASN E 52 -14.06 35.09 24.93
C ASN E 52 -12.88 34.22 24.53
N PHE E 53 -12.65 33.10 25.23
CA PHE E 53 -11.53 32.19 24.96
C PHE E 53 -11.56 31.59 23.56
N ASP E 54 -12.75 31.14 23.11
CA ASP E 54 -12.98 30.52 21.82
C ASP E 54 -12.83 31.46 20.63
N TYR E 55 -13.03 32.77 20.84
CA TYR E 55 -12.95 33.79 19.81
C TYR E 55 -11.77 34.75 19.94
N ASP E 56 -11.04 34.72 21.09
CA ASP E 56 -9.92 35.60 21.43
C ASP E 56 -10.36 37.09 21.32
N MET E 57 -11.61 37.35 21.74
CA MET E 57 -12.23 38.67 21.71
C MET E 57 -12.46 39.17 23.13
N THR E 58 -12.06 40.42 23.36
CA THR E 58 -12.17 41.07 24.65
C THR E 58 -13.30 42.08 24.67
N TYR E 59 -13.83 42.33 25.88
CA TYR E 59 -14.83 43.37 26.14
C TYR E 59 -14.33 44.20 27.31
N TYR E 60 -14.36 45.53 27.12
CA TYR E 60 -14.00 46.50 28.14
C TYR E 60 -15.11 47.54 28.19
N ALA E 61 -15.59 47.87 29.40
CA ALA E 61 -16.60 48.89 29.59
C ALA E 61 -15.91 50.25 29.32
N ASP E 62 -16.62 51.20 28.67
CA ASP E 62 -16.11 52.53 28.31
C ASP E 62 -15.30 53.25 29.41
N SER E 63 -15.73 53.06 30.68
CA SER E 63 -15.13 53.63 31.89
C SER E 63 -13.68 53.17 32.16
N VAL E 64 -13.29 51.98 31.68
CA VAL E 64 -11.94 51.41 31.89
C VAL E 64 -11.09 51.27 30.62
N LYS E 65 -11.63 51.66 29.45
CA LYS E 65 -10.98 51.57 28.14
C LYS E 65 -9.59 52.24 28.10
N GLY E 66 -8.61 51.51 27.57
CA GLY E 66 -7.22 51.96 27.44
C GLY E 66 -6.40 52.03 28.71
N ARG E 67 -7.01 51.67 29.87
CA ARG E 67 -6.37 51.69 31.19
C ARG E 67 -6.18 50.27 31.73
N PHE E 68 -7.23 49.44 31.61
CA PHE E 68 -7.32 48.05 32.06
C PHE E 68 -7.06 47.12 30.87
N THR E 69 -6.27 46.04 31.10
CA THR E 69 -5.91 45.07 30.07
C THR E 69 -6.08 43.64 30.58
N VAL E 70 -6.93 42.85 29.90
CA VAL E 70 -7.20 41.46 30.24
C VAL E 70 -6.33 40.50 29.39
N SER E 71 -5.64 39.58 30.06
CA SER E 71 -4.75 38.62 29.42
C SER E 71 -5.09 37.19 29.87
N ARG E 72 -4.80 36.20 29.03
CA ARG E 72 -5.09 34.81 29.36
C ARG E 72 -3.82 34.00 29.41
N ASP E 73 -3.75 33.04 30.36
CA ASP E 73 -2.63 32.10 30.44
C ASP E 73 -2.90 31.16 29.26
N SER E 74 -1.90 30.93 28.43
CA SER E 74 -1.98 30.14 27.18
C SER E 74 -2.49 28.71 27.35
N GLY E 75 -1.94 27.99 28.29
CA GLY E 75 -2.35 26.60 28.48
C GLY E 75 -2.94 26.21 29.82
N LYS E 76 -3.36 27.19 30.64
CA LYS E 76 -3.86 26.86 31.97
C LYS E 76 -5.27 27.33 32.39
N ASN E 77 -6.05 28.00 31.49
CA ASN E 77 -7.43 28.46 31.75
C ASN E 77 -7.51 29.42 32.99
N THR E 78 -6.61 30.42 32.98
CA THR E 78 -6.37 31.46 33.97
C THR E 78 -6.43 32.83 33.27
N VAL E 79 -7.10 33.79 33.90
CA VAL E 79 -7.26 35.15 33.37
C VAL E 79 -6.64 36.19 34.32
N TYR E 80 -5.85 37.13 33.76
CA TYR E 80 -5.19 38.19 34.52
C TYR E 80 -5.70 39.56 34.13
N LEU E 81 -5.79 40.46 35.13
CA LEU E 81 -6.18 41.84 34.91
C LEU E 81 -5.10 42.81 35.38
N GLN E 82 -4.52 43.57 34.43
CA GLN E 82 -3.53 44.61 34.71
C GLN E 82 -4.28 45.93 34.62
N MET E 83 -4.58 46.48 35.79
CA MET E 83 -5.31 47.73 35.96
C MET E 83 -4.40 48.90 36.34
N ASN E 84 -4.12 49.78 35.36
CA ASN E 84 -3.26 50.94 35.55
C ASN E 84 -4.06 52.24 35.47
N SER E 85 -3.52 53.34 36.04
CA SER E 85 -4.14 54.67 36.10
C SER E 85 -5.55 54.66 36.73
N LEU E 86 -5.65 53.97 37.88
CA LEU E 86 -6.83 53.81 38.73
C LEU E 86 -7.27 55.16 39.27
N LYS E 87 -8.55 55.48 39.02
CA LYS E 87 -9.20 56.71 39.44
C LYS E 87 -10.11 56.41 40.68
N PRO E 88 -10.30 57.35 41.64
CA PRO E 88 -11.15 57.06 42.82
C PRO E 88 -12.57 56.51 42.55
N GLU E 89 -13.10 56.70 41.30
CA GLU E 89 -14.41 56.19 40.84
C GLU E 89 -14.39 54.66 40.80
N ASP E 90 -13.20 54.08 40.46
CA ASP E 90 -12.94 52.64 40.34
C ASP E 90 -12.72 51.93 41.71
N THR E 91 -13.15 52.56 42.83
CA THR E 91 -13.08 51.97 44.17
C THR E 91 -14.21 50.97 44.29
N ALA E 92 -13.86 49.69 44.33
CA ALA E 92 -14.86 48.61 44.47
C ALA E 92 -14.18 47.31 44.71
N ILE E 93 -14.95 46.31 45.09
CA ILE E 93 -14.58 44.89 45.18
C ILE E 93 -14.97 44.31 43.81
N TYR E 94 -14.01 43.68 43.11
CA TYR E 94 -14.21 43.07 41.79
C TYR E 94 -14.34 41.54 41.91
N TYR E 95 -15.54 41.01 41.62
CA TYR E 95 -15.87 39.59 41.68
C TYR E 95 -15.61 38.93 40.32
N CYS E 96 -14.72 37.90 40.28
CA CYS E 96 -14.40 37.16 39.07
C CYS E 96 -15.61 36.34 38.63
N ALA E 97 -15.92 36.36 37.33
CA ALA E 97 -17.06 35.66 36.75
C ALA E 97 -16.65 34.85 35.52
N ALA E 98 -17.28 33.68 35.34
CA ALA E 98 -17.02 32.78 34.20
C ALA E 98 -18.32 32.13 33.73
N ARG E 99 -18.47 31.99 32.41
CA ARG E 99 -19.66 31.36 31.80
C ARG E 99 -19.46 30.86 30.37
N SER E 100 -20.42 30.05 29.91
CA SER E 100 -20.50 29.53 28.55
C SER E 100 -21.71 30.22 27.92
N GLY E 101 -21.48 30.89 26.79
CA GLY E 101 -22.55 31.59 26.07
C GLY E 101 -22.29 33.03 25.72
N GLY E 102 -21.04 33.46 25.87
CA GLY E 102 -20.60 34.82 25.56
C GLY E 102 -20.68 35.78 26.72
N PHE E 103 -20.66 37.10 26.42
CA PHE E 103 -20.76 38.19 27.40
C PHE E 103 -22.23 38.46 27.78
N SER E 104 -22.48 38.77 29.06
CA SER E 104 -23.83 39.08 29.56
C SER E 104 -23.78 40.03 30.74
N SER E 105 -24.81 40.89 30.82
CA SER E 105 -24.99 41.87 31.88
C SER E 105 -25.53 41.25 33.18
N ASN E 106 -26.40 40.21 33.06
CA ASN E 106 -27.06 39.45 34.13
C ASN E 106 -26.08 38.54 34.91
N ARG E 107 -25.90 38.80 36.23
CA ARG E 107 -25.00 38.05 37.14
C ARG E 107 -25.45 36.58 37.37
N GLU E 108 -26.76 36.29 37.18
CA GLU E 108 -27.38 34.98 37.36
C GLU E 108 -27.12 33.99 36.21
N LEU E 109 -26.66 34.48 35.05
CA LEU E 109 -26.36 33.63 33.89
C LEU E 109 -24.95 33.05 33.96
N TYR E 110 -24.09 33.61 34.83
CA TYR E 110 -22.71 33.18 35.04
C TYR E 110 -22.65 31.91 35.87
N ASP E 111 -22.08 30.83 35.29
CA ASP E 111 -21.94 29.51 35.91
C ASP E 111 -20.94 29.50 37.08
N GLY E 112 -19.93 30.37 37.00
CA GLY E 112 -18.91 30.51 38.02
C GLY E 112 -18.83 31.92 38.55
N TRP E 113 -18.94 32.08 39.88
CA TRP E 113 -18.89 33.37 40.57
C TRP E 113 -17.93 33.31 41.77
N GLY E 114 -17.02 34.27 41.82
CA GLY E 114 -15.99 34.35 42.86
C GLY E 114 -16.39 35.05 44.15
N GLN E 115 -15.50 34.98 45.15
CA GLN E 115 -15.69 35.60 46.48
C GLN E 115 -15.42 37.11 46.45
N GLY E 116 -14.69 37.56 45.43
CA GLY E 116 -14.33 38.96 45.21
C GLY E 116 -12.96 39.38 45.71
N THR E 117 -12.44 40.49 45.17
CA THR E 117 -11.16 41.08 45.56
C THR E 117 -11.28 42.59 45.74
N GLN E 118 -11.07 43.09 46.99
CA GLN E 118 -11.15 44.53 47.27
C GLN E 118 -9.98 45.27 46.69
N VAL E 119 -10.32 46.31 45.94
CA VAL E 119 -9.39 47.22 45.29
C VAL E 119 -9.81 48.63 45.74
N THR E 120 -8.91 49.33 46.46
CA THR E 120 -9.18 50.69 46.94
C THR E 120 -8.14 51.67 46.41
N VAL E 121 -8.62 52.74 45.75
CA VAL E 121 -7.77 53.79 45.18
C VAL E 121 -7.46 54.80 46.28
N SER E 122 -6.19 55.23 46.43
CA SER E 122 -5.84 56.23 47.44
C SER E 122 -5.38 57.55 46.80
N SER E 123 -6.05 58.66 47.19
CA SER E 123 -5.80 60.01 46.68
C SER E 123 -4.92 60.86 47.62
N VAL F 2 -58.22 36.86 -6.86
CA VAL F 2 -57.84 37.70 -5.72
C VAL F 2 -58.53 39.06 -5.83
N GLN F 3 -59.64 39.23 -5.09
CA GLN F 3 -60.45 40.45 -5.13
C GLN F 3 -59.84 41.62 -4.36
N LEU F 4 -59.88 42.82 -4.97
CA LEU F 4 -59.35 44.07 -4.43
C LEU F 4 -60.42 45.16 -4.30
N GLN F 5 -60.36 45.95 -3.21
CA GLN F 5 -61.28 47.05 -2.95
C GLN F 5 -60.51 48.38 -2.77
N GLU F 6 -60.51 49.23 -3.81
CA GLU F 6 -59.83 50.53 -3.85
C GLU F 6 -60.71 51.64 -3.26
N SER F 7 -60.32 52.15 -2.08
CA SER F 7 -61.01 53.22 -1.37
C SER F 7 -60.11 54.46 -1.30
N GLY F 8 -60.71 55.64 -1.41
CA GLY F 8 -59.99 56.91 -1.37
C GLY F 8 -59.47 57.37 -2.72
N GLY F 9 -59.26 58.69 -2.84
CA GLY F 9 -58.78 59.32 -4.06
C GLY F 9 -59.87 60.05 -4.82
N GLY F 10 -59.47 61.06 -5.59
CA GLY F 10 -60.37 61.89 -6.38
C GLY F 10 -59.77 63.18 -6.89
N LEU F 11 -60.55 64.27 -6.87
CA LEU F 11 -60.16 65.60 -7.37
C LEU F 11 -59.64 66.57 -6.28
N VAL F 12 -58.44 67.15 -6.52
CA VAL F 12 -57.74 68.13 -5.66
C VAL F 12 -56.79 68.99 -6.55
N GLN F 13 -56.37 70.19 -6.10
CA GLN F 13 -55.48 71.11 -6.85
C GLN F 13 -53.99 70.92 -6.48
N ALA F 14 -53.05 71.54 -7.25
CA ALA F 14 -51.59 71.47 -7.06
C ALA F 14 -51.16 71.93 -5.66
N GLY F 15 -50.34 71.11 -5.01
CA GLY F 15 -49.86 71.36 -3.65
C GLY F 15 -50.81 70.81 -2.60
N GLY F 16 -51.74 69.94 -3.02
CA GLY F 16 -52.74 69.31 -2.18
C GLY F 16 -52.36 67.95 -1.63
N SER F 17 -53.22 67.40 -0.75
CA SER F 17 -53.05 66.10 -0.10
C SER F 17 -54.22 65.16 -0.40
N LEU F 18 -53.93 63.85 -0.61
CA LEU F 18 -54.94 62.84 -0.92
C LEU F 18 -54.50 61.42 -0.53
N ARG F 19 -55.44 60.64 0.05
CA ARG F 19 -55.22 59.26 0.52
C ARG F 19 -55.83 58.19 -0.40
N LEU F 20 -55.12 57.04 -0.54
CA LEU F 20 -55.52 55.87 -1.33
C LEU F 20 -55.32 54.58 -0.51
N SER F 21 -56.41 53.86 -0.21
CA SER F 21 -56.39 52.60 0.56
C SER F 21 -56.92 51.42 -0.27
N CYS F 22 -56.13 50.33 -0.36
CA CYS F 22 -56.47 49.13 -1.12
C CYS F 22 -56.56 47.90 -0.21
N THR F 23 -57.72 47.19 -0.23
CA THR F 23 -58.00 45.98 0.56
C THR F 23 -57.96 44.72 -0.31
N ALA F 24 -57.22 43.67 0.12
CA ALA F 24 -57.14 42.38 -0.56
C ALA F 24 -57.91 41.33 0.23
N SER F 25 -58.71 40.52 -0.48
CA SER F 25 -59.53 39.44 0.09
C SER F 25 -58.69 38.36 0.79
N ARG F 26 -57.53 38.01 0.18
CA ARG F 26 -56.58 37.00 0.68
C ARG F 26 -55.14 37.29 0.23
N ARG F 27 -54.17 36.65 0.91
CA ARG F 27 -52.73 36.71 0.59
C ARG F 27 -52.43 35.52 -0.32
N THR F 28 -51.69 35.74 -1.43
CA THR F 28 -51.34 34.65 -2.36
C THR F 28 -50.03 33.93 -2.02
N GLY F 29 -49.42 34.32 -0.90
CA GLY F 29 -48.19 33.72 -0.40
C GLY F 29 -47.21 34.65 0.28
N SER F 30 -45.93 34.28 0.21
CA SER F 30 -44.80 34.98 0.77
C SER F 30 -44.40 36.15 -0.11
N ASN F 31 -43.58 37.10 0.45
CA ASN F 31 -43.14 38.32 -0.24
C ASN F 31 -44.38 39.02 -0.82
N TRP F 32 -45.41 39.19 0.03
CA TRP F 32 -46.71 39.78 -0.29
C TRP F 32 -46.59 41.28 -0.52
N CYS F 33 -46.75 41.68 -1.80
CA CYS F 33 -46.65 43.06 -2.22
C CYS F 33 -47.95 43.65 -2.67
N MET F 34 -48.19 44.89 -2.26
CA MET F 34 -49.35 45.68 -2.60
C MET F 34 -48.90 47.09 -2.97
N GLY F 35 -49.28 47.54 -4.16
CA GLY F 35 -48.93 48.86 -4.67
C GLY F 35 -49.80 49.37 -5.80
N TRP F 36 -49.30 50.39 -6.54
CA TRP F 36 -50.03 50.98 -7.67
C TRP F 36 -49.11 51.30 -8.85
N PHE F 37 -49.58 50.99 -10.08
CA PHE F 37 -48.90 51.28 -11.34
C PHE F 37 -49.75 52.21 -12.21
N ARG F 38 -49.18 53.36 -12.64
CA ARG F 38 -49.91 54.36 -13.45
C ARG F 38 -49.54 54.44 -14.94
N GLN F 39 -50.58 54.54 -15.79
CA GLN F 39 -50.47 54.69 -17.24
C GLN F 39 -51.01 56.08 -17.62
N LEU F 40 -50.37 56.75 -18.60
CA LEU F 40 -50.77 58.11 -19.00
C LEU F 40 -50.98 58.23 -20.51
N ALA F 41 -52.24 58.51 -20.91
CA ALA F 41 -52.69 58.65 -22.31
C ALA F 41 -52.45 57.38 -23.16
N GLY F 42 -52.81 56.23 -22.57
CA GLY F 42 -52.69 54.91 -23.19
C GLY F 42 -51.30 54.31 -23.19
N LYS F 43 -50.35 54.90 -22.41
CA LYS F 43 -48.96 54.43 -22.30
C LYS F 43 -48.83 53.14 -21.47
N GLU F 44 -47.62 52.54 -21.48
CA GLU F 44 -47.30 51.31 -20.74
C GLU F 44 -47.40 51.53 -19.22
N PRO F 45 -48.11 50.66 -18.46
CA PRO F 45 -48.24 50.88 -17.00
C PRO F 45 -46.90 50.81 -16.25
N GLU F 46 -46.58 51.89 -15.52
CA GLU F 46 -45.33 52.03 -14.76
C GLU F 46 -45.58 52.03 -13.25
N LEU F 47 -44.96 51.05 -12.52
CA LEU F 47 -45.07 50.90 -11.08
C LEU F 47 -44.51 52.12 -10.36
N VAL F 48 -45.37 52.80 -9.59
CA VAL F 48 -45.05 54.03 -8.88
C VAL F 48 -44.62 53.78 -7.45
N VAL F 49 -45.48 53.12 -6.66
CA VAL F 49 -45.24 52.81 -5.25
C VAL F 49 -45.64 51.35 -4.93
N ALA F 50 -45.00 50.75 -3.89
CA ALA F 50 -45.24 49.39 -3.41
C ALA F 50 -44.61 49.15 -2.03
N LEU F 51 -45.22 48.23 -1.24
CA LEU F 51 -44.76 47.82 0.09
C LEU F 51 -44.77 46.30 0.26
N ASN F 52 -43.64 45.75 0.70
CA ASN F 52 -43.55 44.34 0.98
C ASN F 52 -43.89 44.18 2.46
N PHE F 53 -44.99 43.46 2.75
CA PHE F 53 -45.50 43.23 4.10
C PHE F 53 -44.53 42.43 4.96
N ASP F 54 -44.01 41.32 4.41
CA ASP F 54 -43.10 40.38 5.06
C ASP F 54 -41.74 40.95 5.46
N TYR F 55 -41.27 41.97 4.72
CA TYR F 55 -39.98 42.61 4.95
C TYR F 55 -40.05 44.04 5.49
N ASP F 56 -41.26 44.65 5.48
CA ASP F 56 -41.51 46.04 5.92
C ASP F 56 -40.62 47.01 5.12
N MET F 57 -40.44 46.71 3.82
CA MET F 57 -39.62 47.47 2.87
C MET F 57 -40.50 48.11 1.81
N THR F 58 -40.23 49.41 1.54
CA THR F 58 -40.99 50.26 0.62
C THR F 58 -40.21 50.66 -0.64
N TYR F 59 -40.90 50.64 -1.82
CA TYR F 59 -40.34 51.06 -3.12
C TYR F 59 -41.11 52.30 -3.59
N TYR F 60 -40.37 53.37 -3.93
CA TYR F 60 -40.90 54.63 -4.45
C TYR F 60 -40.09 54.99 -5.71
N ALA F 61 -40.76 55.13 -6.89
CA ALA F 61 -40.11 55.50 -8.15
C ALA F 61 -39.49 56.88 -7.95
N ASP F 62 -38.25 57.10 -8.44
CA ASP F 62 -37.51 58.36 -8.27
C ASP F 62 -38.32 59.64 -8.55
N SER F 63 -39.26 59.57 -9.50
CA SER F 63 -40.16 60.66 -9.90
C SER F 63 -41.13 61.13 -8.79
N VAL F 64 -41.47 60.25 -7.83
CA VAL F 64 -42.40 60.55 -6.73
C VAL F 64 -41.79 60.51 -5.31
N LYS F 65 -40.49 60.16 -5.19
CA LYS F 65 -39.79 60.01 -3.91
C LYS F 65 -39.81 61.26 -3.05
N GLY F 66 -40.18 61.09 -1.78
CA GLY F 66 -40.28 62.16 -0.78
C GLY F 66 -41.60 62.91 -0.78
N ARG F 67 -42.46 62.62 -1.77
CA ARG F 67 -43.78 63.24 -1.96
C ARG F 67 -44.92 62.27 -1.58
N PHE F 68 -44.72 60.97 -1.85
CA PHE F 68 -45.69 59.90 -1.58
C PHE F 68 -45.17 59.03 -0.42
N THR F 69 -46.07 58.62 0.49
CA THR F 69 -45.70 57.79 1.63
C THR F 69 -46.71 56.66 1.84
N VAL F 70 -46.23 55.40 1.75
CA VAL F 70 -47.06 54.21 1.95
C VAL F 70 -47.00 53.72 3.39
N SER F 71 -48.18 53.49 3.98
CA SER F 71 -48.36 53.00 5.35
C SER F 71 -49.39 51.88 5.38
N ARG F 72 -49.41 51.09 6.47
CA ARG F 72 -50.39 50.02 6.62
C ARG F 72 -50.86 49.84 8.05
N ASP F 73 -52.05 49.25 8.19
CA ASP F 73 -52.60 48.89 9.49
C ASP F 73 -52.38 47.39 9.63
N SER F 74 -51.79 46.97 10.76
CA SER F 74 -51.47 45.60 11.13
C SER F 74 -52.67 44.63 11.00
N GLY F 75 -52.51 43.61 10.15
CA GLY F 75 -53.49 42.56 9.88
C GLY F 75 -54.71 43.01 9.10
N LYS F 76 -54.60 44.19 8.47
CA LYS F 76 -55.67 44.81 7.69
C LYS F 76 -55.70 44.37 6.23
N ASN F 77 -54.55 43.88 5.67
CA ASN F 77 -54.40 43.49 4.26
C ASN F 77 -54.65 44.74 3.38
N THR F 78 -54.42 45.94 3.95
CA THR F 78 -54.66 47.24 3.34
C THR F 78 -53.46 48.18 3.45
N VAL F 79 -53.08 48.78 2.30
CA VAL F 79 -52.00 49.75 2.17
C VAL F 79 -52.58 51.15 1.93
N TYR F 80 -52.32 52.08 2.87
CA TYR F 80 -52.78 53.46 2.80
C TYR F 80 -51.64 54.39 2.35
N LEU F 81 -51.82 55.04 1.18
CA LEU F 81 -50.84 55.95 0.57
C LEU F 81 -51.30 57.42 0.60
N GLN F 82 -50.50 58.29 1.26
CA GLN F 82 -50.75 59.72 1.34
C GLN F 82 -49.83 60.43 0.35
N MET F 83 -50.42 61.18 -0.60
CA MET F 83 -49.69 61.92 -1.64
C MET F 83 -49.68 63.42 -1.31
N ASN F 84 -48.50 63.96 -0.93
CA ASN F 84 -48.31 65.36 -0.57
C ASN F 84 -47.68 66.16 -1.72
N SER F 85 -48.19 67.38 -1.97
CA SER F 85 -47.77 68.32 -3.03
C SER F 85 -47.85 67.72 -4.46
N LEU F 86 -49.08 67.37 -4.87
CA LEU F 86 -49.41 66.77 -6.16
C LEU F 86 -49.08 67.69 -7.35
N LYS F 87 -47.91 67.48 -7.95
CA LYS F 87 -47.37 68.22 -9.11
C LYS F 87 -48.19 67.97 -10.40
N PRO F 88 -47.97 68.72 -11.52
CA PRO F 88 -48.74 68.41 -12.75
C PRO F 88 -48.30 67.08 -13.37
N GLU F 89 -49.04 66.60 -14.40
CA GLU F 89 -48.82 65.33 -15.09
C GLU F 89 -48.74 64.07 -14.20
N ASP F 90 -49.30 64.18 -12.97
CA ASP F 90 -49.45 63.10 -11.99
C ASP F 90 -50.88 62.58 -12.12
N THR F 91 -51.64 63.24 -13.01
CA THR F 91 -53.02 62.96 -13.39
C THR F 91 -53.01 61.67 -14.23
N ALA F 92 -53.41 60.53 -13.59
CA ALA F 92 -53.43 59.20 -14.19
C ALA F 92 -54.40 58.24 -13.47
N ILE F 93 -54.65 57.07 -14.09
CA ILE F 93 -55.53 56.02 -13.56
C ILE F 93 -54.68 55.06 -12.69
N TYR F 94 -54.85 55.18 -11.36
CA TYR F 94 -54.13 54.41 -10.34
C TYR F 94 -54.75 53.02 -10.16
N TYR F 95 -54.07 51.96 -10.66
CA TYR F 95 -54.56 50.59 -10.55
C TYR F 95 -53.90 49.86 -9.39
N CYS F 96 -54.68 49.11 -8.60
CA CYS F 96 -54.12 48.35 -7.47
C CYS F 96 -53.41 47.09 -7.93
N ALA F 97 -52.28 46.82 -7.27
CA ALA F 97 -51.39 45.69 -7.51
C ALA F 97 -51.30 44.79 -6.28
N ALA F 98 -51.44 43.48 -6.49
CA ALA F 98 -51.36 42.47 -5.45
C ALA F 98 -50.59 41.28 -6.00
N ARG F 99 -49.45 40.94 -5.37
CA ARG F 99 -48.63 39.81 -5.80
C ARG F 99 -47.77 39.22 -4.71
N SER F 100 -47.48 37.91 -4.85
CA SER F 100 -46.58 37.15 -4.02
C SER F 100 -45.30 36.97 -4.84
N GLY F 101 -44.17 37.40 -4.29
CA GLY F 101 -42.88 37.29 -4.97
C GLY F 101 -42.07 38.56 -5.10
N GLY F 102 -42.48 39.61 -4.40
CA GLY F 102 -41.80 40.90 -4.39
C GLY F 102 -42.21 41.86 -5.49
N PHE F 103 -41.47 42.98 -5.61
CA PHE F 103 -41.71 44.04 -6.59
C PHE F 103 -41.36 43.59 -8.01
N SER F 104 -42.14 44.03 -9.00
CA SER F 104 -41.90 43.76 -10.43
C SER F 104 -42.56 44.82 -11.30
N SER F 105 -41.88 45.18 -12.40
CA SER F 105 -42.37 46.16 -13.37
C SER F 105 -43.37 45.50 -14.33
N ASN F 106 -43.23 44.17 -14.52
CA ASN F 106 -44.08 43.38 -15.40
C ASN F 106 -45.44 43.12 -14.75
N ARG F 107 -46.52 43.71 -15.33
CA ARG F 107 -47.88 43.55 -14.82
C ARG F 107 -48.55 42.28 -15.35
N GLU F 108 -48.09 41.81 -16.54
CA GLU F 108 -48.53 40.60 -17.26
C GLU F 108 -48.61 39.40 -16.30
N LEU F 109 -47.73 39.36 -15.29
CA LEU F 109 -47.66 38.35 -14.24
C LEU F 109 -47.84 38.97 -12.85
N TYR F 110 -49.10 39.17 -12.46
CA TYR F 110 -49.53 39.73 -11.18
C TYR F 110 -50.77 38.99 -10.69
N ASP F 111 -50.79 38.62 -9.40
CA ASP F 111 -51.89 37.88 -8.76
C ASP F 111 -53.22 38.64 -8.73
N GLY F 112 -53.16 39.91 -8.34
CA GLY F 112 -54.33 40.78 -8.24
C GLY F 112 -54.21 42.08 -9.00
N TRP F 113 -55.29 42.48 -9.66
CA TRP F 113 -55.37 43.71 -10.44
C TRP F 113 -56.59 44.53 -9.98
N GLY F 114 -56.38 45.84 -9.80
CA GLY F 114 -57.41 46.77 -9.35
C GLY F 114 -58.18 47.45 -10.46
N GLN F 115 -59.46 47.80 -10.17
CA GLN F 115 -60.39 48.45 -11.10
C GLN F 115 -59.90 49.80 -11.61
N GLY F 116 -59.43 50.65 -10.69
CA GLY F 116 -58.91 51.97 -10.99
C GLY F 116 -59.49 53.07 -10.12
N THR F 117 -58.62 53.97 -9.64
CA THR F 117 -58.96 55.13 -8.81
C THR F 117 -58.34 56.42 -9.38
N GLN F 118 -59.09 57.06 -10.30
CA GLN F 118 -58.72 58.28 -11.04
C GLN F 118 -58.48 59.48 -10.13
N VAL F 119 -57.28 60.09 -10.24
CA VAL F 119 -56.88 61.27 -9.47
C VAL F 119 -56.53 62.39 -10.48
N THR F 120 -57.49 63.32 -10.69
CA THR F 120 -57.35 64.45 -11.60
C THR F 120 -57.03 65.73 -10.82
N VAL F 121 -55.76 66.17 -10.92
CA VAL F 121 -55.20 67.33 -10.22
C VAL F 121 -54.87 68.50 -11.17
N SER F 122 -55.45 69.70 -10.89
CA SER F 122 -55.27 70.92 -11.69
C SER F 122 -54.35 71.94 -10.99
N SER F 123 -54.23 73.16 -11.56
CA SER F 123 -53.40 74.25 -11.03
C SER F 123 -54.20 75.57 -10.95
N THR G 1 -9.07 -9.41 -28.71
CA THR G 1 -8.49 -10.68 -29.12
C THR G 1 -6.96 -10.60 -29.05
N ILE G 2 -6.33 -11.67 -28.52
CA ILE G 2 -4.86 -11.77 -28.52
C ILE G 2 -4.46 -12.90 -29.50
N LYS G 3 -3.62 -12.58 -30.50
CA LYS G 3 -3.14 -13.53 -31.49
C LYS G 3 -1.69 -13.84 -31.14
N ASN G 4 -1.42 -15.10 -30.75
CA ASN G 4 -0.09 -15.53 -30.32
C ASN G 4 0.71 -16.15 -31.42
N PHE G 5 2.03 -15.89 -31.44
CA PHE G 5 2.91 -16.39 -32.47
C PHE G 5 4.07 -17.16 -31.96
N THR G 6 4.96 -16.56 -31.12
CA THR G 6 6.17 -17.22 -30.59
C THR G 6 5.86 -18.17 -29.46
N PHE G 7 4.94 -19.12 -29.72
CA PHE G 7 4.45 -20.08 -28.72
C PHE G 7 4.27 -21.42 -29.38
N PHE G 8 4.48 -22.49 -28.61
CA PHE G 8 4.38 -23.84 -29.14
C PHE G 8 2.93 -24.25 -29.41
N SER G 9 2.73 -25.00 -30.51
CA SER G 9 1.42 -25.43 -30.95
C SER G 9 1.32 -26.91 -30.54
N PRO G 10 0.60 -27.20 -29.41
CA PRO G 10 0.48 -28.61 -28.94
C PRO G 10 0.03 -29.63 -29.98
N ASN G 11 -0.87 -29.23 -30.89
CA ASN G 11 -1.38 -30.10 -31.94
C ASN G 11 -0.94 -29.66 -33.31
N SER G 12 0.20 -28.95 -33.38
CA SER G 12 0.86 -28.42 -34.58
C SER G 12 0.02 -27.45 -35.42
N THR G 13 -1.14 -27.00 -34.91
CA THR G 13 -2.07 -26.14 -35.66
C THR G 13 -2.49 -24.83 -34.98
N GLU G 14 -2.31 -24.72 -33.68
CA GLU G 14 -2.75 -23.58 -32.86
C GLU G 14 -2.26 -22.19 -33.27
N PHE G 15 -0.92 -22.02 -33.39
CA PHE G 15 -0.34 -20.71 -33.67
C PHE G 15 0.51 -20.64 -34.94
N PRO G 16 -0.12 -20.66 -36.15
CA PRO G 16 0.69 -20.54 -37.38
C PRO G 16 1.30 -19.16 -37.53
N VAL G 17 2.57 -19.10 -37.97
CA VAL G 17 3.19 -17.79 -38.09
C VAL G 17 3.22 -17.33 -39.54
N GLY G 18 2.51 -16.23 -39.81
CA GLY G 18 2.47 -15.64 -41.14
C GLY G 18 3.69 -14.83 -41.48
N SER G 19 3.92 -14.60 -42.78
CA SER G 19 5.04 -13.79 -43.25
C SER G 19 4.93 -12.33 -42.78
N ASN G 20 3.67 -11.82 -42.66
CA ASN G 20 3.44 -10.46 -42.18
C ASN G 20 3.70 -10.33 -40.69
N ASN G 21 3.46 -11.41 -39.92
CA ASN G 21 3.69 -11.43 -38.47
C ASN G 21 5.18 -11.42 -38.20
N ASP G 22 5.94 -12.19 -38.99
CA ASP G 22 7.38 -12.19 -38.88
C ASP G 22 7.96 -10.85 -39.37
N GLY G 23 7.38 -10.31 -40.44
CA GLY G 23 7.76 -8.98 -40.95
C GLY G 23 7.71 -7.95 -39.84
N LYS G 24 6.55 -7.84 -39.13
CA LYS G 24 6.37 -6.91 -37.99
C LYS G 24 7.33 -7.20 -36.84
N LEU G 25 7.52 -8.49 -36.51
CA LEU G 25 8.46 -8.90 -35.48
C LEU G 25 9.88 -8.41 -35.82
N TYR G 26 10.34 -8.66 -37.05
CA TYR G 26 11.67 -8.24 -37.49
C TYR G 26 11.86 -6.74 -37.46
N MET G 27 10.84 -5.98 -37.91
CA MET G 27 10.85 -4.51 -37.86
C MET G 27 11.04 -4.04 -36.42
N MET G 28 10.33 -4.69 -35.48
CA MET G 28 10.42 -4.32 -34.06
C MET G 28 11.75 -4.65 -33.43
N LEU G 29 12.34 -5.80 -33.76
CA LEU G 29 13.65 -6.22 -33.24
C LEU G 29 14.76 -5.24 -33.65
N THR G 30 14.75 -4.82 -34.93
CA THR G 30 15.79 -3.94 -35.47
C THR G 30 15.54 -2.44 -35.27
N GLY G 31 14.29 -2.09 -34.94
CA GLY G 31 13.91 -0.69 -34.77
C GLY G 31 13.83 0.04 -36.10
N MET G 32 13.10 -0.52 -37.07
CA MET G 32 12.88 0.09 -38.37
C MET G 32 11.38 0.34 -38.61
N ASP G 33 11.07 1.40 -39.34
CA ASP G 33 9.68 1.70 -39.74
C ASP G 33 9.58 1.36 -41.23
N TYR G 34 8.47 1.72 -41.87
CA TYR G 34 8.29 1.41 -43.28
C TYR G 34 9.03 2.36 -44.19
N ARG G 35 9.73 3.36 -43.63
CA ARG G 35 10.43 4.38 -44.42
C ARG G 35 11.94 4.22 -44.48
N THR G 36 12.44 3.08 -44.03
CA THR G 36 13.86 2.76 -44.04
C THR G 36 14.05 1.31 -44.48
N ILE G 37 15.31 0.88 -44.56
CA ILE G 37 15.67 -0.48 -44.93
C ILE G 37 16.82 -0.95 -44.08
N ARG G 38 17.13 -2.23 -44.24
CA ARG G 38 18.36 -2.87 -43.79
C ARG G 38 18.89 -3.36 -45.12
N ARG G 39 20.14 -3.08 -45.40
CA ARG G 39 20.73 -3.40 -46.68
C ARG G 39 22.18 -3.78 -46.49
N LYS G 40 22.62 -4.82 -47.19
CA LYS G 40 24.01 -5.25 -47.14
C LYS G 40 24.45 -5.73 -48.49
N ASP G 41 25.51 -5.09 -49.03
CA ASP G 41 26.13 -5.53 -50.28
C ASP G 41 27.17 -6.55 -49.89
N TRP G 42 26.87 -7.86 -50.04
CA TRP G 42 27.84 -8.92 -49.72
C TRP G 42 28.99 -8.90 -50.72
N SER G 43 28.70 -8.51 -51.96
CA SER G 43 29.64 -8.21 -53.03
C SER G 43 29.24 -6.87 -53.65
N SER G 44 30.21 -6.15 -54.21
CA SER G 44 29.96 -4.83 -54.77
C SER G 44 29.05 -4.83 -55.96
N PRO G 45 28.05 -3.91 -56.00
CA PRO G 45 27.27 -3.75 -57.26
C PRO G 45 28.20 -3.24 -58.37
N LEU G 46 27.89 -3.60 -59.62
CA LEU G 46 28.70 -3.23 -60.78
C LEU G 46 27.98 -2.26 -61.71
N ASN G 47 28.65 -1.15 -62.05
CA ASN G 47 28.10 -0.14 -62.96
C ASN G 47 28.64 -0.36 -64.36
N THR G 48 27.74 -0.48 -65.34
CA THR G 48 28.09 -0.63 -66.76
C THR G 48 27.14 0.21 -67.55
N ALA G 49 27.68 1.26 -68.22
CA ALA G 49 26.90 2.25 -68.97
C ALA G 49 25.82 2.81 -68.03
N LEU G 50 24.57 2.95 -68.50
CA LEU G 50 23.49 3.48 -67.66
C LEU G 50 22.73 2.35 -66.98
N ASN G 51 23.47 1.53 -66.20
CA ASN G 51 22.94 0.39 -65.46
C ASN G 51 23.73 0.15 -64.18
N VAL G 52 23.03 -0.35 -63.14
CA VAL G 52 23.64 -0.80 -61.88
C VAL G 52 23.25 -2.26 -61.68
N GLN G 53 24.24 -3.15 -61.54
CA GLN G 53 23.97 -4.57 -61.32
C GLN G 53 24.24 -4.90 -59.87
N TYR G 54 23.19 -5.25 -59.10
CA TYR G 54 23.35 -5.70 -57.72
C TYR G 54 23.74 -7.16 -57.79
N THR G 55 25.01 -7.44 -57.47
CA THR G 55 25.60 -8.78 -57.59
C THR G 55 25.12 -9.72 -56.49
N ASN G 56 25.17 -9.25 -55.25
CA ASN G 56 24.70 -9.98 -54.09
C ASN G 56 24.41 -8.99 -52.97
N THR G 57 23.19 -8.47 -52.96
CA THR G 57 22.72 -7.51 -51.97
C THR G 57 21.50 -8.08 -51.27
N SER G 58 21.50 -8.09 -49.93
CA SER G 58 20.32 -8.49 -49.16
C SER G 58 19.63 -7.22 -48.71
N ILE G 59 18.30 -7.23 -48.71
CA ILE G 59 17.51 -6.08 -48.28
C ILE G 59 16.39 -6.57 -47.38
N ILE G 60 16.11 -5.79 -46.34
CA ILE G 60 14.96 -5.95 -45.47
C ILE G 60 14.13 -4.67 -45.66
N ALA G 61 12.93 -4.81 -46.19
CA ALA G 61 12.02 -3.70 -46.41
C ALA G 61 10.67 -4.13 -45.85
N GLY G 62 10.13 -3.35 -44.91
CA GLY G 62 8.88 -3.69 -44.24
C GLY G 62 8.98 -5.02 -43.52
N GLY G 63 10.19 -5.33 -43.00
CA GLY G 63 10.49 -6.57 -42.30
C GLY G 63 10.56 -7.79 -43.18
N ARG G 64 10.51 -7.60 -44.52
CA ARG G 64 10.56 -8.67 -45.52
C ARG G 64 11.96 -8.76 -46.09
N TYR G 65 12.54 -9.96 -46.00
CA TYR G 65 13.89 -10.24 -46.46
C TYR G 65 13.88 -10.81 -47.87
N PHE G 66 14.75 -10.25 -48.68
CA PHE G 66 14.95 -10.71 -50.05
C PHE G 66 16.38 -10.44 -50.47
N GLU G 67 16.80 -11.11 -51.55
CA GLU G 67 18.15 -11.01 -52.09
C GLU G 67 18.16 -10.61 -53.55
N LEU G 68 19.06 -9.69 -53.90
CA LEU G 68 19.26 -9.22 -55.28
C LEU G 68 20.51 -9.94 -55.74
N LEU G 69 20.32 -10.91 -56.64
CA LEU G 69 21.40 -11.75 -57.16
C LEU G 69 21.51 -11.51 -58.64
N ASN G 70 22.52 -10.73 -59.05
CA ASN G 70 22.76 -10.27 -60.43
C ASN G 70 21.49 -9.66 -61.01
N GLU G 71 21.01 -8.64 -60.28
CA GLU G 71 19.78 -7.92 -60.62
C GLU G 71 20.18 -6.55 -61.13
N THR G 72 19.93 -6.30 -62.44
CA THR G 72 20.28 -5.05 -63.08
C THR G 72 19.13 -4.05 -63.12
N VAL G 73 19.43 -2.77 -62.79
CA VAL G 73 18.49 -1.66 -62.86
C VAL G 73 18.97 -0.69 -63.95
N ALA G 74 18.13 -0.44 -64.97
CA ALA G 74 18.45 0.53 -66.03
C ALA G 74 18.21 1.94 -65.49
N LEU G 75 19.16 2.85 -65.79
CA LEU G 75 19.16 4.24 -65.30
C LEU G 75 18.89 5.29 -66.38
N LYS G 76 18.38 6.43 -65.92
CA LYS G 76 18.12 7.61 -66.74
C LYS G 76 19.46 8.37 -66.79
N GLY G 77 19.86 8.83 -67.98
CA GLY G 77 21.09 9.57 -68.18
C GLY G 77 20.98 10.99 -67.65
N ASP G 78 22.14 11.59 -67.25
CA ASP G 78 22.28 12.96 -66.72
C ASP G 78 21.20 13.24 -65.67
N SER G 79 21.07 12.32 -64.72
CA SER G 79 20.02 12.37 -63.73
C SER G 79 20.45 11.78 -62.41
N VAL G 80 19.69 12.13 -61.36
CA VAL G 80 19.83 11.55 -60.03
C VAL G 80 18.73 10.49 -59.99
N ASN G 81 19.14 9.20 -59.97
CA ASN G 81 18.21 8.07 -59.95
C ASN G 81 18.01 7.56 -58.55
N TYR G 82 16.75 7.53 -58.12
CA TYR G 82 16.38 7.03 -56.80
C TYR G 82 15.94 5.58 -56.97
N ILE G 83 16.78 4.64 -56.46
CA ILE G 83 16.53 3.20 -56.59
C ILE G 83 15.60 2.76 -55.48
N HIS G 84 14.46 2.21 -55.86
CA HIS G 84 13.44 1.75 -54.94
C HIS G 84 13.26 0.25 -54.95
N ALA G 85 12.90 -0.30 -53.78
CA ALA G 85 12.47 -1.68 -53.61
C ALA G 85 10.95 -1.51 -53.45
N ASN G 86 10.20 -2.18 -54.31
CA ASN G 86 8.75 -2.08 -54.30
C ASN G 86 8.17 -3.42 -53.97
N ILE G 87 7.31 -3.47 -52.98
CA ILE G 87 6.67 -4.69 -52.57
C ILE G 87 5.16 -4.64 -52.80
N ASP G 88 4.67 -5.49 -53.71
CA ASP G 88 3.23 -5.59 -54.02
C ASP G 88 2.84 -7.03 -53.78
N LEU G 89 2.19 -7.27 -52.66
CA LEU G 89 1.81 -8.62 -52.23
C LEU G 89 0.78 -9.30 -53.14
N THR G 90 0.08 -8.53 -53.99
CA THR G 90 -0.91 -9.06 -54.93
C THR G 90 -0.22 -9.71 -56.14
N GLN G 91 1.03 -9.33 -56.41
CA GLN G 91 1.85 -9.92 -57.47
C GLN G 91 2.47 -11.16 -56.83
N THR G 92 1.65 -12.18 -56.59
CA THR G 92 2.03 -13.38 -55.80
C THR G 92 3.28 -14.11 -56.22
N ALA G 93 3.52 -14.20 -57.54
CA ALA G 93 4.69 -14.89 -58.10
C ALA G 93 6.00 -14.10 -57.89
N ASN G 94 5.92 -12.76 -58.04
CA ASN G 94 7.04 -11.83 -57.97
C ASN G 94 6.65 -10.59 -57.15
N PRO G 95 6.56 -10.70 -55.80
CA PRO G 95 6.07 -9.55 -55.01
C PRO G 95 7.03 -8.38 -54.93
N VAL G 96 8.33 -8.61 -55.22
CA VAL G 96 9.36 -7.59 -55.13
C VAL G 96 9.90 -7.22 -56.49
N SER G 97 10.07 -5.90 -56.72
CA SER G 97 10.66 -5.35 -57.93
C SER G 97 11.49 -4.12 -57.59
N LEU G 98 12.43 -3.78 -58.46
CA LEU G 98 13.25 -2.58 -58.30
C LEU G 98 12.89 -1.58 -59.39
N SER G 99 12.99 -0.29 -59.06
CA SER G 99 12.74 0.80 -60.01
C SER G 99 13.74 1.92 -59.83
N ALA G 100 14.04 2.66 -60.92
CA ALA G 100 14.92 3.84 -60.88
C ALA G 100 13.96 5.01 -61.15
N GLU G 101 13.82 5.92 -60.16
CA GLU G 101 12.86 7.01 -60.22
C GLU G 101 13.47 8.40 -60.09
N THR G 102 12.72 9.41 -60.53
CA THR G 102 13.16 10.80 -60.55
C THR G 102 13.19 11.50 -59.19
N ALA G 103 12.55 10.89 -58.18
CA ALA G 103 12.46 11.43 -56.84
C ALA G 103 12.42 10.31 -55.82
N ASN G 104 12.64 10.66 -54.52
CA ASN G 104 12.53 9.68 -53.46
C ASN G 104 11.02 9.58 -53.20
N ASN G 105 10.43 8.48 -53.67
CA ASN G 105 8.99 8.24 -53.60
C ASN G 105 8.60 7.22 -52.55
N SER G 106 9.44 7.07 -51.50
CA SER G 106 9.17 6.19 -50.36
C SER G 106 7.82 6.58 -49.79
N ASN G 107 6.92 5.61 -49.63
CA ASN G 107 5.54 5.90 -49.22
C ASN G 107 5.08 5.47 -47.84
N GLY G 108 5.94 4.74 -47.14
CA GLY G 108 5.69 4.24 -45.79
C GLY G 108 4.46 3.37 -45.65
N VAL G 109 4.01 2.72 -46.73
CA VAL G 109 2.80 1.88 -46.75
C VAL G 109 2.97 0.65 -45.88
N ASP G 110 2.04 0.46 -44.93
CA ASP G 110 2.03 -0.65 -44.01
C ASP G 110 1.52 -1.92 -44.71
N ILE G 111 2.45 -2.67 -45.32
CA ILE G 111 2.13 -3.91 -46.03
C ILE G 111 1.84 -5.10 -45.14
N ASN G 112 2.19 -5.00 -43.86
CA ASN G 112 1.99 -6.09 -42.93
C ASN G 112 0.64 -6.08 -42.26
N ASN G 113 -0.08 -4.92 -42.33
CA ASN G 113 -1.41 -4.76 -41.73
C ASN G 113 -2.50 -4.47 -42.74
N GLY G 114 -2.12 -3.96 -43.88
CA GLY G 114 -3.11 -3.62 -44.88
C GLY G 114 -2.68 -3.79 -46.31
N SER G 115 -3.51 -3.27 -47.22
CA SER G 115 -3.27 -3.34 -48.67
C SER G 115 -2.42 -2.15 -49.09
N GLY G 116 -1.89 -2.26 -50.31
CA GLY G 116 -1.06 -1.23 -50.89
C GLY G 116 0.30 -1.73 -51.26
N VAL G 117 1.01 -0.93 -52.06
CA VAL G 117 2.36 -1.22 -52.50
C VAL G 117 3.31 -0.45 -51.63
N LEU G 118 4.28 -1.13 -51.01
CA LEU G 118 5.31 -0.44 -50.25
C LEU G 118 6.41 -0.07 -51.21
N LYS G 119 6.80 1.21 -51.21
CA LYS G 119 7.90 1.70 -52.02
C LYS G 119 8.88 2.28 -51.05
N VAL G 120 10.14 1.85 -51.15
CA VAL G 120 11.17 2.35 -50.27
C VAL G 120 12.47 2.53 -51.03
N CYS G 121 13.01 3.74 -50.98
CA CYS G 121 14.26 4.07 -51.67
C CYS G 121 15.44 3.57 -50.82
N PHE G 122 16.42 2.89 -51.45
CA PHE G 122 17.59 2.39 -50.73
C PHE G 122 18.94 2.84 -51.33
N ASP G 123 18.93 3.36 -52.57
CA ASP G 123 20.16 3.81 -53.24
C ASP G 123 19.90 5.05 -54.08
N ILE G 124 20.92 5.90 -54.19
CA ILE G 124 20.87 7.11 -55.04
C ILE G 124 22.02 7.00 -56.03
N VAL G 125 21.70 6.86 -57.31
CA VAL G 125 22.71 6.70 -58.35
C VAL G 125 22.67 7.88 -59.30
N THR G 126 23.76 8.68 -59.33
CA THR G 126 23.89 9.84 -60.19
C THR G 126 24.62 9.47 -61.47
N THR G 127 24.08 9.93 -62.61
CA THR G 127 24.65 9.61 -63.91
C THR G 127 25.09 10.83 -64.71
N SER G 128 25.94 10.57 -65.70
CA SER G 128 26.32 11.53 -66.73
C SER G 128 25.46 11.05 -67.94
N GLY G 129 25.83 11.48 -69.13
CA GLY G 129 25.14 11.03 -70.32
C GLY G 129 25.58 9.64 -70.74
N THR G 130 26.69 9.13 -70.16
CA THR G 130 27.32 7.85 -70.53
C THR G 130 27.31 6.74 -69.47
N GLY G 131 27.28 7.12 -68.20
CA GLY G 131 27.33 6.15 -67.12
C GLY G 131 27.19 6.75 -65.73
N VAL G 132 27.46 5.93 -64.71
CA VAL G 132 27.36 6.30 -63.31
C VAL G 132 28.57 7.15 -62.90
N THR G 133 28.30 8.31 -62.29
CA THR G 133 29.34 9.21 -61.77
C THR G 133 29.53 9.03 -60.26
N SER G 134 28.42 8.77 -59.53
CA SER G 134 28.47 8.53 -58.08
C SER G 134 27.28 7.73 -57.59
N THR G 135 27.46 7.03 -56.46
CA THR G 135 26.43 6.27 -55.78
C THR G 135 26.50 6.61 -54.31
N LYS G 136 25.34 6.83 -53.73
CA LYS G 136 25.20 7.14 -52.32
C LYS G 136 24.06 6.25 -51.80
N PRO G 137 24.32 5.44 -50.75
CA PRO G 137 23.22 4.65 -50.18
C PRO G 137 22.30 5.52 -49.33
N ILE G 138 21.06 5.08 -49.18
CA ILE G 138 20.10 5.71 -48.28
C ILE G 138 20.49 5.19 -46.89
N VAL G 139 20.41 6.06 -45.91
CA VAL G 139 20.71 5.77 -44.51
C VAL G 139 19.75 4.70 -43.97
N GLN G 140 20.30 3.78 -43.18
CA GLN G 140 19.54 2.74 -42.50
C GLN G 140 19.29 3.29 -41.09
N THR G 141 18.03 3.64 -40.80
CA THR G 141 17.66 4.23 -39.52
C THR G 141 17.30 3.20 -38.48
N SER G 142 17.89 3.32 -37.29
CA SER G 142 17.59 2.51 -36.12
C SER G 142 16.89 3.44 -35.14
N THR G 143 15.59 3.25 -34.93
CA THR G 143 14.83 4.07 -34.01
C THR G 143 14.75 3.33 -32.66
N LEU G 144 15.51 3.82 -31.69
CA LEU G 144 15.58 3.22 -30.35
C LEU G 144 15.09 4.17 -29.27
N ASP G 145 14.75 3.62 -28.09
CA ASP G 145 14.21 4.45 -27.02
C ASP G 145 15.29 4.79 -25.99
N SER G 146 15.58 3.89 -25.06
CA SER G 146 16.62 4.10 -24.06
C SER G 146 17.73 3.08 -24.28
N ILE G 147 18.99 3.53 -24.43
CA ILE G 147 20.15 2.68 -24.73
C ILE G 147 21.11 2.64 -23.56
N SER G 148 21.60 1.47 -23.26
CA SER G 148 22.66 1.22 -22.30
C SER G 148 23.83 0.69 -23.16
N VAL G 149 24.95 1.41 -23.19
CA VAL G 149 26.11 1.03 -24.00
C VAL G 149 27.42 1.07 -23.21
N ASN G 150 28.41 0.25 -23.59
CA ASN G 150 29.72 0.27 -22.95
C ASN G 150 30.62 1.24 -23.70
N ASP G 151 30.81 1.06 -24.99
CA ASP G 151 31.63 1.96 -25.81
C ASP G 151 30.95 2.30 -27.11
N MET G 152 31.20 3.53 -27.60
CA MET G 152 30.62 3.98 -28.85
C MET G 152 31.62 4.71 -29.70
N THR G 153 31.63 4.44 -31.01
CA THR G 153 32.47 5.17 -31.96
C THR G 153 31.55 5.82 -32.98
N VAL G 154 31.66 7.15 -33.13
CA VAL G 154 30.86 7.95 -34.05
C VAL G 154 31.77 8.45 -35.15
N SER G 155 31.42 8.18 -36.41
CA SER G 155 32.23 8.63 -37.54
C SER G 155 31.74 10.00 -38.06
N GLY G 156 30.44 10.26 -37.88
CA GLY G 156 29.80 11.50 -38.28
C GLY G 156 29.67 12.43 -37.11
N SER G 157 28.45 12.68 -36.65
CA SER G 157 28.21 13.54 -35.50
C SER G 157 27.04 13.07 -34.64
N ILE G 158 27.04 13.50 -33.37
CA ILE G 158 25.93 13.24 -32.46
C ILE G 158 25.22 14.58 -32.32
N ASP G 159 23.92 14.58 -32.56
CA ASP G 159 23.09 15.75 -32.36
C ASP G 159 22.39 15.61 -31.00
N VAL G 160 22.72 16.50 -30.05
CA VAL G 160 22.12 16.48 -28.72
C VAL G 160 21.21 17.70 -28.54
N PRO G 161 20.24 17.67 -27.59
CA PRO G 161 19.37 18.83 -27.40
C PRO G 161 20.13 20.07 -26.95
N VAL G 162 19.65 21.23 -27.44
CA VAL G 162 20.21 22.54 -27.13
C VAL G 162 19.10 23.43 -26.57
N GLN G 163 19.39 24.06 -25.42
CA GLN G 163 18.48 25.01 -24.78
C GLN G 163 19.24 26.32 -24.61
N THR G 164 18.55 27.45 -24.83
CA THR G 164 19.17 28.77 -24.70
C THR G 164 18.40 29.64 -23.70
N LEU G 165 19.10 30.58 -23.07
CA LEU G 165 18.54 31.50 -22.10
C LEU G 165 19.33 32.80 -22.11
N THR G 166 18.61 33.94 -22.12
CA THR G 166 19.22 35.26 -21.98
C THR G 166 18.83 35.78 -20.60
N VAL G 167 19.84 36.17 -19.81
CA VAL G 167 19.62 36.67 -18.46
C VAL G 167 20.03 38.12 -18.38
N GLU G 168 19.10 38.98 -17.93
CA GLU G 168 19.42 40.38 -17.64
C GLU G 168 19.80 40.34 -16.16
N ALA G 169 21.09 40.05 -15.89
CA ALA G 169 21.65 39.82 -14.56
C ALA G 169 21.56 41.00 -13.61
N GLY G 170 21.39 42.18 -14.19
CA GLY G 170 21.34 43.43 -13.47
C GLY G 170 22.64 44.18 -13.67
N ASN G 171 22.62 45.48 -13.35
CA ASN G 171 23.77 46.37 -13.47
C ASN G 171 24.28 46.52 -14.90
N GLY G 172 23.44 46.19 -15.88
CA GLY G 172 23.76 46.28 -17.29
C GLY G 172 24.37 45.03 -17.90
N LEU G 173 24.69 44.02 -17.06
CA LEU G 173 25.26 42.76 -17.52
C LEU G 173 24.19 41.86 -18.10
N GLN G 174 24.48 41.32 -19.28
CA GLN G 174 23.61 40.41 -20.03
C GLN G 174 24.38 39.09 -20.28
N LEU G 175 23.80 37.94 -19.87
CA LEU G 175 24.40 36.61 -20.11
C LEU G 175 23.55 35.91 -21.15
N GLN G 176 24.20 35.28 -22.14
CA GLN G 176 23.52 34.47 -23.12
C GLN G 176 24.07 33.07 -22.90
N LEU G 177 23.24 32.20 -22.32
CA LEU G 177 23.62 30.83 -21.96
C LEU G 177 23.11 29.84 -22.97
N THR G 178 23.99 28.90 -23.39
CA THR G 178 23.64 27.82 -24.29
C THR G 178 24.00 26.53 -23.58
N LYS G 179 23.01 25.67 -23.36
CA LYS G 179 23.18 24.39 -22.68
C LYS G 179 22.99 23.26 -23.68
N LYS G 180 23.95 22.33 -23.71
CA LYS G 180 23.87 21.17 -24.60
C LYS G 180 23.90 19.90 -23.79
N ASN G 181 23.08 18.92 -24.17
CA ASN G 181 22.95 17.63 -23.48
C ASN G 181 22.46 17.81 -22.03
N ASN G 182 21.93 18.99 -21.71
CA ASN G 182 21.41 19.30 -20.38
C ASN G 182 22.56 19.35 -19.38
N ASP G 183 23.80 19.41 -19.87
CA ASP G 183 24.94 19.44 -18.97
C ASP G 183 25.96 20.56 -19.24
N LEU G 184 26.48 20.65 -20.47
CA LEU G 184 27.49 21.64 -20.83
C LEU G 184 26.92 23.03 -21.17
N VAL G 185 27.25 24.02 -20.35
CA VAL G 185 26.80 25.38 -20.59
C VAL G 185 27.99 26.26 -21.00
N ILE G 186 27.78 27.08 -22.05
CA ILE G 186 28.73 28.10 -22.46
C ILE G 186 27.98 29.40 -22.30
N VAL G 187 28.53 30.29 -21.46
CA VAL G 187 27.99 31.62 -21.17
C VAL G 187 28.74 32.63 -22.00
N ARG G 188 28.01 33.48 -22.73
CA ARG G 188 28.58 34.57 -23.52
C ARG G 188 28.16 35.86 -22.86
N PHE G 189 29.13 36.70 -22.46
CA PHE G 189 28.83 37.96 -21.81
C PHE G 189 28.55 39.06 -22.81
N PHE G 190 27.56 39.88 -22.50
CA PHE G 190 27.17 41.06 -23.27
C PHE G 190 26.79 42.19 -22.33
N GLY G 191 26.45 43.34 -22.91
CA GLY G 191 26.07 44.52 -22.14
C GLY G 191 27.26 45.29 -21.63
N SER G 192 27.02 46.15 -20.63
CA SER G 192 28.02 47.02 -20.01
C SER G 192 27.66 47.19 -18.55
N VAL G 193 28.62 46.93 -17.66
CA VAL G 193 28.40 46.96 -16.21
C VAL G 193 28.74 48.31 -15.55
N SER G 194 27.91 48.72 -14.56
CA SER G 194 28.05 49.92 -13.76
C SER G 194 27.37 49.75 -12.39
N ASN G 195 27.78 50.56 -11.40
CA ASN G 195 27.19 50.61 -10.06
C ASN G 195 27.14 49.27 -9.33
N ILE G 196 28.29 48.62 -9.19
CA ILE G 196 28.39 47.34 -8.52
C ILE G 196 29.65 47.26 -7.66
N GLN G 197 29.59 46.52 -6.54
CA GLN G 197 30.73 46.32 -5.66
C GLN G 197 31.09 44.86 -5.60
N LYS G 198 32.37 44.56 -5.34
CA LYS G 198 32.87 43.19 -5.20
C LYS G 198 32.14 42.47 -4.07
N GLY G 199 31.72 41.24 -4.32
CA GLY G 199 30.99 40.42 -3.37
C GLY G 199 29.50 40.63 -3.34
N TRP G 200 29.03 41.64 -4.07
CA TRP G 200 27.61 41.96 -4.14
C TRP G 200 26.88 41.15 -5.17
N ASN G 201 25.66 40.76 -4.82
CA ASN G 201 24.72 40.04 -5.67
C ASN G 201 24.24 41.06 -6.72
N MET G 202 24.19 40.66 -7.98
CA MET G 202 23.73 41.54 -9.05
C MET G 202 22.25 41.81 -8.91
N SER G 203 21.84 43.02 -9.26
CA SER G 203 20.49 43.54 -9.03
C SER G 203 19.33 43.01 -9.88
N GLY G 204 19.63 42.17 -10.86
CA GLY G 204 18.60 41.68 -11.77
C GLY G 204 18.12 40.25 -11.58
N THR G 205 17.74 39.65 -12.70
CA THR G 205 17.17 38.31 -12.79
C THR G 205 18.17 37.22 -12.42
N TRP G 206 17.69 36.23 -11.65
CA TRP G 206 18.46 35.05 -11.29
C TRP G 206 18.35 34.03 -12.42
N VAL G 207 19.33 33.13 -12.50
CA VAL G 207 19.38 32.12 -13.55
C VAL G 207 18.23 31.13 -13.36
N ASP G 208 17.49 30.83 -14.45
CA ASP G 208 16.38 29.86 -14.44
C ASP G 208 16.87 28.49 -13.96
N ARG G 209 16.03 27.78 -13.21
CA ARG G 209 16.33 26.45 -12.65
C ARG G 209 17.06 25.49 -13.63
N PRO G 210 16.59 25.33 -14.91
CA PRO G 210 17.28 24.39 -15.83
C PRO G 210 18.73 24.69 -16.16
N PHE G 211 19.21 25.91 -15.89
CA PHE G 211 20.59 26.32 -16.15
C PHE G 211 21.43 26.44 -14.89
N ARG G 212 20.83 26.21 -13.71
CA ARG G 212 21.56 26.31 -12.45
C ARG G 212 22.52 25.13 -12.27
N PRO G 213 23.78 25.43 -11.87
CA PRO G 213 24.74 24.35 -11.63
C PRO G 213 24.55 23.69 -10.25
N ALA G 214 25.09 22.48 -10.07
CA ALA G 214 25.00 21.80 -8.77
C ALA G 214 25.97 22.43 -7.76
N ALA G 215 27.09 23.01 -8.26
CA ALA G 215 28.11 23.69 -7.47
C ALA G 215 28.40 25.06 -8.07
N VAL G 216 28.87 26.02 -7.24
CA VAL G 216 29.19 27.39 -7.67
C VAL G 216 30.18 27.41 -8.84
N GLN G 217 29.90 28.24 -9.84
CA GLN G 217 30.76 28.34 -11.01
C GLN G 217 31.27 29.76 -11.21
N SER G 218 32.60 29.93 -11.20
CA SER G 218 33.23 31.25 -11.40
C SER G 218 33.56 31.42 -12.87
N LEU G 219 32.95 32.42 -13.52
CA LEU G 219 33.15 32.64 -14.95
C LEU G 219 33.88 33.95 -15.22
N VAL G 220 35.06 33.85 -15.83
CA VAL G 220 35.94 34.98 -16.16
C VAL G 220 35.43 35.73 -17.38
N GLY G 221 35.39 37.04 -17.28
CA GLY G 221 35.01 37.93 -18.37
C GLY G 221 36.06 39.00 -18.61
N HIS G 222 35.93 39.74 -19.72
CA HIS G 222 36.89 40.77 -20.08
C HIS G 222 36.21 42.08 -20.42
N PHE G 223 36.87 43.21 -20.10
CA PHE G 223 36.36 44.54 -20.43
C PHE G 223 36.89 44.93 -21.79
N ALA G 224 35.99 45.08 -22.77
CA ALA G 224 36.33 45.39 -24.16
C ALA G 224 37.22 46.62 -24.31
N GLY G 225 38.34 46.44 -25.03
CA GLY G 225 39.33 47.46 -25.31
C GLY G 225 40.24 47.82 -24.15
N ARG G 226 40.21 47.01 -23.08
CA ARG G 226 40.99 47.24 -21.87
C ARG G 226 41.88 46.04 -21.53
N ASP G 227 42.78 46.21 -20.55
CA ASP G 227 43.69 45.17 -20.07
C ASP G 227 43.08 44.52 -18.81
N THR G 228 41.87 44.95 -18.44
CA THR G 228 41.17 44.56 -17.22
C THR G 228 40.15 43.45 -17.42
N SER G 229 39.93 42.68 -16.35
CA SER G 229 39.00 41.55 -16.36
C SER G 229 38.14 41.54 -15.11
N PHE G 230 37.15 40.64 -15.09
CA PHE G 230 36.25 40.45 -13.96
C PHE G 230 35.88 38.97 -13.93
N HIS G 231 35.15 38.56 -12.90
CA HIS G 231 34.52 37.26 -12.82
C HIS G 231 33.22 37.36 -12.07
N ILE G 232 32.29 36.48 -12.39
CA ILE G 232 31.00 36.39 -11.72
C ILE G 232 30.85 34.96 -11.23
N ASP G 233 30.11 34.77 -10.14
CA ASP G 233 29.81 33.44 -9.65
C ASP G 233 28.35 33.14 -9.90
N ILE G 234 28.06 32.03 -10.60
CA ILE G 234 26.70 31.56 -10.77
C ILE G 234 26.53 30.56 -9.63
N ASN G 235 25.71 30.92 -8.66
CA ASN G 235 25.49 30.08 -7.48
C ASN G 235 24.44 29.01 -7.74
N PRO G 236 24.48 27.85 -7.04
CA PRO G 236 23.44 26.82 -7.24
C PRO G 236 21.98 27.29 -7.07
N ASN G 237 21.75 28.37 -6.29
CA ASN G 237 20.41 28.93 -6.08
C ASN G 237 19.94 29.82 -7.25
N GLY G 238 20.83 30.08 -8.21
CA GLY G 238 20.52 30.90 -9.38
C GLY G 238 21.02 32.32 -9.31
N SER G 239 21.44 32.76 -8.11
CA SER G 239 21.96 34.12 -7.91
C SER G 239 23.32 34.30 -8.56
N ILE G 240 23.65 35.54 -8.91
CA ILE G 240 24.91 35.88 -9.54
C ILE G 240 25.65 36.90 -8.65
N THR G 241 26.87 36.55 -8.22
CA THR G 241 27.70 37.40 -7.39
C THR G 241 28.82 38.05 -8.23
N TRP G 242 28.97 39.38 -8.11
CA TRP G 242 30.01 40.13 -8.82
C TRP G 242 31.34 39.96 -8.11
N TRP G 243 32.36 39.57 -8.86
CA TRP G 243 33.69 39.42 -8.31
C TRP G 243 34.80 40.17 -9.03
N GLY G 244 34.41 41.19 -9.78
CA GLY G 244 35.36 42.11 -10.37
C GLY G 244 35.60 43.21 -9.36
N ALA G 245 36.34 44.26 -9.74
CA ALA G 245 36.56 45.41 -8.85
C ALA G 245 35.27 46.23 -8.78
N ASN G 246 35.20 47.20 -7.85
CA ASN G 246 34.03 48.07 -7.75
C ASN G 246 33.92 48.91 -9.02
N ILE G 247 32.71 48.92 -9.62
CA ILE G 247 32.45 49.68 -10.84
C ILE G 247 31.55 50.89 -10.50
N ASP G 248 31.94 52.08 -10.97
CA ASP G 248 31.22 53.32 -10.72
C ASP G 248 30.07 53.51 -11.73
N LYS G 249 29.53 54.69 -11.78
CA LYS G 249 28.44 55.16 -12.63
C LYS G 249 28.66 54.97 -14.14
N THR G 250 29.93 55.02 -14.61
CA THR G 250 30.25 54.86 -16.04
C THR G 250 30.28 53.40 -16.46
N PRO G 251 29.38 52.98 -17.37
CA PRO G 251 29.37 51.59 -17.81
C PRO G 251 30.59 51.20 -18.64
N ILE G 252 31.05 49.95 -18.46
CA ILE G 252 32.18 49.35 -19.18
C ILE G 252 31.68 48.10 -19.88
N ALA G 253 31.91 47.98 -21.22
CA ALA G 253 31.46 46.83 -22.02
C ALA G 253 32.10 45.51 -21.54
N THR G 254 31.25 44.50 -21.28
CA THR G 254 31.63 43.20 -20.76
C THR G 254 31.44 42.13 -21.81
N ARG G 255 32.50 41.36 -22.08
CA ARG G 255 32.46 40.28 -23.08
C ARG G 255 33.20 39.04 -22.58
N GLY G 256 33.07 37.94 -23.33
CA GLY G 256 33.79 36.71 -23.03
C GLY G 256 32.94 35.46 -22.92
N ASN G 257 33.58 34.31 -23.15
CA ASN G 257 32.97 32.99 -23.06
C ASN G 257 33.52 32.23 -21.86
N GLY G 258 32.61 31.69 -21.07
CA GLY G 258 32.92 30.86 -19.90
C GLY G 258 32.10 29.61 -19.94
N SER G 259 32.70 28.45 -19.59
CA SER G 259 31.97 27.18 -19.59
C SER G 259 31.87 26.56 -18.21
N TYR G 260 30.79 25.78 -18.01
CA TYR G 260 30.56 25.01 -16.80
C TYR G 260 29.70 23.78 -17.07
N PHE G 261 29.76 22.82 -16.15
CA PHE G 261 28.95 21.62 -16.15
C PHE G 261 27.84 21.82 -15.15
N ILE G 262 26.63 21.44 -15.52
CA ILE G 262 25.51 21.55 -14.59
C ILE G 262 25.55 20.38 -13.60
N LYS G 263 25.87 19.20 -14.10
CA LYS G 263 25.87 17.96 -13.34
C LYS G 263 27.24 17.58 -12.81
N SER G 264 27.23 17.02 -11.58
CA SER G 264 28.41 16.50 -10.91
C SER G 264 28.41 14.97 -11.15
N ALA G 265 29.32 14.23 -10.49
CA ALA G 265 29.38 12.77 -10.64
C ALA G 265 28.18 12.10 -9.96
N TRP G 266 27.66 11.03 -10.60
CA TRP G 266 26.54 10.18 -10.15
C TRP G 266 26.39 8.95 -11.06
N THR H 1 27.30 -30.10 -23.86
CA THR H 1 26.50 -30.32 -25.05
C THR H 1 26.17 -29.05 -25.84
N ILE H 2 26.15 -29.17 -27.18
CA ILE H 2 25.81 -28.04 -28.04
C ILE H 2 24.47 -28.31 -28.72
N LYS H 3 23.50 -27.40 -28.54
CA LYS H 3 22.18 -27.46 -29.15
C LYS H 3 22.10 -26.46 -30.28
N ASN H 4 22.03 -26.96 -31.52
CA ASN H 4 22.00 -26.13 -32.72
C ASN H 4 20.61 -25.85 -33.20
N PHE H 5 20.37 -24.64 -33.74
CA PHE H 5 19.04 -24.26 -34.23
C PHE H 5 19.02 -23.78 -35.67
N THR H 6 19.76 -22.70 -36.00
CA THR H 6 19.80 -22.12 -37.37
C THR H 6 20.68 -22.92 -38.33
N PHE H 7 20.39 -24.21 -38.46
CA PHE H 7 21.16 -25.15 -39.24
C PHE H 7 20.26 -26.18 -39.87
N PHE H 8 20.74 -26.71 -40.96
CA PHE H 8 20.18 -27.78 -41.76
C PHE H 8 19.98 -29.03 -40.90
N SER H 9 18.75 -29.57 -40.90
CA SER H 9 18.35 -30.80 -40.25
C SER H 9 18.05 -31.77 -41.43
N PRO H 10 19.08 -32.55 -41.88
CA PRO H 10 18.90 -33.44 -43.05
C PRO H 10 17.70 -34.38 -43.00
N ASN H 11 17.34 -34.84 -41.79
CA ASN H 11 16.21 -35.75 -41.63
C ASN H 11 14.96 -35.08 -41.08
N SER H 12 14.99 -33.74 -40.98
CA SER H 12 13.89 -32.96 -40.41
C SER H 12 13.54 -33.41 -38.96
N THR H 13 14.56 -33.87 -38.21
CA THR H 13 14.43 -34.31 -36.83
C THR H 13 15.50 -33.72 -35.93
N GLU H 14 16.64 -33.32 -36.52
CA GLU H 14 17.81 -32.85 -35.79
C GLU H 14 17.69 -31.57 -35.01
N PHE H 15 17.47 -30.45 -35.70
CA PHE H 15 17.49 -29.15 -35.05
C PHE H 15 16.15 -28.43 -35.09
N PRO H 16 15.05 -29.02 -34.54
CA PRO H 16 13.77 -28.30 -34.53
C PRO H 16 13.89 -27.03 -33.68
N VAL H 17 13.22 -25.96 -34.09
CA VAL H 17 13.35 -24.74 -33.32
C VAL H 17 12.17 -24.53 -32.36
N GLY H 18 12.47 -24.54 -31.07
CA GLY H 18 11.48 -24.33 -30.02
C GLY H 18 11.15 -22.85 -29.89
N SER H 19 9.96 -22.59 -29.32
CA SER H 19 9.51 -21.20 -29.15
C SER H 19 10.43 -20.44 -28.16
N ASN H 20 10.98 -21.14 -27.15
CA ASN H 20 11.88 -20.52 -26.19
C ASN H 20 13.25 -20.24 -26.80
N ASN H 21 13.67 -21.03 -27.77
CA ASN H 21 14.94 -20.85 -28.48
C ASN H 21 14.87 -19.62 -29.38
N ASP H 22 13.74 -19.46 -30.09
CA ASP H 22 13.51 -18.25 -30.88
C ASP H 22 13.35 -17.04 -29.97
N GLY H 23 12.68 -17.20 -28.82
CA GLY H 23 12.54 -16.17 -27.81
C GLY H 23 13.90 -15.62 -27.39
N LYS H 24 14.84 -16.51 -27.01
CA LYS H 24 16.20 -16.12 -26.61
C LYS H 24 16.95 -15.47 -27.77
N LEU H 25 16.84 -16.04 -28.99
CA LEU H 25 17.44 -15.48 -30.20
C LEU H 25 16.97 -14.03 -30.41
N TYR H 26 15.64 -13.80 -30.37
CA TYR H 26 15.07 -12.47 -30.56
C TYR H 26 15.52 -11.49 -29.51
N MET H 27 15.54 -11.91 -28.24
CA MET H 27 16.03 -11.08 -27.12
C MET H 27 17.46 -10.64 -27.38
N MET H 28 18.30 -11.55 -27.88
CA MET H 28 19.70 -11.27 -28.18
C MET H 28 19.90 -10.35 -29.38
N LEU H 29 19.09 -10.51 -30.43
CA LEU H 29 19.16 -9.66 -31.61
C LEU H 29 18.83 -8.21 -31.29
N THR H 30 17.78 -7.99 -30.48
CA THR H 30 17.31 -6.64 -30.14
C THR H 30 17.96 -6.02 -28.90
N GLY H 31 18.60 -6.85 -28.09
CA GLY H 31 19.22 -6.41 -26.86
C GLY H 31 18.19 -6.06 -25.80
N MET H 32 17.25 -7.01 -25.54
CA MET H 32 16.24 -6.81 -24.51
C MET H 32 16.40 -7.84 -23.39
N ASP H 33 16.00 -7.44 -22.18
CA ASP H 33 15.99 -8.35 -21.04
C ASP H 33 14.53 -8.64 -20.73
N TYR H 34 14.26 -9.32 -19.62
CA TYR H 34 12.87 -9.67 -19.27
C TYR H 34 12.11 -8.53 -18.62
N ARG H 35 12.77 -7.39 -18.43
CA ARG H 35 12.16 -6.25 -17.77
C ARG H 35 11.72 -5.14 -18.69
N THR H 36 11.73 -5.40 -20.00
CA THR H 36 11.32 -4.46 -21.02
C THR H 36 10.52 -5.15 -22.10
N ILE H 37 10.09 -4.37 -23.09
CA ILE H 37 9.32 -4.86 -24.22
C ILE H 37 9.76 -4.19 -25.49
N ARG H 38 9.23 -4.68 -26.59
CA ARG H 38 9.22 -4.04 -27.90
C ARG H 38 7.72 -3.89 -28.13
N ARG H 39 7.27 -2.70 -28.48
CA ARG H 39 5.85 -2.43 -28.61
C ARG H 39 5.62 -1.45 -29.74
N LYS H 40 4.56 -1.69 -30.53
CA LYS H 40 4.19 -0.81 -31.64
C LYS H 40 2.71 -0.77 -31.81
N ASP H 41 2.13 0.44 -31.72
CA ASP H 41 0.71 0.66 -32.02
C ASP H 41 0.62 0.94 -33.53
N TRP H 42 0.22 -0.07 -34.33
CA TRP H 42 0.06 0.09 -35.78
C TRP H 42 -1.11 1.01 -36.07
N SER H 43 -2.12 0.98 -35.19
CA SER H 43 -3.27 1.88 -35.14
C SER H 43 -3.46 2.29 -33.69
N SER H 44 -4.03 3.46 -33.49
CA SER H 44 -4.21 4.02 -32.15
C SER H 44 -5.15 3.24 -31.29
N PRO H 45 -4.77 2.96 -30.01
CA PRO H 45 -5.74 2.37 -29.08
C PRO H 45 -6.90 3.36 -28.88
N LEU H 46 -8.10 2.84 -28.58
CA LEU H 46 -9.29 3.66 -28.39
C LEU H 46 -9.76 3.60 -26.96
N ASN H 47 -9.99 4.77 -26.37
CA ASN H 47 -10.47 4.88 -25.00
C ASN H 47 -11.99 5.10 -25.00
N THR H 48 -12.72 4.26 -24.27
CA THR H 48 -14.18 4.31 -24.14
C THR H 48 -14.49 4.07 -22.68
N ALA H 49 -15.02 5.10 -21.98
CA ALA H 49 -15.29 5.05 -20.56
C ALA H 49 -14.02 4.55 -19.83
N LEU H 50 -14.15 3.63 -18.85
CA LEU H 50 -13.00 3.10 -18.13
C LEU H 50 -12.46 1.85 -18.81
N ASN H 51 -12.08 1.99 -20.09
CA ASN H 51 -11.54 0.93 -20.92
C ASN H 51 -10.58 1.47 -21.96
N VAL H 52 -9.55 0.67 -22.28
CA VAL H 52 -8.61 0.93 -23.37
C VAL H 52 -8.70 -0.23 -24.31
N GLN H 53 -9.02 0.06 -25.57
CA GLN H 53 -9.08 -0.96 -26.61
C GLN H 53 -7.83 -0.87 -27.48
N TYR H 54 -6.97 -1.89 -27.42
CA TYR H 54 -5.79 -1.96 -28.29
C TYR H 54 -6.32 -2.49 -29.62
N THR H 55 -6.35 -1.61 -30.62
CA THR H 55 -6.92 -1.91 -31.96
C THR H 55 -6.00 -2.80 -32.78
N ASN H 56 -4.70 -2.45 -32.81
CA ASN H 56 -3.68 -3.22 -33.48
C ASN H 56 -2.33 -2.84 -32.92
N THR H 57 -1.93 -3.54 -31.86
CA THR H 57 -0.65 -3.33 -31.19
C THR H 57 0.13 -4.65 -31.17
N SER H 58 1.39 -4.60 -31.60
CA SER H 58 2.26 -5.77 -31.52
C SER H 58 3.16 -5.58 -30.31
N ILE H 59 3.43 -6.66 -29.58
CA ILE H 59 4.31 -6.65 -28.42
C ILE H 59 5.27 -7.83 -28.51
N ILE H 60 6.51 -7.60 -28.09
CA ILE H 60 7.53 -8.63 -27.89
C ILE H 60 7.86 -8.55 -26.39
N ALA H 61 7.59 -9.63 -25.66
CA ALA H 61 7.88 -9.73 -24.23
C ALA H 61 8.58 -11.07 -24.02
N GLY H 62 9.79 -11.03 -23.45
CA GLY H 62 10.62 -12.21 -23.27
C GLY H 62 10.94 -12.88 -24.59
N GLY H 63 11.06 -12.08 -25.64
CA GLY H 63 11.34 -12.55 -26.99
C GLY H 63 10.15 -13.19 -27.68
N ARG H 64 8.96 -13.15 -27.06
CA ARG H 64 7.72 -13.75 -27.59
C ARG H 64 6.87 -12.70 -28.21
N TYR H 65 6.52 -12.91 -29.49
CA TYR H 65 5.72 -11.98 -30.29
C TYR H 65 4.25 -12.34 -30.25
N PHE H 66 3.43 -11.32 -30.04
CA PHE H 66 1.97 -11.46 -30.04
C PHE H 66 1.34 -10.15 -30.45
N GLU H 67 0.09 -10.22 -30.87
CA GLU H 67 -0.68 -9.10 -31.37
C GLU H 67 -1.98 -8.90 -30.60
N LEU H 68 -2.26 -7.64 -30.26
CA LEU H 68 -3.48 -7.24 -29.59
C LEU H 68 -4.37 -6.66 -30.67
N LEU H 69 -5.41 -7.40 -31.05
CA LEU H 69 -6.32 -7.02 -32.12
C LEU H 69 -7.70 -6.86 -31.53
N ASN H 70 -8.11 -5.60 -31.30
CA ASN H 70 -9.35 -5.21 -30.66
C ASN H 70 -9.49 -5.92 -29.32
N GLU H 71 -8.47 -5.74 -28.48
CA GLU H 71 -8.41 -6.34 -27.17
C GLU H 71 -8.60 -5.23 -26.15
N THR H 72 -9.70 -5.31 -25.40
CA THR H 72 -10.08 -4.31 -24.42
C THR H 72 -9.66 -4.66 -23.00
N VAL H 73 -9.12 -3.67 -22.29
CA VAL H 73 -8.72 -3.80 -20.90
C VAL H 73 -9.51 -2.85 -20.04
N ALA H 74 -10.26 -3.40 -19.07
CA ALA H 74 -11.07 -2.62 -18.13
C ALA H 74 -10.14 -1.95 -17.13
N LEU H 75 -10.42 -0.65 -16.87
CA LEU H 75 -9.61 0.19 -15.98
C LEU H 75 -10.29 0.57 -14.68
N LYS H 76 -9.46 0.85 -13.66
CA LYS H 76 -9.89 1.34 -12.36
C LYS H 76 -10.05 2.86 -12.51
N GLY H 77 -11.15 3.41 -11.99
CA GLY H 77 -11.41 4.84 -12.07
C GLY H 77 -10.56 5.63 -11.11
N ASP H 78 -10.30 6.92 -11.44
CA ASP H 78 -9.51 7.88 -10.63
C ASP H 78 -8.21 7.23 -10.18
N SER H 79 -7.52 6.61 -11.12
CA SER H 79 -6.33 5.82 -10.82
C SER H 79 -5.32 5.85 -11.96
N VAL H 80 -4.08 5.51 -11.62
CA VAL H 80 -3.00 5.34 -12.56
C VAL H 80 -2.96 3.82 -12.77
N ASN H 81 -3.41 3.38 -13.94
CA ASN H 81 -3.44 1.96 -14.27
C ASN H 81 -2.17 1.62 -15.02
N TYR H 82 -1.49 0.60 -14.53
CA TYR H 82 -0.28 0.06 -15.13
C TYR H 82 -0.69 -1.16 -15.95
N ILE H 83 -0.64 -1.03 -17.28
CA ILE H 83 -1.04 -2.12 -18.17
C ILE H 83 0.13 -3.07 -18.37
N HIS H 84 -0.13 -4.36 -18.06
CA HIS H 84 0.80 -5.46 -18.10
C HIS H 84 0.43 -6.51 -19.14
N ALA H 85 1.46 -7.15 -19.69
CA ALA H 85 1.34 -8.31 -20.54
C ALA H 85 1.84 -9.41 -19.61
N ASN H 86 1.05 -10.48 -19.46
CA ASN H 86 1.37 -11.61 -18.60
C ASN H 86 1.49 -12.88 -19.42
N ILE H 87 2.63 -13.57 -19.30
CA ILE H 87 2.90 -14.77 -20.07
C ILE H 87 3.02 -15.99 -19.21
N ASP H 88 2.07 -16.93 -19.40
CA ASP H 88 2.05 -18.20 -18.67
C ASP H 88 2.06 -19.31 -19.68
N LEU H 89 3.23 -19.91 -19.86
CA LEU H 89 3.44 -20.95 -20.87
C LEU H 89 2.67 -22.23 -20.63
N THR H 90 2.20 -22.46 -19.41
CA THR H 90 1.41 -23.65 -19.05
C THR H 90 -0.02 -23.55 -19.59
N GLN H 91 -0.49 -22.32 -19.85
CA GLN H 91 -1.79 -22.06 -20.44
C GLN H 91 -1.55 -22.18 -21.95
N THR H 92 -1.30 -23.40 -22.45
CA THR H 92 -0.94 -23.67 -23.84
C THR H 92 -1.84 -23.08 -24.91
N ALA H 93 -3.16 -23.03 -24.68
CA ALA H 93 -4.11 -22.48 -25.64
C ALA H 93 -4.17 -20.95 -25.67
N ASN H 94 -3.90 -20.29 -24.53
CA ASN H 94 -3.96 -18.83 -24.34
C ASN H 94 -2.79 -18.39 -23.43
N PRO H 95 -1.51 -18.43 -23.90
CA PRO H 95 -0.38 -18.13 -22.99
C PRO H 95 -0.24 -16.69 -22.56
N VAL H 96 -0.93 -15.76 -23.24
CA VAL H 96 -0.84 -14.33 -22.97
C VAL H 96 -2.17 -13.75 -22.51
N SER H 97 -2.11 -12.86 -21.53
CA SER H 97 -3.27 -12.13 -21.03
C SER H 97 -2.82 -10.71 -20.61
N LEU H 98 -3.78 -9.78 -20.59
CA LEU H 98 -3.51 -8.40 -20.18
C LEU H 98 -4.17 -8.08 -18.87
N SER H 99 -3.54 -7.19 -18.07
CA SER H 99 -4.09 -6.75 -16.79
C SER H 99 -3.85 -5.28 -16.57
N ALA H 100 -4.73 -4.63 -15.78
CA ALA H 100 -4.61 -3.24 -15.38
C ALA H 100 -4.39 -3.30 -13.88
N GLU H 101 -3.21 -2.83 -13.42
CA GLU H 101 -2.80 -2.93 -12.03
C GLU H 101 -2.42 -1.60 -11.39
N THR H 102 -2.45 -1.56 -10.07
CA THR H 102 -2.20 -0.36 -9.25
C THR H 102 -0.74 0.08 -9.16
N ALA H 103 0.19 -0.77 -9.59
CA ALA H 103 1.63 -0.51 -9.55
C ALA H 103 2.30 -1.22 -10.70
N ASN H 104 3.57 -0.84 -10.99
CA ASN H 104 4.35 -1.53 -11.99
C ASN H 104 4.87 -2.80 -11.32
N ASN H 105 4.26 -3.93 -11.68
CA ASN H 105 4.55 -5.23 -11.09
C ASN H 105 5.36 -6.14 -11.99
N SER H 106 6.17 -5.54 -12.91
CA SER H 106 7.09 -6.27 -13.79
C SER H 106 8.00 -7.12 -12.89
N ASN H 107 8.11 -8.41 -13.18
CA ASN H 107 8.85 -9.34 -12.33
C ASN H 107 10.16 -9.92 -12.89
N GLY H 108 10.47 -9.65 -14.14
CA GLY H 108 11.68 -10.12 -14.81
C GLY H 108 11.87 -11.62 -14.87
N VAL H 109 10.76 -12.38 -14.79
CA VAL H 109 10.81 -13.86 -14.80
C VAL H 109 11.35 -14.40 -16.13
N ASP H 110 12.40 -15.24 -16.06
CA ASP H 110 13.03 -15.87 -17.23
C ASP H 110 12.18 -17.03 -17.69
N ILE H 111 11.23 -16.75 -18.59
CA ILE H 111 10.31 -17.77 -19.13
C ILE H 111 10.93 -18.69 -20.16
N ASN H 112 12.09 -18.32 -20.71
CA ASN H 112 12.72 -19.13 -21.76
C ASN H 112 13.64 -20.19 -21.20
N ASN H 113 14.09 -20.04 -19.94
CA ASN H 113 14.99 -20.97 -19.26
C ASN H 113 14.39 -21.62 -18.03
N GLY H 114 13.33 -21.04 -17.46
CA GLY H 114 12.69 -21.53 -16.26
C GLY H 114 11.18 -21.47 -16.26
N SER H 115 10.58 -21.81 -15.11
CA SER H 115 9.14 -21.80 -14.85
C SER H 115 8.74 -20.42 -14.38
N GLY H 116 7.44 -20.17 -14.38
CA GLY H 116 6.90 -18.92 -13.87
C GLY H 116 6.15 -18.11 -14.89
N VAL H 117 5.43 -17.12 -14.40
CA VAL H 117 4.63 -16.22 -15.20
C VAL H 117 5.44 -14.94 -15.35
N LEU H 118 5.68 -14.52 -16.60
CA LEU H 118 6.37 -13.27 -16.84
C LEU H 118 5.32 -12.18 -16.83
N LYS H 119 5.55 -11.14 -16.04
CA LYS H 119 4.67 -9.97 -15.98
C LYS H 119 5.54 -8.81 -16.41
N VAL H 120 5.11 -8.07 -17.41
CA VAL H 120 5.85 -6.91 -17.87
C VAL H 120 4.89 -5.77 -18.22
N CYS H 121 5.11 -4.61 -17.58
CA CYS H 121 4.30 -3.44 -17.78
C CYS H 121 4.72 -2.75 -19.09
N PHE H 122 3.75 -2.37 -19.94
CA PHE H 122 4.06 -1.71 -21.20
C PHE H 122 3.36 -0.36 -21.40
N ASP H 123 2.31 -0.09 -20.60
CA ASP H 123 1.54 1.15 -20.72
C ASP H 123 1.10 1.67 -19.37
N ILE H 124 0.99 3.00 -19.26
CA ILE H 124 0.48 3.68 -18.06
C ILE H 124 -0.74 4.50 -18.49
N VAL H 125 -1.92 4.12 -18.02
CA VAL H 125 -3.16 4.78 -18.38
C VAL H 125 -3.81 5.41 -17.16
N THR H 126 -3.88 6.75 -17.15
CA THR H 126 -4.46 7.51 -16.05
C THR H 126 -5.92 7.81 -16.34
N THR H 127 -6.76 7.63 -15.33
CA THR H 127 -8.19 7.83 -15.46
C THR H 127 -8.77 8.85 -14.48
N SER H 128 -9.94 9.41 -14.86
CA SER H 128 -10.77 10.23 -14.00
C SER H 128 -11.83 9.23 -13.47
N GLY H 129 -12.94 9.72 -12.96
CA GLY H 129 -14.01 8.84 -12.51
C GLY H 129 -14.83 8.30 -13.68
N THR H 130 -14.69 8.94 -14.86
CA THR H 130 -15.48 8.63 -16.06
C THR H 130 -14.75 8.03 -17.26
N GLY H 131 -13.44 8.29 -17.37
CA GLY H 131 -12.66 7.81 -18.50
C GLY H 131 -11.18 8.09 -18.43
N VAL H 132 -10.47 7.87 -19.55
CA VAL H 132 -9.03 8.06 -19.68
C VAL H 132 -8.69 9.53 -19.82
N THR H 133 -7.76 10.03 -18.99
CA THR H 133 -7.29 11.42 -19.05
C THR H 133 -5.95 11.53 -19.78
N SER H 134 -5.07 10.51 -19.63
CA SER H 134 -3.77 10.46 -20.30
C SER H 134 -3.23 9.04 -20.40
N THR H 135 -2.31 8.84 -21.37
CA THR H 135 -1.61 7.57 -21.60
C THR H 135 -0.15 7.88 -21.85
N LYS H 136 0.72 7.10 -21.19
CA LYS H 136 2.16 7.20 -21.34
C LYS H 136 2.72 5.78 -21.53
N PRO H 137 3.48 5.52 -22.59
CA PRO H 137 4.07 4.17 -22.74
C PRO H 137 5.28 3.97 -21.84
N ILE H 138 5.58 2.70 -21.55
CA ILE H 138 6.78 2.33 -20.80
C ILE H 138 7.93 2.38 -21.82
N VAL H 139 9.11 2.83 -21.37
CA VAL H 139 10.34 2.89 -22.15
C VAL H 139 10.79 1.49 -22.63
N GLN H 140 11.24 1.40 -23.90
CA GLN H 140 11.74 0.19 -24.52
C GLN H 140 13.27 0.30 -24.38
N THR H 141 13.86 -0.53 -23.53
CA THR H 141 15.32 -0.52 -23.31
C THR H 141 16.11 -1.44 -24.27
N SER H 142 17.18 -0.91 -24.83
CA SER H 142 18.14 -1.61 -25.67
C SER H 142 19.45 -1.69 -24.87
N THR H 143 19.83 -2.90 -24.45
CA THR H 143 21.08 -3.12 -23.72
C THR H 143 22.14 -3.56 -24.72
N LEU H 144 23.10 -2.67 -25.03
CA LEU H 144 24.15 -2.95 -26.02
C LEU H 144 25.58 -2.94 -25.45
N ASP H 145 26.56 -3.49 -26.19
CA ASP H 145 27.93 -3.58 -25.71
C ASP H 145 28.78 -2.52 -26.39
N SER H 146 29.27 -2.77 -27.59
CA SER H 146 30.08 -1.80 -28.33
C SER H 146 29.33 -1.40 -29.60
N ILE H 147 29.12 -0.10 -29.81
CA ILE H 147 28.40 0.44 -30.98
C ILE H 147 29.35 1.20 -31.91
N SER H 148 29.21 0.95 -33.19
CA SER H 148 29.87 1.67 -34.26
C SER H 148 28.71 2.35 -35.01
N VAL H 149 28.69 3.69 -35.01
CA VAL H 149 27.60 4.44 -35.62
C VAL H 149 28.14 5.57 -36.50
N ASN H 150 27.37 5.96 -37.54
CA ASN H 150 27.75 7.09 -38.38
C ASN H 150 27.19 8.37 -37.77
N ASP H 151 25.87 8.46 -37.59
CA ASP H 151 25.23 9.63 -37.02
C ASP H 151 24.19 9.27 -35.99
N MET H 152 24.02 10.13 -34.98
CA MET H 152 23.05 9.90 -33.91
C MET H 152 22.29 11.16 -33.54
N THR H 153 21.00 11.03 -33.24
CA THR H 153 20.18 12.13 -32.75
C THR H 153 19.63 11.72 -31.40
N VAL H 154 19.88 12.55 -30.38
CA VAL H 154 19.44 12.34 -29.00
C VAL H 154 18.36 13.35 -28.67
N SER H 155 17.18 12.87 -28.27
CA SER H 155 16.07 13.75 -27.90
C SER H 155 16.07 14.04 -26.41
N GLY H 156 16.60 13.10 -25.63
CA GLY H 156 16.73 13.20 -24.18
C GLY H 156 18.13 13.62 -23.79
N SER H 157 18.90 12.72 -23.17
CA SER H 157 20.27 13.03 -22.74
C SER H 157 21.20 11.84 -22.84
N ILE H 158 22.50 12.13 -22.94
CA ILE H 158 23.53 11.10 -22.91
C ILE H 158 24.22 11.24 -21.53
N ASP H 159 24.27 10.13 -20.78
CA ASP H 159 24.97 10.11 -19.52
C ASP H 159 26.34 9.47 -19.76
N VAL H 160 27.43 10.22 -19.54
CA VAL H 160 28.81 9.73 -19.73
C VAL H 160 29.53 9.65 -18.38
N PRO H 161 30.59 8.83 -18.24
CA PRO H 161 31.32 8.76 -16.97
C PRO H 161 31.96 10.07 -16.55
N VAL H 162 31.99 10.33 -15.23
CA VAL H 162 32.54 11.54 -14.62
C VAL H 162 33.55 11.15 -13.54
N GLN H 163 34.71 11.80 -13.58
CA GLN H 163 35.77 11.62 -12.59
C GLN H 163 36.12 13.01 -12.04
N THR H 164 36.37 13.10 -10.73
CA THR H 164 36.74 14.37 -10.08
C THR H 164 38.07 14.25 -9.35
N LEU H 165 38.79 15.36 -9.24
CA LEU H 165 40.08 15.43 -8.55
C LEU H 165 40.30 16.81 -8.00
N THR H 166 40.74 16.87 -6.73
CA THR H 166 41.12 18.13 -6.10
C THR H 166 42.64 18.14 -5.97
N VAL H 167 43.28 19.19 -6.48
CA VAL H 167 44.72 19.34 -6.45
C VAL H 167 45.12 20.53 -5.60
N GLU H 168 45.93 20.29 -4.56
CA GLU H 168 46.50 21.36 -3.75
C GLU H 168 47.83 21.64 -4.46
N ALA H 169 47.75 22.48 -5.51
CA ALA H 169 48.84 22.84 -6.43
C ALA H 169 50.06 23.52 -5.77
N GLY H 170 49.87 24.02 -4.55
CA GLY H 170 50.90 24.73 -3.79
C GLY H 170 50.64 26.20 -3.83
N ASN H 171 51.30 26.94 -2.93
CA ASN H 171 51.20 28.41 -2.82
C ASN H 171 49.78 28.89 -2.49
N GLY H 172 48.94 27.99 -1.99
CA GLY H 172 47.57 28.30 -1.64
C GLY H 172 46.54 28.08 -2.73
N LEU H 173 47.00 27.76 -3.96
CA LEU H 173 46.12 27.49 -5.09
C LEU H 173 45.52 26.08 -5.02
N GLN H 174 44.20 25.98 -5.23
CA GLN H 174 43.48 24.72 -5.26
C GLN H 174 42.71 24.60 -6.57
N LEU H 175 42.89 23.46 -7.28
CA LEU H 175 42.18 23.17 -8.53
C LEU H 175 41.19 22.06 -8.25
N GLN H 176 39.96 22.23 -8.71
CA GLN H 176 38.94 21.20 -8.62
C GLN H 176 38.63 20.83 -10.07
N LEU H 177 39.10 19.65 -10.48
CA LEU H 177 38.96 19.16 -11.86
C LEU H 177 37.85 18.15 -12.02
N THR H 178 37.00 18.37 -13.03
CA THR H 178 35.92 17.45 -13.38
C THR H 178 36.16 17.02 -14.81
N LYS H 179 36.33 15.71 -15.01
CA LYS H 179 36.57 15.11 -16.31
C LYS H 179 35.37 14.30 -16.74
N LYS H 180 34.86 14.56 -17.96
CA LYS H 180 33.70 13.82 -18.50
C LYS H 180 34.08 13.14 -19.79
N ASN H 181 33.59 11.89 -19.98
CA ASN H 181 33.90 11.05 -21.14
C ASN H 181 35.42 10.76 -21.22
N ASN H 182 36.13 11.01 -20.11
CA ASN H 182 37.57 10.73 -20.06
C ASN H 182 38.30 11.68 -21.00
N ASP H 183 37.65 12.78 -21.40
CA ASP H 183 38.30 13.73 -22.30
C ASP H 183 38.18 15.20 -21.91
N LEU H 184 36.93 15.70 -21.79
CA LEU H 184 36.72 17.11 -21.49
C LEU H 184 36.88 17.38 -20.01
N VAL H 185 37.78 18.30 -19.66
CA VAL H 185 38.03 18.68 -18.27
C VAL H 185 37.65 20.14 -18.05
N ILE H 186 36.94 20.42 -16.95
CA ILE H 186 36.67 21.80 -16.53
C ILE H 186 37.37 21.94 -15.19
N VAL H 187 38.27 22.90 -15.10
CA VAL H 187 39.04 23.24 -13.90
C VAL H 187 38.39 24.43 -13.24
N ARG H 188 38.11 24.31 -11.94
CA ARG H 188 37.55 25.40 -11.14
C ARG H 188 38.64 25.79 -10.14
N PHE H 189 39.04 27.08 -10.16
CA PHE H 189 40.07 27.56 -9.26
C PHE H 189 39.49 27.96 -7.93
N PHE H 190 40.21 27.62 -6.85
CA PHE H 190 39.89 27.99 -5.48
C PHE H 190 41.16 28.34 -4.72
N GLY H 191 40.99 28.72 -3.45
CA GLY H 191 42.09 29.11 -2.59
C GLY H 191 42.53 30.54 -2.81
N SER H 192 43.75 30.85 -2.35
CA SER H 192 44.36 32.18 -2.44
C SER H 192 45.85 32.00 -2.61
N VAL H 193 46.41 32.62 -3.65
CA VAL H 193 47.83 32.49 -3.98
C VAL H 193 48.74 33.56 -3.32
N SER H 194 49.94 33.13 -2.87
CA SER H 194 50.97 33.98 -2.27
C SER H 194 52.35 33.37 -2.49
N ASN H 195 53.40 34.20 -2.43
CA ASN H 195 54.80 33.79 -2.53
C ASN H 195 55.14 32.96 -3.78
N ILE H 196 54.83 33.53 -4.95
CA ILE H 196 55.09 32.87 -6.24
C ILE H 196 55.61 33.88 -7.26
N GLN H 197 56.46 33.43 -8.18
CA GLN H 197 56.99 34.26 -9.25
C GLN H 197 56.60 33.70 -10.60
N LYS H 198 56.50 34.58 -11.61
CA LYS H 198 56.18 34.20 -12.98
C LYS H 198 57.20 33.19 -13.51
N GLY H 199 56.72 32.12 -14.14
CA GLY H 199 57.55 31.07 -14.69
C GLY H 199 57.92 29.97 -13.72
N TRP H 200 57.60 30.17 -12.45
CA TRP H 200 57.93 29.20 -11.42
C TRP H 200 56.89 28.12 -11.30
N ASN H 201 57.37 26.90 -11.07
CA ASN H 201 56.56 25.71 -10.84
C ASN H 201 55.96 25.89 -9.44
N MET H 202 54.69 25.57 -9.29
CA MET H 202 54.04 25.69 -7.99
C MET H 202 54.55 24.60 -7.04
N SER H 203 54.63 24.95 -5.76
CA SER H 203 55.27 24.13 -4.71
C SER H 203 54.56 22.87 -4.20
N GLY H 204 53.34 22.61 -4.68
CA GLY H 204 52.55 21.48 -4.20
C GLY H 204 52.46 20.26 -5.09
N THR H 205 51.31 19.58 -4.98
CA THR H 205 50.99 18.34 -5.68
C THR H 205 50.85 18.52 -7.18
N TRP H 206 51.41 17.57 -7.95
CA TRP H 206 51.27 17.57 -9.40
C TRP H 206 49.95 16.87 -9.76
N VAL H 207 49.41 17.17 -10.95
CA VAL H 207 48.15 16.61 -11.42
C VAL H 207 48.30 15.10 -11.64
N ASP H 208 47.34 14.29 -11.10
CA ASP H 208 47.32 12.84 -11.27
C ASP H 208 47.28 12.47 -12.75
N ARG H 209 47.96 11.38 -13.11
CA ARG H 209 48.04 10.90 -14.48
C ARG H 209 46.71 10.91 -15.26
N PRO H 210 45.56 10.42 -14.70
CA PRO H 210 44.31 10.41 -15.48
C PRO H 210 43.76 11.77 -15.92
N PHE H 211 44.27 12.86 -15.32
CA PHE H 211 43.83 14.22 -15.66
C PHE H 211 44.87 15.01 -16.46
N ARG H 212 46.05 14.40 -16.70
CA ARG H 212 47.11 15.07 -17.47
C ARG H 212 46.77 15.18 -18.95
N PRO H 213 46.96 16.38 -19.54
CA PRO H 213 46.68 16.53 -20.97
C PRO H 213 47.83 16.02 -21.83
N ALA H 214 47.57 15.79 -23.13
CA ALA H 214 48.59 15.36 -24.07
C ALA H 214 49.53 16.54 -24.41
N ALA H 215 48.98 17.77 -24.39
CA ALA H 215 49.71 19.00 -24.68
C ALA H 215 49.46 20.03 -23.57
N VAL H 216 50.43 20.96 -23.35
CA VAL H 216 50.34 22.00 -22.32
C VAL H 216 49.04 22.81 -22.45
N GLN H 217 48.37 23.04 -21.31
CA GLN H 217 47.12 23.78 -21.31
C GLN H 217 47.23 25.01 -20.43
N SER H 218 47.03 26.20 -21.03
CA SER H 218 47.06 27.47 -20.30
C SER H 218 45.65 27.83 -19.86
N LEU H 219 45.43 27.87 -18.55
CA LEU H 219 44.10 28.16 -18.02
C LEU H 219 44.06 29.50 -17.31
N VAL H 220 43.21 30.42 -17.83
CA VAL H 220 43.04 31.78 -17.33
C VAL H 220 42.19 31.77 -16.05
N GLY H 221 42.65 32.52 -15.06
CA GLY H 221 41.95 32.71 -13.80
C GLY H 221 41.81 34.18 -13.46
N HIS H 222 41.03 34.48 -12.45
CA HIS H 222 40.80 35.85 -12.05
C HIS H 222 41.05 36.04 -10.54
N PHE H 223 41.41 37.26 -10.13
CA PHE H 223 41.60 37.60 -8.73
C PHE H 223 40.34 38.26 -8.22
N ALA H 224 39.65 37.58 -7.29
CA ALA H 224 38.38 38.05 -6.72
C ALA H 224 38.42 39.49 -6.19
N GLY H 225 37.46 40.28 -6.65
CA GLY H 225 37.30 41.67 -6.27
C GLY H 225 38.28 42.63 -6.92
N ARG H 226 39.04 42.16 -7.91
CA ARG H 226 40.05 42.95 -8.62
C ARG H 226 39.80 42.96 -10.13
N ASP H 227 40.53 43.80 -10.87
CA ASP H 227 40.42 43.80 -12.33
C ASP H 227 41.63 43.09 -12.95
N THR H 228 42.36 42.36 -12.11
CA THR H 228 43.56 41.61 -12.46
C THR H 228 43.31 40.11 -12.67
N SER H 229 44.14 39.50 -13.51
CA SER H 229 44.01 38.09 -13.86
C SER H 229 45.37 37.38 -13.83
N PHE H 230 45.34 36.07 -13.98
CA PHE H 230 46.52 35.21 -14.03
C PHE H 230 46.22 34.05 -14.97
N HIS H 231 47.23 33.24 -15.22
CA HIS H 231 47.08 31.98 -15.91
C HIS H 231 48.08 30.99 -15.39
N ILE H 232 47.73 29.71 -15.43
CA ILE H 232 48.61 28.62 -15.03
C ILE H 232 48.70 27.67 -16.21
N ASP H 233 49.84 26.97 -16.32
CA ASP H 233 50.00 25.96 -17.35
C ASP H 233 49.97 24.59 -16.70
N ILE H 234 49.07 23.71 -17.17
CA ILE H 234 49.07 22.32 -16.72
C ILE H 234 49.89 21.62 -17.79
N ASN H 235 51.08 21.17 -17.40
CA ASN H 235 52.02 20.54 -18.32
C ASN H 235 51.70 19.05 -18.49
N PRO H 236 51.99 18.42 -19.67
CA PRO H 236 51.73 16.98 -19.85
C PRO H 236 52.33 16.05 -18.79
N ASN H 237 53.47 16.47 -18.20
CA ASN H 237 54.20 15.77 -17.15
C ASN H 237 53.55 15.86 -15.76
N GLY H 238 52.48 16.66 -15.64
CA GLY H 238 51.69 16.80 -14.42
C GLY H 238 51.92 18.06 -13.62
N SER H 239 53.04 18.75 -13.87
CA SER H 239 53.44 19.97 -13.17
C SER H 239 52.60 21.17 -13.54
N ILE H 240 52.54 22.17 -12.64
CA ILE H 240 51.78 23.39 -12.84
C ILE H 240 52.73 24.58 -12.75
N THR H 241 52.77 25.39 -13.82
CA THR H 241 53.61 26.58 -13.90
C THR H 241 52.77 27.85 -13.72
N TRP H 242 53.21 28.74 -12.82
CA TRP H 242 52.54 30.01 -12.58
C TRP H 242 52.88 31.02 -13.67
N TRP H 243 51.86 31.62 -14.27
CA TRP H 243 52.08 32.62 -15.29
C TRP H 243 51.37 33.94 -15.08
N GLY H 244 51.03 34.21 -13.84
CA GLY H 244 50.52 35.50 -13.43
C GLY H 244 51.71 36.36 -13.05
N ALA H 245 51.47 37.56 -12.53
CA ALA H 245 52.56 38.42 -12.06
C ALA H 245 53.11 37.85 -10.73
N ASN H 246 54.24 38.38 -10.23
CA ASN H 246 54.79 37.92 -8.97
C ASN H 246 53.85 38.27 -7.83
N ILE H 247 53.63 37.32 -6.92
CA ILE H 247 52.76 37.49 -5.76
C ILE H 247 53.59 37.52 -4.46
N ASP H 248 53.31 38.50 -3.60
CA ASP H 248 54.01 38.65 -2.33
C ASP H 248 53.38 37.79 -1.21
N LYS H 249 53.71 38.10 0.03
CA LYS H 249 53.25 37.40 1.25
C LYS H 249 51.72 37.41 1.45
N THR H 250 51.02 38.46 0.96
CA THR H 250 49.57 38.59 1.11
C THR H 250 48.81 37.75 0.06
N PRO H 251 48.05 36.71 0.47
CA PRO H 251 47.33 35.92 -0.53
C PRO H 251 46.11 36.63 -1.10
N ILE H 252 45.92 36.49 -2.44
CA ILE H 252 44.78 37.02 -3.18
C ILE H 252 43.97 35.83 -3.70
N ALA H 253 42.67 35.86 -3.40
CA ALA H 253 41.72 34.83 -3.79
C ALA H 253 41.69 34.61 -5.31
N THR H 254 41.85 33.34 -5.70
CA THR H 254 41.92 32.91 -7.09
C THR H 254 40.68 32.11 -7.46
N ARG H 255 39.99 32.54 -8.52
CA ARG H 255 38.78 31.86 -8.98
C ARG H 255 38.75 31.76 -10.50
N GLY H 256 37.77 31.00 -11.02
CA GLY H 256 37.56 30.90 -12.45
C GLY H 256 37.49 29.49 -13.00
N ASN H 257 36.79 29.35 -14.14
CA ASN H 257 36.63 28.09 -14.86
C ASN H 257 37.43 28.13 -16.14
N GLY H 258 38.19 27.06 -16.37
CA GLY H 258 38.99 26.85 -17.57
C GLY H 258 38.79 25.45 -18.07
N SER H 259 38.66 25.27 -19.40
CA SER H 259 38.45 23.94 -19.97
C SER H 259 39.58 23.50 -20.87
N TYR H 260 39.80 22.18 -20.93
CA TYR H 260 40.78 21.57 -21.82
C TYR H 260 40.39 20.16 -22.21
N PHE H 261 40.99 19.67 -23.29
CA PHE H 261 40.82 18.31 -23.76
C PHE H 261 42.05 17.53 -23.35
N ILE H 262 41.87 16.31 -22.83
CA ILE H 262 42.98 15.43 -22.49
C ILE H 262 43.54 14.82 -23.79
N LYS H 263 42.65 14.37 -24.67
CA LYS H 263 43.01 13.71 -25.92
C LYS H 263 43.10 14.67 -27.10
N SER H 264 44.12 14.47 -27.96
CA SER H 264 44.29 15.20 -29.22
C SER H 264 43.67 14.33 -30.33
N ALA H 265 43.87 14.67 -31.62
CA ALA H 265 43.35 13.83 -32.71
C ALA H 265 44.21 12.54 -32.79
N TRP H 266 43.56 11.34 -32.73
CA TRP H 266 44.23 10.03 -32.76
C TRP H 266 43.32 8.94 -33.34
N THR I 1 18.33 -11.21 -60.74
CA THR I 1 17.20 -11.97 -60.22
C THR I 1 16.89 -11.61 -58.76
N ILE I 2 15.63 -11.68 -58.37
CA ILE I 2 15.20 -11.41 -57.00
C ILE I 2 14.73 -12.69 -56.33
N LYS I 3 15.35 -13.03 -55.20
CA LYS I 3 15.00 -14.18 -54.38
C LYS I 3 14.30 -13.71 -53.14
N ASN I 4 13.01 -14.06 -53.02
CA ASN I 4 12.13 -13.66 -51.93
C ASN I 4 12.04 -14.69 -50.86
N PHE I 5 11.97 -14.23 -49.59
CA PHE I 5 11.92 -15.13 -48.46
C PHE I 5 10.73 -14.93 -47.53
N THR I 6 10.58 -13.73 -46.92
CA THR I 6 9.52 -13.43 -45.95
C THR I 6 8.19 -13.18 -46.65
N PHE I 7 7.73 -14.18 -47.39
CA PHE I 7 6.50 -14.12 -48.16
C PHE I 7 5.79 -15.48 -48.10
N PHE I 8 4.42 -15.49 -48.26
CA PHE I 8 3.67 -16.76 -48.29
C PHE I 8 3.93 -17.55 -49.56
N SER I 9 3.89 -18.87 -49.47
CA SER I 9 4.05 -19.72 -50.64
C SER I 9 2.66 -20.21 -51.03
N PRO I 10 2.00 -19.59 -52.03
CA PRO I 10 0.60 -19.98 -52.38
C PRO I 10 0.38 -21.46 -52.66
N ASN I 11 1.39 -22.12 -53.28
CA ASN I 11 1.35 -23.54 -53.61
C ASN I 11 2.35 -24.34 -52.82
N SER I 12 2.72 -23.82 -51.61
CA SER I 12 3.62 -24.42 -50.62
C SER I 12 5.03 -24.73 -51.13
N THR I 13 5.43 -24.15 -52.29
CA THR I 13 6.74 -24.43 -52.89
C THR I 13 7.60 -23.20 -53.23
N GLU I 14 6.93 -22.06 -53.46
CA GLU I 14 7.51 -20.82 -53.97
C GLU I 14 8.70 -20.23 -53.26
N PHE I 15 8.57 -19.95 -51.95
CA PHE I 15 9.63 -19.27 -51.22
C PHE I 15 10.20 -20.03 -50.03
N PRO I 16 11.08 -21.03 -50.27
CA PRO I 16 11.68 -21.76 -49.14
C PRO I 16 12.63 -20.85 -48.36
N VAL I 17 12.56 -20.84 -47.04
CA VAL I 17 13.53 -20.04 -46.28
C VAL I 17 14.66 -20.87 -45.74
N GLY I 18 15.85 -20.69 -46.32
CA GLY I 18 17.02 -21.48 -45.99
C GLY I 18 17.67 -21.03 -44.73
N SER I 19 18.51 -21.88 -44.16
CA SER I 19 19.24 -21.59 -42.91
C SER I 19 20.21 -20.42 -43.08
N ASN I 20 20.87 -20.33 -44.25
CA ASN I 20 21.81 -19.26 -44.53
C ASN I 20 21.10 -17.92 -44.80
N ASN I 21 19.85 -17.97 -45.33
CA ASN I 21 19.04 -16.77 -45.57
C ASN I 21 18.57 -16.20 -44.26
N ASP I 22 18.17 -17.06 -43.31
CA ASP I 22 17.82 -16.61 -41.99
C ASP I 22 19.06 -16.10 -41.24
N GLY I 23 20.20 -16.76 -41.41
CA GLY I 23 21.48 -16.30 -40.87
C GLY I 23 21.78 -14.86 -41.28
N LYS I 24 21.70 -14.56 -42.57
CA LYS I 24 21.91 -13.21 -43.09
C LYS I 24 20.87 -12.22 -42.57
N LEU I 25 19.60 -12.64 -42.50
CA LEU I 25 18.52 -11.81 -41.96
C LEU I 25 18.84 -11.43 -40.51
N TYR I 26 19.17 -12.41 -39.67
CA TYR I 26 19.49 -12.17 -38.26
C TYR I 26 20.70 -11.25 -38.07
N MET I 27 21.76 -11.45 -38.90
CA MET I 27 22.95 -10.60 -38.88
C MET I 27 22.56 -9.15 -39.18
N MET I 28 21.67 -8.96 -40.15
CA MET I 28 21.21 -7.63 -40.54
C MET I 28 20.33 -6.96 -39.51
N LEU I 29 19.45 -7.73 -38.85
CA LEU I 29 18.58 -7.18 -37.80
C LEU I 29 19.37 -6.65 -36.62
N THR I 30 20.43 -7.37 -36.20
CA THR I 30 21.24 -7.01 -35.04
C THR I 30 22.43 -6.13 -35.36
N GLY I 31 22.81 -6.03 -36.63
CA GLY I 31 23.96 -5.26 -37.04
C GLY I 31 25.28 -5.91 -36.66
N MET I 32 25.45 -7.17 -37.04
CA MET I 32 26.68 -7.90 -36.74
C MET I 32 27.32 -8.37 -38.03
N ASP I 33 28.65 -8.45 -38.03
CA ASP I 33 29.40 -9.01 -39.17
C ASP I 33 29.91 -10.38 -38.75
N TYR I 34 30.78 -11.00 -39.55
CA TYR I 34 31.31 -12.32 -39.22
C TYR I 34 32.43 -12.29 -38.23
N ARG I 35 32.82 -11.08 -37.76
CA ARG I 35 33.94 -10.91 -36.83
C ARG I 35 33.51 -10.61 -35.41
N THR I 36 32.23 -10.79 -35.11
CA THR I 36 31.66 -10.57 -33.78
C THR I 36 30.63 -11.64 -33.47
N ILE I 37 30.06 -11.57 -32.26
CA ILE I 37 29.05 -12.51 -31.83
C ILE I 37 27.97 -11.77 -31.04
N ARG I 38 26.91 -12.49 -30.72
CA ARG I 38 25.92 -12.13 -29.72
C ARG I 38 26.07 -13.28 -28.76
N ARG I 39 26.23 -12.96 -27.48
CA ARG I 39 26.50 -13.97 -26.48
C ARG I 39 25.81 -13.59 -25.18
N LYS I 40 25.19 -14.57 -24.53
CA LYS I 40 24.53 -14.35 -23.27
C LYS I 40 24.71 -15.53 -22.38
N ASP I 41 25.33 -15.30 -21.21
CA ASP I 41 25.44 -16.33 -20.18
C ASP I 41 24.16 -16.24 -19.35
N TRP I 42 23.20 -17.15 -19.59
CA TRP I 42 21.96 -17.19 -18.81
C TRP I 42 22.26 -17.61 -17.39
N SER I 43 23.28 -18.47 -17.23
CA SER I 43 23.86 -18.90 -15.95
C SER I 43 25.37 -18.83 -16.11
N SER I 44 26.06 -18.64 -14.99
CA SER I 44 27.51 -18.47 -14.98
C SER I 44 28.27 -19.70 -15.44
N PRO I 45 29.27 -19.54 -16.35
CA PRO I 45 30.15 -20.66 -16.65
C PRO I 45 30.93 -21.05 -15.38
N LEU I 46 31.29 -22.34 -15.28
CA LEU I 46 32.03 -22.84 -14.12
C LEU I 46 33.44 -23.25 -14.48
N ASN I 47 34.40 -22.75 -13.71
CA ASN I 47 35.82 -23.09 -13.90
C ASN I 47 36.20 -24.20 -12.94
N THR I 48 36.75 -25.31 -13.47
CA THR I 48 37.20 -26.48 -12.71
C THR I 48 38.51 -26.92 -13.31
N ALA I 49 39.60 -26.79 -12.56
CA ALA I 49 40.94 -27.11 -13.02
C ALA I 49 41.19 -26.33 -14.32
N LEU I 50 41.81 -26.96 -15.34
CA LEU I 50 42.07 -26.30 -16.61
C LEU I 50 40.93 -26.52 -17.58
N ASN I 51 39.72 -26.09 -17.15
CA ASN I 51 38.49 -26.23 -17.93
C ASN I 51 37.53 -25.12 -17.61
N VAL I 52 36.73 -24.74 -18.62
CA VAL I 52 35.61 -23.81 -18.47
C VAL I 52 34.37 -24.54 -18.94
N GLN I 53 33.37 -24.64 -18.07
CA GLN I 53 32.11 -25.30 -18.42
C GLN I 53 31.05 -24.23 -18.65
N TYR I 54 30.59 -24.11 -19.89
CA TYR I 54 29.50 -23.19 -20.21
C TYR I 54 28.22 -23.90 -19.83
N THR I 55 27.58 -23.43 -18.75
CA THR I 55 26.38 -24.06 -18.16
C THR I 55 25.13 -23.82 -18.98
N ASN I 56 24.91 -22.57 -19.37
CA ASN I 56 23.81 -22.15 -20.24
C ASN I 56 24.16 -20.83 -20.88
N THR I 57 24.83 -20.91 -22.03
CA THR I 57 25.25 -19.74 -22.81
C THR I 57 24.66 -19.86 -24.20
N SER I 58 23.99 -18.81 -24.66
CA SER I 58 23.50 -18.77 -26.04
C SER I 58 24.49 -17.95 -26.84
N ILE I 59 24.74 -18.35 -28.08
CA ILE I 59 25.64 -17.63 -28.98
C ILE I 59 24.98 -17.50 -30.34
N ILE I 60 25.17 -16.34 -30.97
CA ILE I 60 24.82 -16.09 -32.35
C ILE I 60 26.16 -15.78 -33.06
N ALA I 61 26.55 -16.63 -34.00
CA ALA I 61 27.78 -16.45 -34.77
C ALA I 61 27.41 -16.67 -36.24
N GLY I 62 27.70 -15.69 -37.08
CA GLY I 62 27.34 -15.69 -38.49
C GLY I 62 25.83 -15.79 -38.66
N GLY I 63 25.08 -15.22 -37.71
CA GLY I 63 23.62 -15.25 -37.71
C GLY I 63 23.01 -16.58 -37.32
N ARG I 64 23.85 -17.53 -36.89
CA ARG I 64 23.44 -18.88 -36.50
C ARG I 64 23.36 -18.97 -35.00
N TYR I 65 22.19 -19.37 -34.49
CA TYR I 65 21.90 -19.46 -33.07
C TYR I 65 22.13 -20.88 -32.58
N PHE I 66 22.83 -21.00 -31.45
CA PHE I 66 23.09 -22.27 -30.81
C PHE I 66 23.27 -22.02 -29.31
N GLU I 67 23.12 -23.10 -28.53
CA GLU I 67 23.21 -23.08 -27.08
C GLU I 67 24.29 -24.01 -26.55
N LEU I 68 25.08 -23.51 -25.59
CA LEU I 68 26.10 -24.29 -24.91
C LEU I 68 25.48 -24.67 -23.57
N LEU I 69 25.12 -25.94 -23.44
CA LEU I 69 24.46 -26.49 -22.25
C LEU I 69 25.37 -27.53 -21.65
N ASN I 70 26.07 -27.16 -20.56
CA ASN I 70 27.09 -27.96 -19.89
C ASN I 70 28.11 -28.45 -20.89
N GLU I 71 28.71 -27.49 -21.60
CA GLU I 71 29.71 -27.71 -22.63
C GLU I 71 31.05 -27.27 -22.09
N THR I 72 31.96 -28.24 -21.88
CA THR I 72 33.28 -27.98 -21.29
C THR I 72 34.38 -27.82 -22.34
N VAL I 73 35.23 -26.80 -22.15
CA VAL I 73 36.38 -26.52 -23.00
C VAL I 73 37.64 -26.71 -22.17
N ALA I 74 38.53 -27.64 -22.60
CA ALA I 74 39.79 -27.90 -21.94
C ALA I 74 40.77 -26.79 -22.30
N LEU I 75 41.50 -26.27 -21.29
CA LEU I 75 42.41 -25.13 -21.43
C LEU I 75 43.89 -25.50 -21.28
N LYS I 76 44.76 -24.67 -21.89
CA LYS I 76 46.19 -24.76 -21.82
C LYS I 76 46.57 -24.03 -20.54
N GLY I 77 47.48 -24.62 -19.78
CA GLY I 77 47.93 -24.04 -18.52
C GLY I 77 48.90 -22.91 -18.73
N ASP I 78 48.97 -21.97 -17.74
CA ASP I 78 49.84 -20.79 -17.74
C ASP I 78 49.80 -20.08 -19.08
N SER I 79 48.57 -19.82 -19.55
CA SER I 79 48.34 -19.28 -20.88
C SER I 79 47.10 -18.42 -20.93
N VAL I 80 47.04 -17.58 -21.96
CA VAL I 80 45.86 -16.78 -22.29
C VAL I 80 45.16 -17.60 -23.37
N ASN I 81 43.99 -18.16 -23.03
CA ASN I 81 43.22 -19.02 -23.93
C ASN I 81 42.15 -18.22 -24.63
N TYR I 82 42.16 -18.28 -25.96
CA TYR I 82 41.17 -17.62 -26.79
C TYR I 82 40.13 -18.67 -27.17
N ILE I 83 38.92 -18.54 -26.59
CA ILE I 83 37.82 -19.49 -26.81
C ILE I 83 37.07 -19.12 -28.07
N HIS I 84 37.03 -20.05 -29.02
CA HIS I 84 36.40 -19.84 -30.32
C HIS I 84 35.23 -20.74 -30.54
N ALA I 85 34.22 -20.23 -31.22
CA ALA I 85 33.08 -20.99 -31.73
C ALA I 85 33.50 -21.22 -33.20
N ASN I 86 33.53 -22.49 -33.62
CA ASN I 86 33.91 -22.87 -34.99
C ASN I 86 32.73 -23.49 -35.65
N ILE I 87 32.34 -22.94 -36.80
CA ILE I 87 31.17 -23.42 -37.54
C ILE I 87 31.59 -24.01 -38.87
N ASP I 88 31.37 -25.32 -39.04
CA ASP I 88 31.65 -26.03 -40.29
C ASP I 88 30.34 -26.65 -40.73
N LEU I 89 29.71 -26.02 -41.71
CA LEU I 89 28.39 -26.43 -42.20
C LEU I 89 28.37 -27.79 -42.87
N THR I 90 29.54 -28.30 -43.31
CA THR I 90 29.65 -29.62 -43.95
C THR I 90 29.52 -30.74 -42.94
N GLN I 91 29.81 -30.45 -41.65
CA GLN I 91 29.65 -31.40 -40.55
C GLN I 91 28.19 -31.27 -40.13
N THR I 92 27.28 -31.76 -40.96
CA THR I 92 25.82 -31.60 -40.78
C THR I 92 25.23 -32.01 -39.43
N ALA I 93 25.76 -33.06 -38.81
CA ALA I 93 25.30 -33.58 -37.51
C ALA I 93 25.78 -32.75 -36.33
N ASN I 94 26.99 -32.14 -36.44
CA ASN I 94 27.65 -31.35 -35.39
C ASN I 94 28.36 -30.15 -36.04
N PRO I 95 27.60 -29.13 -36.54
CA PRO I 95 28.28 -28.02 -37.26
C PRO I 95 29.10 -27.10 -36.39
N VAL I 96 28.81 -27.09 -35.09
CA VAL I 96 29.49 -26.21 -34.15
C VAL I 96 30.38 -26.97 -33.17
N SER I 97 31.57 -26.43 -32.94
CA SER I 97 32.51 -26.96 -31.96
C SER I 97 33.24 -25.79 -31.31
N LEU I 98 33.75 -26.00 -30.10
CA LEU I 98 34.51 -24.98 -29.38
C LEU I 98 35.98 -25.37 -29.31
N SER I 99 36.87 -24.38 -29.31
CA SER I 99 38.32 -24.60 -29.18
C SER I 99 38.92 -23.55 -28.30
N ALA I 100 40.04 -23.89 -27.65
CA ALA I 100 40.81 -22.96 -26.83
C ALA I 100 42.15 -22.82 -27.55
N GLU I 101 42.47 -21.60 -27.98
CA GLU I 101 43.65 -21.33 -28.82
C GLU I 101 44.61 -20.28 -28.27
N THR I 102 45.84 -20.28 -28.75
CA THR I 102 46.91 -19.38 -28.27
C THR I 102 46.81 -17.94 -28.75
N ALA I 103 45.94 -17.68 -29.74
CA ALA I 103 45.72 -16.36 -30.31
C ALA I 103 44.27 -16.22 -30.75
N ASN I 104 43.84 -14.97 -31.00
CA ASN I 104 42.51 -14.71 -31.53
C ASN I 104 42.61 -15.01 -33.03
N ASN I 105 42.06 -16.15 -33.43
CA ASN I 105 42.12 -16.64 -34.80
C ASN I 105 40.83 -16.48 -35.56
N SER I 106 39.99 -15.49 -35.15
CA SER I 106 38.74 -15.13 -35.83
C SER I 106 39.08 -14.84 -37.30
N ASN I 107 38.39 -15.51 -38.23
CA ASN I 107 38.71 -15.43 -39.65
C ASN I 107 37.73 -14.67 -40.57
N GLY I 108 36.58 -14.26 -40.02
CA GLY I 108 35.54 -13.53 -40.73
C GLY I 108 34.97 -14.22 -41.95
N VAL I 109 35.04 -15.58 -41.99
CA VAL I 109 34.58 -16.37 -43.14
C VAL I 109 33.07 -16.27 -43.31
N ASP I 110 32.63 -15.86 -44.51
CA ASP I 110 31.22 -15.69 -44.86
C ASP I 110 30.60 -17.06 -45.14
N ILE I 111 30.07 -17.70 -44.09
CA ILE I 111 29.47 -19.03 -44.19
C ILE I 111 28.07 -19.03 -44.80
N ASN I 112 27.45 -17.86 -44.93
CA ASN I 112 26.10 -17.77 -45.48
C ASN I 112 26.10 -17.56 -46.97
N ASN I 113 27.24 -17.17 -47.56
CA ASN I 113 27.39 -16.95 -49.00
C ASN I 113 28.36 -17.89 -49.67
N GLY I 114 29.25 -18.48 -48.91
CA GLY I 114 30.24 -19.38 -49.47
C GLY I 114 30.67 -20.51 -48.58
N SER I 115 31.71 -21.21 -49.00
CA SER I 115 32.31 -22.34 -48.31
C SER I 115 33.34 -21.83 -47.29
N GLY I 116 33.75 -22.73 -46.40
CA GLY I 116 34.76 -22.44 -45.39
C GLY I 116 34.24 -22.61 -43.99
N VAL I 117 35.17 -22.62 -43.04
CA VAL I 117 34.86 -22.77 -41.62
C VAL I 117 34.93 -21.38 -40.99
N LEU I 118 33.86 -20.96 -40.32
CA LEU I 118 33.88 -19.70 -39.61
C LEU I 118 34.47 -19.96 -38.22
N LYS I 119 35.47 -19.17 -37.84
CA LYS I 119 36.07 -19.21 -36.52
C LYS I 119 35.85 -17.85 -35.93
N VAL I 120 35.26 -17.79 -34.75
CA VAL I 120 35.03 -16.52 -34.07
C VAL I 120 35.29 -16.64 -32.58
N CYS I 121 36.21 -15.82 -32.08
CA CYS I 121 36.56 -15.80 -30.66
C CYS I 121 35.47 -15.06 -29.86
N PHE I 122 35.02 -15.64 -28.74
CA PHE I 122 34.00 -15.00 -27.89
C PHE I 122 34.41 -14.81 -26.42
N ASP I 123 35.47 -15.50 -25.98
CA ASP I 123 35.93 -15.44 -24.60
C ASP I 123 37.44 -15.51 -24.53
N ILE I 124 38.03 -14.84 -23.52
CA ILE I 124 39.47 -14.88 -23.23
C ILE I 124 39.63 -15.39 -21.79
N VAL I 125 40.20 -16.57 -21.63
CA VAL I 125 40.35 -17.21 -20.32
C VAL I 125 41.83 -17.37 -19.99
N THR I 126 42.30 -16.68 -18.95
CA THR I 126 43.69 -16.73 -18.49
C THR I 126 43.84 -17.77 -17.38
N THR I 127 44.88 -18.61 -17.49
CA THR I 127 45.13 -19.68 -16.56
C THR I 127 46.47 -19.56 -15.83
N SER I 128 46.55 -20.29 -14.69
CA SER I 128 47.78 -20.53 -13.96
C SER I 128 48.16 -21.97 -14.40
N GLY I 129 49.04 -22.63 -13.68
CA GLY I 129 49.37 -24.02 -13.99
C GLY I 129 48.29 -24.98 -13.54
N THR I 130 47.38 -24.52 -12.64
CA THR I 130 46.34 -25.35 -12.02
C THR I 130 44.89 -25.04 -12.37
N GLY I 131 44.59 -23.80 -12.76
CA GLY I 131 43.23 -23.38 -13.07
C GLY I 131 43.09 -21.99 -13.64
N VAL I 132 41.84 -21.52 -13.75
CA VAL I 132 41.50 -20.19 -14.29
C VAL I 132 41.77 -19.08 -13.27
N THR I 133 42.53 -18.04 -13.69
CA THR I 133 42.84 -16.87 -12.87
C THR I 133 41.93 -15.67 -13.21
N SER I 134 41.53 -15.52 -14.49
CA SER I 134 40.62 -14.47 -14.94
C SER I 134 39.95 -14.80 -16.27
N THR I 135 38.78 -14.17 -16.52
CA THR I 135 38.00 -14.31 -17.75
C THR I 135 37.58 -12.92 -18.22
N LYS I 136 37.70 -12.69 -19.52
CA LYS I 136 37.29 -11.45 -20.15
C LYS I 136 36.52 -11.83 -21.42
N PRO I 137 35.29 -11.34 -21.58
CA PRO I 137 34.54 -11.63 -22.81
C PRO I 137 35.03 -10.77 -23.98
N ILE I 138 34.78 -11.26 -25.20
CA ILE I 138 35.02 -10.49 -26.40
C ILE I 138 33.80 -9.57 -26.53
N VAL I 139 34.05 -8.33 -26.95
CA VAL I 139 32.98 -7.35 -27.11
C VAL I 139 32.00 -7.79 -28.23
N GLN I 140 30.72 -7.45 -28.05
CA GLN I 140 29.68 -7.73 -29.00
C GLN I 140 29.46 -6.42 -29.74
N THR I 141 29.90 -6.35 -30.99
CA THR I 141 29.81 -5.13 -31.79
C THR I 141 28.48 -5.01 -32.55
N SER I 142 27.85 -3.85 -32.44
CA SER I 142 26.64 -3.48 -33.16
C SER I 142 27.09 -2.41 -34.16
N THR I 143 27.12 -2.76 -35.45
CA THR I 143 27.51 -1.84 -36.50
C THR I 143 26.24 -1.22 -37.07
N LEU I 144 26.00 0.05 -36.71
CA LEU I 144 24.82 0.78 -37.13
C LEU I 144 25.13 2.01 -38.00
N ASP I 145 24.12 2.54 -38.69
CA ASP I 145 24.31 3.67 -39.58
C ASP I 145 23.80 4.95 -38.90
N SER I 146 22.50 5.17 -38.89
CA SER I 146 21.92 6.33 -38.25
C SER I 146 21.04 5.85 -37.10
N ILE I 147 21.29 6.37 -35.88
CA ILE I 147 20.53 6.05 -34.67
C ILE I 147 19.75 7.26 -34.22
N SER I 148 18.49 7.05 -33.89
CA SER I 148 17.62 8.04 -33.28
C SER I 148 17.32 7.44 -31.91
N VAL I 149 17.74 8.10 -30.84
CA VAL I 149 17.54 7.61 -29.47
C VAL I 149 16.97 8.70 -28.54
N ASN I 150 16.27 8.28 -27.46
CA ASN I 150 15.77 9.23 -26.45
C ASN I 150 16.81 9.40 -25.39
N ASP I 151 17.25 8.33 -24.75
CA ASP I 151 18.30 8.46 -23.72
C ASP I 151 19.37 7.40 -23.87
N MET I 152 20.59 7.73 -23.47
CA MET I 152 21.72 6.80 -23.56
C MET I 152 22.62 6.92 -22.36
N THR I 153 23.09 5.78 -21.87
CA THR I 153 24.04 5.68 -20.77
C THR I 153 25.27 4.96 -21.31
N VAL I 154 26.43 5.60 -21.11
CA VAL I 154 27.73 5.08 -21.55
C VAL I 154 28.55 4.74 -20.30
N SER I 155 29.02 3.50 -20.18
CA SER I 155 29.85 3.08 -19.04
C SER I 155 31.34 3.25 -19.36
N GLY I 156 31.69 3.17 -20.65
CA GLY I 156 33.05 3.34 -21.12
C GLY I 156 33.23 4.74 -21.70
N SER I 157 33.42 4.83 -23.02
CA SER I 157 33.65 6.11 -23.66
C SER I 157 33.01 6.21 -25.04
N ILE I 158 32.75 7.46 -25.46
CA ILE I 158 32.28 7.77 -26.78
C ILE I 158 33.47 8.37 -27.51
N ASP I 159 33.83 7.80 -28.67
CA ASP I 159 34.85 8.35 -29.53
C ASP I 159 34.15 9.13 -30.64
N VAL I 160 34.37 10.46 -30.68
CA VAL I 160 33.80 11.35 -31.70
C VAL I 160 34.91 11.91 -32.58
N PRO I 161 34.59 12.36 -33.81
CA PRO I 161 35.64 12.93 -34.69
C PRO I 161 36.27 14.20 -34.14
N VAL I 162 37.58 14.34 -34.40
CA VAL I 162 38.40 15.48 -33.96
C VAL I 162 39.09 16.12 -35.15
N GLN I 163 39.00 17.44 -35.27
CA GLN I 163 39.67 18.22 -36.31
C GLN I 163 40.50 19.30 -35.62
N THR I 164 41.71 19.57 -36.15
CA THR I 164 42.59 20.59 -35.60
C THR I 164 42.98 21.62 -36.65
N LEU I 165 43.25 22.85 -36.22
CA LEU I 165 43.64 23.95 -37.10
C LEU I 165 44.50 24.92 -36.34
N THR I 166 45.60 25.35 -36.98
CA THR I 166 46.47 26.40 -36.44
C THR I 166 46.25 27.64 -37.29
N VAL I 167 45.95 28.76 -36.64
CA VAL I 167 45.71 30.02 -37.34
C VAL I 167 46.76 31.05 -36.95
N GLU I 168 47.48 31.60 -37.93
CA GLU I 168 48.41 32.69 -37.72
C GLU I 168 47.53 33.92 -37.94
N ALA I 169 46.85 34.36 -36.85
CA ALA I 169 45.86 35.44 -36.85
C ALA I 169 46.40 36.79 -37.30
N GLY I 170 47.73 36.92 -37.26
CA GLY I 170 48.46 38.14 -37.58
C GLY I 170 48.90 38.76 -36.27
N ASN I 171 49.69 39.86 -36.34
CA ASN I 171 50.19 40.63 -35.19
C ASN I 171 50.97 39.79 -34.16
N GLY I 172 51.38 38.60 -34.56
CA GLY I 172 52.12 37.66 -33.73
C GLY I 172 51.25 36.66 -32.97
N LEU I 173 49.91 36.82 -33.01
CA LEU I 173 48.98 35.93 -32.34
C LEU I 173 48.78 34.64 -33.11
N GLN I 174 48.80 33.52 -32.38
CA GLN I 174 48.55 32.21 -32.93
C GLN I 174 47.40 31.55 -32.17
N LEU I 175 46.48 30.91 -32.90
CA LEU I 175 45.38 30.15 -32.31
C LEU I 175 45.55 28.70 -32.71
N GLN I 176 45.44 27.78 -31.75
CA GLN I 176 45.45 26.36 -32.03
C GLN I 176 44.05 25.88 -31.64
N LEU I 177 43.22 25.58 -32.64
CA LEU I 177 41.83 25.18 -32.45
C LEU I 177 41.66 23.68 -32.56
N THR I 178 40.91 23.10 -31.62
CA THR I 178 40.57 21.67 -31.62
C THR I 178 39.05 21.60 -31.59
N LYS I 179 38.46 21.00 -32.63
CA LYS I 179 37.02 20.85 -32.83
C LYS I 179 36.64 19.39 -32.63
N LYS I 180 35.65 19.11 -31.74
CA LYS I 180 35.18 17.74 -31.48
C LYS I 180 33.67 17.62 -31.74
N ASN I 181 33.24 16.52 -32.34
CA ASN I 181 31.85 16.28 -32.72
C ASN I 181 31.34 17.36 -33.70
N ASN I 182 32.28 18.02 -34.39
CA ASN I 182 31.95 19.04 -35.38
C ASN I 182 31.22 20.18 -34.68
N ASP I 183 31.42 20.31 -33.37
CA ASP I 183 30.72 21.35 -32.60
C ASP I 183 31.51 22.10 -31.55
N LEU I 184 31.99 21.40 -30.52
CA LEU I 184 32.73 22.03 -29.45
C LEU I 184 34.15 22.35 -29.86
N VAL I 185 34.54 23.62 -29.75
CA VAL I 185 35.89 24.07 -30.07
C VAL I 185 36.59 24.61 -28.84
N ILE I 186 37.85 24.21 -28.63
CA ILE I 186 38.68 24.79 -27.60
C ILE I 186 39.83 25.44 -28.33
N VAL I 187 40.00 26.75 -28.11
CA VAL I 187 41.05 27.57 -28.70
C VAL I 187 42.15 27.75 -27.66
N ARG I 188 43.39 27.46 -28.05
CA ARG I 188 44.56 27.65 -27.20
C ARG I 188 45.38 28.77 -27.83
N PHE I 189 45.63 29.87 -27.07
CA PHE I 189 46.40 31.00 -27.56
C PHE I 189 47.88 30.78 -27.40
N PHE I 190 48.65 31.18 -28.42
CA PHE I 190 50.10 31.13 -28.43
C PHE I 190 50.64 32.38 -29.13
N GLY I 191 51.97 32.49 -29.20
CA GLY I 191 52.63 33.63 -29.81
C GLY I 191 52.74 34.82 -28.88
N SER I 192 52.98 36.00 -29.49
CA SER I 192 53.15 37.27 -28.78
C SER I 192 52.62 38.39 -29.65
N VAL I 193 51.70 39.20 -29.10
CA VAL I 193 51.04 40.27 -29.85
C VAL I 193 51.73 41.63 -29.76
N SER I 194 51.80 42.33 -30.90
CA SER I 194 52.40 43.66 -31.05
C SER I 194 51.73 44.41 -32.22
N ASN I 195 51.72 45.76 -32.16
CA ASN I 195 51.17 46.68 -33.17
C ASN I 195 49.70 46.40 -33.54
N ILE I 196 48.79 46.56 -32.57
CA ILE I 196 47.36 46.36 -32.76
C ILE I 196 46.55 47.35 -31.92
N GLN I 197 45.38 47.77 -32.42
CA GLN I 197 44.49 48.66 -31.71
C GLN I 197 43.16 47.98 -31.44
N LYS I 198 42.48 48.39 -30.36
CA LYS I 198 41.16 47.88 -29.98
C LYS I 198 40.17 48.10 -31.13
N GLY I 199 39.40 47.06 -31.44
CA GLY I 199 38.39 47.11 -32.50
C GLY I 199 38.91 46.79 -33.88
N TRP I 200 40.24 46.67 -34.01
CA TRP I 200 40.85 46.38 -35.29
C TRP I 200 40.90 44.91 -35.60
N ASN I 201 40.66 44.59 -36.87
CA ASN I 201 40.74 43.25 -37.42
C ASN I 201 42.22 42.89 -37.44
N MET I 202 42.53 41.66 -37.05
CA MET I 202 43.92 41.22 -37.04
C MET I 202 44.44 41.00 -38.45
N SER I 203 45.71 41.38 -38.68
CA SER I 203 46.34 41.42 -40.00
C SER I 203 46.60 40.12 -40.76
N GLY I 204 46.37 38.98 -40.12
CA GLY I 204 46.65 37.68 -40.72
C GLY I 204 45.50 36.89 -41.26
N THR I 205 45.66 35.56 -41.18
CA THR I 205 44.75 34.56 -41.70
C THR I 205 43.42 34.51 -40.96
N TRP I 206 42.33 34.38 -41.71
CA TRP I 206 40.99 34.22 -41.18
C TRP I 206 40.77 32.74 -40.86
N VAL I 207 39.85 32.47 -39.94
CA VAL I 207 39.52 31.10 -39.52
C VAL I 207 38.86 30.34 -40.68
N ASP I 208 39.33 29.11 -40.97
CA ASP I 208 38.78 28.24 -42.01
C ASP I 208 37.31 27.96 -41.76
N ARG I 209 36.52 27.89 -42.85
CA ARG I 209 35.07 27.65 -42.79
C ARG I 209 34.63 26.57 -41.78
N PRO I 210 35.26 25.36 -41.72
CA PRO I 210 34.80 24.33 -40.77
C PRO I 210 34.89 24.68 -39.29
N PHE I 211 35.64 25.74 -38.93
CA PHE I 211 35.81 26.17 -37.55
C PHE I 211 35.05 27.46 -37.23
N ARG I 212 34.41 28.05 -38.23
CA ARG I 212 33.67 29.30 -38.04
C ARG I 212 32.38 29.08 -37.24
N PRO I 213 32.14 29.93 -36.21
CA PRO I 213 30.89 29.80 -35.43
C PRO I 213 29.69 30.41 -36.15
N ALA I 214 28.46 30.03 -35.74
CA ALA I 214 27.24 30.61 -36.33
C ALA I 214 27.01 32.02 -35.79
N ALA I 215 27.49 32.29 -34.57
CA ALA I 215 27.40 33.60 -33.91
C ALA I 215 28.77 34.03 -33.39
N VAL I 216 29.02 35.34 -33.26
CA VAL I 216 30.30 35.90 -32.77
C VAL I 216 30.69 35.32 -31.42
N GLN I 217 31.97 34.93 -31.27
CA GLN I 217 32.47 34.35 -30.04
C GLN I 217 33.61 35.16 -29.47
N SER I 218 33.45 35.67 -28.23
CA SER I 218 34.47 36.45 -27.55
C SER I 218 35.31 35.52 -26.67
N LEU I 219 36.59 35.40 -26.97
CA LEU I 219 37.47 34.50 -26.23
C LEU I 219 38.52 35.25 -25.44
N VAL I 220 38.48 35.08 -24.11
CA VAL I 220 39.37 35.74 -23.16
C VAL I 220 40.76 35.07 -23.15
N GLY I 221 41.80 35.89 -23.18
CA GLY I 221 43.19 35.46 -23.11
C GLY I 221 43.95 36.20 -22.03
N HIS I 222 45.17 35.73 -21.72
CA HIS I 222 46.00 36.33 -20.67
C HIS I 222 47.41 36.61 -21.15
N PHE I 223 48.02 37.70 -20.64
CA PHE I 223 49.40 38.06 -20.95
C PHE I 223 50.31 37.42 -19.94
N ALA I 224 51.16 36.49 -20.39
CA ALA I 224 52.07 35.72 -19.55
C ALA I 224 52.96 36.58 -18.65
N GLY I 225 52.95 36.26 -17.36
CA GLY I 225 53.72 36.93 -16.33
C GLY I 225 53.19 38.29 -15.91
N ARG I 226 51.97 38.63 -16.36
CA ARG I 226 51.33 39.92 -16.07
C ARG I 226 49.98 39.73 -15.37
N ASP I 227 49.38 40.81 -14.89
CA ASP I 227 48.06 40.74 -14.29
C ASP I 227 47.00 41.25 -15.29
N THR I 228 47.42 41.43 -16.56
CA THR I 228 46.61 41.95 -17.66
C THR I 228 46.06 40.87 -18.58
N SER I 229 44.91 41.17 -19.21
CA SER I 229 44.22 40.25 -20.09
C SER I 229 43.75 40.94 -21.37
N PHE I 230 43.23 40.16 -22.32
CA PHE I 230 42.68 40.62 -23.58
C PHE I 230 41.53 39.69 -23.97
N HIS I 231 40.84 40.04 -25.05
CA HIS I 231 39.88 39.16 -25.69
C HIS I 231 39.86 39.40 -27.18
N ILE I 232 39.52 38.37 -27.93
CA ILE I 232 39.39 38.46 -29.39
C ILE I 232 38.00 37.97 -29.75
N ASP I 233 37.45 38.47 -30.84
CA ASP I 233 36.16 38.00 -31.34
C ASP I 233 36.39 37.19 -32.60
N ILE I 234 35.90 35.94 -32.62
CA ILE I 234 35.93 35.13 -33.83
C ILE I 234 34.54 35.38 -34.44
N ASN I 235 34.53 36.08 -35.56
CA ASN I 235 33.29 36.45 -36.22
C ASN I 235 32.78 35.32 -37.12
N PRO I 236 31.44 35.20 -37.36
CA PRO I 236 30.95 34.15 -38.26
C PRO I 236 31.59 34.10 -39.67
N ASN I 237 32.12 35.25 -40.17
CA ASN I 237 32.79 35.32 -41.47
C ASN I 237 34.24 34.79 -41.45
N GLY I 238 34.74 34.48 -40.25
CA GLY I 238 36.09 33.94 -40.08
C GLY I 238 37.11 34.96 -39.63
N SER I 239 36.75 36.25 -39.68
CA SER I 239 37.66 37.32 -39.26
C SER I 239 37.83 37.33 -37.75
N ILE I 240 38.95 37.88 -37.29
CA ILE I 240 39.27 37.98 -35.86
C ILE I 240 39.47 39.45 -35.51
N THR I 241 38.68 39.94 -34.54
CA THR I 241 38.76 41.32 -34.07
C THR I 241 39.48 41.38 -32.70
N TRP I 242 40.48 42.27 -32.58
CA TRP I 242 41.22 42.48 -31.34
C TRP I 242 40.40 43.33 -30.37
N TRP I 243 40.23 42.84 -29.15
CA TRP I 243 39.51 43.60 -28.14
C TRP I 243 40.24 43.79 -26.83
N GLY I 244 41.56 43.69 -26.88
CA GLY I 244 42.40 44.04 -25.74
C GLY I 244 42.72 45.51 -25.89
N ALA I 245 43.58 46.05 -25.02
CA ALA I 245 43.98 47.45 -25.15
C ALA I 245 44.96 47.59 -26.33
N ASN I 246 45.31 48.82 -26.71
CA ASN I 246 46.24 49.05 -27.81
C ASN I 246 47.62 48.51 -27.39
N ILE I 247 48.24 47.73 -28.29
CA ILE I 247 49.56 47.15 -28.04
C ILE I 247 50.62 47.92 -28.82
N ASP I 248 51.70 48.32 -28.14
CA ASP I 248 52.80 49.07 -28.72
C ASP I 248 53.71 48.13 -29.51
N LYS I 249 54.84 48.66 -29.94
CA LYS I 249 55.87 47.93 -30.70
C LYS I 249 56.43 46.66 -30.02
N THR I 250 56.45 46.63 -28.67
CA THR I 250 56.97 45.51 -27.88
C THR I 250 55.97 44.35 -27.79
N PRO I 251 56.34 43.16 -28.32
CA PRO I 251 55.43 41.99 -28.23
C PRO I 251 55.25 41.47 -26.80
N ILE I 252 54.02 41.05 -26.48
CA ILE I 252 53.65 40.50 -25.17
C ILE I 252 53.11 39.09 -25.41
N ALA I 253 53.64 38.07 -24.71
CA ALA I 253 53.22 36.67 -24.84
C ALA I 253 51.76 36.48 -24.46
N THR I 254 50.99 35.86 -25.37
CA THR I 254 49.56 35.62 -25.24
C THR I 254 49.25 34.14 -25.02
N ARG I 255 48.55 33.83 -23.92
CA ARG I 255 48.17 32.45 -23.58
C ARG I 255 46.72 32.33 -23.06
N GLY I 256 46.20 31.11 -23.08
CA GLY I 256 44.86 30.84 -22.55
C GLY I 256 43.97 29.95 -23.39
N ASN I 257 43.02 29.29 -22.72
CA ASN I 257 42.04 28.43 -23.35
C ASN I 257 40.67 29.08 -23.31
N GLY I 258 40.00 29.08 -24.45
CA GLY I 258 38.66 29.60 -24.62
C GLY I 258 37.83 28.59 -25.39
N SER I 259 36.56 28.38 -25.00
CA SER I 259 35.69 27.44 -25.70
C SER I 259 34.51 28.11 -26.34
N TYR I 260 34.02 27.50 -27.44
CA TYR I 260 32.81 27.93 -28.12
C TYR I 260 32.14 26.78 -28.85
N PHE I 261 30.84 26.96 -29.16
CA PHE I 261 30.05 26.03 -29.92
C PHE I 261 29.93 26.58 -31.31
N ILE I 262 30.12 25.72 -32.33
CA ILE I 262 29.95 26.12 -33.72
C ILE I 262 28.44 26.22 -34.02
N LYS I 263 27.67 25.22 -33.57
CA LYS I 263 26.23 25.15 -33.85
C LYS I 263 25.38 25.79 -32.77
N SER I 264 24.33 26.48 -33.21
CA SER I 264 23.33 27.09 -32.32
C SER I 264 22.14 26.13 -32.26
N ALA I 265 21.00 26.54 -31.68
CA ALA I 265 19.79 25.70 -31.65
C ALA I 265 19.22 25.62 -33.08
N TRP I 266 18.97 24.39 -33.57
CA TRP I 266 18.46 24.15 -34.94
C TRP I 266 17.47 22.97 -35.03
N VAL J 2 68.53 12.42 -21.50
CA VAL J 2 68.60 13.76 -20.90
C VAL J 2 70.07 14.12 -20.50
N GLN J 3 71.04 13.91 -21.43
CA GLN J 3 72.47 14.19 -21.24
C GLN J 3 72.84 15.68 -21.43
N LEU J 4 73.91 16.15 -20.74
CA LEU J 4 74.36 17.55 -20.79
C LEU J 4 75.86 17.73 -21.10
N GLN J 5 76.18 18.76 -21.92
CA GLN J 5 77.52 19.19 -22.31
C GLN J 5 77.80 20.55 -21.66
N GLU J 6 78.98 20.72 -21.03
CA GLU J 6 79.31 21.99 -20.36
C GLU J 6 80.57 22.68 -20.90
N SER J 7 80.46 23.22 -22.14
CA SER J 7 81.52 23.94 -22.86
C SER J 7 81.77 25.33 -22.25
N GLY J 8 83.03 25.77 -22.30
CA GLY J 8 83.47 27.06 -21.77
C GLY J 8 83.58 27.13 -20.26
N GLY J 9 84.53 27.92 -19.77
CA GLY J 9 84.80 28.12 -18.35
C GLY J 9 86.24 27.92 -17.94
N GLY J 10 86.73 28.79 -17.05
CA GLY J 10 88.10 28.73 -16.55
C GLY J 10 88.55 29.88 -15.67
N LEU J 11 89.68 30.50 -16.03
CA LEU J 11 90.34 31.58 -15.29
C LEU J 11 90.20 32.98 -15.91
N VAL J 12 89.86 33.99 -15.08
CA VAL J 12 89.72 35.41 -15.44
C VAL J 12 89.80 36.36 -14.21
N GLN J 13 90.23 37.64 -14.45
CA GLN J 13 90.38 38.68 -13.43
C GLN J 13 89.06 39.33 -12.95
N ALA J 14 89.05 39.86 -11.70
CA ALA J 14 87.89 40.52 -11.08
C ALA J 14 87.60 41.86 -11.76
N GLY J 15 86.36 42.00 -12.25
CA GLY J 15 85.88 43.17 -12.97
C GLY J 15 85.90 42.95 -14.47
N GLY J 16 86.38 41.77 -14.88
CA GLY J 16 86.48 41.35 -16.27
C GLY J 16 85.23 40.69 -16.82
N SER J 17 85.42 39.89 -17.89
CA SER J 17 84.33 39.19 -18.56
C SER J 17 84.66 37.74 -18.94
N LEU J 18 83.66 36.84 -18.91
CA LEU J 18 83.73 35.40 -19.22
C LEU J 18 82.39 34.88 -19.79
N ARG J 19 82.37 33.66 -20.39
CA ARG J 19 81.16 33.03 -20.94
C ARG J 19 81.00 31.54 -20.55
N LEU J 20 79.76 31.01 -20.65
CA LEU J 20 79.40 29.61 -20.36
C LEU J 20 78.45 29.06 -21.43
N SER J 21 78.65 27.80 -21.87
CA SER J 21 77.80 27.15 -22.87
C SER J 21 77.25 25.81 -22.37
N CYS J 22 75.99 25.49 -22.72
CA CYS J 22 75.32 24.24 -22.32
C CYS J 22 74.31 23.76 -23.35
N THR J 23 74.40 22.48 -23.74
CA THR J 23 73.51 21.86 -24.72
C THR J 23 72.87 20.60 -24.14
N ALA J 24 71.53 20.50 -24.24
CA ALA J 24 70.80 19.34 -23.77
C ALA J 24 70.47 18.43 -24.96
N SER J 25 70.59 17.12 -24.75
CA SER J 25 70.33 16.08 -25.75
C SER J 25 68.88 16.07 -26.23
N ARG J 26 67.93 16.27 -25.29
CA ARG J 26 66.48 16.31 -25.54
C ARG J 26 65.74 17.22 -24.53
N ARG J 27 64.49 17.58 -24.87
CA ARG J 27 63.62 18.36 -24.00
C ARG J 27 62.49 17.46 -23.52
N THR J 28 62.32 17.42 -22.19
CA THR J 28 61.37 16.55 -21.47
C THR J 28 59.88 16.92 -21.58
N GLY J 29 59.59 18.11 -22.11
CA GLY J 29 58.23 18.59 -22.30
C GLY J 29 58.08 20.11 -22.39
N SER J 30 56.86 20.58 -22.07
CA SER J 30 56.47 21.99 -22.10
C SER J 30 57.10 22.75 -20.95
N ASN J 31 57.09 24.11 -21.02
CA ASN J 31 57.70 24.99 -20.03
C ASN J 31 59.16 24.57 -19.80
N TRP J 32 59.88 24.44 -20.92
CA TRP J 32 61.27 24.02 -20.95
C TRP J 32 62.22 25.10 -20.46
N CYS J 33 62.78 24.87 -19.27
CA CYS J 33 63.71 25.79 -18.62
C CYS J 33 65.12 25.23 -18.60
N MET J 34 66.07 26.00 -19.13
CA MET J 34 67.50 25.67 -19.15
C MET J 34 68.24 26.77 -18.44
N GLY J 35 69.12 26.38 -17.52
CA GLY J 35 69.90 27.33 -16.73
C GLY J 35 71.07 26.75 -15.96
N TRP J 36 71.47 27.46 -14.88
CA TRP J 36 72.61 27.08 -14.05
C TRP J 36 72.40 27.25 -12.55
N PHE J 37 72.89 26.26 -11.77
CA PHE J 37 72.88 26.24 -10.31
C PHE J 37 74.30 26.61 -9.82
N ARG J 38 74.41 27.53 -8.84
CA ARG J 38 75.67 28.03 -8.27
C ARG J 38 75.98 27.42 -6.90
N GLN J 39 77.25 27.04 -6.66
CA GLN J 39 77.70 26.51 -5.37
C GLN J 39 78.98 27.21 -4.88
N LEU J 40 78.81 28.22 -3.99
CA LEU J 40 79.89 29.02 -3.40
C LEU J 40 80.34 28.50 -2.02
N ALA J 41 81.67 28.59 -1.75
CA ALA J 41 82.36 28.21 -0.50
C ALA J 41 81.80 27.00 0.29
N GLY J 42 81.51 25.91 -0.42
CA GLY J 42 80.99 24.67 0.16
C GLY J 42 79.56 24.73 0.66
N LYS J 43 78.84 25.84 0.36
CA LYS J 43 77.44 26.03 0.75
C LYS J 43 76.48 25.22 -0.15
N GLU J 44 75.15 25.32 0.10
CA GLU J 44 74.11 24.61 -0.64
C GLU J 44 73.93 25.17 -2.07
N PRO J 45 73.83 24.30 -3.13
CA PRO J 45 73.64 24.83 -4.50
C PRO J 45 72.32 25.58 -4.68
N GLU J 46 72.34 26.66 -5.49
CA GLU J 46 71.19 27.54 -5.71
C GLU J 46 71.07 28.00 -7.19
N LEU J 47 69.84 28.02 -7.74
CA LEU J 47 69.59 28.49 -9.11
C LEU J 47 69.81 30.01 -9.19
N VAL J 48 70.61 30.42 -10.17
CA VAL J 48 71.00 31.81 -10.38
C VAL J 48 70.53 32.40 -11.71
N VAL J 49 70.62 31.61 -12.79
CA VAL J 49 70.26 32.01 -14.15
C VAL J 49 69.45 30.89 -14.80
N ALA J 50 68.27 31.20 -15.38
CA ALA J 50 67.40 30.26 -16.09
C ALA J 50 66.59 30.96 -17.19
N LEU J 51 66.29 30.24 -18.31
CA LEU J 51 65.52 30.74 -19.47
C LEU J 51 64.36 29.80 -19.83
N ASN J 52 63.12 30.31 -19.82
CA ASN J 52 61.93 29.55 -20.22
C ASN J 52 61.85 29.64 -21.74
N PHE J 53 62.21 28.55 -22.41
CA PHE J 53 62.28 28.44 -23.87
C PHE J 53 60.97 28.75 -24.59
N ASP J 54 59.87 28.17 -24.08
CA ASP J 54 58.52 28.30 -24.63
C ASP J 54 57.91 29.69 -24.47
N TYR J 55 58.37 30.44 -23.46
CA TYR J 55 57.88 31.78 -23.13
C TYR J 55 58.87 32.92 -23.42
N ASP J 56 60.14 32.58 -23.71
CA ASP J 56 61.26 33.52 -23.94
C ASP J 56 61.40 34.48 -22.75
N MET J 57 61.18 33.94 -21.53
CA MET J 57 61.25 34.67 -20.26
C MET J 57 62.42 34.18 -19.44
N THR J 58 63.20 35.14 -18.93
CA THR J 58 64.40 34.88 -18.16
C THR J 58 64.20 35.09 -16.67
N TYR J 59 65.03 34.40 -15.86
CA TYR J 59 65.12 34.59 -14.41
C TYR J 59 66.58 34.77 -14.04
N TYR J 60 66.84 35.81 -13.26
CA TYR J 60 68.17 36.11 -12.72
C TYR J 60 67.98 36.38 -11.22
N ALA J 61 68.86 35.79 -10.38
CA ALA J 61 68.81 36.04 -8.93
C ALA J 61 69.28 37.48 -8.69
N ASP J 62 68.66 38.21 -7.74
CA ASP J 62 68.95 39.61 -7.41
C ASP J 62 70.46 39.95 -7.30
N SER J 63 71.26 38.99 -6.79
CA SER J 63 72.71 39.10 -6.61
C SER J 63 73.50 39.25 -7.92
N VAL J 64 72.97 38.75 -9.06
CA VAL J 64 73.65 38.80 -10.36
C VAL J 64 72.95 39.70 -11.42
N LYS J 65 71.83 40.35 -11.04
CA LYS J 65 71.03 41.21 -11.93
C LYS J 65 71.85 42.32 -12.59
N GLY J 66 71.67 42.47 -13.90
CA GLY J 66 72.34 43.47 -14.73
C GLY J 66 73.80 43.22 -15.04
N ARG J 67 74.36 42.13 -14.47
CA ARG J 67 75.76 41.69 -14.59
C ARG J 67 75.86 40.50 -15.55
N PHE J 68 74.88 39.58 -15.46
CA PHE J 68 74.79 38.35 -16.26
C PHE J 68 73.69 38.43 -17.31
N THR J 69 73.93 37.79 -18.48
CA THR J 69 72.94 37.76 -19.57
C THR J 69 72.85 36.37 -20.19
N VAL J 70 71.66 35.75 -20.13
CA VAL J 70 71.39 34.43 -20.69
C VAL J 70 70.80 34.54 -22.10
N SER J 71 71.39 33.81 -23.06
CA SER J 71 70.97 33.82 -24.46
C SER J 71 70.74 32.41 -24.98
N ARG J 72 69.94 32.31 -26.08
CA ARG J 72 69.57 31.08 -26.77
C ARG J 72 70.12 31.10 -28.21
N ASP J 73 70.57 29.94 -28.73
CA ASP J 73 71.10 29.79 -30.10
C ASP J 73 70.12 28.99 -30.97
N SER J 74 69.38 29.66 -31.87
CA SER J 74 68.40 29.10 -32.82
C SER J 74 67.42 28.13 -32.14
N GLY J 75 67.33 26.88 -32.61
CA GLY J 75 66.49 25.83 -32.06
C GLY J 75 67.34 24.63 -31.69
N LYS J 76 68.62 24.90 -31.38
CA LYS J 76 69.64 23.92 -31.03
C LYS J 76 69.52 23.42 -29.59
N ASN J 77 68.67 24.08 -28.76
CA ASN J 77 68.48 23.77 -27.34
C ASN J 77 69.82 23.95 -26.60
N THR J 78 70.47 25.07 -26.91
CA THR J 78 71.76 25.50 -26.36
C THR J 78 71.57 26.84 -25.65
N VAL J 79 72.09 26.93 -24.42
CA VAL J 79 72.03 28.14 -23.62
C VAL J 79 73.42 28.69 -23.29
N TYR J 80 73.58 30.03 -23.41
CA TYR J 80 74.83 30.75 -23.12
C TYR J 80 74.68 31.76 -21.99
N LEU J 81 75.70 31.84 -21.12
CA LEU J 81 75.74 32.80 -20.00
C LEU J 81 76.88 33.82 -20.20
N GLN J 82 76.55 35.05 -20.60
CA GLN J 82 77.55 36.10 -20.78
C GLN J 82 77.73 36.82 -19.46
N MET J 83 78.82 36.47 -18.77
CA MET J 83 79.21 36.93 -17.44
C MET J 83 80.20 38.12 -17.57
N ASN J 84 79.72 39.35 -17.33
CA ASN J 84 80.55 40.55 -17.38
C ASN J 84 80.65 41.16 -15.97
N SER J 85 81.62 42.09 -15.73
CA SER J 85 81.84 42.76 -14.43
C SER J 85 81.92 41.77 -13.25
N LEU J 86 82.70 40.68 -13.42
CA LEU J 86 82.89 39.59 -12.45
C LEU J 86 83.43 40.01 -11.08
N LYS J 87 83.07 39.25 -10.03
CA LYS J 87 83.41 39.52 -8.62
C LYS J 87 84.10 38.31 -7.95
N PRO J 88 84.89 38.48 -6.85
CA PRO J 88 85.51 37.30 -6.19
C PRO J 88 84.51 36.32 -5.56
N GLU J 89 83.32 36.82 -5.14
CA GLU J 89 82.24 36.03 -4.53
C GLU J 89 81.67 35.04 -5.56
N ASP J 90 81.68 35.43 -6.85
CA ASP J 90 81.21 34.66 -8.02
C ASP J 90 82.04 33.40 -8.30
N THR J 91 83.19 33.23 -7.59
CA THR J 91 84.04 32.04 -7.70
C THR J 91 83.26 30.86 -7.09
N ALA J 92 82.72 30.02 -7.97
CA ALA J 92 81.88 28.88 -7.60
C ALA J 92 81.84 27.83 -8.72
N ILE J 93 81.30 26.65 -8.39
CA ILE J 93 81.13 25.55 -9.33
C ILE J 93 79.73 25.65 -9.96
N TYR J 94 79.69 26.00 -11.27
CA TYR J 94 78.45 26.23 -12.04
C TYR J 94 77.98 25.00 -12.86
N TYR J 95 76.98 24.30 -12.32
CA TYR J 95 76.36 23.11 -12.90
C TYR J 95 75.20 23.53 -13.82
N CYS J 96 75.03 22.81 -14.93
CA CYS J 96 73.93 23.10 -15.86
C CYS J 96 72.68 22.28 -15.55
N ALA J 97 71.54 22.97 -15.36
CA ALA J 97 70.25 22.38 -15.02
C ALA J 97 69.17 22.62 -16.06
N ALA J 98 68.39 21.59 -16.38
CA ALA J 98 67.32 21.65 -17.36
C ALA J 98 66.10 20.87 -16.91
N ARG J 99 64.87 21.40 -17.17
CA ARG J 99 63.62 20.75 -16.78
C ARG J 99 62.39 21.22 -17.55
N SER J 100 61.29 20.46 -17.41
CA SER J 100 59.97 20.76 -17.96
C SER J 100 59.08 21.11 -16.76
N GLY J 101 58.48 22.29 -16.80
CA GLY J 101 57.58 22.75 -15.75
C GLY J 101 57.90 24.10 -15.13
N GLY J 102 58.81 24.84 -15.76
CA GLY J 102 59.19 26.17 -15.28
C GLY J 102 60.34 26.18 -14.29
N PHE J 103 60.60 27.37 -13.72
CA PHE J 103 61.68 27.60 -12.76
C PHE J 103 61.38 26.97 -11.40
N SER J 104 62.41 26.41 -10.72
CA SER J 104 62.28 25.80 -9.40
C SER J 104 63.59 25.88 -8.62
N SER J 105 63.48 26.05 -7.28
CA SER J 105 64.63 26.10 -6.36
C SER J 105 65.14 24.68 -6.06
N ASN J 106 64.23 23.69 -6.14
CA ASN J 106 64.49 22.28 -5.87
C ASN J 106 65.26 21.59 -6.97
N ARG J 107 66.38 20.95 -6.57
CA ARG J 107 67.32 20.16 -7.37
C ARG J 107 66.66 18.94 -8.06
N GLU J 108 65.92 18.12 -7.28
CA GLU J 108 65.24 16.90 -7.71
C GLU J 108 64.28 17.13 -8.85
N LEU J 109 63.61 18.29 -8.87
CA LEU J 109 62.64 18.63 -9.91
C LEU J 109 63.26 18.79 -11.30
N TYR J 110 64.61 18.89 -11.38
CA TYR J 110 65.33 19.03 -12.64
C TYR J 110 65.61 17.70 -13.29
N ASP J 111 65.10 17.54 -14.51
CA ASP J 111 65.22 16.34 -15.32
C ASP J 111 66.65 16.08 -15.82
N GLY J 112 67.39 17.16 -16.03
CA GLY J 112 68.78 17.12 -16.49
C GLY J 112 69.70 17.90 -15.57
N TRP J 113 70.77 17.22 -15.11
CA TRP J 113 71.82 17.77 -14.24
C TRP J 113 73.19 17.45 -14.86
N GLY J 114 74.01 18.48 -14.97
CA GLY J 114 75.34 18.37 -15.55
C GLY J 114 76.44 17.99 -14.59
N GLN J 115 77.68 17.94 -15.10
CA GLN J 115 78.88 17.61 -14.34
C GLN J 115 79.25 18.78 -13.42
N GLY J 116 79.39 19.97 -14.01
CA GLY J 116 79.72 21.20 -13.30
C GLY J 116 81.07 21.76 -13.71
N THR J 117 81.07 22.98 -14.29
CA THR J 117 82.28 23.70 -14.73
C THR J 117 82.68 24.70 -13.64
N GLN J 118 83.97 24.69 -13.25
CA GLN J 118 84.53 25.55 -12.20
C GLN J 118 84.86 26.96 -12.72
N VAL J 119 84.35 27.97 -12.00
CA VAL J 119 84.57 29.40 -12.25
C VAL J 119 85.53 29.91 -11.17
N THR J 120 86.67 30.50 -11.60
CA THR J 120 87.74 31.04 -10.75
C THR J 120 87.99 32.52 -11.09
N VAL J 121 87.41 33.44 -10.27
CA VAL J 121 87.55 34.90 -10.44
C VAL J 121 88.77 35.37 -9.63
N SER J 122 89.92 35.56 -10.31
CA SER J 122 91.21 35.97 -9.72
C SER J 122 91.20 37.39 -9.12
N SER J 123 92.09 37.62 -8.13
CA SER J 123 92.25 38.90 -7.44
C SER J 123 93.68 39.46 -7.53
N VAL K 2 18.19 30.09 7.14
CA VAL K 2 17.51 29.20 8.09
C VAL K 2 17.66 29.75 9.56
N GLN K 3 17.69 28.88 10.61
CA GLN K 3 17.74 29.31 12.01
C GLN K 3 19.06 29.92 12.48
N LEU K 4 18.95 31.07 13.17
CA LEU K 4 20.06 31.85 13.73
C LEU K 4 19.95 32.04 15.27
N GLN K 5 21.09 31.95 15.99
CA GLN K 5 21.14 32.11 17.45
C GLN K 5 22.04 33.27 17.88
N GLU K 6 21.41 34.43 18.18
CA GLU K 6 22.09 35.66 18.59
C GLU K 6 22.53 35.67 20.06
N SER K 7 23.51 36.54 20.38
CA SER K 7 24.10 36.75 21.71
C SER K 7 24.66 38.19 21.80
N GLY K 8 25.12 38.57 23.00
CA GLY K 8 25.68 39.89 23.27
C GLY K 8 24.64 40.97 23.48
N GLY K 9 25.02 42.20 23.13
CA GLY K 9 24.18 43.39 23.27
C GLY K 9 24.30 44.07 24.62
N GLY K 10 23.24 44.77 25.01
CA GLY K 10 23.17 45.49 26.27
C GLY K 10 23.67 46.93 26.18
N LEU K 11 23.77 47.60 27.35
CA LEU K 11 24.20 49.00 27.45
C LEU K 11 25.70 49.18 27.69
N VAL K 12 26.24 50.35 27.23
CA VAL K 12 27.62 50.84 27.34
C VAL K 12 27.63 52.37 27.02
N GLN K 13 28.49 53.17 27.70
CA GLN K 13 28.56 54.62 27.48
C GLN K 13 29.28 54.98 26.18
N ALA K 14 29.16 56.25 25.71
CA ALA K 14 29.80 56.73 24.47
C ALA K 14 31.32 56.63 24.53
N GLY K 15 31.90 56.05 23.48
CA GLY K 15 33.33 55.80 23.37
C GLY K 15 33.74 54.42 23.86
N GLY K 16 32.76 53.66 24.37
CA GLY K 16 32.94 52.31 24.92
C GLY K 16 33.05 51.17 23.91
N SER K 17 32.86 49.92 24.40
CA SER K 17 32.97 48.70 23.59
C SER K 17 31.92 47.64 23.92
N LEU K 18 31.37 47.00 22.86
CA LEU K 18 30.37 45.92 22.93
C LEU K 18 30.68 44.82 21.90
N ARG K 19 30.16 43.59 22.14
CA ARG K 19 30.40 42.45 21.24
C ARG K 19 29.09 41.70 20.94
N LEU K 20 28.93 41.29 19.67
CA LEU K 20 27.79 40.53 19.16
C LEU K 20 28.24 39.14 18.66
N SER K 21 27.43 38.10 18.95
CA SER K 21 27.69 36.73 18.48
C SER K 21 26.46 36.19 17.73
N CYS K 22 26.70 35.45 16.63
CA CYS K 22 25.65 34.86 15.80
C CYS K 22 26.09 33.51 15.22
N THR K 23 25.24 32.48 15.40
CA THR K 23 25.50 31.13 14.93
C THR K 23 24.36 30.65 14.03
N ALA K 24 24.72 30.15 12.85
CA ALA K 24 23.77 29.58 11.89
C ALA K 24 23.78 28.07 12.02
N SER K 25 22.58 27.45 11.99
CA SER K 25 22.40 26.00 12.09
C SER K 25 23.06 25.23 10.94
N ARG K 26 22.97 25.79 9.71
CA ARG K 26 23.52 25.23 8.47
C ARG K 26 23.85 26.34 7.44
N ARG K 27 24.52 25.95 6.33
CA ARG K 27 24.86 26.86 5.24
C ARG K 27 23.90 26.58 4.09
N THR K 28 23.31 27.63 3.50
CA THR K 28 22.37 27.46 2.38
C THR K 28 23.04 27.24 1.01
N GLY K 29 24.35 27.49 0.94
CA GLY K 29 25.12 27.29 -0.28
C GLY K 29 26.38 28.10 -0.39
N SER K 30 26.82 28.31 -1.65
CA SER K 30 28.01 29.05 -2.02
C SER K 30 27.84 30.54 -1.77
N ASN K 31 28.96 31.30 -1.75
CA ASN K 31 28.98 32.73 -1.45
C ASN K 31 28.20 32.98 -0.16
N TRP K 32 28.53 32.17 0.86
CA TRP K 32 27.90 32.16 2.17
C TRP K 32 28.31 33.39 2.99
N CYS K 33 27.35 34.28 3.23
CA CYS K 33 27.54 35.55 3.93
C CYS K 33 26.73 35.66 5.22
N MET K 34 27.41 36.03 6.31
CA MET K 34 26.83 36.24 7.64
C MET K 34 27.19 37.65 8.08
N GLY K 35 26.16 38.42 8.41
CA GLY K 35 26.34 39.80 8.87
C GLY K 35 25.21 40.33 9.72
N TRP K 36 25.18 41.67 9.88
CA TRP K 36 24.17 42.36 10.68
C TRP K 36 23.56 43.54 9.95
N PHE K 37 22.26 43.76 10.19
CA PHE K 37 21.48 44.88 9.67
C PHE K 37 21.03 45.73 10.86
N ARG K 38 20.88 47.06 10.67
CA ARG K 38 20.44 47.96 11.75
C ARG K 38 19.46 49.07 11.31
N GLN K 39 18.45 49.32 12.15
CA GLN K 39 17.42 50.35 11.95
C GLN K 39 17.62 51.49 12.98
N LEU K 40 18.24 52.59 12.50
CA LEU K 40 18.63 53.76 13.28
C LEU K 40 17.56 54.87 13.23
N ALA K 41 17.14 55.38 14.42
CA ALA K 41 16.17 56.48 14.61
C ALA K 41 14.87 56.42 13.74
N GLY K 42 14.23 55.25 13.71
CA GLY K 42 13.01 55.01 12.96
C GLY K 42 13.16 55.16 11.47
N LYS K 43 14.32 54.70 10.93
CA LYS K 43 14.67 54.74 9.51
C LYS K 43 14.89 53.33 8.94
N GLU K 44 14.83 53.21 7.59
CA GLU K 44 15.00 51.99 6.79
C GLU K 44 16.26 51.22 7.19
N PRO K 45 16.21 49.87 7.33
CA PRO K 45 17.43 49.13 7.71
C PRO K 45 18.53 49.19 6.65
N GLU K 46 19.79 49.03 7.10
CA GLU K 46 20.96 49.06 6.23
C GLU K 46 21.94 47.98 6.63
N LEU K 47 22.57 47.33 5.65
CA LEU K 47 23.56 46.29 5.89
C LEU K 47 24.83 47.00 6.41
N VAL K 48 24.99 46.97 7.74
CA VAL K 48 26.10 47.60 8.46
C VAL K 48 27.41 46.83 8.25
N VAL K 49 27.37 45.52 8.53
CA VAL K 49 28.52 44.63 8.40
C VAL K 49 28.13 43.25 7.85
N ALA K 50 29.07 42.61 7.13
CA ALA K 50 28.92 41.28 6.55
C ALA K 50 30.27 40.65 6.18
N LEU K 51 30.36 39.30 6.23
CA LEU K 51 31.55 38.53 5.88
C LEU K 51 31.22 37.35 4.96
N ASN K 52 31.94 37.29 3.82
CA ASN K 52 31.85 36.24 2.81
C ASN K 52 32.80 35.12 3.24
N PHE K 53 32.24 34.01 3.74
CA PHE K 53 32.99 32.87 4.25
C PHE K 53 33.88 32.22 3.19
N ASP K 54 33.33 32.02 1.98
CA ASP K 54 34.01 31.36 0.87
C ASP K 54 35.17 32.15 0.27
N TYR K 55 35.11 33.48 0.40
CA TYR K 55 36.12 34.38 -0.15
C TYR K 55 36.98 35.09 0.91
N ASP K 56 36.60 34.99 2.21
CA ASP K 56 37.27 35.63 3.36
C ASP K 56 37.33 37.16 3.14
N MET K 57 36.25 37.70 2.57
CA MET K 57 36.10 39.11 2.24
C MET K 57 35.02 39.73 3.11
N THR K 58 35.34 40.87 3.68
CA THR K 58 34.46 41.60 4.59
C THR K 58 33.87 42.84 3.91
N TYR K 59 32.70 43.27 4.40
CA TYR K 59 32.06 44.52 3.99
C TYR K 59 31.69 45.29 5.26
N TYR K 60 32.06 46.57 5.28
CA TYR K 60 31.73 47.50 6.36
C TYR K 60 31.16 48.75 5.73
N ALA K 61 30.02 49.24 6.27
CA ALA K 61 29.42 50.50 5.80
C ALA K 61 30.31 51.64 6.29
N ASP K 62 30.51 52.69 5.47
CA ASP K 62 31.36 53.86 5.75
C ASP K 62 31.22 54.44 7.16
N SER K 63 29.98 54.43 7.71
CA SER K 63 29.62 54.91 9.04
C SER K 63 30.29 54.16 10.20
N VAL K 64 30.65 52.87 10.00
CA VAL K 64 31.27 52.03 11.04
C VAL K 64 32.74 51.63 10.77
N LYS K 65 33.31 52.08 9.63
CA LYS K 65 34.68 51.78 9.22
C LYS K 65 35.73 52.15 10.28
N GLY K 66 36.64 51.21 10.54
CA GLY K 66 37.72 51.39 11.51
C GLY K 66 37.35 51.23 12.97
N ARG K 67 36.06 51.05 13.28
CA ARG K 67 35.55 50.90 14.66
C ARG K 67 35.06 49.46 14.87
N PHE K 68 34.19 48.99 13.97
CA PHE K 68 33.56 47.68 13.99
C PHE K 68 34.44 46.68 13.23
N THR K 69 34.62 45.48 13.80
CA THR K 69 35.46 44.41 13.22
C THR K 69 34.73 43.07 13.29
N VAL K 70 34.51 42.44 12.11
CA VAL K 70 33.86 41.13 11.99
C VAL K 70 34.87 40.00 11.95
N SER K 71 34.64 38.98 12.79
CA SER K 71 35.49 37.80 12.89
C SER K 71 34.67 36.51 12.81
N ARG K 72 35.28 35.41 12.32
CA ARG K 72 34.58 34.13 12.25
C ARG K 72 35.18 33.15 13.27
N ASP K 73 34.34 32.28 13.84
CA ASP K 73 34.83 31.31 14.80
C ASP K 73 35.34 30.05 14.10
N SER K 74 36.32 30.19 13.21
CA SER K 74 36.98 29.07 12.50
C SER K 74 35.97 28.09 11.82
N GLY K 75 36.17 26.77 11.97
CA GLY K 75 35.37 25.68 11.40
C GLY K 75 33.88 25.74 11.61
N LYS K 76 33.44 26.33 12.75
CA LYS K 76 32.03 26.51 13.11
C LYS K 76 31.41 27.66 12.28
N ASN K 77 30.08 27.67 12.10
CA ASN K 77 29.37 28.72 11.37
C ASN K 77 28.97 29.84 12.35
N THR K 78 29.97 30.48 13.02
CA THR K 78 29.75 31.52 14.02
C THR K 78 30.48 32.81 13.65
N VAL K 79 29.75 33.93 13.69
CA VAL K 79 30.27 35.25 13.35
C VAL K 79 30.19 36.22 14.55
N TYR K 80 31.29 36.94 14.83
CA TYR K 80 31.38 37.89 15.95
C TYR K 80 31.57 39.31 15.44
N LEU K 81 30.92 40.29 16.08
CA LEU K 81 31.06 41.71 15.73
C LEU K 81 31.59 42.49 16.94
N GLN K 82 32.89 42.87 16.90
CA GLN K 82 33.49 43.64 17.99
C GLN K 82 33.58 45.11 17.62
N MET K 83 32.70 45.89 18.21
CA MET K 83 32.59 47.32 18.00
C MET K 83 33.25 48.16 19.10
N ASN K 84 34.02 49.16 18.66
CA ASN K 84 34.74 50.11 19.50
C ASN K 84 34.28 51.50 19.12
N SER K 85 34.54 52.51 19.98
CA SER K 85 34.14 53.91 19.78
C SER K 85 32.60 54.04 19.55
N LEU K 86 31.80 53.29 20.36
CA LEU K 86 30.33 53.25 20.31
C LEU K 86 29.71 54.61 20.57
N LYS K 87 28.92 55.10 19.61
CA LYS K 87 28.31 56.42 19.67
C LYS K 87 26.78 56.36 19.83
N PRO K 88 26.10 57.37 20.44
CA PRO K 88 24.63 57.30 20.60
C PRO K 88 23.77 57.17 19.33
N GLU K 89 24.33 57.48 18.13
CA GLU K 89 23.64 57.31 16.84
C GLU K 89 23.54 55.82 16.45
N ASP K 90 24.50 55.01 16.95
CA ASP K 90 24.61 53.56 16.78
C ASP K 90 23.59 52.83 17.67
N THR K 91 22.82 53.56 18.51
CA THR K 91 21.76 52.99 19.35
C THR K 91 20.66 52.51 18.41
N ALA K 92 20.61 51.18 18.20
CA ALA K 92 19.67 50.52 17.32
C ALA K 92 19.59 49.04 17.64
N ILE K 93 18.58 48.35 17.06
CA ILE K 93 18.42 46.90 17.21
C ILE K 93 19.09 46.21 16.03
N TYR K 94 20.19 45.49 16.33
CA TYR K 94 21.03 44.78 15.37
C TYR K 94 20.46 43.38 15.09
N TYR K 95 20.04 43.17 13.83
CA TYR K 95 19.47 41.91 13.39
C TYR K 95 20.51 41.13 12.60
N CYS K 96 20.80 39.89 13.05
CA CYS K 96 21.77 39.03 12.35
C CYS K 96 21.11 38.45 11.10
N ALA K 97 21.85 38.47 9.98
CA ALA K 97 21.39 37.99 8.69
C ALA K 97 22.40 37.04 8.04
N ALA K 98 21.90 36.02 7.33
CA ALA K 98 22.73 35.04 6.65
C ALA K 98 22.10 34.63 5.31
N ARG K 99 22.92 34.46 4.27
CA ARG K 99 22.46 34.07 2.93
C ARG K 99 23.55 33.48 2.05
N SER K 100 23.11 32.86 0.94
CA SER K 100 23.95 32.29 -0.11
C SER K 100 23.76 33.19 -1.33
N GLY K 101 24.85 33.73 -1.86
CA GLY K 101 24.82 34.59 -3.03
C GLY K 101 25.49 35.95 -2.89
N GLY K 102 26.25 36.13 -1.81
CA GLY K 102 26.99 37.36 -1.56
C GLY K 102 26.22 38.42 -0.79
N PHE K 103 26.82 39.62 -0.70
CA PHE K 103 26.23 40.77 0.00
C PHE K 103 25.05 41.36 -0.76
N SER K 104 24.02 41.80 -0.02
CA SER K 104 22.83 42.43 -0.59
C SER K 104 22.18 43.37 0.42
N SER K 105 21.63 44.48 -0.09
CA SER K 105 20.94 45.48 0.72
C SER K 105 19.49 45.02 0.98
N ASN K 106 18.95 44.16 0.07
CA ASN K 106 17.60 43.62 0.13
C ASN K 106 17.47 42.56 1.22
N ARG K 107 16.59 42.85 2.20
CA ARG K 107 16.28 42.02 3.36
C ARG K 107 15.66 40.67 2.94
N GLU K 108 14.78 40.68 1.92
CA GLU K 108 14.07 39.50 1.40
C GLU K 108 15.03 38.39 0.95
N LEU K 109 16.14 38.77 0.28
CA LEU K 109 17.17 37.89 -0.27
C LEU K 109 17.93 37.07 0.77
N TYR K 110 17.76 37.39 2.06
CA TYR K 110 18.43 36.67 3.15
C TYR K 110 17.65 35.45 3.59
N ASP K 111 18.31 34.29 3.49
CA ASP K 111 17.77 32.97 3.82
C ASP K 111 17.53 32.78 5.34
N GLY K 112 18.36 33.44 6.14
CA GLY K 112 18.31 33.39 7.59
C GLY K 112 18.22 34.78 8.21
N TRP K 113 17.22 34.97 9.08
CA TRP K 113 16.98 36.21 9.78
C TRP K 113 16.88 35.98 11.29
N GLY K 114 17.50 36.88 12.05
CA GLY K 114 17.51 36.83 13.51
C GLY K 114 16.38 37.56 14.21
N GLN K 115 16.21 37.26 15.51
CA GLN K 115 15.20 37.84 16.38
C GLN K 115 15.51 39.31 16.68
N GLY K 116 16.80 39.63 16.76
CA GLY K 116 17.30 40.97 17.03
C GLY K 116 17.89 41.14 18.41
N THR K 117 19.07 41.79 18.47
CA THR K 117 19.81 42.10 19.71
C THR K 117 19.91 43.63 19.80
N GLN K 118 19.52 44.20 20.94
CA GLN K 118 19.49 45.64 21.18
C GLN K 118 20.83 46.19 21.70
N VAL K 119 21.31 47.27 21.08
CA VAL K 119 22.52 47.99 21.47
C VAL K 119 22.08 49.42 21.85
N THR K 120 22.37 49.81 23.11
CA THR K 120 22.00 51.12 23.64
C THR K 120 23.26 51.85 24.15
N VAL K 121 23.47 53.10 23.69
CA VAL K 121 24.60 53.94 24.07
C VAL K 121 24.22 55.39 24.43
N SER K 122 24.53 55.83 25.67
CA SER K 122 24.22 57.16 26.19
C SER K 122 25.23 58.22 25.76
N SER K 123 24.81 59.51 25.73
CA SER K 123 25.61 60.67 25.34
C SER K 123 26.61 61.14 26.42
N VAL L 2 25.81 43.58 -49.72
CA VAL L 2 25.68 44.95 -49.21
C VAL L 2 25.80 46.03 -50.26
N GLN L 3 24.81 46.94 -50.25
CA GLN L 3 24.71 48.09 -51.14
C GLN L 3 24.74 49.35 -50.29
N LEU L 4 25.51 50.35 -50.72
CA LEU L 4 25.61 51.59 -49.96
C LEU L 4 25.00 52.80 -50.70
N GLN L 5 24.19 53.59 -49.99
CA GLN L 5 23.51 54.78 -50.50
C GLN L 5 24.12 56.04 -49.83
N GLU L 6 24.75 56.91 -50.63
CA GLU L 6 25.40 58.13 -50.13
C GLU L 6 24.59 59.38 -50.41
N SER L 7 24.69 60.37 -49.48
CA SER L 7 24.02 61.67 -49.56
C SER L 7 24.90 62.74 -48.92
N GLY L 8 24.68 64.00 -49.31
CA GLY L 8 25.43 65.13 -48.78
C GLY L 8 26.85 65.25 -49.29
N GLY L 9 27.48 66.39 -49.01
CA GLY L 9 28.85 66.71 -49.42
C GLY L 9 28.92 67.96 -50.27
N GLY L 10 30.07 68.18 -50.92
CA GLY L 10 30.25 69.33 -51.82
C GLY L 10 31.38 70.29 -51.47
N LEU L 11 31.24 71.56 -51.92
CA LEU L 11 32.22 72.62 -51.69
C LEU L 11 31.76 73.55 -50.57
N VAL L 12 32.72 73.99 -49.72
CA VAL L 12 32.46 74.89 -48.59
C VAL L 12 33.69 75.75 -48.21
N GLN L 13 33.46 76.98 -47.72
CA GLN L 13 34.49 77.94 -47.27
C GLN L 13 35.21 77.36 -46.03
N ALA L 14 36.55 77.52 -45.98
CA ALA L 14 37.43 77.03 -44.90
C ALA L 14 36.96 77.47 -43.52
N GLY L 15 36.96 76.52 -42.58
CA GLY L 15 36.47 76.71 -41.22
C GLY L 15 35.00 76.39 -41.08
N GLY L 16 34.38 76.09 -42.22
CA GLY L 16 32.96 75.74 -42.32
C GLY L 16 32.68 74.31 -41.93
N SER L 17 31.49 73.82 -42.31
CA SER L 17 31.10 72.47 -41.98
C SER L 17 30.32 71.77 -43.07
N LEU L 18 30.60 70.48 -43.23
CA LEU L 18 29.97 69.62 -44.22
C LEU L 18 29.56 68.28 -43.57
N ARG L 19 28.38 67.77 -43.95
CA ARG L 19 27.84 66.53 -43.39
C ARG L 19 27.42 65.53 -44.46
N LEU L 20 28.07 64.34 -44.45
CA LEU L 20 27.74 63.26 -45.39
C LEU L 20 27.13 62.05 -44.71
N SER L 21 26.03 61.54 -45.31
CA SER L 21 25.26 60.38 -44.83
C SER L 21 25.64 59.13 -45.61
N CYS L 22 25.31 57.95 -45.02
CA CYS L 22 25.54 56.64 -45.63
C CYS L 22 24.61 55.59 -45.04
N THR L 23 23.90 54.86 -45.91
CA THR L 23 22.97 53.81 -45.52
C THR L 23 23.34 52.49 -46.19
N ALA L 24 23.44 51.42 -45.39
CA ALA L 24 23.73 50.08 -45.86
C ALA L 24 22.43 49.30 -46.02
N SER L 25 22.32 48.51 -47.11
CA SER L 25 21.17 47.68 -47.45
C SER L 25 20.88 46.61 -46.38
N ARG L 26 21.95 45.98 -45.83
CA ARG L 26 21.89 44.95 -44.79
C ARG L 26 23.19 44.90 -43.96
N ARG L 27 23.23 44.09 -42.90
CA ARG L 27 24.45 43.89 -42.08
C ARG L 27 25.06 42.54 -42.48
N THR L 28 26.38 42.50 -42.76
CA THR L 28 27.07 41.26 -43.16
C THR L 28 27.39 40.32 -41.99
N GLY L 29 27.33 40.83 -40.76
CA GLY L 29 27.59 40.04 -39.58
C GLY L 29 27.97 40.83 -38.34
N SER L 30 28.68 40.16 -37.43
CA SER L 30 29.15 40.69 -36.16
C SER L 30 30.28 41.68 -36.37
N ASN L 31 30.60 42.51 -35.34
CA ASN L 31 31.61 43.56 -35.39
C ASN L 31 31.35 44.42 -36.63
N TRP L 32 30.09 44.82 -36.78
CA TRP L 32 29.57 45.58 -37.90
C TRP L 32 30.04 47.02 -37.83
N CYS L 33 30.86 47.41 -38.83
CA CYS L 33 31.45 48.74 -38.94
C CYS L 33 30.99 49.48 -40.18
N MET L 34 30.82 50.79 -40.02
CA MET L 34 30.43 51.71 -41.07
C MET L 34 31.27 52.98 -40.90
N GLY L 35 32.03 53.33 -41.93
CA GLY L 35 32.89 54.50 -41.91
C GLY L 35 33.20 55.07 -43.28
N TRP L 36 34.21 55.95 -43.33
CA TRP L 36 34.66 56.61 -44.56
C TRP L 36 36.15 56.51 -44.79
N PHE L 37 36.53 56.41 -46.06
CA PHE L 37 37.92 56.36 -46.52
C PHE L 37 38.20 57.61 -47.31
N ARG L 38 39.42 58.15 -47.16
CA ARG L 38 39.86 59.40 -47.78
C ARG L 38 41.11 59.23 -48.67
N GLN L 39 41.01 59.73 -49.93
CA GLN L 39 42.07 59.72 -50.94
C GLN L 39 42.62 61.15 -51.10
N LEU L 40 43.74 61.48 -50.40
CA LEU L 40 44.36 62.82 -50.38
C LEU L 40 45.30 63.16 -51.58
N ALA L 41 44.85 64.07 -52.49
CA ALA L 41 45.57 64.58 -53.69
C ALA L 41 46.09 63.48 -54.65
N GLY L 42 45.21 62.54 -55.00
CA GLY L 42 45.54 61.41 -55.86
C GLY L 42 46.38 60.35 -55.16
N LYS L 43 46.57 60.52 -53.83
CA LYS L 43 47.34 59.63 -52.95
C LYS L 43 46.48 58.44 -52.47
N GLU L 44 47.16 57.47 -51.91
CA GLU L 44 46.62 56.19 -51.44
C GLU L 44 45.51 56.40 -50.41
N PRO L 45 44.35 55.73 -50.57
CA PRO L 45 43.25 55.89 -49.58
C PRO L 45 43.59 55.39 -48.17
N GLU L 46 43.05 56.10 -47.16
CA GLU L 46 43.25 55.82 -45.73
C GLU L 46 41.93 55.89 -44.95
N LEU L 47 41.82 55.13 -43.83
CA LEU L 47 40.62 55.08 -42.99
C LEU L 47 40.55 56.30 -42.06
N VAL L 48 39.71 57.26 -42.44
CA VAL L 48 39.50 58.53 -41.71
C VAL L 48 38.65 58.36 -40.44
N VAL L 49 37.38 57.92 -40.60
CA VAL L 49 36.47 57.65 -39.48
C VAL L 49 35.79 56.30 -39.70
N ALA L 50 35.32 55.69 -38.61
CA ALA L 50 34.58 54.42 -38.56
C ALA L 50 33.90 54.23 -37.20
N LEU L 51 32.75 53.52 -37.19
CA LEU L 51 31.98 53.21 -35.98
C LEU L 51 31.57 51.74 -35.92
N ASN L 52 31.91 51.05 -34.82
CA ASN L 52 31.55 49.66 -34.55
C ASN L 52 30.19 49.67 -33.87
N PHE L 53 29.17 49.23 -34.59
CA PHE L 53 27.79 49.22 -34.14
C PHE L 53 27.57 48.36 -32.91
N ASP L 54 28.17 47.16 -32.90
CA ASP L 54 28.05 46.17 -31.82
C ASP L 54 28.70 46.57 -30.50
N TYR L 55 29.73 47.41 -30.56
CA TYR L 55 30.48 47.86 -29.38
C TYR L 55 30.30 49.35 -29.06
N ASP L 56 29.64 50.12 -29.95
CA ASP L 56 29.40 51.57 -29.82
C ASP L 56 30.74 52.31 -29.64
N MET L 57 31.76 51.82 -30.36
CA MET L 57 33.12 52.33 -30.34
C MET L 57 33.48 52.97 -31.65
N THR L 58 34.03 54.17 -31.58
CA THR L 58 34.41 54.97 -32.73
C THR L 58 35.91 54.97 -32.93
N TYR L 59 36.34 55.18 -34.18
CA TYR L 59 37.73 55.37 -34.56
C TYR L 59 37.82 56.63 -35.40
N TYR L 60 38.76 57.50 -35.04
CA TYR L 60 39.04 58.72 -35.76
C TYR L 60 40.54 58.78 -35.97
N ALA L 61 40.98 59.11 -37.20
CA ALA L 61 42.40 59.28 -37.50
C ALA L 61 42.84 60.60 -36.83
N ASP L 62 44.07 60.64 -36.27
CA ASP L 62 44.63 61.79 -35.56
C ASP L 62 44.43 63.14 -36.26
N SER L 63 44.48 63.14 -37.60
CA SER L 63 44.30 64.31 -38.46
C SER L 63 42.91 64.97 -38.38
N VAL L 64 41.86 64.20 -38.02
CA VAL L 64 40.48 64.71 -37.93
C VAL L 64 39.89 64.74 -36.51
N LYS L 65 40.69 64.32 -35.50
CA LYS L 65 40.28 64.27 -34.09
C LYS L 65 39.74 65.60 -33.55
N GLY L 66 38.59 65.52 -32.87
CA GLY L 66 37.92 66.65 -32.25
C GLY L 66 37.16 67.59 -33.18
N ARG L 67 37.21 67.34 -34.50
CA ARG L 67 36.55 68.15 -35.53
C ARG L 67 35.43 67.36 -36.20
N PHE L 68 35.75 66.14 -36.64
CA PHE L 68 34.84 65.21 -37.29
C PHE L 68 34.17 64.36 -36.22
N THR L 69 32.84 64.18 -36.32
CA THR L 69 32.04 63.40 -35.37
C THR L 69 31.12 62.43 -36.12
N VAL L 70 31.26 61.13 -35.84
CA VAL L 70 30.46 60.06 -36.44
C VAL L 70 29.27 59.69 -35.55
N SER L 71 28.07 59.70 -36.14
CA SER L 71 26.83 59.41 -35.43
C SER L 71 26.04 58.32 -36.15
N ARG L 72 25.27 57.57 -35.35
CA ARG L 72 24.44 56.44 -35.73
C ARG L 72 22.98 56.88 -35.77
N ASP L 73 22.16 56.15 -36.51
CA ASP L 73 20.74 56.39 -36.62
C ASP L 73 19.99 55.19 -35.98
N SER L 74 20.51 54.69 -34.85
CA SER L 74 19.96 53.55 -34.08
C SER L 74 19.77 52.25 -34.92
N GLY L 75 18.53 51.76 -35.02
CA GLY L 75 18.19 50.54 -35.74
C GLY L 75 17.97 50.71 -37.24
N LYS L 76 18.44 51.83 -37.80
CA LYS L 76 18.27 52.13 -39.22
C LYS L 76 19.50 51.73 -40.08
N ASN L 77 20.67 51.47 -39.45
CA ASN L 77 21.91 51.14 -40.18
C ASN L 77 22.32 52.30 -41.11
N THR L 78 22.21 53.54 -40.60
CA THR L 78 22.60 54.77 -41.27
C THR L 78 23.65 55.46 -40.42
N VAL L 79 24.75 55.88 -41.06
CA VAL L 79 25.86 56.56 -40.39
C VAL L 79 26.07 57.98 -40.95
N TYR L 80 26.21 58.98 -40.06
CA TYR L 80 26.41 60.39 -40.44
C TYR L 80 27.78 60.89 -40.01
N LEU L 81 28.43 61.72 -40.85
CA LEU L 81 29.74 62.32 -40.52
C LEU L 81 29.66 63.83 -40.50
N GLN L 82 29.69 64.42 -39.29
CA GLN L 82 29.65 65.87 -39.13
C GLN L 82 31.10 66.39 -39.12
N MET L 83 31.56 66.91 -40.28
CA MET L 83 32.91 67.45 -40.48
C MET L 83 32.93 68.96 -40.20
N ASN L 84 33.10 69.32 -38.92
CA ASN L 84 33.14 70.73 -38.49
C ASN L 84 34.55 71.31 -38.62
N SER L 85 34.63 72.66 -38.78
CA SER L 85 35.86 73.47 -38.91
C SER L 85 36.91 72.86 -39.87
N LEU L 86 36.44 72.44 -41.04
CA LEU L 86 37.30 71.79 -42.04
C LEU L 86 38.32 72.67 -42.76
N LYS L 87 39.61 72.25 -42.63
CA LYS L 87 40.79 72.86 -43.23
C LYS L 87 40.77 72.66 -44.76
N PRO L 88 41.47 73.48 -45.60
CA PRO L 88 41.39 73.27 -47.05
C PRO L 88 41.99 71.97 -47.56
N GLU L 89 43.00 71.43 -46.85
CA GLU L 89 43.69 70.18 -47.18
C GLU L 89 42.80 68.92 -47.13
N ASP L 90 41.61 69.03 -46.47
CA ASP L 90 40.60 67.96 -46.35
C ASP L 90 39.96 67.63 -47.72
N THR L 91 40.27 68.44 -48.76
CA THR L 91 39.77 68.29 -50.13
C THR L 91 40.16 66.93 -50.70
N ALA L 92 39.18 66.01 -50.72
CA ALA L 92 39.37 64.64 -51.18
C ALA L 92 38.03 63.98 -51.50
N ILE L 93 38.09 62.79 -52.11
CA ILE L 93 36.92 61.95 -52.39
C ILE L 93 36.78 61.01 -51.18
N TYR L 94 35.67 61.17 -50.43
CA TYR L 94 35.36 60.40 -49.21
C TYR L 94 34.43 59.21 -49.49
N TYR L 95 35.02 58.02 -49.69
CA TYR L 95 34.27 56.80 -49.99
C TYR L 95 33.70 56.14 -48.73
N CYS L 96 32.37 55.88 -48.70
CA CYS L 96 31.73 55.19 -47.58
C CYS L 96 32.05 53.70 -47.64
N ALA L 97 32.42 53.11 -46.49
CA ALA L 97 32.77 51.71 -46.38
C ALA L 97 32.06 51.02 -45.22
N ALA L 98 31.72 49.74 -45.41
CA ALA L 98 31.03 48.93 -44.40
C ALA L 98 31.52 47.49 -44.44
N ARG L 99 31.70 46.88 -43.24
CA ARG L 99 32.19 45.50 -43.12
C ARG L 99 31.87 44.86 -41.78
N SER L 100 32.03 43.52 -41.73
CA SER L 100 31.89 42.70 -40.54
C SER L 100 33.29 42.23 -40.18
N GLY L 101 33.72 42.52 -38.95
CA GLY L 101 35.04 42.12 -38.47
C GLY L 101 35.88 43.21 -37.86
N GLY L 102 35.30 44.36 -37.62
CA GLY L 102 36.01 45.49 -37.03
C GLY L 102 36.70 46.40 -38.03
N PHE L 103 37.49 47.36 -37.50
CA PHE L 103 38.23 48.35 -38.29
C PHE L 103 39.39 47.72 -39.05
N SER L 104 39.65 48.18 -40.29
CA SER L 104 40.76 47.72 -41.12
C SER L 104 41.21 48.80 -42.10
N SER L 105 42.52 48.86 -42.36
CA SER L 105 43.09 49.82 -43.30
C SER L 105 42.96 49.29 -44.74
N ASN L 106 42.86 47.95 -44.89
CA ASN L 106 42.72 47.25 -46.17
C ASN L 106 41.31 47.43 -46.76
N ARG L 107 41.24 48.04 -47.98
CA ARG L 107 40.02 48.29 -48.75
C ARG L 107 39.34 46.98 -49.14
N GLU L 108 40.14 45.95 -49.50
CA GLU L 108 39.70 44.61 -49.94
C GLU L 108 38.86 43.84 -48.92
N LEU L 109 39.03 44.15 -47.62
CA LEU L 109 38.35 43.51 -46.50
C LEU L 109 36.94 44.08 -46.24
N TYR L 110 36.58 45.18 -46.92
CA TYR L 110 35.27 45.81 -46.80
C TYR L 110 34.25 45.19 -47.72
N ASP L 111 33.17 44.69 -47.11
CA ASP L 111 32.07 44.00 -47.79
C ASP L 111 31.23 44.95 -48.66
N GLY L 112 31.13 46.21 -48.22
CA GLY L 112 30.41 47.27 -48.91
C GLY L 112 31.28 48.49 -49.16
N TRP L 113 31.33 48.96 -50.42
CA TRP L 113 32.10 50.13 -50.85
C TRP L 113 31.25 50.98 -51.81
N GLY L 114 31.28 52.30 -51.64
CA GLY L 114 30.52 53.21 -52.50
C GLY L 114 31.37 54.03 -53.46
N GLN L 115 30.72 54.83 -54.32
CA GLN L 115 31.40 55.72 -55.28
C GLN L 115 32.01 56.93 -54.54
N GLY L 116 31.47 57.23 -53.35
CA GLY L 116 31.91 58.32 -52.51
C GLY L 116 31.45 59.69 -52.97
N THR L 117 31.38 60.64 -52.04
CA THR L 117 30.99 62.01 -52.38
C THR L 117 32.20 62.93 -52.25
N GLN L 118 32.43 63.75 -53.29
CA GLN L 118 33.52 64.71 -53.36
C GLN L 118 33.31 65.85 -52.36
N VAL L 119 34.37 66.14 -51.58
CA VAL L 119 34.42 67.22 -50.60
C VAL L 119 35.53 68.18 -51.07
N THR L 120 35.18 69.45 -51.31
CA THR L 120 36.10 70.50 -51.78
C THR L 120 36.08 71.69 -50.78
N VAL L 121 37.26 72.03 -50.21
CA VAL L 121 37.36 73.14 -49.25
C VAL L 121 38.33 74.20 -49.79
N SER L 122 37.80 75.39 -50.11
CA SER L 122 38.56 76.54 -50.64
C SER L 122 39.10 77.43 -49.51
N SER L 123 40.30 78.04 -49.72
CA SER L 123 40.95 78.92 -48.72
C SER L 123 40.72 80.40 -48.99
N GLY M 29 7.28 2.95 8.05
CA GLY M 29 8.71 2.94 8.32
C GLY M 29 9.07 2.08 9.50
N VAL M 30 8.46 2.36 10.66
CA VAL M 30 8.69 1.59 11.88
C VAL M 30 8.13 0.14 11.70
N ARG M 31 8.78 -0.79 12.39
CA ARG M 31 8.54 -2.21 12.47
C ARG M 31 7.10 -2.49 12.98
N GLN M 32 6.47 -3.57 12.50
CA GLN M 32 5.10 -3.96 12.86
C GLN M 32 5.08 -5.42 13.29
N TYR M 33 4.40 -5.70 14.41
CA TYR M 33 4.21 -7.06 14.92
C TYR M 33 2.73 -7.36 14.96
N LYS M 34 2.33 -8.59 14.64
CA LYS M 34 0.93 -9.00 14.72
C LYS M 34 0.88 -10.44 15.20
N ILE M 35 -0.14 -10.79 15.97
CA ILE M 35 -0.34 -12.17 16.42
C ILE M 35 -1.54 -12.71 15.63
N HIS M 36 -1.35 -13.80 14.87
CA HIS M 36 -2.40 -14.46 14.08
C HIS M 36 -2.77 -15.73 14.80
N THR M 37 -4.09 -15.99 14.95
CA THR M 37 -4.57 -17.21 15.58
C THR M 37 -4.62 -18.37 14.57
N ASN M 38 -4.63 -18.05 13.26
CA ASN M 38 -4.64 -19.05 12.20
C ASN M 38 -4.25 -18.45 10.86
N LEU M 39 -2.95 -18.17 10.68
CA LEU M 39 -2.41 -17.62 9.45
C LEU M 39 -2.93 -18.38 8.23
N ASP M 40 -3.53 -17.68 7.28
CA ASP M 40 -4.03 -18.29 6.04
C ASP M 40 -5.30 -19.16 6.16
N GLY M 41 -5.94 -19.12 7.32
CA GLY M 41 -7.21 -19.77 7.57
C GLY M 41 -8.30 -18.72 7.56
N THR M 42 -9.51 -19.05 7.05
CA THR M 42 -10.65 -18.12 6.99
C THR M 42 -11.10 -17.59 8.36
N ASP M 43 -10.77 -18.29 9.46
CA ASP M 43 -11.15 -17.92 10.83
C ASP M 43 -10.06 -17.13 11.58
N ASP M 44 -9.02 -16.70 10.86
CA ASP M 44 -7.89 -15.96 11.45
C ASP M 44 -8.29 -14.68 12.22
N LYS M 45 -7.89 -14.60 13.49
CA LYS M 45 -8.07 -13.41 14.33
C LYS M 45 -6.69 -12.77 14.48
N VAL M 46 -6.58 -11.48 14.14
CA VAL M 46 -5.33 -10.74 14.15
C VAL M 46 -5.32 -9.70 15.24
N TRP M 47 -4.30 -9.76 16.09
CA TRP M 47 -4.11 -8.80 17.14
C TRP M 47 -2.99 -7.92 16.67
N ASP M 48 -3.23 -6.60 16.48
CA ASP M 48 -2.15 -5.68 16.09
C ASP M 48 -1.36 -5.36 17.36
N VAL M 49 -0.22 -6.03 17.57
CA VAL M 49 0.58 -5.80 18.78
C VAL M 49 1.60 -4.65 18.69
N THR M 50 1.34 -3.73 17.77
CA THR M 50 2.15 -2.54 17.56
C THR M 50 1.27 -1.30 17.76
N ASN M 51 0.03 -1.34 17.24
CA ASN M 51 -0.91 -0.23 17.27
C ASN M 51 -2.24 -0.47 17.99
N GLY M 52 -2.53 -1.72 18.37
CA GLY M 52 -3.77 -2.08 19.03
C GLY M 52 -3.84 -1.78 20.52
N LYS M 53 -4.85 -2.33 21.19
CA LYS M 53 -5.09 -2.12 22.62
C LYS M 53 -4.24 -3.03 23.47
N VAL M 54 -3.68 -4.08 22.85
CA VAL M 54 -2.75 -5.04 23.44
C VAL M 54 -1.49 -4.89 22.58
N ARG M 55 -0.34 -4.50 23.21
CA ARG M 55 0.94 -4.30 22.51
C ARG M 55 2.11 -5.07 23.09
N PHE M 56 3.09 -5.40 22.21
CA PHE M 56 4.34 -6.07 22.56
C PHE M 56 5.45 -5.06 22.39
N TYR M 57 6.36 -5.02 23.37
CA TYR M 57 7.52 -4.14 23.36
C TYR M 57 8.73 -4.97 23.75
N GLN M 58 9.90 -4.54 23.27
CA GLN M 58 11.21 -5.07 23.63
C GLN M 58 11.39 -6.57 23.58
N PRO M 59 11.43 -7.19 22.36
CA PRO M 59 11.71 -8.63 22.29
C PRO M 59 13.07 -8.92 22.93
N SER M 60 13.12 -9.95 23.78
CA SER M 60 14.34 -10.29 24.51
C SER M 60 15.49 -10.55 23.55
N ASN M 61 15.25 -11.37 22.51
CA ASN M 61 16.28 -11.68 21.52
C ASN M 61 15.65 -12.30 20.29
N LEU M 62 15.90 -11.68 19.13
CA LEU M 62 15.47 -12.16 17.83
C LEU M 62 16.68 -12.77 17.10
N GLY M 63 17.79 -12.90 17.83
CA GLY M 63 19.02 -13.49 17.36
C GLY M 63 19.01 -15.01 17.49
N LEU M 64 20.18 -15.62 17.48
CA LEU M 64 20.33 -17.07 17.55
C LEU M 64 21.67 -17.49 18.13
N GLN M 65 21.80 -18.79 18.36
CA GLN M 65 23.03 -19.40 18.85
C GLN M 65 23.37 -20.52 17.90
N SER M 66 24.67 -20.83 17.83
CA SER M 66 25.19 -21.90 17.01
C SER M 66 26.29 -22.66 17.74
N THR M 67 26.40 -23.94 17.44
CA THR M 67 27.49 -24.78 17.96
C THR M 67 28.04 -25.59 16.84
N ASN M 68 29.36 -25.79 16.86
CA ASN M 68 30.00 -26.66 15.87
C ASN M 68 30.69 -27.80 16.58
N ASN M 69 30.40 -27.96 17.89
CA ASN M 69 30.95 -29.01 18.75
C ASN M 69 32.46 -29.09 18.60
N ILE M 70 33.11 -27.90 18.63
CA ILE M 70 34.55 -27.79 18.46
C ILE M 70 35.27 -28.28 19.68
N TRP M 71 36.29 -29.08 19.44
CA TRP M 71 37.17 -29.61 20.46
C TRP M 71 38.53 -29.04 20.20
N GLN M 72 39.17 -28.46 21.21
CA GLN M 72 40.52 -27.98 20.97
C GLN M 72 41.51 -29.02 21.44
N SER M 73 42.46 -29.35 20.55
CA SER M 73 43.54 -30.28 20.84
C SER M 73 44.81 -29.43 20.83
N ASN M 74 45.06 -28.73 21.98
CA ASN M 74 46.16 -27.78 22.21
C ASN M 74 45.99 -26.55 21.26
N GLY M 75 44.79 -25.95 21.31
CA GLY M 75 44.44 -24.80 20.49
C GLY M 75 43.85 -25.17 19.14
N ILE M 76 44.28 -26.31 18.53
CA ILE M 76 43.78 -26.81 17.24
C ILE M 76 42.33 -27.33 17.35
N GLY M 77 41.41 -26.57 16.76
CA GLY M 77 39.98 -26.88 16.76
C GLY M 77 39.58 -28.01 15.84
N VAL M 78 38.81 -28.93 16.34
CA VAL M 78 38.31 -30.07 15.58
C VAL M 78 36.82 -29.86 15.53
N MET M 79 36.31 -29.53 14.34
CA MET M 79 34.90 -29.22 14.13
C MET M 79 34.03 -30.46 14.04
N GLY M 80 32.85 -30.36 14.63
CA GLY M 80 31.88 -31.44 14.66
C GLY M 80 30.65 -31.01 13.90
N THR M 81 29.48 -31.46 14.39
CA THR M 81 28.28 -31.08 13.68
C THR M 81 27.84 -29.68 14.09
N ARG M 82 27.42 -28.92 13.08
CA ARG M 82 26.90 -27.57 13.26
C ARG M 82 25.41 -27.65 13.55
N SER M 83 24.97 -26.89 14.57
CA SER M 83 23.59 -26.88 15.04
C SER M 83 23.20 -25.48 15.43
N ILE M 84 22.01 -25.04 15.04
CA ILE M 84 21.44 -23.75 15.39
C ILE M 84 20.40 -23.95 16.49
N THR M 85 20.35 -23.01 17.41
CA THR M 85 19.38 -22.98 18.50
C THR M 85 18.70 -21.62 18.41
N GLN M 86 17.38 -21.63 18.33
CA GLN M 86 16.60 -20.39 18.30
C GLN M 86 16.13 -20.09 19.73
N PRO M 87 16.53 -18.96 20.33
CA PRO M 87 16.11 -18.70 21.71
C PRO M 87 14.63 -18.33 21.81
N GLN M 88 14.06 -18.47 23.03
CA GLN M 88 12.68 -18.06 23.30
C GLN M 88 12.56 -16.56 23.14
N ILE M 89 11.36 -16.08 22.79
CA ILE M 89 11.13 -14.65 22.68
C ILE M 89 10.26 -14.21 23.84
N GLU M 90 10.81 -13.31 24.64
CA GLU M 90 10.07 -12.71 25.72
C GLU M 90 9.78 -11.28 25.31
N PHE M 91 8.54 -10.84 25.49
CA PHE M 91 8.11 -9.49 25.19
C PHE M 91 7.49 -8.89 26.47
N LYS M 92 7.47 -7.56 26.54
CA LYS M 92 6.79 -6.79 27.55
C LYS M 92 5.37 -6.68 26.93
N LEU M 93 4.33 -7.04 27.70
CA LEU M 93 2.95 -7.04 27.24
C LEU M 93 2.23 -5.93 28.01
N GLU M 94 1.80 -4.92 27.26
CA GLU M 94 1.14 -3.75 27.81
C GLU M 94 -0.26 -3.59 27.21
N THR M 95 -1.24 -3.19 28.06
CA THR M 95 -2.64 -2.96 27.61
C THR M 95 -3.01 -1.49 27.63
N PHE M 96 -3.92 -1.09 26.72
CA PHE M 96 -4.34 0.31 26.52
C PHE M 96 -5.87 0.50 26.56
N GLY M 97 -6.52 -0.25 27.44
CA GLY M 97 -7.96 -0.12 27.67
C GLY M 97 -8.23 1.15 28.45
N GLU M 98 -9.41 1.74 28.24
CA GLU M 98 -9.77 3.01 28.87
C GLU M 98 -10.46 2.86 30.22
N SER M 99 -10.59 1.62 30.71
CA SER M 99 -11.23 1.29 31.99
C SER M 99 -10.70 -0.03 32.53
N LEU M 100 -10.99 -0.34 33.81
CA LEU M 100 -10.61 -1.59 34.45
C LEU M 100 -11.25 -2.75 33.69
N GLU M 101 -12.57 -2.64 33.39
CA GLU M 101 -13.33 -3.64 32.67
C GLU M 101 -12.68 -3.94 31.32
N GLU M 102 -12.40 -2.89 30.52
CA GLU M 102 -11.76 -3.09 29.21
C GLU M 102 -10.40 -3.78 29.30
N ASN M 103 -9.57 -3.41 30.29
CA ASN M 103 -8.24 -3.99 30.49
C ASN M 103 -8.26 -5.45 30.95
N TYR M 104 -9.22 -5.82 31.79
CA TYR M 104 -9.40 -7.19 32.21
C TYR M 104 -9.85 -8.03 31.01
N GLN M 105 -10.78 -7.49 30.21
CA GLN M 105 -11.32 -8.11 29.00
C GLN M 105 -10.22 -8.34 27.95
N LEU M 106 -9.37 -7.32 27.70
CA LEU M 106 -8.26 -7.40 26.75
C LEU M 106 -7.25 -8.48 27.13
N MET M 107 -6.82 -8.56 28.41
CA MET M 107 -5.92 -9.58 28.91
C MET M 107 -6.52 -10.97 28.73
N LYS M 108 -7.75 -11.19 29.22
CA LYS M 108 -8.50 -12.44 29.16
C LYS M 108 -8.66 -12.92 27.71
N ASP M 109 -9.07 -12.02 26.80
CA ASP M 109 -9.26 -12.39 25.40
C ASP M 109 -7.98 -12.70 24.68
N PHE M 110 -6.94 -11.87 24.85
CA PHE M 110 -5.66 -12.08 24.20
C PHE M 110 -5.03 -13.40 24.58
N VAL M 111 -4.92 -13.67 25.89
CA VAL M 111 -4.28 -14.89 26.41
C VAL M 111 -5.07 -16.14 26.04
N ASN M 112 -6.42 -16.11 26.20
CA ASN M 112 -7.25 -17.27 25.84
C ASN M 112 -7.31 -17.52 24.37
N ASP M 113 -7.08 -16.49 23.54
CA ASP M 113 -7.03 -16.64 22.10
C ASP M 113 -5.78 -17.41 21.72
N ILE M 114 -4.66 -17.13 22.40
CA ILE M 114 -3.37 -17.83 22.24
C ILE M 114 -3.56 -19.25 22.73
N LEU M 115 -4.07 -19.39 23.97
CA LEU M 115 -4.29 -20.69 24.62
C LEU M 115 -5.25 -21.62 23.88
N SER M 116 -6.15 -21.09 23.06
CA SER M 116 -7.14 -21.90 22.32
C SER M 116 -6.56 -22.61 21.07
N LYS M 117 -5.34 -22.25 20.62
CA LYS M 117 -4.74 -22.84 19.42
C LYS M 117 -3.51 -23.65 19.80
N LYS M 118 -3.15 -24.65 18.97
CA LYS M 118 -1.95 -25.49 19.14
C LYS M 118 -0.69 -24.59 19.12
N PHE M 119 -0.75 -23.53 18.31
CA PHE M 119 0.30 -22.54 18.16
C PHE M 119 -0.38 -21.28 17.56
N VAL M 120 0.35 -20.19 17.62
CA VAL M 120 -0.01 -18.87 17.16
C VAL M 120 1.17 -18.39 16.27
N THR M 121 0.90 -17.44 15.36
CA THR M 121 1.92 -16.94 14.44
C THR M 121 2.21 -15.46 14.62
N LEU M 122 3.48 -15.13 14.86
CA LEU M 122 3.93 -13.75 14.95
C LEU M 122 4.37 -13.28 13.54
N GLU M 123 3.82 -12.16 13.11
CA GLU M 123 4.19 -11.50 11.86
C GLU M 123 5.19 -10.40 12.23
N TYR M 124 6.32 -10.37 11.56
CA TYR M 124 7.40 -9.41 11.81
C TYR M 124 7.63 -8.70 10.47
N GLN M 125 7.19 -7.44 10.41
CA GLN M 125 7.28 -6.64 9.19
C GLN M 125 8.09 -5.36 9.34
N THR M 126 9.00 -5.14 8.38
CA THR M 126 9.86 -3.95 8.24
C THR M 126 9.77 -3.48 6.79
N GLU M 127 10.58 -2.49 6.40
CA GLU M 127 10.60 -1.97 5.03
C GLU M 127 11.27 -2.98 4.08
N ILE M 128 12.07 -3.92 4.64
CA ILE M 128 12.82 -4.92 3.88
C ILE M 128 12.27 -6.35 3.93
N PHE M 129 11.43 -6.67 4.92
CA PHE M 129 10.83 -8.01 4.98
C PHE M 129 9.45 -8.03 5.60
N GLN M 130 8.74 -9.17 5.41
CA GLN M 130 7.46 -9.51 6.03
C GLN M 130 7.52 -11.02 6.28
N VAL M 131 8.00 -11.39 7.47
CA VAL M 131 8.25 -12.79 7.87
C VAL M 131 7.39 -13.25 9.06
N TYR M 132 7.36 -14.58 9.30
CA TYR M 132 6.53 -15.17 10.31
C TYR M 132 7.28 -16.14 11.20
N ALA M 133 6.76 -16.34 12.42
CA ALA M 133 7.30 -17.29 13.38
C ALA M 133 6.15 -17.99 14.03
N ASP M 134 6.09 -19.34 13.95
CA ASP M 134 5.08 -20.13 14.66
C ASP M 134 5.62 -20.30 16.06
N LEU M 135 4.82 -19.84 17.04
CA LEU M 135 5.18 -19.82 18.47
C LEU M 135 4.15 -20.56 19.33
N ALA M 136 4.59 -20.95 20.52
CA ALA M 136 3.75 -21.58 21.53
C ALA M 136 4.05 -20.85 22.83
N LEU M 137 3.01 -20.41 23.53
CA LEU M 137 3.11 -19.73 24.79
C LEU M 137 3.91 -20.62 25.78
N ALA M 138 4.91 -20.02 26.46
CA ALA M 138 5.74 -20.69 27.45
C ALA M 138 5.33 -20.20 28.84
N ASP M 139 5.01 -18.90 28.95
CA ASP M 139 4.51 -18.29 30.18
C ASP M 139 3.94 -16.91 29.94
N VAL M 140 3.06 -16.51 30.86
CA VAL M 140 2.41 -15.21 30.89
C VAL M 140 2.20 -14.88 32.37
N THR M 141 2.46 -13.62 32.75
CA THR M 141 2.25 -13.15 34.12
C THR M 141 0.96 -12.36 34.17
N LYS M 142 0.36 -12.27 35.36
CA LYS M 142 -0.82 -11.44 35.62
C LYS M 142 -0.70 -10.92 37.02
N THR M 143 -0.60 -9.59 37.15
CA THR M 143 -0.42 -8.88 38.43
C THR M 143 -1.38 -7.71 38.61
N GLU M 144 -1.20 -6.96 39.69
CA GLU M 144 -1.96 -5.77 40.09
C GLU M 144 -0.94 -4.74 40.59
N GLY M 145 -0.64 -3.80 39.71
CA GLY M 145 0.26 -2.68 39.93
C GLY M 145 -0.06 -1.67 38.87
N TYR M 146 -1.37 -1.43 38.71
CA TYR M 146 -1.96 -0.65 37.64
C TYR M 146 -1.66 0.81 37.50
N GLY M 147 -1.53 1.19 36.24
CA GLY M 147 -1.38 2.55 35.80
C GLY M 147 -2.77 3.10 35.61
N LYS M 148 -2.89 4.27 34.94
CA LYS M 148 -4.19 4.88 34.72
C LYS M 148 -5.14 3.96 33.97
N ASN M 149 -6.38 3.83 34.49
CA ASN M 149 -7.50 3.02 33.96
C ASN M 149 -7.30 1.52 34.08
N GLY M 150 -6.38 1.08 34.94
CA GLY M 150 -6.12 -0.33 35.17
C GLY M 150 -5.42 -1.07 34.05
N THR M 151 -4.53 -0.38 33.33
CA THR M 151 -3.76 -0.94 32.24
C THR M 151 -2.74 -1.97 32.75
N PHE M 152 -2.49 -3.00 31.95
CA PHE M 152 -1.56 -4.05 32.33
C PHE M 152 -0.17 -3.80 31.78
N SER M 153 0.84 -4.23 32.54
CA SER M 153 2.27 -4.22 32.20
C SER M 153 2.79 -5.59 32.70
N GLU M 154 2.82 -6.57 31.78
CA GLU M 154 3.18 -7.96 32.08
C GLU M 154 4.33 -8.47 31.20
N LYS M 155 4.67 -9.76 31.35
CA LYS M 155 5.70 -10.43 30.56
C LYS M 155 5.11 -11.66 29.90
N ILE M 156 5.31 -11.81 28.58
CA ILE M 156 4.85 -12.97 27.81
C ILE M 156 6.09 -13.65 27.18
N THR M 157 6.18 -14.99 27.26
CA THR M 157 7.31 -15.77 26.70
C THR M 157 6.80 -16.85 25.78
N PHE M 158 7.47 -16.99 24.64
CA PHE M 158 7.12 -17.98 23.64
C PHE M 158 8.23 -18.91 23.33
N ASP M 159 7.86 -20.17 23.20
CA ASP M 159 8.74 -21.21 22.69
C ASP M 159 8.64 -21.09 21.17
N ILE M 160 9.76 -21.27 20.49
CA ILE M 160 9.89 -21.24 19.03
C ILE M 160 9.54 -22.59 18.44
N ILE M 161 8.81 -22.59 17.31
CA ILE M 161 8.48 -23.79 16.55
C ILE M 161 9.16 -23.64 15.24
N THR M 162 8.85 -22.54 14.53
CA THR M 162 9.37 -22.26 13.20
C THR M 162 9.74 -20.80 13.15
N LYS M 163 11.02 -20.48 13.28
CA LYS M 163 11.40 -19.10 13.29
C LYS M 163 11.99 -18.57 12.01
N TRP M 164 11.19 -17.66 11.46
CA TRP M 164 11.36 -16.94 10.22
C TRP M 164 11.05 -17.78 8.98
N TYR M 165 9.85 -17.57 8.48
CA TYR M 165 9.37 -18.21 7.29
C TYR M 165 8.47 -17.27 6.52
N THR M 166 8.22 -17.63 5.28
CA THR M 166 7.32 -17.01 4.32
C THR M 166 6.76 -18.18 3.55
N TYR M 167 5.63 -17.94 2.89
CA TYR M 167 5.04 -18.98 2.06
C TYR M 167 5.28 -18.64 0.64
N GLU M 168 5.53 -19.68 -0.14
CA GLU M 168 5.71 -19.56 -1.57
C GLU M 168 4.79 -20.55 -2.22
N ASN M 169 3.95 -20.06 -3.11
CA ASN M 169 3.01 -20.90 -3.87
C ASN M 169 3.55 -21.16 -5.25
N LEU M 170 3.72 -22.45 -5.60
CA LEU M 170 4.27 -22.90 -6.88
C LEU M 170 3.39 -23.99 -7.49
N THR M 171 3.15 -23.89 -8.79
CA THR M 171 2.39 -24.85 -9.59
C THR M 171 3.36 -25.54 -10.56
N PHE M 172 3.26 -26.87 -10.64
CA PHE M 172 4.05 -27.67 -11.57
C PHE M 172 3.07 -28.37 -12.50
N ASP M 173 3.26 -28.21 -13.82
CA ASP M 173 2.38 -28.77 -14.84
C ASP M 173 3.17 -29.67 -15.78
N LYS M 174 2.69 -30.88 -16.01
CA LYS M 174 3.34 -31.80 -16.93
C LYS M 174 2.80 -31.52 -18.36
N ILE M 175 3.57 -30.72 -19.11
CA ILE M 175 3.29 -30.30 -20.47
C ILE M 175 4.19 -31.10 -21.40
N GLN M 176 3.59 -31.64 -22.45
CA GLN M 176 4.31 -32.41 -23.45
C GLN M 176 4.41 -31.59 -24.71
N ASN M 177 5.56 -31.65 -25.35
CA ASN M 177 5.83 -30.99 -26.62
C ASN M 177 4.99 -31.64 -27.71
N GLY M 178 4.73 -30.92 -28.77
CA GLY M 178 4.06 -31.47 -29.95
C GLY M 178 5.08 -32.26 -30.74
N LYS M 179 4.65 -32.85 -31.85
CA LYS M 179 5.55 -33.60 -32.71
C LYS M 179 6.19 -32.64 -33.73
N VAL M 180 7.36 -33.02 -34.27
CA VAL M 180 8.04 -32.25 -35.32
C VAL M 180 7.49 -32.78 -36.62
N ILE M 181 6.78 -31.92 -37.36
CA ILE M 181 6.17 -32.29 -38.64
C ILE M 181 6.76 -31.52 -39.81
N ALA M 182 7.51 -32.20 -40.67
CA ALA M 182 8.09 -31.58 -41.87
C ALA M 182 6.96 -30.96 -42.71
N GLY M 183 7.06 -29.66 -42.94
CA GLY M 183 6.05 -28.92 -43.69
C GLY M 183 5.20 -28.04 -42.82
N MET M 184 5.22 -28.28 -41.49
CA MET M 184 4.47 -27.51 -40.50
C MET M 184 5.37 -26.83 -39.50
N SER M 185 6.24 -27.60 -38.81
CA SER M 185 7.15 -27.14 -37.74
C SER M 185 8.27 -26.25 -38.24
N LYS M 186 8.76 -25.34 -37.38
CA LYS M 186 9.92 -24.54 -37.79
C LYS M 186 11.16 -25.40 -37.60
N ILE M 187 11.73 -25.80 -38.74
CA ILE M 187 12.92 -26.63 -38.88
C ILE M 187 13.44 -26.42 -40.30
N TYR M 188 14.77 -26.44 -40.48
CA TYR M 188 15.41 -26.28 -41.78
C TYR M 188 15.67 -27.68 -42.38
N GLY M 189 14.59 -28.31 -42.84
CA GLY M 189 14.65 -29.64 -43.42
C GLY M 189 14.60 -29.65 -44.92
N GLY M 190 14.59 -30.85 -45.48
CA GLY M 190 14.54 -31.04 -46.91
C GLY M 190 15.91 -31.14 -47.53
N THR M 191 16.02 -30.65 -48.76
CA THR M 191 17.26 -30.60 -49.53
C THR M 191 18.16 -29.54 -48.91
N ALA M 192 19.50 -29.77 -48.94
CA ALA M 192 20.51 -28.87 -48.37
C ALA M 192 20.43 -27.44 -48.92
N PRO M 193 20.62 -26.37 -48.09
CA PRO M 193 20.92 -26.34 -46.65
C PRO M 193 19.69 -26.31 -45.74
N GLY M 194 18.58 -26.87 -46.19
CA GLY M 194 17.35 -26.94 -45.42
C GLY M 194 16.49 -25.71 -45.44
N ASN M 195 15.15 -25.88 -45.27
CA ASN M 195 14.22 -24.76 -45.28
C ASN M 195 12.88 -25.03 -44.60
N TYR M 196 12.17 -23.95 -44.32
CA TYR M 196 10.79 -23.95 -43.85
C TYR M 196 10.09 -22.97 -44.79
N LYS M 197 8.76 -22.87 -44.69
CA LYS M 197 7.97 -21.97 -45.52
C LYS M 197 6.85 -21.36 -44.71
N TYR M 198 6.34 -20.21 -45.20
CA TYR M 198 5.17 -19.52 -44.68
C TYR M 198 4.04 -19.96 -45.63
N ILE M 199 3.09 -20.71 -45.11
CA ILE M 199 1.94 -21.21 -45.88
C ILE M 199 0.70 -20.80 -45.09
N LYS M 200 -0.14 -19.91 -45.66
CA LYS M 200 -1.35 -19.41 -44.97
C LYS M 200 -2.07 -20.50 -44.13
N GLY M 201 -2.13 -20.28 -42.83
CA GLY M 201 -2.83 -21.16 -41.90
C GLY M 201 -2.20 -22.48 -41.52
N THR M 202 -1.10 -22.89 -42.17
CA THR M 202 -0.42 -24.13 -41.90
C THR M 202 1.08 -23.89 -41.71
N SER M 203 1.52 -22.85 -42.38
CA SER M 203 2.87 -22.29 -42.46
C SER M 203 3.98 -22.96 -41.82
N TYR M 204 4.27 -22.39 -40.58
CA TYR M 204 5.17 -22.81 -39.53
C TYR M 204 4.61 -22.57 -38.16
N THR M 205 4.69 -23.61 -37.35
CA THR M 205 4.32 -23.62 -35.94
C THR M 205 5.58 -24.09 -35.21
N TYR M 206 5.65 -23.81 -33.91
CA TYR M 206 6.76 -24.25 -33.07
C TYR M 206 6.34 -25.60 -32.50
N TYR M 207 7.14 -26.66 -32.74
CA TYR M 207 6.84 -28.04 -32.29
C TYR M 207 6.57 -28.09 -30.80
N GLY M 208 7.38 -27.36 -30.05
CA GLY M 208 7.39 -27.36 -28.62
C GLY M 208 8.49 -26.44 -28.15
N GLU M 209 8.96 -26.67 -26.95
CA GLU M 209 9.99 -25.89 -26.28
C GLU M 209 11.13 -26.80 -25.87
N SER M 210 12.35 -26.27 -25.84
CA SER M 210 13.46 -27.10 -25.36
C SER M 210 13.29 -27.09 -23.83
N ASP M 211 13.36 -28.30 -23.22
CA ASP M 211 13.15 -28.52 -21.79
C ASP M 211 11.74 -28.05 -21.34
N ILE M 212 10.65 -28.53 -22.02
CA ILE M 212 9.26 -28.20 -21.68
C ILE M 212 8.96 -28.72 -20.24
N ASP M 213 9.73 -29.71 -19.86
CA ASP M 213 9.70 -30.40 -18.60
C ASP M 213 9.98 -29.50 -17.44
N ARG M 214 10.77 -28.46 -17.65
CA ARG M 214 11.09 -27.49 -16.60
C ARG M 214 9.82 -26.91 -15.94
N LEU M 215 8.68 -26.91 -16.64
CA LEU M 215 7.39 -26.37 -16.17
C LEU M 215 6.69 -27.28 -15.15
N SER M 216 7.18 -28.53 -15.01
CA SER M 216 6.67 -29.53 -14.07
C SER M 216 7.64 -29.71 -12.89
N ARG M 217 8.71 -28.93 -12.85
CA ARG M 217 9.78 -29.06 -11.88
C ARG M 217 9.94 -27.89 -10.96
N TRP M 218 10.43 -28.20 -9.77
CA TRP M 218 10.78 -27.25 -8.74
C TRP M 218 12.29 -27.13 -8.79
N ASP M 219 12.78 -25.91 -9.04
CA ASP M 219 14.21 -25.62 -9.05
C ASP M 219 14.56 -25.13 -7.64
N ILE M 220 15.10 -26.05 -6.84
CA ILE M 220 15.39 -25.78 -5.44
C ILE M 220 16.73 -25.10 -5.30
N LYS M 221 16.72 -23.83 -4.86
CA LYS M 221 17.91 -23.00 -4.68
C LYS M 221 18.09 -22.56 -3.23
N GLU M 222 17.02 -22.64 -2.41
CA GLU M 222 17.03 -22.14 -1.03
C GLU M 222 16.65 -23.17 0.00
N GLU M 223 16.88 -22.83 1.31
CA GLU M 223 16.48 -23.65 2.46
C GLU M 223 14.97 -23.53 2.67
N ILE M 224 14.31 -24.62 3.11
CA ILE M 224 12.88 -24.65 3.41
C ILE M 224 12.71 -25.33 4.78
N PHE M 225 11.54 -25.16 5.41
CA PHE M 225 11.20 -25.83 6.66
C PHE M 225 10.51 -27.11 6.31
N SER M 226 9.59 -27.02 5.36
CA SER M 226 8.73 -28.09 4.89
C SER M 226 7.90 -27.57 3.72
N PHE M 227 7.09 -28.45 3.17
CA PHE M 227 6.20 -28.06 2.11
C PHE M 227 4.92 -28.84 2.26
N MET M 228 3.92 -28.38 1.56
CA MET M 228 2.61 -28.97 1.48
C MET M 228 2.18 -28.93 0.00
N GLY M 229 1.54 -29.99 -0.46
CA GLY M 229 1.12 -30.06 -1.85
C GLY M 229 -0.09 -30.90 -2.13
N ILE M 230 -0.74 -30.60 -3.28
CA ILE M 230 -1.90 -31.29 -3.86
C ILE M 230 -1.39 -31.86 -5.14
N LEU M 231 -1.34 -33.20 -5.22
CA LEU M 231 -0.82 -33.96 -6.35
C LEU M 231 -1.98 -34.54 -7.14
N TYR M 232 -1.95 -34.37 -8.49
CA TYR M 232 -2.98 -34.91 -9.39
C TYR M 232 -2.38 -36.07 -10.23
N PRO M 233 -2.63 -37.34 -9.80
CA PRO M 233 -2.10 -38.49 -10.58
C PRO M 233 -2.59 -38.57 -12.01
N LYS M 234 -1.77 -39.14 -12.91
CA LYS M 234 -2.09 -39.23 -14.33
C LYS M 234 -2.65 -40.59 -14.72
N LEU M 235 -1.81 -41.63 -14.73
CA LEU M 235 -2.17 -42.98 -15.14
C LEU M 235 -2.62 -43.85 -13.97
N PRO M 236 -3.68 -44.65 -14.19
CA PRO M 236 -4.14 -45.54 -13.12
C PRO M 236 -3.29 -46.81 -13.07
N LYS M 237 -3.26 -47.49 -11.92
CA LYS M 237 -2.51 -48.76 -11.73
C LYS M 237 -0.99 -48.49 -11.73
N THR M 238 -0.59 -47.22 -11.53
CA THR M 238 0.80 -46.78 -11.58
C THR M 238 1.09 -45.93 -10.33
N PRO M 239 2.22 -46.16 -9.61
CA PRO M 239 2.55 -45.28 -8.48
C PRO M 239 2.73 -43.82 -8.88
N ALA M 240 2.35 -42.93 -7.97
CA ALA M 240 2.42 -41.49 -8.15
C ALA M 240 3.01 -40.80 -6.92
N GLY M 241 3.64 -39.67 -7.17
CA GLY M 241 4.22 -38.84 -6.14
C GLY M 241 5.19 -37.88 -6.74
N VAL M 242 6.26 -37.58 -6.01
CA VAL M 242 7.32 -36.65 -6.38
C VAL M 242 8.69 -37.21 -5.97
N ARG M 243 9.75 -36.85 -6.73
CA ARG M 243 11.13 -37.22 -6.38
C ARG M 243 12.05 -36.01 -6.33
N PHE M 244 13.10 -36.09 -5.51
CA PHE M 244 14.04 -35.01 -5.30
C PHE M 244 15.38 -35.45 -5.75
N LEU M 245 16.04 -34.59 -6.52
CA LEU M 245 17.37 -34.83 -7.08
C LEU M 245 18.35 -33.77 -6.57
N ASP M 246 19.59 -34.18 -6.27
CA ASP M 246 20.64 -33.27 -5.81
C ASP M 246 21.22 -32.47 -6.99
N ASP M 247 22.21 -31.58 -6.70
CA ASP M 247 22.83 -30.73 -7.72
C ASP M 247 23.48 -31.47 -8.89
N ILE M 248 23.90 -32.73 -8.70
CA ILE M 248 24.48 -33.58 -9.75
C ILE M 248 23.46 -34.52 -10.44
N GLY M 249 22.15 -34.26 -10.18
CA GLY M 249 21.01 -34.96 -10.75
C GLY M 249 20.68 -36.35 -10.25
N ASN M 250 21.18 -36.71 -9.07
CA ASN M 250 20.93 -38.01 -8.47
C ASN M 250 19.78 -37.98 -7.46
N GLU M 251 18.87 -38.97 -7.49
CA GLU M 251 17.75 -38.99 -6.54
C GLU M 251 18.24 -39.35 -5.14
N TYR M 252 17.82 -38.55 -4.14
CA TYR M 252 18.24 -38.77 -2.76
C TYR M 252 17.05 -39.02 -1.81
N THR M 253 15.81 -38.70 -2.25
CA THR M 253 14.54 -38.89 -1.53
C THR M 253 13.34 -38.74 -2.49
N ALA M 254 12.18 -39.32 -2.08
CA ALA M 254 10.92 -39.29 -2.84
C ALA M 254 9.74 -39.70 -1.96
N ILE M 255 8.57 -39.12 -2.23
CA ILE M 255 7.31 -39.42 -1.55
C ILE M 255 6.42 -39.98 -2.67
N VAL M 256 6.34 -41.33 -2.78
CA VAL M 256 5.62 -42.07 -3.83
C VAL M 256 4.61 -43.02 -3.18
N PHE M 257 3.43 -43.16 -3.82
CA PHE M 257 2.34 -44.00 -3.34
C PHE M 257 1.82 -44.95 -4.40
N LYS M 258 1.32 -46.12 -3.96
CA LYS M 258 0.63 -47.09 -4.80
C LYS M 258 -0.67 -47.49 -4.12
N THR M 259 -1.75 -46.80 -4.51
CA THR M 259 -3.11 -47.01 -4.01
C THR M 259 -3.85 -48.11 -4.78
N GLU M 260 -4.76 -48.79 -4.09
CA GLU M 260 -5.60 -49.82 -4.69
C GLU M 260 -6.59 -49.19 -5.68
N GLN M 261 -7.17 -48.02 -5.30
CA GLN M 261 -8.13 -47.23 -6.09
C GLN M 261 -7.56 -45.89 -6.53
N VAL M 262 -7.99 -45.40 -7.69
CA VAL M 262 -7.61 -44.08 -8.21
C VAL M 262 -8.11 -42.98 -7.25
N GLN M 263 -7.28 -42.00 -6.95
CA GLN M 263 -7.63 -40.89 -6.07
C GLN M 263 -7.76 -39.66 -6.92
N ASP M 264 -8.73 -38.78 -6.58
CA ASP M 264 -8.92 -37.54 -7.36
C ASP M 264 -7.66 -36.65 -7.28
N TYR M 265 -7.06 -36.59 -6.09
CA TYR M 265 -5.82 -35.91 -5.75
C TYR M 265 -5.31 -36.44 -4.44
N ILE M 266 -4.01 -36.23 -4.17
CA ILE M 266 -3.32 -36.64 -2.94
C ILE M 266 -2.81 -35.38 -2.26
N LEU M 267 -3.01 -35.25 -0.96
CA LEU M 267 -2.50 -34.13 -0.19
C LEU M 267 -1.32 -34.60 0.65
N ILE M 268 -0.22 -33.88 0.55
CA ILE M 268 1.01 -34.16 1.32
C ILE M 268 1.41 -32.95 2.15
N ASN M 269 1.98 -33.19 3.35
CA ASN M 269 2.50 -32.12 4.21
C ASN M 269 3.63 -32.66 5.03
N THR M 270 4.85 -32.17 4.75
CA THR M 270 6.08 -32.63 5.44
C THR M 270 6.35 -31.93 6.77
N ASP M 271 5.46 -31.00 7.19
CA ASP M 271 5.57 -30.29 8.47
C ASP M 271 5.62 -31.33 9.58
N VAL M 272 6.70 -31.38 10.38
CA VAL M 272 6.84 -32.37 11.45
C VAL M 272 5.68 -32.43 12.44
N ASN M 273 5.00 -31.29 12.64
CA ASN M 273 3.91 -31.13 13.60
C ASN M 273 2.50 -31.26 12.99
N ASP M 274 2.41 -31.33 11.68
CA ASP M 274 1.14 -31.56 10.99
C ASP M 274 1.39 -32.35 9.72
N GLU M 275 2.08 -33.48 9.88
CA GLU M 275 2.52 -34.37 8.81
C GLU M 275 1.33 -35.17 8.30
N THR M 276 1.03 -35.06 7.00
CA THR M 276 -0.13 -35.65 6.33
C THR M 276 0.24 -36.23 4.96
N TYR M 277 -0.28 -37.45 4.66
CA TYR M 277 -0.18 -38.11 3.36
C TYR M 277 -1.58 -38.71 3.12
N GLN M 278 -2.47 -37.94 2.52
CA GLN M 278 -3.81 -38.44 2.38
C GLN M 278 -4.37 -38.32 0.97
N GLY M 279 -5.03 -39.39 0.50
CA GLY M 279 -5.67 -39.40 -0.81
C GLY M 279 -7.13 -39.00 -0.69
N TRP M 280 -7.63 -38.23 -1.68
CA TRP M 280 -9.02 -37.77 -1.68
C TRP M 280 -9.80 -38.31 -2.86
N LYS M 281 -10.93 -38.96 -2.57
CA LYS M 281 -11.77 -39.52 -3.63
C LYS M 281 -13.16 -39.01 -3.33
N GLY M 282 -13.53 -37.98 -4.07
CA GLY M 282 -14.75 -37.24 -3.86
C GLY M 282 -14.51 -36.35 -2.66
N THR M 283 -15.28 -36.58 -1.60
CA THR M 283 -15.12 -35.83 -0.35
C THR M 283 -14.58 -36.75 0.75
N THR M 284 -14.08 -37.95 0.35
CA THR M 284 -13.56 -38.96 1.26
C THR M 284 -12.05 -38.94 1.30
N ALA M 285 -11.48 -38.85 2.52
CA ALA M 285 -10.04 -38.86 2.74
C ALA M 285 -9.59 -40.20 3.29
N LEU M 286 -8.44 -40.66 2.79
CA LEU M 286 -7.82 -41.91 3.18
C LEU M 286 -6.37 -41.68 3.55
N ASN M 287 -5.88 -42.28 4.67
CA ASN M 287 -4.47 -42.20 5.04
C ASN M 287 -3.65 -43.08 4.09
N LEU M 288 -2.78 -42.44 3.31
CA LEU M 288 -1.97 -43.11 2.31
C LEU M 288 -0.60 -43.47 2.79
N PHE M 289 -0.27 -43.09 4.04
CA PHE M 289 1.03 -43.41 4.64
C PHE M 289 1.34 -44.91 4.56
N PRO M 290 0.43 -45.84 4.96
CA PRO M 290 0.76 -47.29 4.88
C PRO M 290 1.13 -47.79 3.48
N VAL M 291 0.90 -46.96 2.49
CA VAL M 291 1.05 -47.32 1.11
C VAL M 291 2.16 -46.59 0.36
N MET M 292 2.97 -45.86 1.13
CA MET M 292 4.14 -45.12 0.68
C MET M 292 5.34 -46.06 0.51
N ASP M 293 6.25 -45.70 -0.43
CA ASP M 293 7.49 -46.41 -0.66
C ASP M 293 8.49 -45.90 0.37
N PHE M 294 8.45 -46.50 1.57
CA PHE M 294 9.29 -46.16 2.70
C PHE M 294 10.78 -46.16 2.38
N GLU M 295 11.25 -47.13 1.56
CA GLU M 295 12.66 -47.19 1.17
C GLU M 295 13.09 -45.97 0.35
N ARG M 296 12.22 -45.41 -0.48
CA ARG M 296 12.54 -44.24 -1.29
C ARG M 296 12.47 -42.97 -0.48
N TYR M 297 11.64 -42.95 0.58
CA TYR M 297 11.52 -41.79 1.46
C TYR M 297 12.68 -41.88 2.44
N ARG M 298 13.89 -41.50 1.98
CA ARG M 298 15.10 -41.59 2.77
C ARG M 298 15.12 -40.48 3.82
N THR M 299 14.74 -39.26 3.41
CA THR M 299 14.77 -38.07 4.27
C THR M 299 13.69 -37.05 3.90
N ARG M 300 13.45 -36.09 4.80
CA ARG M 300 12.52 -34.97 4.63
C ARG M 300 13.36 -33.72 4.36
N ILE M 301 14.70 -33.82 4.53
CA ILE M 301 15.65 -32.72 4.36
C ILE M 301 15.89 -32.48 2.85
N ILE M 302 15.30 -31.40 2.35
CA ILE M 302 15.35 -31.02 0.95
C ILE M 302 16.61 -30.22 0.64
N GLU M 303 17.44 -30.78 -0.25
CA GLU M 303 18.69 -30.19 -0.71
C GLU M 303 18.47 -29.39 -1.98
N LYS M 304 19.47 -28.58 -2.34
CA LYS M 304 19.49 -27.83 -3.59
C LYS M 304 19.55 -28.86 -4.72
N GLY M 305 18.83 -28.57 -5.77
CA GLY M 305 18.70 -29.43 -6.92
C GLY M 305 17.33 -29.22 -7.52
N GLN M 306 16.62 -30.31 -7.77
CA GLN M 306 15.27 -30.18 -8.32
C GLN M 306 14.30 -31.27 -7.98
N MET M 307 13.00 -30.91 -7.97
CA MET M 307 11.93 -31.86 -7.75
C MET M 307 11.23 -32.19 -9.07
N GLU M 308 11.04 -33.49 -9.33
CA GLU M 308 10.32 -33.96 -10.49
C GLU M 308 9.06 -34.62 -10.02
N LEU M 309 8.03 -34.62 -10.87
CA LEU M 309 6.77 -35.27 -10.60
C LEU M 309 6.88 -36.74 -11.01
N ILE M 310 6.13 -37.62 -10.35
CA ILE M 310 6.08 -39.04 -10.72
C ILE M 310 4.63 -39.33 -11.03
N ASN M 311 4.33 -39.54 -12.33
CA ASN M 311 3.01 -39.86 -12.84
C ASN M 311 1.95 -38.87 -12.38
N LEU M 312 2.25 -37.56 -12.49
CA LEU M 312 1.30 -36.51 -12.12
C LEU M 312 1.06 -35.63 -13.30
N SER M 313 -0.18 -35.16 -13.46
CA SER M 313 -0.48 -34.22 -14.52
C SER M 313 -0.15 -32.80 -14.04
N LYS M 314 -0.29 -32.56 -12.74
CA LYS M 314 -0.12 -31.28 -12.07
C LYS M 314 0.13 -31.52 -10.58
N ALA M 315 0.76 -30.53 -9.93
CA ALA M 315 1.02 -30.47 -8.49
C ALA M 315 0.98 -29.00 -8.07
N GLU M 316 0.33 -28.71 -6.95
CA GLU M 316 0.23 -27.36 -6.41
C GLU M 316 0.85 -27.41 -5.04
N PHE M 317 1.93 -26.66 -4.87
CA PHE M 317 2.69 -26.58 -3.62
C PHE M 317 2.52 -25.25 -2.88
N LYS M 318 2.66 -25.33 -1.56
CA LYS M 318 2.73 -24.21 -0.60
C LYS M 318 3.95 -24.53 0.23
N ILE M 319 5.06 -23.87 -0.12
CA ILE M 319 6.36 -24.10 0.50
C ILE M 319 6.60 -23.15 1.62
N LYS M 320 7.11 -23.69 2.75
CA LYS M 320 7.43 -22.91 3.93
C LYS M 320 8.91 -22.62 3.84
N ARG M 321 9.25 -21.45 3.26
CA ARG M 321 10.64 -20.99 3.08
C ARG M 321 11.30 -20.67 4.42
N LYS M 322 12.61 -20.84 4.55
CA LYS M 322 13.34 -20.73 5.81
C LYS M 322 14.42 -19.66 5.80
N ALA M 323 14.57 -18.94 6.94
CA ALA M 323 15.61 -17.95 7.20
C ALA M 323 15.86 -18.01 8.70
N ASP M 324 17.04 -18.46 9.13
CA ASP M 324 17.32 -18.58 10.57
C ASP M 324 17.45 -17.21 11.25
N PHE M 325 17.92 -16.21 10.46
CA PHE M 325 18.16 -14.84 10.90
C PHE M 325 17.65 -13.86 9.84
N VAL M 326 17.01 -12.79 10.33
CA VAL M 326 16.41 -11.72 9.52
C VAL M 326 16.60 -10.39 10.26
N GLY N 29 -16.75 -1.74 40.95
CA GLY N 29 -15.82 -1.59 39.82
C GLY N 29 -14.51 -2.31 40.04
N VAL N 30 -13.83 -1.97 41.13
CA VAL N 30 -12.54 -2.58 41.49
C VAL N 30 -12.76 -4.08 41.82
N ARG N 31 -11.71 -4.86 41.57
CA ARG N 31 -11.56 -6.27 41.80
C ARG N 31 -11.84 -6.63 43.29
N GLN N 32 -12.42 -7.82 43.56
CA GLN N 32 -12.70 -8.29 44.92
C GLN N 32 -12.18 -9.70 45.19
N TYR N 33 -11.48 -9.89 46.33
CA TYR N 33 -11.00 -11.19 46.80
C TYR N 33 -11.72 -11.54 48.09
N LYS N 34 -12.08 -12.82 48.24
CA LYS N 34 -12.69 -13.35 49.46
C LYS N 34 -12.14 -14.73 49.69
N ILE N 35 -11.90 -15.09 50.97
CA ILE N 35 -11.46 -16.42 51.35
C ILE N 35 -12.68 -17.14 51.98
N HIS N 36 -13.11 -18.27 51.39
CA HIS N 36 -14.22 -19.07 51.88
C HIS N 36 -13.63 -20.29 52.55
N THR N 37 -14.05 -20.57 53.77
CA THR N 37 -13.60 -21.73 54.51
C THR N 37 -14.37 -22.96 54.01
N ASN N 38 -15.57 -22.76 53.44
CA ASN N 38 -16.36 -23.82 52.86
C ASN N 38 -17.39 -23.30 51.84
N LEU N 39 -16.94 -23.06 50.58
CA LEU N 39 -17.77 -22.58 49.46
C LEU N 39 -18.95 -23.54 49.21
N ASP N 40 -20.17 -22.97 49.02
CA ASP N 40 -21.44 -23.69 48.80
C ASP N 40 -21.85 -24.59 49.99
N GLY N 41 -21.11 -24.50 51.10
CA GLY N 41 -21.35 -25.24 52.33
C GLY N 41 -22.13 -24.42 53.33
N THR N 42 -22.86 -25.11 54.23
CA THR N 42 -23.69 -24.46 55.24
C THR N 42 -22.93 -23.76 56.36
N ASP N 43 -21.67 -24.17 56.60
CA ASP N 43 -20.83 -23.60 57.66
C ASP N 43 -19.76 -22.62 57.13
N ASP N 44 -19.90 -22.15 55.89
CA ASP N 44 -18.98 -21.22 55.24
C ASP N 44 -18.70 -19.94 56.03
N LYS N 45 -17.43 -19.68 56.30
CA LYS N 45 -16.97 -18.43 56.92
C LYS N 45 -16.24 -17.68 55.80
N VAL N 46 -16.64 -16.42 55.57
CA VAL N 46 -16.06 -15.59 54.52
C VAL N 46 -15.23 -14.45 55.12
N TRP N 47 -13.96 -14.37 54.72
CA TRP N 47 -13.07 -13.28 55.07
C TRP N 47 -13.00 -12.40 53.83
N ASP N 48 -13.38 -11.12 53.92
CA ASP N 48 -13.31 -10.21 52.78
C ASP N 48 -11.92 -9.63 52.79
N VAL N 49 -11.05 -10.22 51.97
CA VAL N 49 -9.65 -9.83 51.91
C VAL N 49 -9.37 -8.62 50.99
N THR N 50 -10.45 -7.85 50.68
CA THR N 50 -10.40 -6.62 49.92
C THR N 50 -10.84 -5.41 50.79
N ASN N 51 -11.85 -5.60 51.66
CA ASN N 51 -12.43 -4.52 52.46
C ASN N 51 -12.42 -4.75 53.97
N GLY N 52 -11.98 -5.95 54.39
CA GLY N 52 -11.98 -6.36 55.78
C GLY N 52 -10.80 -5.87 56.60
N LYS N 53 -10.71 -6.37 57.86
CA LYS N 53 -9.65 -6.03 58.80
C LYS N 53 -8.39 -6.83 58.46
N VAL N 54 -8.56 -7.88 57.62
CA VAL N 54 -7.50 -8.73 57.07
C VAL N 54 -7.58 -8.64 55.54
N ARG N 55 -6.56 -8.07 54.91
CA ARG N 55 -6.53 -7.86 53.47
C ARG N 55 -5.34 -8.49 52.74
N PHE N 56 -5.56 -8.81 51.46
CA PHE N 56 -4.56 -9.34 50.54
C PHE N 56 -4.28 -8.28 49.52
N TYR N 57 -3.00 -8.06 49.24
CA TYR N 57 -2.52 -7.11 48.24
C TYR N 57 -1.47 -7.79 47.40
N GLN N 58 -1.32 -7.32 46.17
CA GLN N 58 -0.28 -7.70 45.23
C GLN N 58 -0.04 -9.21 45.03
N PRO N 59 -0.99 -9.93 44.38
CA PRO N 59 -0.72 -11.35 44.07
C PRO N 59 0.57 -11.46 43.24
N SER N 60 1.44 -12.39 43.62
CA SER N 60 2.70 -12.58 42.93
C SER N 60 2.50 -12.86 41.46
N ASN N 61 1.57 -13.77 41.11
CA ASN N 61 1.28 -14.12 39.73
C ASN N 61 -0.01 -14.87 39.63
N LEU N 62 -0.95 -14.33 38.83
CA LEU N 62 -2.23 -14.99 38.54
C LEU N 62 -2.18 -15.58 37.13
N GLY N 63 -0.99 -15.55 36.55
CA GLY N 63 -0.69 -16.09 35.23
C GLY N 63 -0.44 -17.59 35.29
N LEU N 64 0.21 -18.11 34.26
CA LEU N 64 0.51 -19.55 34.14
C LEU N 64 1.70 -19.79 33.25
N GLN N 65 2.11 -21.07 33.19
CA GLN N 65 3.20 -21.56 32.35
C GLN N 65 2.63 -22.69 31.53
N SER N 66 3.20 -22.89 30.35
CA SER N 66 2.82 -23.97 29.45
C SER N 66 4.03 -24.62 28.83
N THR N 67 3.90 -25.90 28.53
CA THR N 67 4.95 -26.63 27.85
C THR N 67 4.31 -27.44 26.76
N ASN N 68 4.99 -27.54 25.64
CA ASN N 68 4.54 -28.39 24.55
C ASN N 68 5.62 -29.43 24.29
N ASN N 69 6.59 -29.58 25.23
CA ASN N 69 7.69 -30.55 25.16
C ASN N 69 8.42 -30.44 23.86
N ILE N 70 8.67 -29.18 23.42
CA ILE N 70 9.32 -28.88 22.16
C ILE N 70 10.82 -29.14 22.29
N TRP N 71 11.39 -29.83 21.32
CA TRP N 71 12.82 -29.98 21.21
C TRP N 71 13.15 -29.55 19.79
N GLN N 72 14.30 -28.91 19.63
CA GLN N 72 14.74 -28.33 18.36
C GLN N 72 15.66 -29.26 17.57
N SER N 73 15.38 -29.43 16.29
CA SER N 73 16.19 -30.22 15.36
C SER N 73 16.79 -29.19 14.39
N ASN N 74 17.89 -28.54 14.85
CA ASN N 74 18.63 -27.47 14.16
C ASN N 74 17.71 -26.23 13.99
N GLY N 75 17.13 -25.78 15.12
CA GLY N 75 16.20 -24.66 15.16
C GLY N 75 14.75 -25.03 14.93
N ILE N 76 14.47 -26.08 14.11
CA ILE N 76 13.10 -26.58 13.86
C ILE N 76 12.48 -27.29 15.11
N GLY N 77 11.47 -26.68 15.71
CA GLY N 77 10.75 -27.22 16.88
C GLY N 77 9.85 -28.42 16.59
N VAL N 78 9.98 -29.46 17.39
CA VAL N 78 9.19 -30.68 17.29
C VAL N 78 8.33 -30.74 18.52
N MET N 79 7.02 -30.57 18.32
CA MET N 79 6.03 -30.47 19.39
C MET N 79 5.62 -31.79 19.97
N GLY N 80 5.38 -31.78 21.27
CA GLY N 80 4.94 -32.96 21.99
C GLY N 80 3.63 -32.68 22.65
N THR N 81 3.43 -33.21 23.89
CA THR N 81 2.18 -32.99 24.60
C THR N 81 2.17 -31.65 25.27
N ARG N 82 1.03 -30.98 25.19
CA ARG N 82 0.81 -29.69 25.81
C ARG N 82 0.34 -29.86 27.27
N SER N 83 0.93 -29.10 28.17
CA SER N 83 0.66 -29.18 29.60
C SER N 83 0.73 -27.78 30.23
N ILE N 84 -0.21 -27.47 31.12
CA ILE N 84 -0.25 -26.20 31.85
C ILE N 84 0.24 -26.42 33.26
N THR N 85 0.94 -25.43 33.82
CA THR N 85 1.39 -25.41 35.20
C THR N 85 0.88 -24.11 35.82
N GLN N 86 0.16 -24.22 36.91
CA GLN N 86 -0.37 -23.05 37.63
C GLN N 86 0.60 -22.69 38.76
N PRO N 87 1.21 -21.48 38.75
CA PRO N 87 2.14 -21.13 39.82
C PRO N 87 1.44 -20.85 41.15
N GLN N 88 2.21 -20.87 42.25
CA GLN N 88 1.70 -20.55 43.59
C GLN N 88 1.33 -19.08 43.62
N ILE N 89 0.38 -18.71 44.49
CA ILE N 89 0.02 -17.31 44.64
C ILE N 89 0.49 -16.83 46.00
N GLU N 90 1.35 -15.84 45.96
CA GLU N 90 1.83 -15.20 47.17
C GLU N 90 1.19 -13.82 47.22
N PHE N 91 0.66 -13.47 48.37
CA PHE N 91 0.01 -12.18 48.62
C PHE N 91 0.71 -11.52 49.79
N LYS N 92 0.58 -10.19 49.88
CA LYS N 92 1.00 -9.36 50.99
C LYS N 92 -0.24 -9.44 51.88
N LEU N 93 -0.06 -9.85 53.13
CA LEU N 93 -1.13 -10.01 54.10
C LEU N 93 -1.04 -8.85 55.10
N GLU N 94 -2.10 -8.02 55.12
CA GLU N 94 -2.13 -6.86 56.00
C GLU N 94 -3.32 -6.84 56.97
N THR N 95 -3.05 -6.50 58.25
CA THR N 95 -4.10 -6.38 59.26
C THR N 95 -4.37 -4.91 59.54
N PHE N 96 -5.66 -4.60 59.84
CA PHE N 96 -6.14 -3.24 60.09
C PHE N 96 -6.91 -3.11 61.41
N GLY N 97 -6.39 -3.81 62.42
CA GLY N 97 -6.90 -3.73 63.78
C GLY N 97 -6.50 -2.41 64.38
N GLU N 98 -7.31 -1.89 65.31
CA GLU N 98 -7.05 -0.59 65.93
C GLU N 98 -6.17 -0.65 67.18
N SER N 99 -5.68 -1.86 67.52
CA SER N 99 -4.81 -2.11 68.68
C SER N 99 -3.96 -3.35 68.47
N LEU N 100 -2.95 -3.57 69.34
CA LEU N 100 -2.08 -4.73 69.31
C LEU N 100 -2.93 -5.98 69.48
N GLU N 101 -3.84 -5.96 70.49
CA GLU N 101 -4.75 -7.05 70.81
C GLU N 101 -5.56 -7.45 69.60
N GLU N 102 -6.23 -6.48 68.97
CA GLU N 102 -7.04 -6.76 67.78
C GLU N 102 -6.26 -7.37 66.64
N ASN N 103 -5.06 -6.84 66.36
CA ASN N 103 -4.19 -7.33 65.29
C ASN N 103 -3.68 -8.77 65.53
N TYR N 104 -3.29 -9.08 66.78
CA TYR N 104 -2.85 -10.42 67.14
C TYR N 104 -4.00 -11.37 66.92
N GLN N 105 -5.23 -10.97 67.37
CA GLN N 105 -6.45 -11.75 67.25
C GLN N 105 -6.80 -12.04 65.83
N LEU N 106 -6.73 -11.00 64.98
CA LEU N 106 -6.99 -11.08 63.55
C LEU N 106 -6.11 -12.10 62.87
N MET N 107 -4.75 -12.00 63.04
CA MET N 107 -3.75 -12.92 62.48
C MET N 107 -4.04 -14.36 62.89
N LYS N 108 -4.19 -14.60 64.22
CA LYS N 108 -4.47 -15.90 64.84
C LYS N 108 -5.76 -16.50 64.26
N ASP N 109 -6.84 -15.71 64.19
CA ASP N 109 -8.11 -16.21 63.68
C ASP N 109 -8.09 -16.54 62.20
N PHE N 110 -7.53 -15.65 61.37
CA PHE N 110 -7.43 -15.84 59.93
C PHE N 110 -6.63 -17.09 59.55
N VAL N 111 -5.42 -17.23 60.09
CA VAL N 111 -4.49 -18.33 59.86
C VAL N 111 -5.07 -19.65 60.35
N ASN N 112 -5.64 -19.69 61.54
CA ASN N 112 -6.21 -20.93 62.04
C ASN N 112 -7.48 -21.34 61.36
N ASP N 113 -8.18 -20.38 60.73
CA ASP N 113 -9.40 -20.67 59.96
C ASP N 113 -9.00 -21.38 58.68
N ILE N 114 -7.85 -20.96 58.08
CA ILE N 114 -7.27 -21.59 56.87
C ILE N 114 -6.78 -22.97 57.28
N LEU N 115 -5.98 -23.04 58.35
CA LEU N 115 -5.39 -24.26 58.86
C LEU N 115 -6.39 -25.32 59.32
N SER N 116 -7.63 -24.93 59.66
CA SER N 116 -8.67 -25.86 60.11
C SER N 116 -9.37 -26.63 58.99
N LYS N 117 -9.15 -26.27 57.71
CA LYS N 117 -9.77 -26.93 56.57
C LYS N 117 -8.73 -27.64 55.72
N LYS N 118 -9.14 -28.69 54.98
CA LYS N 118 -8.33 -29.45 54.04
C LYS N 118 -7.79 -28.50 52.95
N PHE N 119 -8.62 -27.51 52.60
CA PHE N 119 -8.35 -26.47 51.61
C PHE N 119 -9.30 -25.33 51.86
N VAL N 120 -9.02 -24.23 51.22
CA VAL N 120 -9.79 -23.00 51.31
C VAL N 120 -10.07 -22.52 49.87
N THR N 121 -11.07 -21.66 49.68
CA THR N 121 -11.44 -21.19 48.33
C THR N 121 -11.31 -19.69 48.18
N LEU N 122 -10.51 -19.25 47.21
CA LEU N 122 -10.36 -17.84 46.91
C LEU N 122 -11.39 -17.49 45.83
N GLU N 123 -12.18 -16.44 46.09
CA GLU N 123 -13.14 -15.92 45.15
C GLU N 123 -12.45 -14.72 44.47
N TYR N 124 -12.44 -14.70 43.13
CA TYR N 124 -11.81 -13.64 42.36
C TYR N 124 -12.90 -13.04 41.50
N GLN N 125 -13.33 -11.82 41.85
CA GLN N 125 -14.41 -11.15 41.16
C GLN N 125 -14.03 -9.80 40.56
N THR N 126 -14.40 -9.60 39.28
CA THR N 126 -14.27 -8.36 38.52
C THR N 126 -15.62 -8.08 37.85
N GLU N 127 -15.72 -7.05 36.99
CA GLU N 127 -16.98 -6.73 36.34
C GLU N 127 -17.30 -7.75 35.24
N ILE N 128 -16.29 -8.51 34.79
CA ILE N 128 -16.40 -9.48 33.70
C ILE N 128 -16.40 -10.96 34.14
N PHE N 129 -16.05 -11.26 35.39
CA PHE N 129 -16.06 -12.63 35.87
C PHE N 129 -16.16 -12.73 37.39
N GLN N 130 -16.56 -13.92 37.85
CA GLN N 130 -16.63 -14.30 39.27
C GLN N 130 -16.21 -15.76 39.30
N VAL N 131 -14.93 -15.97 39.60
CA VAL N 131 -14.27 -17.30 39.54
C VAL N 131 -13.67 -17.73 40.89
N TYR N 132 -13.37 -19.04 41.01
CA TYR N 132 -12.86 -19.58 42.25
C TYR N 132 -11.58 -20.38 42.07
N ALA N 133 -10.82 -20.50 43.16
CA ALA N 133 -9.59 -21.28 43.18
C ALA N 133 -9.54 -22.02 44.51
N ASP N 134 -9.43 -23.36 44.48
CA ASP N 134 -9.25 -24.18 45.69
C ASP N 134 -7.74 -24.17 46.00
N LEU N 135 -7.39 -23.64 47.19
CA LEU N 135 -5.99 -23.43 47.60
C LEU N 135 -5.66 -24.07 48.88
N ALA N 136 -4.38 -24.38 49.04
CA ALA N 136 -3.84 -24.94 50.28
C ALA N 136 -2.70 -24.03 50.68
N LEU N 137 -2.70 -23.60 51.93
CA LEU N 137 -1.66 -22.77 52.52
C LEU N 137 -0.29 -23.45 52.34
N ALA N 138 0.69 -22.71 51.81
CA ALA N 138 2.04 -23.23 51.56
C ALA N 138 2.97 -22.66 52.66
N ASP N 139 2.75 -21.38 53.02
CA ASP N 139 3.50 -20.70 54.07
C ASP N 139 2.86 -19.38 54.45
N VAL N 140 3.12 -18.97 55.68
CA VAL N 140 2.69 -17.72 56.28
C VAL N 140 3.80 -17.28 57.21
N THR N 141 4.14 -16.00 57.19
CA THR N 141 5.18 -15.45 58.06
C THR N 141 4.49 -14.74 59.22
N LYS N 142 5.19 -14.63 60.34
CA LYS N 142 4.75 -13.86 61.50
C LYS N 142 5.97 -13.22 62.09
N THR N 143 5.99 -11.88 62.08
CA THR N 143 7.13 -11.10 62.57
C THR N 143 6.68 -10.00 63.55
N GLU N 144 7.64 -9.16 63.94
CA GLU N 144 7.47 -8.01 64.82
C GLU N 144 8.19 -6.86 64.17
N GLY N 145 7.44 -6.06 63.44
CA GLY N 145 7.96 -4.87 62.78
C GLY N 145 6.80 -3.94 62.54
N TYR N 146 6.12 -3.66 63.64
CA TYR N 146 4.84 -2.97 63.63
C TYR N 146 4.77 -1.52 63.21
N GLY N 147 3.67 -1.25 62.54
CA GLY N 147 3.23 0.06 62.14
C GLY N 147 2.28 0.52 63.23
N LYS N 148 1.50 1.59 62.94
CA LYS N 148 0.54 2.14 63.90
C LYS N 148 -0.45 1.08 64.37
N ASN N 149 -0.63 1.00 65.71
CA ASN N 149 -1.52 0.07 66.42
C ASN N 149 -1.14 -1.42 66.33
N GLY N 150 0.13 -1.67 66.03
CA GLY N 150 0.69 -3.01 65.93
C GLY N 150 0.15 -3.82 64.77
N THR N 151 -0.16 -3.13 63.65
CA THR N 151 -0.68 -3.79 62.46
C THR N 151 0.36 -4.71 61.84
N PHE N 152 -0.09 -5.82 61.23
CA PHE N 152 0.77 -6.80 60.58
C PHE N 152 0.90 -6.52 59.08
N SER N 153 2.09 -6.83 58.59
CA SER N 153 2.44 -6.77 57.20
C SER N 153 3.30 -8.02 57.00
N GLU N 154 2.65 -9.09 56.51
CA GLU N 154 3.26 -10.40 56.32
C GLU N 154 3.11 -10.92 54.89
N LYS N 155 3.58 -12.14 54.64
CA LYS N 155 3.54 -12.80 53.34
C LYS N 155 2.80 -14.12 53.51
N ILE N 156 1.85 -14.39 52.63
CA ILE N 156 1.09 -15.64 52.63
C ILE N 156 1.19 -16.28 51.25
N THR N 157 1.57 -17.57 51.17
CA THR N 157 1.68 -18.29 49.89
C THR N 157 0.71 -19.43 49.87
N PHE N 158 0.08 -19.65 48.71
CA PHE N 158 -0.86 -20.73 48.52
C PHE N 158 -0.43 -21.61 47.40
N ASP N 159 -0.62 -22.92 47.60
CA ASP N 159 -0.44 -23.92 46.55
C ASP N 159 -1.82 -24.06 45.88
N ILE N 160 -1.80 -24.22 44.57
CA ILE N 160 -2.96 -24.38 43.71
C ILE N 160 -3.43 -25.81 43.74
N ILE N 161 -4.73 -26.03 43.90
CA ILE N 161 -5.35 -27.34 43.81
C ILE N 161 -6.19 -27.30 42.52
N THR N 162 -7.12 -26.33 42.44
CA THR N 162 -8.05 -26.15 41.35
C THR N 162 -8.16 -24.64 41.08
N LYS N 163 -7.45 -24.18 40.09
CA LYS N 163 -7.42 -22.75 39.82
C LYS N 163 -8.32 -22.29 38.69
N TRP N 164 -9.22 -21.39 39.07
CA TRP N 164 -10.24 -20.80 38.23
C TRP N 164 -11.28 -21.81 37.80
N TYR N 165 -12.39 -21.86 38.55
CA TYR N 165 -13.53 -22.70 38.21
C TYR N 165 -14.79 -21.93 38.50
N THR N 166 -15.88 -22.40 37.93
CA THR N 166 -17.24 -21.91 38.10
C THR N 166 -18.09 -23.15 38.03
N TYR N 167 -19.32 -23.09 38.57
CA TYR N 167 -20.24 -24.22 38.49
C TYR N 167 -21.27 -23.94 37.44
N GLU N 168 -21.61 -24.96 36.65
CA GLU N 168 -22.61 -24.94 35.60
C GLU N 168 -23.58 -26.06 35.90
N ASN N 169 -24.87 -25.73 35.92
CA ASN N 169 -25.92 -26.69 36.18
C ASN N 169 -26.60 -27.09 34.89
N LEU N 170 -26.63 -28.39 34.61
CA LEU N 170 -27.23 -28.95 33.39
C LEU N 170 -28.15 -30.09 33.74
N THR N 171 -29.27 -30.20 33.01
CA THR N 171 -30.28 -31.26 33.15
C THR N 171 -30.38 -32.02 31.84
N PHE N 172 -30.37 -33.36 31.92
CA PHE N 172 -30.51 -34.25 30.76
C PHE N 172 -31.77 -35.06 30.98
N ASP N 173 -32.67 -35.05 29.99
CA ASP N 173 -33.95 -35.76 30.06
C ASP N 173 -34.09 -36.67 28.87
N LYS N 174 -34.46 -37.93 29.13
CA LYS N 174 -34.66 -38.90 28.04
C LYS N 174 -36.07 -38.77 27.44
N ILE N 175 -36.17 -37.99 26.36
CA ILE N 175 -37.41 -37.69 25.64
C ILE N 175 -37.41 -38.46 24.32
N GLN N 176 -38.53 -39.11 24.01
CA GLN N 176 -38.68 -39.86 22.77
C GLN N 176 -39.65 -39.12 21.87
N ASN N 177 -39.39 -39.14 20.56
CA ASN N 177 -40.27 -38.53 19.55
C ASN N 177 -41.55 -39.36 19.44
N GLY N 178 -42.65 -38.73 19.01
CA GLY N 178 -43.90 -39.42 18.75
C GLY N 178 -43.77 -40.10 17.40
N LYS N 179 -44.83 -40.79 16.97
CA LYS N 179 -44.86 -41.46 15.66
C LYS N 179 -45.38 -40.49 14.60
N VAL N 180 -45.02 -40.74 13.33
CA VAL N 180 -45.52 -39.95 12.20
C VAL N 180 -46.84 -40.61 11.76
N ILE N 181 -47.96 -39.89 11.92
CA ILE N 181 -49.29 -40.42 11.59
C ILE N 181 -49.95 -39.67 10.44
N ALA N 182 -50.15 -40.35 9.30
CA ALA N 182 -50.85 -39.76 8.14
C ALA N 182 -52.24 -39.31 8.58
N GLY N 183 -52.50 -38.02 8.42
CA GLY N 183 -53.78 -37.41 8.80
C GLY N 183 -53.66 -36.55 10.03
N MET N 184 -52.58 -36.73 10.81
CA MET N 184 -52.36 -35.99 12.05
C MET N 184 -51.09 -35.18 12.00
N SER N 185 -49.94 -35.82 11.74
CA SER N 185 -48.61 -35.20 11.75
C SER N 185 -48.38 -34.24 10.59
N LYS N 186 -47.53 -33.18 10.80
CA LYS N 186 -47.19 -32.25 9.72
C LYS N 186 -46.15 -32.94 8.84
N ILE N 187 -46.59 -33.30 7.64
CA ILE N 187 -45.85 -33.97 6.59
C ILE N 187 -46.63 -33.75 5.29
N TYR N 188 -45.92 -33.62 4.17
CA TYR N 188 -46.53 -33.42 2.85
C TYR N 188 -46.67 -34.79 2.17
N GLY N 189 -47.67 -35.55 2.65
CA GLY N 189 -47.97 -36.89 2.17
C GLY N 189 -49.11 -36.94 1.17
N GLY N 190 -49.39 -38.16 0.72
CA GLY N 190 -50.44 -38.44 -0.23
C GLY N 190 -49.95 -38.36 -1.66
N THR N 191 -50.85 -37.93 -2.56
CA THR N 191 -50.56 -37.76 -3.98
C THR N 191 -49.69 -36.53 -4.14
N ALA N 192 -48.78 -36.56 -5.14
CA ALA N 192 -47.83 -35.48 -5.45
C ALA N 192 -48.53 -34.12 -5.68
N PRO N 193 -47.98 -32.98 -5.18
CA PRO N 193 -46.71 -32.80 -4.46
C PRO N 193 -46.81 -32.91 -2.93
N GLY N 194 -47.75 -33.71 -2.45
CA GLY N 194 -47.94 -33.93 -1.02
C GLY N 194 -48.69 -32.84 -0.28
N ASN N 195 -49.35 -33.20 0.81
CA ASN N 195 -50.13 -32.25 1.58
C ASN N 195 -50.35 -32.65 3.04
N TYR N 196 -50.83 -31.69 3.83
CA TYR N 196 -51.34 -31.86 5.18
C TYR N 196 -52.62 -31.04 5.22
N LYS N 197 -53.39 -31.17 6.31
CA LYS N 197 -54.63 -30.43 6.45
C LYS N 197 -54.81 -29.89 7.86
N TYR N 198 -55.63 -28.84 7.98
CA TYR N 198 -56.08 -28.25 9.23
C TYR N 198 -57.45 -28.88 9.48
N ILE N 199 -57.55 -29.72 10.50
CA ILE N 199 -58.79 -30.42 10.87
C ILE N 199 -59.05 -30.09 12.35
N LYS N 200 -60.16 -29.40 12.65
CA LYS N 200 -60.49 -29.00 14.03
C LYS N 200 -60.17 -30.10 15.07
N GLY N 201 -59.26 -29.78 15.99
CA GLY N 201 -58.87 -30.67 17.08
C GLY N 201 -58.02 -31.88 16.79
N THR N 202 -57.71 -32.16 15.51
CA THR N 202 -56.87 -33.26 15.07
C THR N 202 -55.82 -32.78 14.03
N SER N 203 -56.17 -31.69 13.36
CA SER N 203 -55.44 -30.98 12.31
C SER N 203 -54.13 -31.50 11.86
N TYR N 204 -53.09 -30.90 12.46
CA TYR N 204 -51.70 -31.22 12.38
C TYR N 204 -51.00 -30.98 13.70
N THR N 205 -50.22 -31.97 14.08
CA THR N 205 -49.36 -31.96 15.25
C THR N 205 -47.96 -32.24 14.73
N TYR N 206 -46.94 -31.85 15.50
CA TYR N 206 -45.56 -32.11 15.12
C TYR N 206 -45.21 -33.47 15.72
N TYR N 207 -44.74 -34.42 14.89
CA TYR N 207 -44.40 -35.78 15.33
C TYR N 207 -43.40 -35.78 16.49
N GLY N 208 -42.43 -34.90 16.38
CA GLY N 208 -41.34 -34.77 17.31
C GLY N 208 -40.43 -33.65 16.89
N GLU N 209 -39.14 -33.85 17.20
CA GLU N 209 -38.08 -32.91 16.88
C GLU N 209 -36.94 -33.65 16.21
N SER N 210 -36.19 -32.96 15.33
CA SER N 210 -35.00 -33.54 14.73
C SER N 210 -33.96 -33.57 15.89
N ASP N 211 -33.30 -34.72 16.09
CA ASP N 211 -32.33 -34.92 17.18
C ASP N 211 -32.95 -34.63 18.57
N ILE N 212 -34.10 -35.27 18.89
CA ILE N 212 -34.75 -35.13 20.21
C ILE N 212 -33.79 -35.64 21.30
N ASP N 213 -32.92 -36.61 20.92
CA ASP N 213 -31.91 -37.20 21.81
C ASP N 213 -30.94 -36.18 22.37
N ARG N 214 -30.80 -35.00 21.72
CA ARG N 214 -29.91 -33.93 22.17
C ARG N 214 -30.24 -33.48 23.60
N LEU N 215 -31.51 -33.61 24.01
CA LEU N 215 -32.02 -33.17 25.31
C LEU N 215 -31.62 -34.10 26.46
N SER N 216 -31.09 -35.31 26.15
CA SER N 216 -30.63 -36.34 27.08
C SER N 216 -29.12 -36.51 26.99
N ARG N 217 -28.44 -35.50 26.43
CA ARG N 217 -27.00 -35.54 26.21
C ARG N 217 -26.29 -34.27 26.62
N TRP N 218 -25.02 -34.43 27.00
CA TRP N 218 -24.13 -33.33 27.29
C TRP N 218 -23.23 -33.21 26.08
N ASP N 219 -23.27 -32.05 25.44
CA ASP N 219 -22.39 -31.80 24.31
C ASP N 219 -21.16 -31.10 24.88
N ILE N 220 -20.08 -31.87 25.08
CA ILE N 220 -18.85 -31.42 25.74
C ILE N 220 -17.91 -30.71 24.77
N LYS N 221 -17.85 -29.38 24.91
CA LYS N 221 -17.02 -28.51 24.09
C LYS N 221 -15.91 -27.89 24.92
N GLU N 222 -15.99 -27.97 26.26
CA GLU N 222 -15.02 -27.37 27.17
C GLU N 222 -14.39 -28.33 28.16
N GLU N 223 -13.31 -27.86 28.79
CA GLU N 223 -12.56 -28.57 29.81
C GLU N 223 -13.28 -28.47 31.14
N ILE N 224 -13.19 -29.59 31.91
CA ILE N 224 -13.81 -29.70 33.22
C ILE N 224 -12.87 -30.25 34.30
N PHE N 225 -12.94 -29.71 35.51
CA PHE N 225 -12.12 -30.23 36.59
C PHE N 225 -12.76 -31.56 37.08
N SER N 226 -14.11 -31.57 37.20
CA SER N 226 -14.89 -32.70 37.68
C SER N 226 -16.38 -32.37 37.58
N PHE N 227 -17.26 -33.33 37.98
CA PHE N 227 -18.70 -33.10 38.03
C PHE N 227 -19.35 -33.85 39.20
N MET N 228 -20.55 -33.40 39.56
CA MET N 228 -21.45 -33.96 40.56
C MET N 228 -22.70 -34.27 39.76
N GLY N 229 -23.27 -35.44 39.99
CA GLY N 229 -24.48 -35.81 39.29
C GLY N 229 -25.48 -36.55 40.15
N ILE N 230 -26.77 -36.30 39.87
CA ILE N 230 -27.90 -37.02 40.45
C ILE N 230 -28.49 -37.76 39.26
N LEU N 231 -28.39 -39.09 39.27
CA LEU N 231 -28.84 -39.97 38.20
C LEU N 231 -30.15 -40.64 38.62
N TYR N 232 -31.11 -40.72 37.69
CA TYR N 232 -32.42 -41.34 37.92
C TYR N 232 -32.59 -42.65 37.11
N PRO N 233 -32.24 -43.82 37.70
CA PRO N 233 -32.37 -45.08 36.95
C PRO N 233 -33.80 -45.43 36.55
N LYS N 234 -33.97 -46.22 35.47
CA LYS N 234 -35.28 -46.64 34.96
C LYS N 234 -35.60 -48.10 35.30
N LEU N 235 -34.80 -49.03 34.77
CA LEU N 235 -34.95 -50.50 34.88
C LEU N 235 -34.09 -51.20 35.92
N PRO N 236 -34.61 -52.28 36.58
CA PRO N 236 -33.91 -52.93 37.73
C PRO N 236 -32.52 -53.56 37.71
N LYS N 237 -32.36 -54.48 36.80
CA LYS N 237 -31.13 -55.30 36.79
C LYS N 237 -30.02 -54.85 35.89
N THR N 238 -30.41 -54.24 34.77
CA THR N 238 -29.51 -53.72 33.75
C THR N 238 -28.62 -52.64 34.38
N PRO N 239 -27.33 -52.57 34.00
CA PRO N 239 -26.49 -51.49 34.52
C PRO N 239 -27.12 -50.11 34.27
N ALA N 240 -26.82 -49.16 35.16
CA ALA N 240 -27.31 -47.78 35.07
C ALA N 240 -26.18 -46.79 35.37
N GLY N 241 -26.08 -45.74 34.57
CA GLY N 241 -25.08 -44.72 34.76
C GLY N 241 -25.01 -43.81 33.56
N VAL N 242 -23.78 -43.41 33.19
CA VAL N 242 -23.48 -42.51 32.07
C VAL N 242 -22.25 -42.97 31.31
N ARG N 243 -22.20 -42.67 29.99
CA ARG N 243 -21.04 -42.98 29.15
C ARG N 243 -20.53 -41.75 28.44
N PHE N 244 -19.22 -41.71 28.19
CA PHE N 244 -18.58 -40.59 27.53
C PHE N 244 -18.03 -41.02 26.21
N LEU N 245 -18.37 -40.28 25.15
CA LEU N 245 -17.92 -40.54 23.77
C LEU N 245 -16.99 -39.42 23.31
N ASP N 246 -15.95 -39.76 22.56
CA ASP N 246 -15.00 -38.78 22.03
C ASP N 246 -15.56 -38.10 20.76
N ASP N 247 -14.78 -37.17 20.17
CA ASP N 247 -15.20 -36.43 18.97
C ASP N 247 -15.51 -37.30 17.76
N ILE N 248 -14.93 -38.52 17.68
CA ILE N 248 -15.19 -39.50 16.61
C ILE N 248 -16.30 -40.52 16.93
N GLY N 249 -17.03 -40.25 18.02
CA GLY N 249 -18.17 -41.04 18.48
C GLY N 249 -17.90 -42.36 19.17
N ASN N 250 -16.68 -42.56 19.69
CA ASN N 250 -16.31 -43.79 20.37
C ASN N 250 -16.37 -43.66 21.86
N GLU N 251 -16.91 -44.68 22.55
CA GLU N 251 -16.97 -44.72 24.01
C GLU N 251 -15.55 -44.99 24.57
N TYR N 252 -15.02 -44.10 25.40
CA TYR N 252 -13.70 -44.27 26.04
C TYR N 252 -13.78 -44.56 27.52
N THR N 253 -14.90 -44.16 28.16
CA THR N 253 -15.15 -44.37 29.59
C THR N 253 -16.62 -44.30 29.89
N ALA N 254 -17.02 -44.83 31.07
CA ALA N 254 -18.39 -44.86 31.57
C ALA N 254 -18.39 -45.12 33.07
N ILE N 255 -19.28 -44.43 33.83
CA ILE N 255 -19.50 -44.63 35.29
C ILE N 255 -20.89 -45.31 35.36
N VAL N 256 -20.90 -46.63 35.63
CA VAL N 256 -22.06 -47.51 35.59
C VAL N 256 -22.15 -48.45 36.80
N PHE N 257 -23.40 -48.73 37.26
CA PHE N 257 -23.69 -49.55 38.45
C PHE N 257 -24.75 -50.57 38.16
N LYS N 258 -24.58 -51.76 38.73
CA LYS N 258 -25.51 -52.86 38.60
C LYS N 258 -25.99 -53.23 39.99
N THR N 259 -27.05 -52.56 40.41
CA THR N 259 -27.71 -52.79 41.71
C THR N 259 -28.77 -53.87 41.58
N GLU N 260 -28.99 -54.61 42.69
CA GLU N 260 -30.01 -55.67 42.77
C GLU N 260 -31.41 -55.05 42.65
N GLN N 261 -31.62 -53.88 43.30
CA GLN N 261 -32.89 -53.14 43.31
C GLN N 261 -32.73 -51.75 42.67
N VAL N 262 -33.80 -51.25 42.03
CA VAL N 262 -33.77 -49.90 41.45
C VAL N 262 -33.63 -48.89 42.57
N GLN N 263 -32.64 -48.01 42.43
CA GLN N 263 -32.41 -46.97 43.38
C GLN N 263 -33.27 -45.83 42.93
N ASP N 264 -33.81 -45.04 43.87
CA ASP N 264 -34.61 -43.87 43.52
C ASP N 264 -33.74 -42.91 42.70
N TYR N 265 -32.47 -42.74 43.12
CA TYR N 265 -31.45 -41.93 42.47
C TYR N 265 -30.08 -42.30 42.99
N ILE N 266 -29.06 -42.01 42.17
CA ILE N 266 -27.67 -42.28 42.48
C ILE N 266 -26.94 -40.94 42.48
N LEU N 267 -26.09 -40.71 43.51
CA LEU N 267 -25.22 -39.52 43.61
C LEU N 267 -23.80 -39.88 43.20
N ILE N 268 -23.25 -39.15 42.25
CA ILE N 268 -21.85 -39.36 41.86
C ILE N 268 -21.05 -38.05 41.97
N ASN N 269 -19.85 -38.12 42.49
CA ASN N 269 -18.95 -36.97 42.48
C ASN N 269 -17.61 -37.51 42.07
N THR N 270 -17.11 -36.99 40.96
CA THR N 270 -15.92 -37.42 40.29
C THR N 270 -14.60 -36.69 40.73
N ASP N 271 -14.71 -35.64 41.62
CA ASP N 271 -13.60 -34.84 42.13
C ASP N 271 -12.52 -35.79 42.65
N VAL N 272 -11.27 -35.71 42.10
CA VAL N 272 -10.17 -36.60 42.52
C VAL N 272 -9.91 -36.62 44.01
N ASN N 273 -10.17 -35.50 44.68
CA ASN N 273 -9.89 -35.33 46.11
C ASN N 273 -11.05 -35.70 47.00
N ASP N 274 -12.26 -35.58 46.49
CA ASP N 274 -13.44 -36.01 47.24
C ASP N 274 -14.50 -36.84 46.38
N GLU N 275 -14.15 -38.01 45.84
CA GLU N 275 -15.14 -38.77 45.05
C GLU N 275 -16.19 -39.51 45.90
N THR N 276 -17.40 -39.77 45.34
CA THR N 276 -18.50 -40.47 46.03
C THR N 276 -19.37 -41.14 44.96
N TYR N 277 -19.92 -42.34 45.27
CA TYR N 277 -20.81 -43.15 44.42
C TYR N 277 -21.80 -43.80 45.39
N GLN N 278 -22.95 -43.13 45.57
CA GLN N 278 -23.96 -43.49 46.54
C GLN N 278 -25.37 -43.57 45.95
N GLY N 279 -26.03 -44.69 46.16
CA GLY N 279 -27.41 -44.92 45.72
C GLY N 279 -28.41 -44.72 46.83
N TRP N 280 -29.61 -44.27 46.47
CA TRP N 280 -30.67 -44.01 47.44
C TRP N 280 -31.96 -44.72 47.15
N LYS N 281 -32.43 -45.53 48.10
CA LYS N 281 -33.73 -46.17 47.96
C LYS N 281 -34.47 -45.92 49.27
N GLY N 282 -35.45 -45.02 49.20
CA GLY N 282 -36.23 -44.59 50.36
C GLY N 282 -35.36 -43.65 51.17
N THR N 283 -35.07 -44.05 52.39
CA THR N 283 -34.20 -43.30 53.29
C THR N 283 -32.87 -44.06 53.49
N THR N 284 -32.64 -45.11 52.68
CA THR N 284 -31.47 -45.97 52.74
C THR N 284 -30.44 -45.56 51.69
N ALA N 285 -29.24 -45.29 52.19
CA ALA N 285 -28.06 -44.97 51.40
C ALA N 285 -27.25 -46.27 51.24
N LEU N 286 -26.64 -46.43 50.07
CA LEU N 286 -25.87 -47.61 49.73
C LEU N 286 -24.62 -47.16 49.04
N ASN N 287 -23.45 -47.67 49.48
CA ASN N 287 -22.20 -47.37 48.77
C ASN N 287 -22.20 -48.21 47.47
N LEU N 288 -22.08 -47.55 46.32
CA LEU N 288 -22.12 -48.24 45.03
C LEU N 288 -20.77 -48.74 44.52
N PHE N 289 -19.67 -48.35 45.19
CA PHE N 289 -18.33 -48.83 44.85
C PHE N 289 -18.31 -50.35 44.57
N PRO N 290 -18.88 -51.24 45.44
CA PRO N 290 -18.81 -52.69 45.15
C PRO N 290 -19.48 -53.15 43.87
N VAL N 291 -20.41 -52.33 43.35
CA VAL N 291 -21.32 -52.64 42.27
C VAL N 291 -21.04 -51.86 40.99
N MET N 292 -19.98 -51.04 41.05
CA MET N 292 -19.49 -50.21 39.95
C MET N 292 -18.73 -51.10 38.95
N ASP N 293 -18.80 -50.77 37.65
CA ASP N 293 -18.07 -51.53 36.62
C ASP N 293 -16.66 -50.96 36.54
N PHE N 294 -15.71 -51.66 37.20
CA PHE N 294 -14.30 -51.28 37.27
C PHE N 294 -13.51 -51.38 35.95
N GLU N 295 -14.12 -51.94 34.90
CA GLU N 295 -13.52 -52.18 33.58
C GLU N 295 -13.82 -51.00 32.66
N ARG N 296 -15.06 -50.46 32.78
CA ARG N 296 -15.62 -49.40 31.97
C ARG N 296 -15.27 -48.00 32.43
N TYR N 297 -14.97 -47.84 33.72
CA TYR N 297 -14.56 -46.58 34.33
C TYR N 297 -13.06 -46.50 34.13
N ARG N 298 -12.70 -46.19 32.88
CA ARG N 298 -11.32 -46.11 32.36
C ARG N 298 -10.62 -44.81 32.74
N THR N 299 -11.36 -43.69 32.76
CA THR N 299 -10.83 -42.35 33.02
C THR N 299 -11.85 -41.38 33.61
N ARG N 300 -11.33 -40.39 34.37
CA ARG N 300 -12.09 -39.26 34.89
C ARG N 300 -11.72 -37.99 34.11
N ILE N 301 -10.77 -38.12 33.15
CA ILE N 301 -10.40 -37.00 32.29
C ILE N 301 -11.38 -36.99 31.13
N ILE N 302 -12.35 -36.08 31.21
CA ILE N 302 -13.42 -35.95 30.22
C ILE N 302 -12.97 -35.12 29.02
N GLU N 303 -13.00 -35.76 27.86
CA GLU N 303 -12.63 -35.16 26.58
C GLU N 303 -13.86 -34.55 25.89
N LYS N 304 -13.59 -33.74 24.87
CA LYS N 304 -14.59 -33.15 24.01
C LYS N 304 -15.31 -34.29 23.30
N GLY N 305 -16.60 -34.14 23.15
CA GLY N 305 -17.46 -35.13 22.53
C GLY N 305 -18.82 -35.02 23.15
N GLN N 306 -19.36 -36.15 23.61
CA GLN N 306 -20.65 -36.14 24.28
C GLN N 306 -20.86 -37.19 25.32
N MET N 307 -21.68 -36.87 26.34
CA MET N 307 -22.05 -37.79 27.39
C MET N 307 -23.50 -38.25 27.13
N GLU N 308 -23.71 -39.57 27.15
CA GLU N 308 -25.01 -40.19 27.00
C GLU N 308 -25.38 -40.85 28.32
N LEU N 309 -26.67 -40.97 28.56
CA LEU N 309 -27.22 -41.64 29.74
C LEU N 309 -27.30 -43.13 29.48
N ILE N 310 -27.20 -43.95 30.53
CA ILE N 310 -27.35 -45.40 30.41
C ILE N 310 -28.46 -45.79 31.36
N ASN N 311 -29.62 -46.21 30.80
CA ASN N 311 -30.81 -46.64 31.55
C ASN N 311 -31.25 -45.62 32.64
N LEU N 312 -31.21 -44.34 32.26
CA LEU N 312 -31.61 -43.22 33.10
C LEU N 312 -32.74 -42.49 32.39
N SER N 313 -33.70 -42.02 33.17
CA SER N 313 -34.83 -41.25 32.65
C SER N 313 -34.45 -39.77 32.63
N LYS N 314 -33.56 -39.39 33.57
CA LYS N 314 -33.10 -38.02 33.83
C LYS N 314 -31.76 -38.08 34.60
N ALA N 315 -30.99 -36.99 34.51
CA ALA N 315 -29.72 -36.76 35.21
C ALA N 315 -29.58 -35.24 35.42
N GLU N 316 -29.12 -34.84 36.60
CA GLU N 316 -28.90 -33.42 36.94
C GLU N 316 -27.45 -33.29 37.31
N PHE N 317 -26.68 -32.49 36.54
CA PHE N 317 -25.23 -32.31 36.76
C PHE N 317 -24.85 -30.93 37.20
N LYS N 318 -23.85 -30.86 38.11
CA LYS N 318 -23.22 -29.65 38.60
C LYS N 318 -21.76 -29.82 38.16
N ILE N 319 -21.43 -29.18 37.05
CA ILE N 319 -20.13 -29.28 36.42
C ILE N 319 -19.21 -28.21 36.96
N LYS N 320 -17.98 -28.60 37.35
CA LYS N 320 -16.94 -27.70 37.83
C LYS N 320 -16.11 -27.37 36.60
N ARG N 321 -16.49 -26.29 35.90
CA ARG N 321 -15.86 -25.81 34.67
C ARG N 321 -14.44 -25.38 34.94
N LYS N 322 -13.55 -25.53 33.94
CA LYS N 322 -12.14 -25.22 34.05
C LYS N 322 -11.72 -24.10 33.11
N ALA N 323 -11.01 -23.11 33.68
CA ALA N 323 -10.48 -21.91 33.01
C ALA N 323 -9.09 -21.74 33.52
N ASP N 324 -8.08 -22.01 32.67
CA ASP N 324 -6.69 -21.93 33.09
C ASP N 324 -6.25 -20.49 33.38
N PHE N 325 -6.84 -19.53 32.64
CA PHE N 325 -6.51 -18.12 32.72
C PHE N 325 -7.78 -17.33 32.61
N VAL N 326 -7.83 -16.25 33.40
CA VAL N 326 -8.99 -15.35 33.49
C VAL N 326 -8.46 -13.91 33.69
N MET O 1 -3.20 -38.17 34.49
CA MET O 1 -3.47 -39.09 35.60
C MET O 1 -4.27 -40.31 35.14
N LEU O 2 -3.82 -41.48 35.55
CA LEU O 2 -4.45 -42.73 35.16
C LEU O 2 -5.29 -43.26 36.28
N GLU O 3 -6.26 -44.13 35.97
CA GLU O 3 -7.12 -44.82 36.95
C GLU O 3 -6.42 -46.15 37.20
N ALA O 4 -6.50 -46.66 38.42
CA ALA O 4 -5.92 -47.95 38.77
C ALA O 4 -6.85 -48.67 39.73
N ASN O 5 -6.94 -50.01 39.57
CA ASN O 5 -7.66 -50.92 40.44
C ASN O 5 -6.59 -51.64 41.24
N VAL O 6 -6.66 -51.48 42.55
CA VAL O 6 -5.75 -52.08 43.51
C VAL O 6 -6.44 -53.29 44.15
N TYR O 7 -5.69 -54.40 44.28
CA TYR O 7 -6.16 -55.68 44.84
C TYR O 7 -5.20 -56.23 45.89
N ASP O 8 -5.71 -57.11 46.74
CA ASP O 8 -4.86 -57.85 47.64
C ASP O 8 -4.11 -58.85 46.78
N ASN O 9 -2.95 -59.32 47.23
CA ASN O 9 -2.21 -60.28 46.44
C ASN O 9 -3.13 -61.38 45.88
N PHE O 10 -2.92 -61.75 44.59
CA PHE O 10 -3.65 -62.87 43.97
C PHE O 10 -2.90 -64.14 44.35
N ASN O 11 -3.03 -64.51 45.64
CA ASN O 11 -2.39 -65.64 46.31
C ASN O 11 -2.98 -66.97 45.81
N PRO O 12 -2.16 -67.81 45.09
CA PRO O 12 -2.67 -69.12 44.63
C PRO O 12 -3.06 -70.05 45.77
N ASN O 13 -2.43 -69.88 46.95
CA ASN O 13 -2.78 -70.67 48.13
C ASN O 13 -4.25 -70.52 48.42
N TYR O 14 -4.81 -69.32 48.15
CA TYR O 14 -6.21 -68.98 48.38
C TYR O 14 -7.12 -69.27 47.21
N TYR O 15 -6.76 -68.80 46.02
CA TYR O 15 -7.57 -68.94 44.81
C TYR O 15 -7.50 -70.28 44.09
N ASN O 16 -6.43 -71.05 44.30
CA ASN O 16 -6.30 -72.33 43.62
C ASN O 16 -7.07 -73.47 44.29
N ILE O 17 -8.31 -73.19 44.67
CA ILE O 17 -9.20 -74.11 45.37
C ILE O 17 -10.42 -74.21 44.51
N SER O 18 -10.79 -75.45 44.12
CA SER O 18 -11.95 -75.68 43.26
C SER O 18 -13.19 -75.94 44.08
N ASP O 19 -13.60 -74.93 44.89
CA ASP O 19 -14.81 -75.04 45.74
C ASP O 19 -15.92 -74.07 45.35
N PHE O 20 -15.69 -73.32 44.25
CA PHE O 20 -16.67 -72.37 43.78
C PHE O 20 -17.74 -73.07 42.94
N SER O 21 -18.98 -72.99 43.41
CA SER O 21 -20.15 -73.54 42.72
C SER O 21 -20.56 -72.60 41.60
N MET O 22 -20.38 -73.07 40.37
CA MET O 22 -20.74 -72.36 39.14
C MET O 22 -22.27 -72.33 39.00
N PRO O 23 -22.83 -71.45 38.13
CA PRO O 23 -24.30 -71.43 37.92
C PRO O 23 -24.95 -72.81 37.62
N ASN O 24 -24.19 -73.73 36.97
CA ASN O 24 -24.64 -75.10 36.65
C ASN O 24 -24.45 -76.11 37.81
N GLY O 25 -23.81 -75.66 38.91
CA GLY O 25 -23.54 -76.48 40.09
C GLY O 25 -22.16 -77.10 40.13
N LYS O 26 -21.55 -77.33 38.93
CA LYS O 26 -20.20 -77.91 38.79
C LYS O 26 -19.13 -77.02 39.51
N LYS O 27 -18.04 -77.63 40.01
CA LYS O 27 -17.04 -76.88 40.77
C LYS O 27 -15.87 -76.40 39.97
N GLU O 28 -15.57 -75.10 40.09
CA GLU O 28 -14.44 -74.46 39.43
C GLU O 28 -13.57 -73.74 40.46
N LYS O 29 -12.39 -73.28 40.03
CA LYS O 29 -11.47 -72.54 40.88
C LYS O 29 -12.11 -71.20 41.26
N ARG O 30 -11.79 -70.71 42.45
CA ARG O 30 -12.27 -69.43 42.93
C ARG O 30 -11.80 -68.32 41.99
N GLY O 31 -12.73 -67.44 41.62
CA GLY O 31 -12.44 -66.27 40.79
C GLY O 31 -11.87 -65.15 41.64
N LEU O 32 -11.34 -64.11 40.98
CA LEU O 32 -10.77 -62.98 41.71
C LEU O 32 -11.85 -62.03 42.25
N PRO O 33 -11.58 -61.21 43.31
CA PRO O 33 -12.64 -60.32 43.80
C PRO O 33 -12.69 -59.01 43.01
N ILE O 34 -13.47 -58.06 43.51
CA ILE O 34 -13.52 -56.72 42.94
C ILE O 34 -12.25 -56.01 43.56
N PRO O 35 -11.73 -54.91 42.97
CA PRO O 35 -10.60 -54.23 43.60
C PRO O 35 -10.86 -53.85 45.07
N LYS O 36 -9.81 -53.75 45.91
CA LYS O 36 -10.00 -53.29 47.29
C LYS O 36 -10.08 -51.76 47.31
N ALA O 37 -9.57 -51.11 46.26
CA ALA O 37 -9.56 -49.67 46.11
C ALA O 37 -9.49 -49.31 44.65
N ARG O 38 -9.96 -48.11 44.32
CA ARG O 38 -9.81 -47.48 43.01
C ARG O 38 -9.01 -46.19 43.28
N CYS O 39 -7.79 -46.10 42.77
CA CYS O 39 -7.01 -44.88 43.00
C CYS O 39 -6.55 -44.31 41.66
N GLN O 40 -5.79 -43.19 41.73
CA GLN O 40 -5.19 -42.59 40.55
C GLN O 40 -3.68 -42.76 40.55
N VAL O 41 -3.09 -42.64 39.38
CA VAL O 41 -1.67 -42.81 39.20
C VAL O 41 -1.05 -41.59 38.51
N ILE O 42 -0.05 -41.06 39.20
CA ILE O 42 0.68 -39.88 38.77
C ILE O 42 2.18 -40.19 38.78
N ASN O 43 2.99 -39.33 38.15
CA ASN O 43 4.45 -39.43 38.05
C ASN O 43 4.90 -40.84 37.73
N TYR O 44 4.37 -41.36 36.66
CA TYR O 44 4.60 -42.73 36.29
C TYR O 44 5.43 -42.95 35.05
N GLU O 45 6.01 -44.16 34.96
CA GLU O 45 6.72 -44.75 33.81
C GLU O 45 6.31 -46.21 33.82
N LEU O 46 5.33 -46.59 32.99
CA LEU O 46 4.72 -47.92 32.93
C LEU O 46 5.01 -48.65 31.62
N TRP O 47 5.63 -49.85 31.72
CA TRP O 47 6.02 -50.72 30.60
C TRP O 47 5.01 -51.80 30.51
N GLU O 48 4.48 -52.05 29.29
CA GLU O 48 3.44 -53.04 29.08
C GLU O 48 3.78 -54.44 29.47
N THR O 49 4.99 -54.91 29.10
CA THR O 49 5.40 -56.31 29.33
C THR O 49 6.52 -56.51 30.34
N GLY O 50 7.36 -55.49 30.50
CA GLY O 50 8.52 -55.55 31.36
C GLY O 50 9.69 -56.21 30.65
N TYR O 51 9.78 -56.02 29.31
CA TYR O 51 10.85 -56.60 28.50
C TYR O 51 12.24 -56.23 28.98
N LEU O 52 12.44 -54.98 29.39
CA LEU O 52 13.74 -54.46 29.73
C LEU O 52 13.81 -53.86 31.07
N TYR O 53 12.77 -53.11 31.48
CA TYR O 53 12.79 -52.32 32.71
C TYR O 53 11.62 -52.50 33.61
N THR O 54 11.78 -52.16 34.94
CA THR O 54 10.65 -52.18 35.85
C THR O 54 9.96 -50.82 35.76
N SER O 55 8.71 -50.80 36.21
CA SER O 55 7.87 -49.63 36.16
C SER O 55 7.78 -48.99 37.55
N SER O 56 7.29 -47.75 37.58
CA SER O 56 7.13 -46.98 38.81
C SER O 56 5.99 -45.99 38.63
N ALA O 57 5.32 -45.67 39.75
CA ALA O 57 4.22 -44.72 39.81
C ALA O 57 4.00 -44.33 41.23
N THR O 58 3.45 -43.13 41.46
CA THR O 58 3.00 -42.67 42.77
C THR O 58 1.49 -42.97 42.72
N LEU O 59 0.96 -43.68 43.70
CA LEU O 59 -0.46 -43.99 43.72
C LEU O 59 -1.19 -43.15 44.78
N THR O 60 -2.49 -42.83 44.59
CA THR O 60 -3.23 -41.95 45.51
C THR O 60 -3.77 -42.63 46.75
N VAL O 61 -3.56 -43.92 46.84
CA VAL O 61 -3.98 -44.70 47.99
C VAL O 61 -2.72 -45.47 48.41
N SER O 62 -2.51 -45.65 49.70
CA SER O 62 -1.32 -46.36 50.10
C SER O 62 -1.45 -47.84 49.78
N VAL O 63 -0.44 -48.38 49.09
CA VAL O 63 -0.38 -49.78 48.70
C VAL O 63 0.76 -50.39 49.46
N GLU O 64 0.86 -51.69 49.39
CA GLU O 64 1.93 -52.41 50.04
C GLU O 64 2.48 -53.51 49.16
N VAL O 65 3.71 -53.96 49.51
CA VAL O 65 4.42 -55.05 48.80
C VAL O 65 3.54 -56.29 48.77
N GLY O 66 3.27 -56.75 47.57
CA GLY O 66 2.40 -57.91 47.42
C GLY O 66 1.09 -57.54 46.78
N ASP O 67 0.67 -56.26 46.86
CA ASP O 67 -0.59 -55.83 46.24
C ASP O 67 -0.47 -55.93 44.75
N ILE O 68 -1.64 -56.05 44.09
CA ILE O 68 -1.71 -56.11 42.64
C ILE O 68 -2.34 -54.82 42.16
N VAL O 69 -1.67 -54.14 41.22
CA VAL O 69 -2.10 -52.87 40.65
C VAL O 69 -2.39 -53.00 39.16
N GLN O 70 -3.67 -52.89 38.79
CA GLN O 70 -4.11 -52.92 37.39
C GLN O 70 -4.36 -51.46 37.00
N ILE O 71 -3.50 -50.94 36.09
CA ILE O 71 -3.52 -49.55 35.62
C ILE O 71 -4.27 -49.52 34.32
N LEU O 72 -5.29 -48.66 34.23
CA LEU O 72 -6.14 -48.55 33.04
C LEU O 72 -5.87 -47.35 32.21
N PHE O 73 -5.96 -47.56 30.87
CA PHE O 73 -5.80 -46.53 29.87
C PHE O 73 -7.08 -46.36 29.09
N PRO O 74 -7.53 -45.09 28.85
CA PRO O 74 -8.75 -44.90 28.04
C PRO O 74 -8.42 -45.08 26.53
N GLU O 75 -7.88 -46.27 26.18
CA GLU O 75 -7.56 -46.62 24.82
C GLU O 75 -7.61 -48.12 24.65
N VAL O 76 -7.71 -48.54 23.39
CA VAL O 76 -7.86 -49.93 22.96
C VAL O 76 -6.69 -50.32 22.10
N VAL O 77 -6.56 -51.62 21.86
CA VAL O 77 -5.49 -52.26 21.08
C VAL O 77 -6.16 -53.35 20.15
N PRO O 78 -5.84 -53.45 18.84
CA PRO O 78 -6.51 -54.48 18.01
C PRO O 78 -5.92 -55.86 18.31
N ILE O 79 -6.79 -56.83 18.65
CA ILE O 79 -6.31 -58.20 18.87
C ILE O 79 -7.22 -59.19 18.18
N GLU O 80 -6.67 -60.24 17.57
CA GLU O 80 -7.44 -61.30 16.88
C GLU O 80 -7.03 -62.54 17.67
N GLU O 81 -7.97 -63.05 18.49
CA GLU O 81 -7.75 -64.14 19.45
C GLU O 81 -8.18 -65.53 18.97
N ALA O 82 -8.65 -65.63 17.73
CA ALA O 82 -9.03 -66.90 17.12
C ALA O 82 -9.09 -66.60 15.67
N LEU O 83 -9.03 -67.64 14.81
CA LEU O 83 -9.00 -67.43 13.37
C LEU O 83 -9.97 -66.34 12.85
N GLY O 84 -11.22 -66.37 13.27
CA GLY O 84 -12.13 -65.34 12.78
C GLY O 84 -12.29 -64.13 13.66
N LYS O 85 -12.26 -64.36 14.99
CA LYS O 85 -12.56 -63.38 16.02
C LYS O 85 -11.59 -62.23 16.33
N LYS O 86 -11.89 -61.03 15.77
CA LYS O 86 -11.19 -59.77 16.00
C LYS O 86 -11.87 -58.94 17.10
N LYS O 87 -11.09 -58.38 18.02
CA LYS O 87 -11.62 -57.51 19.06
C LYS O 87 -10.73 -56.28 19.26
N LYS O 88 -11.25 -55.25 19.95
CA LYS O 88 -10.58 -54.02 20.31
C LYS O 88 -10.48 -54.18 21.81
N LEU O 89 -9.30 -54.57 22.29
CA LEU O 89 -9.00 -54.87 23.70
C LEU O 89 -8.54 -53.64 24.45
N ASN O 90 -9.13 -53.38 25.64
CA ASN O 90 -8.75 -52.25 26.51
C ASN O 90 -7.32 -52.37 26.92
N LEU O 91 -6.55 -51.28 26.83
CA LEU O 91 -5.17 -51.36 27.27
C LEU O 91 -5.09 -51.20 28.79
N ASP O 92 -4.64 -52.25 29.49
CA ASP O 92 -4.36 -52.33 30.94
C ASP O 92 -2.95 -52.80 31.10
N MET O 93 -2.30 -52.46 32.24
CA MET O 93 -0.96 -52.93 32.56
C MET O 93 -1.05 -53.37 33.97
N VAL O 94 -0.92 -54.70 34.21
CA VAL O 94 -1.02 -55.39 35.50
C VAL O 94 0.36 -55.68 36.14
N TYR O 95 0.55 -55.20 37.38
CA TYR O 95 1.80 -55.33 38.12
C TYR O 95 1.63 -55.88 39.50
N LEU O 96 2.75 -56.34 40.07
CA LEU O 96 2.87 -56.70 41.48
C LEU O 96 3.65 -55.54 42.10
N VAL O 97 3.24 -55.08 43.30
CA VAL O 97 4.02 -54.05 44.01
C VAL O 97 5.18 -54.75 44.71
N THR O 98 6.42 -54.43 44.28
CA THR O 98 7.68 -54.97 44.82
C THR O 98 8.36 -54.05 45.87
N ASP O 99 8.07 -52.76 45.83
CA ASP O 99 8.61 -51.81 46.80
C ASP O 99 7.72 -50.57 46.87
N VAL O 100 7.61 -49.94 48.04
CA VAL O 100 6.87 -48.69 48.26
C VAL O 100 7.75 -47.83 49.13
N ASP O 101 8.09 -46.65 48.65
CA ASP O 101 8.89 -45.76 49.45
C ASP O 101 7.98 -44.86 50.29
N GLU O 102 8.56 -44.08 51.20
CA GLU O 102 7.89 -43.17 52.16
C GLU O 102 6.85 -42.22 51.54
N SER O 103 7.06 -41.82 50.26
CA SER O 103 6.21 -40.92 49.47
C SER O 103 5.12 -41.61 48.65
N ASN O 104 4.90 -42.90 48.86
CA ASN O 104 3.94 -43.69 48.10
C ASN O 104 4.35 -43.91 46.61
N LYS O 105 5.69 -43.88 46.33
CA LYS O 105 6.21 -44.21 45.01
C LYS O 105 6.41 -45.71 45.01
N ALA O 106 5.67 -46.41 44.16
CA ALA O 106 5.74 -47.87 44.07
C ALA O 106 6.65 -48.29 42.92
N THR O 107 7.32 -49.44 43.08
CA THR O 107 8.11 -50.11 42.05
C THR O 107 7.17 -51.23 41.66
N LEU O 108 6.96 -51.39 40.35
CA LEU O 108 6.01 -52.35 39.83
C LEU O 108 6.69 -53.28 38.85
N LYS O 109 6.50 -54.59 39.06
CA LYS O 109 7.00 -55.67 38.23
C LYS O 109 5.80 -56.25 37.46
N ASN O 110 5.93 -56.40 36.15
CA ASN O 110 4.87 -56.95 35.33
C ASN O 110 4.48 -58.31 35.82
N TYR O 111 3.19 -58.52 36.00
CA TYR O 111 2.61 -59.74 36.52
C TYR O 111 3.28 -61.04 36.07
N PHE O 112 3.44 -61.25 34.75
CA PHE O 112 4.01 -62.49 34.24
C PHE O 112 5.42 -62.74 34.82
N TRP O 113 6.31 -61.73 34.78
CA TRP O 113 7.64 -61.90 35.32
C TRP O 113 7.67 -62.13 36.81
N ALA O 114 6.69 -61.61 37.53
CA ALA O 114 6.60 -61.79 38.96
C ALA O 114 6.08 -63.22 39.27
N MET O 115 5.13 -63.71 38.47
CA MET O 115 4.48 -65.02 38.59
C MET O 115 5.48 -66.19 38.62
N ILE O 116 6.46 -66.19 37.69
CA ILE O 116 7.50 -67.24 37.48
C ILE O 116 8.79 -67.02 38.29
N GLU O 117 8.79 -66.10 39.27
CA GLU O 117 9.97 -65.88 40.12
C GLU O 117 10.28 -67.15 40.89
N SER O 118 11.58 -67.46 41.05
CA SER O 118 12.13 -68.58 41.83
C SER O 118 11.90 -69.97 41.29
N LEU O 119 11.16 -70.12 40.16
CA LEU O 119 10.93 -71.41 39.50
C LEU O 119 12.17 -71.73 38.63
N ASP O 120 12.68 -72.96 38.72
CA ASP O 120 13.82 -73.39 37.94
C ASP O 120 13.39 -74.41 36.96
N VAL O 121 14.15 -74.46 35.86
CA VAL O 121 13.88 -75.38 34.79
C VAL O 121 15.07 -76.26 34.47
N PRO O 122 15.01 -77.57 34.84
CA PRO O 122 16.10 -78.47 34.45
C PRO O 122 16.17 -78.56 32.93
N ASN O 123 17.33 -78.88 32.37
CA ASN O 123 17.48 -78.92 30.94
C ASN O 123 16.50 -79.91 30.32
N ALA O 124 16.22 -81.03 31.00
CA ALA O 124 15.31 -82.09 30.56
C ALA O 124 13.92 -81.59 30.14
N ILE O 125 13.50 -80.42 30.62
CA ILE O 125 12.21 -79.87 30.21
C ILE O 125 12.22 -79.29 28.76
N THR O 126 13.43 -79.05 28.21
CA THR O 126 13.66 -78.47 26.87
C THR O 126 13.70 -79.54 25.77
N LYS O 127 13.52 -80.81 26.14
CA LYS O 127 13.61 -81.97 25.23
C LYS O 127 12.62 -82.06 24.06
N THR O 128 11.48 -81.47 24.22
CA THR O 128 10.49 -81.45 23.16
C THR O 128 10.19 -80.03 22.76
N THR O 129 8.97 -79.76 22.42
CA THR O 129 8.45 -78.45 21.98
C THR O 129 8.43 -77.30 22.99
N ASN O 130 8.41 -76.07 22.44
CA ASN O 130 8.34 -74.82 23.21
C ASN O 130 7.07 -74.80 24.07
N PHE O 131 5.94 -75.30 23.53
CA PHE O 131 4.69 -75.41 24.26
C PHE O 131 4.88 -76.18 25.59
N ALA O 132 5.66 -77.28 25.57
CA ALA O 132 5.95 -78.07 26.79
C ALA O 132 6.58 -77.18 27.86
N ILE O 133 7.43 -76.21 27.44
CA ILE O 133 8.02 -75.28 28.39
C ILE O 133 6.96 -74.32 28.92
N ILE O 134 6.21 -73.67 28.02
CA ILE O 134 5.14 -72.72 28.36
C ILE O 134 4.13 -73.29 29.38
N ASP O 135 3.66 -74.50 29.16
CA ASP O 135 2.73 -75.22 30.01
C ASP O 135 3.36 -75.57 31.38
N TYR O 136 4.69 -75.76 31.42
CA TYR O 136 5.41 -76.01 32.68
C TYR O 136 5.48 -74.70 33.48
N LEU O 137 5.85 -73.63 32.81
CA LEU O 137 6.01 -72.27 33.34
C LEU O 137 4.73 -71.67 33.94
N ILE O 138 3.59 -71.79 33.24
CA ILE O 138 2.30 -71.20 33.65
C ILE O 138 1.46 -72.27 34.29
N ASP O 139 1.36 -72.23 35.64
CA ASP O 139 0.72 -73.23 36.48
C ASP O 139 0.45 -72.69 37.90
N PRO O 140 -0.83 -72.50 38.27
CA PRO O 140 -1.16 -72.02 39.65
C PRO O 140 -0.81 -73.02 40.75
N ASN O 141 -0.50 -74.27 40.38
CA ASN O 141 -0.10 -75.30 41.33
C ASN O 141 1.37 -75.13 41.69
N LYS O 142 2.14 -74.31 40.96
CA LYS O 142 3.57 -74.07 41.24
C LYS O 142 3.87 -72.57 41.44
N ASN O 143 3.24 -71.69 40.63
CA ASN O 143 3.58 -70.27 40.63
C ASN O 143 3.23 -69.54 41.89
N ASN O 144 3.95 -68.45 42.13
CA ASN O 144 3.81 -67.54 43.25
C ASN O 144 2.55 -66.70 43.13
N LEU O 145 2.10 -66.47 41.87
CA LEU O 145 0.90 -65.70 41.58
C LEU O 145 -0.14 -66.51 40.83
N MET O 146 -1.42 -66.23 41.08
CA MET O 146 -2.56 -66.93 40.49
C MET O 146 -2.72 -66.64 39.00
N SER O 147 -3.25 -67.60 38.26
CA SER O 147 -3.57 -67.46 36.85
C SER O 147 -4.64 -68.47 36.46
N TYR O 148 -5.41 -68.14 35.44
CA TYR O 148 -6.54 -68.96 35.00
C TYR O 148 -6.44 -69.41 33.54
N GLY O 149 -5.24 -69.49 32.99
CA GLY O 149 -5.10 -69.91 31.60
C GLY O 149 -4.22 -69.00 30.80
N TYR O 150 -3.78 -69.50 29.65
CA TYR O 150 -2.95 -68.78 28.71
C TYR O 150 -3.51 -68.93 27.31
N PHE O 151 -3.41 -67.86 26.53
CA PHE O 151 -3.95 -67.78 25.20
C PHE O 151 -2.92 -67.48 24.17
N PHE O 152 -3.01 -68.15 23.02
CA PHE O 152 -2.09 -67.99 21.90
C PHE O 152 -2.50 -68.93 20.79
N ASN O 153 -1.95 -68.68 19.59
CA ASN O 153 -2.07 -69.55 18.45
C ASN O 153 -1.04 -70.66 18.67
N SER O 154 -1.49 -71.91 18.68
CA SER O 154 -0.67 -73.12 18.89
C SER O 154 0.63 -73.16 18.09
N SER O 155 0.57 -72.64 16.87
CA SER O 155 1.66 -72.65 15.91
C SER O 155 2.88 -71.96 16.41
N ILE O 156 2.72 -70.86 17.16
CA ILE O 156 3.86 -70.11 17.72
C ILE O 156 4.80 -70.93 18.59
N PHE O 157 4.23 -71.87 19.36
CA PHE O 157 4.95 -72.72 20.32
C PHE O 157 5.05 -74.20 19.93
N ALA O 158 4.69 -74.55 18.71
CA ALA O 158 4.71 -75.92 18.19
C ALA O 158 6.09 -76.42 17.78
N GLY O 159 7.04 -75.52 17.68
CA GLY O 159 8.41 -75.88 17.29
C GLY O 159 9.26 -76.41 18.43
N LYS O 160 10.39 -77.02 18.05
CA LYS O 160 11.42 -77.57 18.91
C LYS O 160 11.95 -76.49 19.82
N ALA O 161 12.07 -76.81 21.12
CA ALA O 161 12.57 -75.85 22.10
C ALA O 161 14.09 -75.81 22.04
N THR O 162 14.66 -74.68 22.38
CA THR O 162 16.12 -74.52 22.42
C THR O 162 16.56 -74.96 23.81
N ILE O 163 17.83 -75.38 23.97
CA ILE O 163 18.37 -75.90 25.22
C ILE O 163 18.85 -74.80 26.20
N ASN O 164 19.13 -75.16 27.45
CA ASN O 164 19.61 -74.15 28.41
C ASN O 164 21.10 -73.92 28.20
N ARG O 165 21.63 -72.70 28.53
CA ARG O 165 23.09 -72.42 28.44
C ARG O 165 23.84 -73.49 29.26
N LYS O 166 24.93 -74.05 28.73
CA LYS O 166 25.79 -75.07 29.35
C LYS O 166 25.06 -76.38 29.67
N ALA O 167 23.86 -76.64 29.06
CA ALA O 167 23.02 -77.83 29.28
C ALA O 167 22.77 -78.01 30.81
N GLU O 168 22.53 -76.91 31.51
CA GLU O 168 22.37 -76.92 32.96
C GLU O 168 20.95 -76.58 33.33
N THR O 169 20.67 -76.57 34.65
CA THR O 169 19.38 -76.12 35.17
C THR O 169 19.44 -74.57 35.09
N SER O 170 18.38 -73.94 34.52
CA SER O 170 18.31 -72.48 34.40
C SER O 170 17.08 -72.00 35.13
N SER O 171 16.98 -70.69 35.38
CA SER O 171 15.80 -70.12 36.01
C SER O 171 14.71 -69.97 34.96
N ALA O 172 13.43 -70.06 35.34
CA ALA O 172 12.26 -69.87 34.47
C ALA O 172 12.35 -68.47 33.82
N HIS O 173 12.90 -67.49 34.54
CA HIS O 173 13.13 -66.16 34.02
C HIS O 173 14.03 -66.25 32.78
N ASP O 174 15.16 -66.94 32.88
CA ASP O 174 16.06 -67.02 31.74
C ASP O 174 15.51 -67.86 30.59
N VAL O 175 14.78 -68.96 30.88
CA VAL O 175 14.26 -69.76 29.78
C VAL O 175 13.11 -69.10 29.01
N ALA O 176 12.25 -68.36 29.73
CA ALA O 176 11.14 -67.62 29.16
C ALA O 176 11.71 -66.53 28.24
N LYS O 177 12.70 -65.76 28.74
CA LYS O 177 13.41 -64.73 27.96
C LYS O 177 13.89 -65.34 26.63
N ARG O 178 14.55 -66.53 26.72
CA ARG O 178 15.11 -67.26 25.57
C ARG O 178 14.03 -67.62 24.57
N ILE O 179 12.96 -68.24 25.02
CA ILE O 179 11.86 -68.68 24.18
C ILE O 179 11.16 -67.54 23.51
N PHE O 180 10.86 -66.47 24.28
CA PHE O 180 10.15 -65.30 23.77
C PHE O 180 10.94 -64.61 22.65
N SER O 181 12.26 -64.59 22.78
CA SER O 181 13.17 -64.04 21.76
C SER O 181 13.10 -64.89 20.53
N LYS O 182 13.07 -66.19 20.70
CA LYS O 182 13.01 -67.11 19.59
C LYS O 182 11.70 -67.01 18.82
N VAL O 183 10.54 -66.99 19.52
CA VAL O 183 9.19 -66.90 18.93
C VAL O 183 8.77 -65.47 18.56
N GLN O 184 9.51 -64.47 19.08
CA GLN O 184 9.25 -63.05 18.83
C GLN O 184 7.88 -62.55 19.32
N PHE O 185 7.56 -62.87 20.56
CA PHE O 185 6.35 -62.44 21.26
C PHE O 185 6.78 -62.23 22.66
N GLN O 186 6.17 -61.26 23.31
CA GLN O 186 6.36 -61.03 24.73
C GLN O 186 5.00 -61.25 25.36
N PRO O 187 4.90 -61.72 26.62
CA PRO O 187 3.55 -61.95 27.18
C PRO O 187 2.88 -60.68 27.68
N THR O 188 1.55 -60.68 27.70
CA THR O 188 0.76 -59.59 28.32
C THR O 188 -0.15 -60.26 29.36
N THR O 189 -0.48 -59.55 30.46
CA THR O 189 -1.39 -60.04 31.50
C THR O 189 -2.71 -59.32 31.34
N THR O 190 -3.79 -60.08 31.40
CA THR O 190 -5.13 -59.57 31.18
C THR O 190 -6.06 -59.93 32.33
N ILE O 191 -6.95 -59.01 32.74
CA ILE O 191 -7.99 -59.24 33.76
C ILE O 191 -9.32 -58.98 33.10
N GLN O 192 -10.17 -59.99 33.11
CA GLN O 192 -11.42 -59.93 32.38
C GLN O 192 -12.47 -60.75 33.08
N HIS O 193 -13.73 -60.46 32.84
CA HIS O 193 -14.81 -61.32 33.31
C HIS O 193 -14.98 -62.38 32.26
N ALA O 194 -15.16 -63.64 32.71
CA ALA O 194 -15.35 -64.77 31.82
C ALA O 194 -16.46 -64.42 30.79
N PRO O 195 -16.06 -64.42 29.49
CA PRO O 195 -17.00 -64.02 28.41
C PRO O 195 -18.36 -64.74 28.34
N SER O 196 -18.38 -66.04 28.70
CA SER O 196 -19.62 -66.83 28.71
C SER O 196 -20.52 -66.38 29.84
N GLU O 197 -21.82 -66.35 29.59
CA GLU O 197 -22.81 -65.94 30.57
C GLU O 197 -22.96 -67.03 31.65
N THR O 198 -22.38 -68.21 31.38
CA THR O 198 -22.35 -69.38 32.27
C THR O 198 -21.30 -69.20 33.38
N ASP O 199 -20.28 -68.34 33.15
CA ASP O 199 -19.19 -68.11 34.09
C ASP O 199 -19.17 -66.65 34.63
N PRO O 200 -19.53 -66.43 35.92
CA PRO O 200 -19.55 -65.05 36.46
C PRO O 200 -18.21 -64.51 36.99
N ARG O 201 -17.18 -65.36 37.01
CA ARG O 201 -15.87 -65.06 37.57
C ARG O 201 -15.08 -63.97 36.88
N ASN O 202 -14.24 -63.31 37.67
CA ASN O 202 -13.30 -62.29 37.27
C ASN O 202 -11.97 -63.08 37.22
N LEU O 203 -11.37 -63.15 36.02
CA LEU O 203 -10.20 -63.97 35.71
C LEU O 203 -8.97 -63.22 35.26
N LEU O 204 -7.82 -63.88 35.35
CA LEU O 204 -6.53 -63.35 34.94
C LEU O 204 -5.91 -64.35 33.99
N PHE O 205 -5.49 -63.86 32.80
CA PHE O 205 -4.86 -64.69 31.79
C PHE O 205 -3.56 -64.09 31.35
N ILE O 206 -2.65 -64.97 30.89
CA ILE O 206 -1.37 -64.66 30.23
C ILE O 206 -1.67 -64.80 28.74
N ASN O 207 -1.13 -63.90 27.90
CA ASN O 207 -1.47 -63.92 26.48
C ASN O 207 -0.26 -63.74 25.61
N PHE O 208 -0.25 -64.40 24.46
CA PHE O 208 0.76 -64.23 23.41
C PHE O 208 -0.07 -63.93 22.18
N ALA O 209 -0.55 -62.69 22.13
CA ALA O 209 -1.44 -62.20 21.13
C ALA O 209 -0.98 -60.92 20.41
N SER O 210 -1.53 -60.72 19.18
CA SER O 210 -1.28 -59.58 18.30
C SER O 210 -2.53 -59.29 17.48
N ARG O 211 -2.43 -58.26 16.61
CA ARG O 211 -3.51 -57.79 15.76
C ARG O 211 -4.02 -58.81 14.77
N ASN O 212 -3.19 -59.81 14.45
CA ASN O 212 -3.51 -60.89 13.52
C ASN O 212 -3.24 -62.25 14.16
N TRP O 213 -4.20 -63.16 14.07
CA TRP O 213 -4.12 -64.54 14.58
C TRP O 213 -2.88 -65.24 13.97
N ASN O 214 -2.63 -65.06 12.65
CA ASN O 214 -1.44 -65.55 11.93
C ASN O 214 -0.79 -64.25 11.51
N ARG O 215 0.22 -63.79 12.26
CA ARG O 215 0.87 -62.50 12.05
C ARG O 215 1.28 -62.21 10.62
N LYS O 216 1.03 -60.97 10.19
CA LYS O 216 1.41 -60.45 8.87
C LYS O 216 2.38 -59.33 9.15
N ARG O 217 3.64 -59.45 8.74
CA ARG O 217 4.64 -58.41 8.95
C ARG O 217 4.19 -57.07 8.36
N ILE O 218 4.34 -55.98 9.12
CA ILE O 218 3.98 -54.61 8.69
C ILE O 218 5.25 -53.91 8.26
N THR O 219 5.26 -53.33 7.07
CA THR O 219 6.42 -52.52 6.75
C THR O 219 6.07 -51.07 6.99
N THR O 220 6.93 -50.36 7.71
CA THR O 220 6.69 -48.96 8.08
C THR O 220 7.99 -48.14 8.04
N ARG O 221 7.94 -46.92 8.53
CA ARG O 221 9.07 -46.01 8.54
C ARG O 221 9.03 -45.24 9.84
N VAL O 222 10.14 -45.26 10.59
CA VAL O 222 10.30 -44.48 11.82
C VAL O 222 11.15 -43.26 11.42
N ASP O 223 10.74 -42.07 11.88
CA ASP O 223 11.41 -40.83 11.53
C ASP O 223 12.16 -40.26 12.74
N ILE O 224 13.22 -39.49 12.47
CA ILE O 224 14.02 -38.78 13.45
C ILE O 224 13.17 -37.89 14.40
N LYS O 225 11.99 -37.39 13.94
CA LYS O 225 11.09 -36.55 14.72
C LYS O 225 10.49 -37.30 15.90
N GLN O 226 10.52 -38.64 15.85
CA GLN O 226 9.95 -39.52 16.84
C GLN O 226 10.84 -39.79 18.06
N SER O 227 11.83 -38.91 18.33
CA SER O 227 12.78 -39.01 19.46
C SER O 227 13.31 -40.40 19.57
N VAL O 228 13.98 -40.85 18.51
CA VAL O 228 14.48 -42.22 18.43
C VAL O 228 15.75 -42.43 19.27
N THR O 229 15.73 -43.49 20.06
CA THR O 229 16.81 -43.99 20.88
C THR O 229 17.27 -45.27 20.20
N MET O 230 18.53 -45.33 19.80
CA MET O 230 19.10 -46.48 19.12
C MET O 230 20.25 -47.04 19.94
N ASP O 231 20.17 -48.32 20.26
CA ASP O 231 21.18 -49.01 21.06
C ASP O 231 21.33 -50.44 20.54
N THR O 232 22.37 -51.15 21.00
CA THR O 232 22.57 -52.55 20.63
C THR O 232 22.62 -53.34 21.89
N GLU O 233 22.19 -54.59 21.83
CA GLU O 233 22.23 -55.42 23.01
C GLU O 233 23.66 -55.61 23.47
N THR O 234 23.87 -55.65 24.79
CA THR O 234 25.16 -55.94 25.38
C THR O 234 25.35 -57.43 25.18
N ILE O 235 26.59 -57.91 25.20
CA ILE O 235 26.87 -59.33 25.02
C ILE O 235 26.13 -60.26 26.07
N VAL O 236 25.88 -59.72 27.27
CA VAL O 236 25.15 -60.41 28.36
C VAL O 236 23.72 -60.61 27.93
N GLU O 237 23.14 -59.57 27.31
CA GLU O 237 21.79 -59.50 26.80
C GLU O 237 21.57 -60.23 25.48
N ARG O 238 22.58 -60.59 24.71
CA ARG O 238 22.52 -61.15 23.37
C ARG O 238 21.37 -62.13 23.18
N SER O 239 20.40 -61.83 22.33
CA SER O 239 19.23 -62.70 22.21
C SER O 239 19.14 -63.39 20.86
N ALA O 240 20.06 -63.11 19.95
CA ALA O 240 20.05 -63.73 18.64
C ALA O 240 21.44 -64.20 18.31
N TYR O 241 21.53 -65.40 17.69
CA TYR O 241 22.78 -66.02 17.30
C TYR O 241 22.61 -66.60 15.92
N ASN O 242 23.63 -66.42 15.06
CA ASN O 242 23.59 -66.92 13.69
C ASN O 242 24.57 -68.06 13.39
N PHE O 243 25.31 -68.52 14.41
CA PHE O 243 26.37 -69.50 14.30
C PHE O 243 26.47 -70.27 15.61
N ALA O 244 26.75 -71.58 15.54
CA ALA O 244 26.83 -72.42 16.73
C ALA O 244 28.08 -73.25 16.75
N VAL O 245 28.64 -73.41 17.97
CA VAL O 245 29.78 -74.25 18.27
C VAL O 245 29.13 -75.38 19.06
N VAL O 246 29.12 -76.60 18.48
CA VAL O 246 28.38 -77.72 19.10
C VAL O 246 29.27 -78.79 19.71
N PHE O 247 29.12 -79.05 21.05
CA PHE O 247 29.76 -80.11 21.81
C PHE O 247 28.78 -81.25 22.07
N VAL O 248 29.24 -82.49 21.85
CA VAL O 248 28.43 -83.70 22.06
C VAL O 248 29.17 -84.58 23.08
N LYS O 249 28.49 -84.93 24.18
CA LYS O 249 29.08 -85.75 25.23
C LYS O 249 29.55 -87.10 24.68
N ASN O 250 30.85 -87.41 24.85
CA ASN O 250 31.42 -88.70 24.46
C ASN O 250 30.89 -89.77 25.46
N LYS O 251 30.39 -90.91 24.94
CA LYS O 251 29.86 -91.98 25.79
C LYS O 251 30.93 -92.59 26.66
N ALA O 252 32.11 -92.93 26.12
CA ALA O 252 33.18 -93.54 26.92
C ALA O 252 33.71 -92.68 28.08
N THR O 253 33.93 -91.38 27.87
CA THR O 253 34.49 -90.49 28.90
C THR O 253 33.42 -89.89 29.76
N ASP O 254 32.16 -89.89 29.28
CA ASP O 254 30.98 -89.26 29.88
C ASP O 254 31.22 -87.76 30.07
N ASP O 255 31.94 -87.18 29.14
CA ASP O 255 32.37 -85.80 29.18
C ASP O 255 32.53 -85.30 27.76
N TYR O 256 32.61 -83.99 27.59
CA TYR O 256 32.75 -83.33 26.28
C TYR O 256 34.23 -83.34 25.85
N THR O 257 34.77 -84.55 25.58
CA THR O 257 36.18 -84.79 25.23
C THR O 257 36.52 -84.84 23.73
N ASP O 258 35.52 -84.66 22.88
CA ASP O 258 35.63 -84.63 21.42
C ASP O 258 35.57 -83.19 20.92
N PRO O 259 36.17 -82.87 19.77
CA PRO O 259 36.13 -81.48 19.28
C PRO O 259 34.71 -81.05 18.92
N PRO O 260 34.39 -79.76 19.05
CA PRO O 260 33.06 -79.30 18.61
C PRO O 260 32.96 -79.30 17.09
N LYS O 261 31.73 -79.27 16.56
CA LYS O 261 31.42 -79.12 15.12
C LYS O 261 30.67 -77.82 15.09
N MET O 262 30.87 -77.00 14.04
CA MET O 262 30.33 -75.65 13.87
C MET O 262 29.26 -75.64 12.81
N TYR O 263 28.20 -74.87 13.07
CA TYR O 263 27.05 -74.74 12.16
C TYR O 263 26.74 -73.29 11.88
N ILE O 264 26.36 -72.99 10.63
CA ILE O 264 26.09 -71.62 10.23
C ILE O 264 24.70 -71.48 9.66
N ALA O 265 24.07 -70.32 9.90
CA ALA O 265 22.76 -69.98 9.34
C ALA O 265 23.05 -69.03 8.16
N LYS O 266 22.66 -69.41 6.96
CA LYS O 266 22.83 -68.58 5.77
C LYS O 266 21.72 -67.50 5.79
N ASN O 267 21.86 -66.46 4.98
CA ASN O 267 20.82 -65.42 4.91
C ASN O 267 19.39 -65.91 4.63
N ASN O 268 19.25 -66.97 3.81
CA ASN O 268 17.95 -67.54 3.45
C ASN O 268 17.35 -68.43 4.55
N GLY O 269 18.10 -68.65 5.63
CA GLY O 269 17.63 -69.46 6.73
C GLY O 269 18.28 -70.82 6.85
N ASP O 270 18.83 -71.37 5.74
CA ASP O 270 19.46 -72.69 5.75
C ASP O 270 20.61 -72.78 6.76
N VAL O 271 20.65 -73.87 7.51
CA VAL O 271 21.69 -74.15 8.51
C VAL O 271 22.47 -75.39 8.04
N ILE O 272 23.80 -75.27 7.99
CA ILE O 272 24.65 -76.35 7.50
C ILE O 272 25.86 -76.50 8.43
N ASP O 273 26.57 -77.62 8.30
CA ASP O 273 27.85 -77.80 8.98
C ASP O 273 28.78 -76.78 8.27
N TYR O 274 29.30 -75.80 9.03
CA TYR O 274 30.17 -74.70 8.56
C TYR O 274 31.39 -75.18 7.78
N SER O 275 31.87 -76.41 8.06
CA SER O 275 33.04 -76.96 7.35
C SER O 275 32.74 -77.28 5.87
N THR O 276 31.46 -77.33 5.50
CA THR O 276 31.02 -77.69 4.17
C THR O 276 30.69 -76.48 3.31
N TYR O 277 30.79 -75.27 3.89
CA TYR O 277 30.50 -74.03 3.14
C TYR O 277 31.40 -73.87 1.94
N HIS O 278 30.79 -73.62 0.77
CA HIS O 278 31.50 -73.47 -0.50
C HIS O 278 31.09 -72.22 -1.29
N GLY O 279 30.49 -71.26 -0.61
CA GLY O 279 30.08 -70.01 -1.24
C GLY O 279 31.14 -68.93 -1.19
N ASP O 280 30.76 -67.72 -1.63
CA ASP O 280 31.68 -66.55 -1.69
C ASP O 280 31.56 -65.64 -0.50
N GLY O 281 30.65 -65.96 0.44
CA GLY O 281 30.46 -65.17 1.65
C GLY O 281 29.42 -64.09 1.55
N THR O 282 28.82 -63.89 0.39
CA THR O 282 27.80 -62.84 0.23
C THR O 282 26.45 -63.29 0.64
N ASP O 283 26.28 -64.62 0.79
CA ASP O 283 25.02 -65.23 1.24
C ASP O 283 24.96 -65.51 2.72
N LEU O 284 26.02 -65.16 3.47
CA LEU O 284 26.08 -65.35 4.93
C LEU O 284 25.89 -64.00 5.68
N PRO O 285 25.38 -63.99 6.94
CA PRO O 285 25.28 -62.71 7.68
C PRO O 285 26.59 -61.92 7.72
N ASP O 286 26.46 -60.58 7.72
CA ASP O 286 27.57 -59.63 7.65
C ASP O 286 28.38 -59.44 8.94
N VAL O 287 27.97 -60.16 9.99
CA VAL O 287 28.68 -60.28 11.28
C VAL O 287 28.43 -61.72 11.76
N ARG O 288 29.31 -62.28 12.62
CA ARG O 288 29.08 -63.59 13.22
C ARG O 288 28.73 -63.45 14.70
N THR O 289 27.67 -64.14 15.15
CA THR O 289 27.17 -64.12 16.54
C THR O 289 27.07 -65.58 17.01
N ALA O 290 28.20 -66.14 17.44
CA ALA O 290 28.30 -67.55 17.83
C ALA O 290 27.81 -67.83 19.22
N LYS O 291 27.33 -69.07 19.43
CA LYS O 291 26.92 -69.57 20.74
C LYS O 291 27.40 -71.01 20.88
N THR O 292 27.72 -71.40 22.12
CA THR O 292 28.21 -72.74 22.39
C THR O 292 27.06 -73.55 22.86
N LEU O 293 26.93 -74.77 22.31
CA LEU O 293 25.90 -75.71 22.66
C LEU O 293 26.46 -77.03 23.18
N PHE O 294 25.77 -77.63 24.15
CA PHE O 294 26.18 -78.89 24.76
C PHE O 294 25.03 -79.89 24.73
N TYR O 295 25.27 -81.08 24.17
CA TYR O 295 24.27 -82.15 24.08
C TYR O 295 24.83 -83.48 24.53
N ASP O 296 23.95 -84.38 24.90
CA ASP O 296 24.28 -85.76 25.21
C ASP O 296 23.87 -86.57 23.98
N ARG O 297 24.35 -87.80 23.88
CA ARG O 297 24.02 -88.72 22.79
C ARG O 297 22.79 -89.47 23.26
N ASP O 298 21.95 -89.99 22.34
CA ASP O 298 20.76 -90.74 22.75
C ASP O 298 21.20 -92.17 23.13
N ASP O 299 20.26 -93.08 23.50
CA ASP O 299 20.61 -94.47 23.84
C ASP O 299 21.35 -95.27 22.75
N HIS O 300 21.41 -94.75 21.52
CA HIS O 300 22.10 -95.40 20.42
C HIS O 300 23.38 -94.74 20.09
N GLY O 301 23.76 -93.75 20.86
CA GLY O 301 24.99 -93.03 20.65
C GLY O 301 24.89 -92.04 19.54
N ASN O 302 23.65 -91.65 19.16
CA ASN O 302 23.42 -90.67 18.09
C ASN O 302 23.60 -89.27 18.63
N PRO O 303 24.29 -88.38 17.89
CA PRO O 303 24.40 -87.00 18.36
C PRO O 303 23.10 -86.27 17.98
N PRO O 304 22.90 -84.97 18.33
CA PRO O 304 21.63 -84.33 17.94
C PRO O 304 21.39 -84.28 16.44
N GLU O 305 20.12 -84.21 16.06
CA GLU O 305 19.68 -84.06 14.69
C GLU O 305 20.00 -82.64 14.25
N LEU O 306 20.28 -82.42 12.94
CA LEU O 306 20.54 -81.04 12.45
C LEU O 306 19.33 -80.16 12.78
N SER O 307 18.10 -80.70 12.70
CA SER O 307 16.85 -80.00 12.98
C SER O 307 16.75 -79.48 14.39
N THR O 308 17.41 -80.15 15.38
CA THR O 308 17.51 -79.73 16.80
C THR O 308 18.53 -78.59 16.90
N ILE O 309 19.72 -78.73 16.27
CA ILE O 309 20.75 -77.69 16.27
C ILE O 309 20.20 -76.44 15.55
N LYS O 310 19.53 -76.63 14.38
CA LYS O 310 18.96 -75.60 13.49
C LYS O 310 18.19 -74.47 14.21
N VAL O 311 17.41 -74.80 15.27
CA VAL O 311 16.52 -73.89 16.01
C VAL O 311 17.20 -72.95 16.96
N GLU O 312 18.47 -73.15 17.21
CA GLU O 312 19.27 -72.36 18.14
C GLU O 312 19.76 -71.09 17.47
N ILE O 313 19.94 -71.15 16.19
CA ILE O 313 20.51 -70.07 15.41
C ILE O 313 19.59 -69.62 14.27
N SER O 314 19.77 -68.39 13.76
CA SER O 314 18.93 -67.87 12.68
C SER O 314 19.65 -66.81 11.80
N PRO O 315 19.14 -66.46 10.58
CA PRO O 315 19.75 -65.32 9.85
C PRO O 315 19.40 -63.99 10.58
N SER O 316 20.39 -63.49 11.35
CA SER O 316 20.30 -62.29 12.17
C SER O 316 21.68 -61.78 12.46
N THR O 317 21.79 -60.50 12.89
CA THR O 317 23.06 -59.80 13.22
C THR O 317 23.10 -59.35 14.68
N ILE O 318 23.81 -58.22 14.96
CA ILE O 318 23.87 -57.58 16.27
C ILE O 318 22.49 -56.94 16.38
N VAL O 319 21.77 -57.28 17.44
CA VAL O 319 20.41 -56.80 17.63
C VAL O 319 20.44 -55.35 18.09
N THR O 320 19.89 -54.48 17.23
CA THR O 320 19.67 -53.05 17.46
C THR O 320 18.22 -52.93 18.06
N ARG O 321 18.04 -52.07 19.06
CA ARG O 321 16.71 -51.77 19.56
C ARG O 321 16.45 -50.31 19.30
N LEU O 322 15.24 -50.02 18.80
CA LEU O 322 14.82 -48.65 18.52
C LEU O 322 13.66 -48.37 19.43
N ILE O 323 13.77 -47.30 20.24
CA ILE O 323 12.68 -46.85 21.09
C ILE O 323 12.24 -45.55 20.49
N PHE O 324 10.96 -45.44 20.17
CA PHE O 324 10.46 -44.26 19.46
C PHE O 324 9.02 -43.97 19.84
N ASN O 325 8.60 -42.70 19.65
CA ASN O 325 7.24 -42.29 19.93
C ASN O 325 6.27 -42.90 18.95
N GLN O 326 5.12 -43.30 19.49
CA GLN O 326 3.98 -43.78 18.71
C GLN O 326 3.66 -42.71 17.63
N ASN O 327 3.32 -43.16 16.39
CA ASN O 327 3.02 -42.27 15.30
C ASN O 327 1.62 -42.53 14.79
N GLU O 328 0.75 -41.51 14.82
CA GLU O 328 -0.62 -41.65 14.35
C GLU O 328 -0.77 -42.01 12.84
N LEU O 329 0.28 -41.77 12.01
CA LEU O 329 0.28 -42.13 10.59
C LEU O 329 0.22 -43.67 10.39
N LEU O 330 0.73 -44.45 11.36
CA LEU O 330 0.68 -45.93 11.38
C LEU O 330 0.99 -46.42 12.80
N PRO O 331 -0.02 -46.50 13.70
CA PRO O 331 0.26 -46.97 15.08
C PRO O 331 0.69 -48.44 15.15
N LEU O 332 1.66 -48.71 16.01
CA LEU O 332 2.20 -50.03 16.27
C LEU O 332 1.84 -50.42 17.69
N TYR O 333 1.73 -51.73 17.93
CA TYR O 333 1.32 -52.29 19.21
C TYR O 333 2.22 -53.46 19.56
N VAL O 334 2.26 -53.83 20.86
CA VAL O 334 3.09 -54.95 21.33
C VAL O 334 2.79 -56.20 20.48
N ASN O 335 3.86 -56.96 20.11
CA ASN O 335 3.75 -58.19 19.33
C ASN O 335 3.51 -58.05 17.83
N ASP O 336 3.54 -56.81 17.36
CA ASP O 336 3.48 -56.58 15.92
C ASP O 336 4.84 -57.08 15.38
N LEU O 337 4.81 -57.79 14.25
CA LEU O 337 5.96 -58.25 13.46
C LEU O 337 6.18 -57.10 12.47
N VAL O 338 7.38 -56.50 12.42
CA VAL O 338 7.55 -55.32 11.59
C VAL O 338 8.82 -55.34 10.75
N ASP O 339 8.84 -54.51 9.69
CA ASP O 339 9.99 -54.18 8.85
C ASP O 339 10.08 -52.65 8.95
N ILE O 340 11.03 -52.15 9.71
CA ILE O 340 11.14 -50.71 9.92
C ILE O 340 12.25 -50.10 9.11
N TRP O 341 11.92 -49.04 8.35
CA TRP O 341 12.89 -48.24 7.60
C TRP O 341 13.24 -47.05 8.48
N TYR O 342 14.46 -47.02 8.99
CA TYR O 342 14.92 -45.93 9.85
C TYR O 342 16.25 -45.41 9.34
N GLU O 343 16.31 -44.11 9.04
CA GLU O 343 17.52 -43.46 8.53
C GLU O 343 18.16 -44.20 7.33
N GLY O 344 17.30 -44.65 6.41
CA GLY O 344 17.74 -45.32 5.21
C GLY O 344 18.16 -46.76 5.34
N LYS O 345 17.92 -47.39 6.50
CA LYS O 345 18.25 -48.79 6.74
C LYS O 345 17.01 -49.55 7.10
N LEU O 346 16.97 -50.82 6.72
CA LEU O 346 15.91 -51.75 7.02
C LEU O 346 16.28 -52.55 8.25
N TYR O 347 15.30 -52.67 9.16
CA TYR O 347 15.41 -53.45 10.39
C TYR O 347 14.17 -54.37 10.45
N SER O 348 14.42 -55.68 10.52
CA SER O 348 13.40 -56.71 10.67
C SER O 348 13.40 -57.20 12.13
N GLY O 349 12.21 -57.26 12.74
CA GLY O 349 12.01 -57.68 14.12
C GLY O 349 10.58 -57.51 14.60
N TYR O 350 10.41 -57.26 15.90
CA TYR O 350 9.07 -57.14 16.47
C TYR O 350 9.02 -56.09 17.59
N ILE O 351 7.78 -55.72 18.02
CA ILE O 351 7.54 -54.79 19.11
C ILE O 351 7.44 -55.59 20.41
N ALA O 352 8.50 -55.49 21.23
CA ALA O 352 8.67 -56.25 22.47
C ALA O 352 7.99 -55.62 23.67
N ASP O 353 7.89 -54.29 23.68
CA ASP O 353 7.30 -53.55 24.78
C ASP O 353 6.79 -52.19 24.34
N ARG O 354 6.15 -51.50 25.26
CA ARG O 354 5.57 -50.17 25.08
C ARG O 354 5.57 -49.48 26.43
N VAL O 355 5.91 -48.19 26.46
CA VAL O 355 5.99 -47.38 27.70
C VAL O 355 5.07 -46.19 27.65
N LYS O 356 4.40 -45.95 28.78
CA LYS O 356 3.53 -44.83 28.94
C LYS O 356 4.00 -43.93 30.06
N THR O 357 4.17 -42.64 29.78
CA THR O 357 4.50 -41.59 30.75
C THR O 357 3.40 -40.56 30.59
N GLU O 358 3.41 -39.48 31.38
CA GLU O 358 2.36 -38.47 31.29
C GLU O 358 2.46 -37.74 29.94
N PHE O 359 3.67 -37.65 29.36
CA PHE O 359 3.97 -36.94 28.13
C PHE O 359 4.38 -37.81 26.94
N ASN O 360 4.53 -39.12 27.10
CA ASN O 360 4.95 -39.95 25.99
C ASN O 360 4.26 -41.30 25.93
N ASP O 361 4.33 -41.92 24.75
CA ASP O 361 3.84 -43.25 24.44
C ASP O 361 4.87 -43.74 23.42
N ARG O 362 5.72 -44.69 23.85
CA ARG O 362 6.81 -45.20 23.03
C ARG O 362 6.86 -46.71 22.85
N LEU O 363 7.32 -47.18 21.67
CA LEU O 363 7.49 -48.60 21.36
C LEU O 363 8.94 -49.01 21.44
N ILE O 364 9.21 -50.26 21.84
CA ILE O 364 10.55 -50.86 21.83
C ILE O 364 10.50 -51.88 20.71
N PHE O 365 11.25 -51.61 19.65
CA PHE O 365 11.40 -52.54 18.54
C PHE O 365 12.76 -53.27 18.76
N VAL O 366 12.76 -54.61 18.59
CA VAL O 366 13.92 -55.47 18.74
C VAL O 366 14.24 -56.09 17.38
N GLU O 367 15.42 -55.77 16.83
CA GLU O 367 15.83 -56.27 15.50
C GLU O 367 16.21 -57.79 15.58
N SER O 368 15.22 -58.63 15.85
CA SER O 368 15.42 -60.08 16.02
C SER O 368 15.72 -60.83 14.74
N GLY O 369 15.47 -60.20 13.58
CA GLY O 369 15.69 -60.84 12.30
C GLY O 369 14.87 -62.09 12.17
N ASP O 370 15.51 -63.19 11.72
CA ASP O 370 14.90 -64.51 11.50
C ASP O 370 13.69 -64.39 10.59
N LYS O 371 13.80 -63.49 9.62
CA LYS O 371 12.74 -63.21 8.65
C LYS O 371 12.28 -64.49 7.92
N PRO O 372 13.20 -65.40 7.45
CA PRO O 372 12.74 -66.63 6.78
C PRO O 372 11.96 -67.67 7.59
N ASN O 373 11.98 -67.62 8.92
CA ASN O 373 11.31 -68.66 9.72
C ASN O 373 10.27 -68.17 10.70
N VAL O 374 10.43 -66.94 11.24
CA VAL O 374 9.50 -66.42 12.24
C VAL O 374 8.06 -66.25 11.73
N ILE O 375 7.10 -66.62 12.58
CA ILE O 375 5.65 -66.51 12.31
C ILE O 375 4.90 -65.64 13.35
#